data_8S91
#
_entry.id   8S91
#
_cell.length_a   1.00
_cell.length_b   1.00
_cell.length_c   1.00
_cell.angle_alpha   90.00
_cell.angle_beta   90.00
_cell.angle_gamma   90.00
#
_symmetry.space_group_name_H-M   'P 1'
#
loop_
_entity.id
_entity.type
_entity.pdbx_description
1 polymer 'DNA helicase MCM8'
2 polymer 'DNA helicase MCM9'
3 non-polymer "ADENOSINE-5'-DIPHOSPHATE"
4 non-polymer 'MAGNESIUM ION'
#
loop_
_entity_poly.entity_id
_entity_poly.type
_entity_poly.pdbx_seq_one_letter_code
_entity_poly.pdbx_strand_id
1 'polypeptide(L)'
;MNGEYRGRGFGRGRFQSWKRGRGGGNFSGKWREREHRPDLSKTTGKRTSEQTPQFLLSTKTPQSMQSTLDRFIPYKGWKL
YFSEVYSDSSPLIEKIQAFEKFFTRHIDLYDKDEIERKGSILVDFKELTEGGEVTNLIPDIATELRDAPEKTLACMGLAI
HQVLTKDLERHAAELQAQEGLSNDGETMVNVPHIHARVYNYEPLTQLKNVRANYYGKYIALRGTVVRVSNIKPLCTKMAF
LCAACGEIQSFPLPDGKYSLPTKCPVPVCRGRSFTALRSSPLTVTMDWQSIKIQELMSDDQREAGRIPRTIECELVHDLV
DSCVPGDTVTITGIVKVSNAEEGSRNKNDKCMFLLYIEANSISNSKGQKTKSSEDGCKHGMLMEFSLKDLYAIQEIQAEE
NLFKLIVNSLCPVIFGHELVKAGLALALFGGSQKYADDKNRIPIRGDPHILVVGDPGLGKSQMLQAACNVAPRGVYVCGN
TTTTSGLTVTLSKDSSSGDFALEAGALVLGDQGICGIDQFDKMGNQHQALLEAMEQQSISLAKAGVVCSLPARTSIIAAA
NPVGGHYNKAKTVSENLKMGSALLSRFDLVFILLDTPNEHHDHLLSEHVIAIRAGKQRTISSATVARMNSQDSNTSVLEV
VSEKPLSERLKVVPGETIDPIPHQLLRKYIGYARQYVYPRLSTEAARVLQDFYLELRKQSQRLNSSPITTRQLESLIRLT
EARARLELREEATKEDAEDIVEIMKYSMLGTYSDEFGNLDFERSQHGSGMSNRSTAKRFISALNNVAERTYNNIFQFHQL
RQIAKELNIQVADFENFIGSLNDQGYLLKKGPKVYQLQTM
;
A,B,C
2 'polypeptide(L)'
;MNSDQVTLVGQVFESYVSEYHKNDILLILKERDEDAHYPVVVNAMTLFETNMEIGEYFNMFPSEVLTIFDSALRRSALTI
LQSLSQPEAVSMKQNLHARISGLPVCPELVREHIPKTKDVGHFLSVTGTVIRTSLVKVLEFERDYMCNKCKHVFVIKADF
EQYYTFCRPSSCPSLESCDSSKFTCLSGLSSSPTRCRDYQEIKIQEQVQRLSVGSIPRSMKVILEDDLVDSCKSGDDLTI
YGIVMQRWKPFQQDVRCEVEIVLKANYIQVNNEQSSGIIMDEEVQKEFEDFWEYYKSDPFAGRNVILASLCPQVFGMYLV
KLAVAMVLAGGIQRTDATGTRVRGESHLLLVGDPGTGKSQFLKYAAKITPRSVLTTGIGSTSAGLTVTAVKDSGEWNLEA
GALVLADAGLCCIDQFNSLKEHDRTSIHEAMEQQTISVAKAGLVCKLNTRTTILAATNPKGQYDPQESVSVNIALGSPLL
SRFDLILVLLDTKNEDWDRIISSFILENKGYPSKSEKLWSMEKMKTYFCLIRNLQPTLSDVGNQVLLRYYQMQRQSDCRN
AARTTIRLLESLIRLAEAHARLMFRDTVTLEDAITVVSVMESSMQGGALLGGVNALHTSFPENPGEQYQRQCELILEKLE
LQSLLSEELRRLERLQNQSVHQSQPRVLEVETTPGSLRNGPGEESNFRTSSQQEINYSTHIFSPGGSPEGSPVLDPPPHL
EPNRSTSRKHSAQHKNNRDDSLDWFDFMATHQSEPKNTVVVSPHPKTSGENMASKISNSTSQGKEKSEPGQRSKVDIGLL
PSPGETGVPWRADNVESNKKKRLALDSEAAVSADKPDSVLTHHVPRNLQKLCKERAQKLCRNSTRVPAQCTVPSHPQSTP
VHSPDRMLDSPKRKRPKSLAQVEEPAIENVKPPGSPVAKLAKFTFKQKSKLIHSFEDHSHVSPGATKIAVHSPKISQRRT
RRDAALPVKRPGKLTSTPGNQISSQPQGETKEVSQQPPEKHGPREKVMCAPEKRIIQPELELGNETGCAHLTCEGDKKEE
VSGSNKSGKVHACTLARLANFCFTPPSESKSKSPPPERKNRGERGPSSPPTTTAPMRVSKRKSFQLRGSTEKLIVSKESL
FTLPELGDEAFDCDWDEEMRKKS
;
D,E,F
#
loop_
_chem_comp.id
_chem_comp.type
_chem_comp.name
_chem_comp.formula
ADP non-polymer ADENOSINE-5'-DIPHOSPHATE 'C10 H15 N5 O10 P2'
MG non-polymer 'MAGNESIUM ION' 'Mg 2'
#
# COMPACT_ATOMS: atom_id res chain seq x y z
N PHE A 72 51.17 52.90 6.73
CA PHE A 72 52.58 52.68 6.47
C PHE A 72 52.83 51.28 5.92
N ILE A 73 51.85 50.41 6.10
CA ILE A 73 51.98 49.03 5.61
C ILE A 73 51.90 49.03 4.09
N PRO A 74 52.86 48.44 3.39
CA PRO A 74 52.78 48.38 1.92
C PRO A 74 51.57 47.62 1.42
N TYR A 75 51.14 46.59 2.15
CA TYR A 75 49.98 45.78 1.75
C TYR A 75 48.72 46.42 2.34
N LYS A 76 47.95 47.08 1.48
CA LYS A 76 46.76 47.78 1.95
C LYS A 76 45.67 46.80 2.39
N GLY A 77 45.54 45.68 1.68
CA GLY A 77 44.51 44.71 2.00
C GLY A 77 44.90 43.75 3.10
N TRP A 78 45.58 44.25 4.14
CA TRP A 78 46.00 43.39 5.23
C TRP A 78 44.82 42.95 6.09
N LYS A 79 43.88 43.87 6.35
CA LYS A 79 42.74 43.54 7.20
C LYS A 79 41.85 42.49 6.55
N LEU A 80 41.58 42.62 5.24
CA LEU A 80 40.80 41.62 4.54
C LEU A 80 41.50 40.27 4.55
N TYR A 81 42.82 40.28 4.33
CA TYR A 81 43.66 39.10 4.45
C TYR A 81 44.02 38.89 5.92
N PHE A 82 45.08 38.13 6.20
CA PHE A 82 45.45 37.67 7.54
C PHE A 82 45.12 38.67 8.65
N SER A 83 44.42 38.19 9.67
CA SER A 83 43.97 39.04 10.79
C SER A 83 44.99 38.89 11.92
N GLU A 84 46.01 39.74 11.89
CA GLU A 84 47.05 39.74 12.91
C GLU A 84 47.70 41.11 12.93
N VAL A 85 48.20 41.50 14.11
CA VAL A 85 48.89 42.77 14.24
C VAL A 85 50.14 42.75 13.37
N TYR A 86 50.34 43.82 12.60
CA TYR A 86 51.43 43.88 11.64
C TYR A 86 52.76 44.00 12.38
N SER A 87 53.60 42.98 12.26
CA SER A 87 54.92 42.98 12.86
C SER A 87 55.91 42.36 11.88
N ASP A 88 57.08 42.98 11.77
CA ASP A 88 58.11 42.51 10.83
C ASP A 88 58.99 41.45 11.49
N SER A 89 58.33 40.38 11.95
CA SER A 89 59.04 39.27 12.59
C SER A 89 58.59 37.90 12.11
N SER A 90 57.44 37.79 11.43
CA SER A 90 56.98 36.49 10.98
C SER A 90 57.85 35.97 9.83
N PRO A 91 58.05 34.66 9.74
CA PRO A 91 58.82 34.10 8.62
C PRO A 91 58.10 34.14 7.29
N LEU A 92 56.82 34.50 7.28
CA LEU A 92 56.05 34.53 6.04
C LEU A 92 56.50 35.64 5.09
N ILE A 93 57.27 36.61 5.59
CA ILE A 93 57.64 37.78 4.79
C ILE A 93 58.51 37.36 3.61
N GLU A 94 59.46 36.46 3.84
CA GLU A 94 60.34 36.01 2.77
C GLU A 94 59.55 35.34 1.66
N LYS A 95 58.58 34.49 2.03
CA LYS A 95 57.69 33.91 1.03
C LYS A 95 56.89 34.98 0.32
N ILE A 96 56.46 36.03 1.04
CA ILE A 96 55.71 37.11 0.40
C ILE A 96 56.54 37.75 -0.70
N GLN A 97 57.79 38.10 -0.39
CA GLN A 97 58.63 38.71 -1.43
C GLN A 97 58.92 37.73 -2.57
N ALA A 98 59.18 36.46 -2.26
CA ALA A 98 59.45 35.49 -3.32
C ALA A 98 58.28 35.38 -4.28
N PHE A 99 57.07 35.22 -3.73
CA PHE A 99 55.89 35.06 -4.58
C PHE A 99 55.57 36.35 -5.32
N GLU A 100 55.78 37.50 -4.68
CA GLU A 100 55.51 38.77 -5.35
C GLU A 100 56.49 38.99 -6.50
N LYS A 101 57.75 38.59 -6.34
CA LYS A 101 58.70 38.68 -7.45
C LYS A 101 58.31 37.72 -8.57
N PHE A 102 57.90 36.50 -8.21
CA PHE A 102 57.50 35.53 -9.22
C PHE A 102 56.31 36.05 -10.03
N PHE A 103 55.32 36.64 -9.37
CA PHE A 103 54.19 37.19 -10.09
C PHE A 103 54.55 38.46 -10.84
N THR A 104 55.53 39.22 -10.34
CA THR A 104 55.95 40.45 -11.01
C THR A 104 56.61 40.15 -12.35
N ARG A 105 57.51 39.17 -12.39
CA ARG A 105 58.15 38.83 -13.65
C ARG A 105 57.14 38.31 -14.66
N HIS A 106 56.26 37.41 -14.22
CA HIS A 106 55.26 36.80 -15.10
C HIS A 106 53.92 37.49 -14.83
N ILE A 107 53.74 38.64 -15.46
CA ILE A 107 52.54 39.45 -15.24
C ILE A 107 51.81 39.73 -16.55
N ASP A 108 52.54 39.72 -17.66
CA ASP A 108 51.98 40.14 -18.94
C ASP A 108 51.41 38.95 -19.72
N LEU A 109 50.54 38.17 -19.08
CA LEU A 109 49.85 37.09 -19.78
C LEU A 109 48.41 36.94 -19.29
N TYR A 110 47.96 37.76 -18.35
CA TYR A 110 46.66 37.58 -17.71
C TYR A 110 45.73 38.73 -18.10
N ASP A 111 44.48 38.38 -18.41
CA ASP A 111 43.47 39.38 -18.72
C ASP A 111 43.07 40.11 -17.44
N LYS A 112 43.13 41.45 -17.48
CA LYS A 112 42.87 42.24 -16.28
C LYS A 112 41.41 42.13 -15.85
N ASP A 113 40.49 42.17 -16.82
CA ASP A 113 39.06 42.22 -16.48
C ASP A 113 38.59 40.96 -15.78
N GLU A 114 39.04 39.79 -16.24
CA GLU A 114 38.60 38.54 -15.64
C GLU A 114 39.03 38.45 -14.18
N ILE A 115 40.29 38.81 -13.89
CA ILE A 115 40.76 38.80 -12.51
C ILE A 115 40.04 39.85 -11.69
N GLU A 116 39.79 41.04 -12.26
CA GLU A 116 39.13 42.09 -11.51
C GLU A 116 37.72 41.69 -11.11
N ARG A 117 36.98 41.04 -12.02
CA ARG A 117 35.61 40.64 -11.71
C ARG A 117 35.57 39.39 -10.85
N LYS A 118 36.09 38.28 -11.37
CA LYS A 118 36.07 37.00 -10.67
C LYS A 118 37.50 36.67 -10.23
N GLY A 119 37.75 36.76 -8.94
CA GLY A 119 39.08 36.53 -8.42
C GLY A 119 39.55 35.09 -8.57
N SER A 120 40.49 34.85 -9.49
CA SER A 120 41.00 33.51 -9.72
C SER A 120 42.30 33.63 -10.51
N ILE A 121 43.37 33.06 -9.96
CA ILE A 121 44.67 33.00 -10.63
C ILE A 121 44.99 31.52 -10.82
N LEU A 122 44.79 31.02 -12.04
CA LEU A 122 44.98 29.60 -12.34
C LEU A 122 46.47 29.30 -12.44
N VAL A 123 47.12 29.29 -11.27
CA VAL A 123 48.55 29.01 -11.21
C VAL A 123 48.79 27.53 -11.43
N ASP A 124 49.68 27.21 -12.37
CA ASP A 124 50.02 25.83 -12.67
C ASP A 124 51.19 25.38 -11.80
N PHE A 125 51.05 24.21 -11.19
CA PHE A 125 52.09 23.70 -10.30
C PHE A 125 53.36 23.32 -11.06
N LYS A 126 53.24 23.05 -12.37
CA LYS A 126 54.43 22.73 -13.16
C LYS A 126 55.40 23.90 -13.20
N GLU A 127 54.88 25.12 -13.33
CA GLU A 127 55.73 26.31 -13.36
C GLU A 127 56.50 26.47 -12.04
N LEU A 128 55.83 26.22 -10.91
CA LEU A 128 56.52 26.26 -9.63
C LEU A 128 57.55 25.14 -9.53
N THR A 129 57.22 23.95 -10.05
CA THR A 129 58.14 22.82 -10.00
C THR A 129 59.32 22.99 -10.94
N GLU A 130 59.24 23.93 -11.89
CA GLU A 130 60.28 24.11 -12.91
C GLU A 130 61.61 24.61 -12.33
N GLY A 131 61.74 24.75 -11.02
CA GLY A 131 63.00 25.16 -10.43
C GLY A 131 63.32 26.63 -10.55
N GLY A 132 62.31 27.50 -10.54
CA GLY A 132 62.54 28.92 -10.61
C GLY A 132 62.95 29.52 -9.29
N GLU A 133 62.82 30.85 -9.17
CA GLU A 133 63.19 31.52 -7.92
C GLU A 133 62.31 31.09 -6.75
N VAL A 134 61.13 30.54 -7.02
CA VAL A 134 60.26 30.07 -5.94
C VAL A 134 60.97 28.98 -5.15
N THR A 135 61.65 28.07 -5.85
CA THR A 135 62.46 27.05 -5.19
C THR A 135 63.87 27.54 -4.87
N ASN A 136 64.39 28.51 -5.61
CA ASN A 136 65.74 29.00 -5.36
C ASN A 136 65.82 29.72 -4.02
N LEU A 137 64.87 30.61 -3.74
CA LEU A 137 64.88 31.34 -2.48
C LEU A 137 64.52 30.43 -1.31
N ILE A 138 63.51 29.59 -1.48
CA ILE A 138 63.13 28.62 -0.46
C ILE A 138 62.86 27.28 -1.14
N PRO A 139 63.54 26.21 -0.73
CA PRO A 139 63.33 24.92 -1.40
C PRO A 139 62.16 24.14 -0.84
N ASP A 140 61.68 24.52 0.34
CA ASP A 140 60.57 23.84 1.00
C ASP A 140 59.27 24.46 0.52
N ILE A 141 58.79 23.98 -0.63
CA ILE A 141 57.53 24.44 -1.20
C ILE A 141 56.47 23.34 -1.18
N ALA A 142 56.84 22.12 -1.61
CA ALA A 142 55.87 21.02 -1.59
C ALA A 142 55.53 20.61 -0.17
N THR A 143 56.55 20.48 0.69
CA THR A 143 56.31 20.12 2.08
C THR A 143 55.52 21.19 2.80
N GLU A 144 55.85 22.47 2.56
CA GLU A 144 55.12 23.56 3.19
C GLU A 144 53.67 23.60 2.72
N LEU A 145 53.45 23.37 1.42
CA LEU A 145 52.07 23.34 0.90
C LEU A 145 51.29 22.19 1.49
N ARG A 146 51.89 21.01 1.61
CA ARG A 146 51.16 19.85 2.12
C ARG A 146 50.88 20.00 3.61
N ASP A 147 51.86 20.46 4.39
CA ASP A 147 51.67 20.56 5.83
C ASP A 147 50.79 21.75 6.21
N ALA A 148 50.97 22.89 5.55
CA ALA A 148 50.21 24.09 5.87
C ALA A 148 49.20 24.37 4.77
N PRO A 149 47.91 24.10 4.99
CA PRO A 149 46.93 24.35 3.92
C PRO A 149 46.72 25.81 3.61
N GLU A 150 46.59 26.66 4.63
CA GLU A 150 46.21 28.05 4.42
C GLU A 150 47.39 29.01 4.42
N LYS A 151 48.40 28.76 5.25
CA LYS A 151 49.52 29.69 5.36
C LYS A 151 50.25 29.83 4.04
N THR A 152 50.48 28.72 3.35
CA THR A 152 51.11 28.77 2.03
C THR A 152 50.15 29.25 0.96
N LEU A 153 48.86 28.88 1.07
CA LEU A 153 47.91 29.19 0.00
C LEU A 153 47.61 30.68 -0.08
N ALA A 154 47.39 31.34 1.07
CA ALA A 154 46.99 32.74 1.04
C ALA A 154 48.13 33.68 0.64
N CYS A 155 49.37 33.19 0.62
CA CYS A 155 50.46 34.02 0.11
C CYS A 155 50.25 34.33 -1.37
N MET A 156 49.65 33.40 -2.12
CA MET A 156 49.27 33.69 -3.49
C MET A 156 48.36 34.90 -3.56
N GLY A 157 47.32 34.93 -2.72
CA GLY A 157 46.40 36.06 -2.73
C GLY A 157 47.07 37.36 -2.31
N LEU A 158 47.93 37.28 -1.30
CA LEU A 158 48.67 38.47 -0.88
C LEU A 158 49.49 39.05 -2.02
N ALA A 159 50.28 38.20 -2.68
CA ALA A 159 51.13 38.68 -3.77
C ALA A 159 50.30 39.21 -4.92
N ILE A 160 49.22 38.52 -5.28
CA ILE A 160 48.38 38.96 -6.39
C ILE A 160 47.76 40.31 -6.09
N HIS A 161 47.22 40.47 -4.87
CA HIS A 161 46.60 41.74 -4.51
C HIS A 161 47.61 42.87 -4.56
N GLN A 162 48.81 42.64 -4.01
CA GLN A 162 49.82 43.69 -4.00
C GLN A 162 50.26 44.05 -5.42
N VAL A 163 50.47 43.05 -6.27
CA VAL A 163 50.97 43.35 -7.62
C VAL A 163 49.90 44.07 -8.44
N LEU A 164 48.64 43.64 -8.33
CA LEU A 164 47.56 44.35 -9.03
C LEU A 164 47.39 45.77 -8.52
N THR A 165 47.44 45.97 -7.20
CA THR A 165 47.21 47.32 -6.69
C THR A 165 48.35 48.25 -7.06
N LYS A 166 49.60 47.75 -7.08
CA LYS A 166 50.70 48.62 -7.48
C LYS A 166 50.66 48.90 -8.97
N ASP A 167 50.24 47.92 -9.78
CA ASP A 167 50.09 48.17 -11.21
C ASP A 167 49.02 49.22 -11.47
N LEU A 168 47.89 49.14 -10.78
CA LEU A 168 46.83 50.12 -10.96
C LEU A 168 47.27 51.50 -10.49
N GLU A 169 48.00 51.57 -9.37
CA GLU A 169 48.53 52.86 -8.92
C GLU A 169 49.49 53.46 -9.93
N ARG A 170 50.37 52.64 -10.50
CA ARG A 170 51.30 53.15 -11.50
C ARG A 170 50.57 53.64 -12.75
N HIS A 171 49.57 52.87 -13.21
CA HIS A 171 48.81 53.29 -14.38
C HIS A 171 48.05 54.58 -14.12
N ALA A 172 47.43 54.72 -12.95
CA ALA A 172 46.72 55.94 -12.62
C ALA A 172 47.67 57.13 -12.51
N ALA A 173 48.85 56.93 -11.91
CA ALA A 173 49.81 58.01 -11.77
C ALA A 173 50.35 58.46 -13.13
N GLU A 174 50.58 57.51 -14.03
CA GLU A 174 51.08 57.87 -15.35
C GLU A 174 50.09 58.74 -16.11
N LEU A 175 48.81 58.42 -16.04
CA LEU A 175 47.77 59.20 -16.71
C LEU A 175 46.80 59.81 -15.70
N MET A 188 40.18 55.86 -5.49
CA MET A 188 41.46 55.42 -6.02
C MET A 188 41.38 53.97 -6.48
N VAL A 189 41.95 53.06 -5.68
CA VAL A 189 41.92 51.63 -5.96
C VAL A 189 41.25 50.93 -4.80
N ASN A 190 40.20 50.16 -5.10
CA ASN A 190 39.44 49.41 -4.10
C ASN A 190 39.22 47.98 -4.58
N VAL A 191 40.27 47.34 -5.06
CA VAL A 191 40.15 46.00 -5.64
C VAL A 191 39.64 45.02 -4.60
N PRO A 192 38.75 44.08 -4.96
CA PRO A 192 38.17 43.18 -3.97
C PRO A 192 39.08 42.00 -3.65
N HIS A 193 38.57 41.06 -2.86
CA HIS A 193 39.31 39.84 -2.54
C HIS A 193 39.50 39.00 -3.80
N ILE A 194 40.69 38.41 -3.92
CA ILE A 194 41.01 37.48 -5.01
C ILE A 194 41.39 36.14 -4.40
N HIS A 195 40.73 35.09 -4.85
CA HIS A 195 41.04 33.75 -4.36
C HIS A 195 42.27 33.19 -5.08
N ALA A 196 42.87 32.17 -4.46
CA ALA A 196 44.02 31.48 -5.02
C ALA A 196 43.61 30.12 -5.55
N ARG A 197 44.12 29.78 -6.73
CA ARG A 197 43.75 28.53 -7.40
C ARG A 197 45.04 27.81 -7.80
N VAL A 198 45.32 26.69 -7.14
CA VAL A 198 46.47 25.86 -7.45
C VAL A 198 45.95 24.51 -7.93
N TYR A 199 46.30 24.14 -9.15
CA TYR A 199 45.83 22.90 -9.75
C TYR A 199 47.02 22.11 -10.30
N ASN A 200 46.71 21.02 -11.00
CA ASN A 200 47.72 20.13 -11.58
C ASN A 200 48.66 19.59 -10.51
N TYR A 201 48.08 18.84 -9.58
CA TYR A 201 48.81 18.24 -8.48
C TYR A 201 49.11 16.79 -8.85
N GLU A 202 50.40 16.46 -8.94
CA GLU A 202 50.83 15.25 -9.64
C GLU A 202 50.56 13.95 -8.89
N PRO A 203 50.87 13.83 -7.58
CA PRO A 203 50.60 12.55 -6.90
C PRO A 203 49.13 12.35 -6.62
N LEU A 204 48.51 11.42 -7.36
CA LEU A 204 47.08 11.18 -7.29
C LEU A 204 46.80 10.20 -6.16
N THR A 205 46.50 10.74 -4.97
CA THR A 205 46.14 9.92 -3.83
C THR A 205 44.65 9.57 -3.94
N GLN A 206 44.37 8.46 -4.60
CA GLN A 206 42.99 8.04 -4.82
C GLN A 206 42.38 7.57 -3.50
N LEU A 207 41.11 7.18 -3.55
CA LEU A 207 40.36 6.86 -2.35
C LEU A 207 40.79 5.51 -1.80
N LYS A 208 40.05 5.02 -0.80
CA LYS A 208 40.34 3.81 -0.03
C LYS A 208 41.62 3.94 0.77
N ASN A 209 42.12 5.16 0.98
CA ASN A 209 43.34 5.36 1.76
C ASN A 209 43.22 6.60 2.65
N VAL A 210 42.06 7.24 2.72
CA VAL A 210 41.89 8.45 3.53
C VAL A 210 40.94 8.14 4.68
N ARG A 211 41.48 7.73 5.83
CA ARG A 211 40.66 7.43 6.99
C ARG A 211 40.95 8.35 8.17
N ALA A 212 42.19 8.37 8.66
CA ALA A 212 42.54 9.17 9.83
C ALA A 212 43.68 10.14 9.57
N ASN A 213 44.78 9.67 8.96
CA ASN A 213 46.00 10.47 8.89
C ASN A 213 45.80 11.71 8.04
N TYR A 214 45.09 11.59 6.92
CA TYR A 214 44.94 12.71 5.98
C TYR A 214 43.93 13.71 6.55
N TYR A 215 44.35 14.36 7.62
CA TYR A 215 43.59 15.43 8.27
C TYR A 215 44.31 16.74 8.03
N GLY A 216 43.62 17.68 7.39
CA GLY A 216 44.22 18.97 7.09
C GLY A 216 45.45 18.88 6.20
N LYS A 217 45.44 17.98 5.23
CA LYS A 217 46.56 17.80 4.31
C LYS A 217 46.06 17.93 2.88
N TYR A 218 46.71 18.78 2.10
CA TYR A 218 46.28 19.01 0.72
C TYR A 218 46.53 17.77 -0.11
N ILE A 219 45.47 17.24 -0.73
CA ILE A 219 45.54 16.05 -1.57
C ILE A 219 44.73 16.31 -2.84
N ALA A 220 44.66 15.30 -3.70
CA ALA A 220 43.95 15.40 -4.96
C ALA A 220 43.06 14.17 -5.13
N LEU A 221 41.96 14.35 -5.85
CA LEU A 221 41.01 13.27 -6.08
C LEU A 221 40.62 13.15 -7.55
N ARG A 222 39.77 12.18 -7.87
CA ARG A 222 39.29 11.97 -9.23
C ARG A 222 38.04 11.10 -9.21
N GLY A 223 36.98 11.57 -9.84
CA GLY A 223 35.72 10.85 -9.80
C GLY A 223 34.65 11.52 -10.63
N THR A 224 33.42 11.06 -10.44
CA THR A 224 32.26 11.56 -11.16
C THR A 224 31.31 12.26 -10.19
N VAL A 225 30.25 12.85 -10.75
CA VAL A 225 29.28 13.61 -9.99
C VAL A 225 27.89 13.04 -10.25
N VAL A 226 27.13 12.80 -9.18
CA VAL A 226 25.81 12.21 -9.31
C VAL A 226 24.74 12.91 -8.47
N ARG A 227 25.09 13.78 -7.54
CA ARG A 227 24.13 14.33 -6.57
C ARG A 227 24.25 15.84 -6.45
N VAL A 228 24.24 16.53 -7.58
CA VAL A 228 24.22 17.99 -7.56
C VAL A 228 22.94 18.46 -6.88
N SER A 229 23.07 19.42 -5.97
CA SER A 229 21.97 19.91 -5.15
C SER A 229 21.73 21.39 -5.44
N ASN A 230 20.82 21.99 -4.69
CA ASN A 230 20.44 23.38 -4.85
C ASN A 230 21.43 24.30 -4.17
N ILE A 231 21.13 25.59 -4.21
CA ILE A 231 21.99 26.62 -3.62
C ILE A 231 21.29 27.23 -2.41
N LYS A 232 22.10 27.81 -1.52
CA LYS A 232 21.60 28.55 -0.37
C LYS A 232 22.76 29.39 0.16
N PRO A 233 22.56 30.69 0.35
CA PRO A 233 23.69 31.55 0.78
C PRO A 233 24.07 31.29 2.23
N LEU A 234 25.21 31.84 2.62
CA LEU A 234 25.70 31.78 3.98
C LEU A 234 26.54 33.02 4.25
N CYS A 235 26.68 33.34 5.53
CA CYS A 235 27.39 34.55 5.95
C CYS A 235 28.68 34.17 6.68
N THR A 236 29.72 34.98 6.46
CA THR A 236 31.02 34.76 7.09
C THR A 236 31.52 35.93 7.91
N LYS A 237 31.11 37.16 7.61
CA LYS A 237 31.62 38.33 8.31
C LYS A 237 30.47 39.28 8.66
N MET A 238 29.37 38.73 9.17
CA MET A 238 28.24 39.57 9.54
C MET A 238 28.57 40.38 10.79
N ALA A 239 28.04 41.59 10.87
CA ALA A 239 28.50 42.58 11.83
C ALA A 239 27.72 42.48 13.15
N PHE A 240 28.27 43.13 14.17
CA PHE A 240 27.68 43.18 15.50
C PHE A 240 27.44 44.62 15.91
N LEU A 241 26.61 44.79 16.93
CA LEU A 241 26.35 46.11 17.50
C LEU A 241 27.40 46.43 18.57
N CYS A 242 27.52 47.72 18.88
CA CYS A 242 28.50 48.22 19.83
C CYS A 242 27.79 48.77 21.06
N ALA A 243 28.49 48.71 22.20
CA ALA A 243 27.98 49.22 23.45
C ALA A 243 28.52 50.62 23.73
N ALA A 244 27.79 51.36 24.56
CA ALA A 244 28.16 52.71 24.97
C ALA A 244 28.34 53.62 23.75
N CYS A 245 29.58 53.84 23.34
CA CYS A 245 29.87 54.70 22.20
C CYS A 245 29.66 53.92 20.90
N GLY A 246 30.10 54.50 19.79
CA GLY A 246 29.93 53.88 18.49
C GLY A 246 31.04 52.90 18.16
N GLU A 247 31.69 53.10 17.01
CA GLU A 247 32.78 52.24 16.54
C GLU A 247 32.34 50.78 16.45
N ILE A 248 31.38 50.53 15.57
CA ILE A 248 30.95 49.16 15.31
C ILE A 248 32.09 48.37 14.66
N GLN A 249 31.98 47.05 14.70
CA GLN A 249 33.04 46.17 14.23
C GLN A 249 32.44 45.02 13.44
N SER A 250 33.31 44.33 12.70
CA SER A 250 32.92 43.35 11.69
C SER A 250 33.66 42.02 11.92
N PHE A 251 33.55 41.50 13.13
CA PHE A 251 34.20 40.27 13.60
C PHE A 251 34.18 39.16 12.54
N PRO A 252 35.34 38.59 12.22
CA PRO A 252 35.38 37.50 11.22
C PRO A 252 34.87 36.19 11.77
N LEU A 253 33.57 35.99 11.72
CA LEU A 253 32.97 34.76 12.23
C LEU A 253 33.48 33.57 11.43
N PRO A 254 33.91 32.49 12.09
CA PRO A 254 34.55 31.39 11.36
C PRO A 254 33.58 30.32 10.86
N ASP A 255 33.73 29.95 9.59
CA ASP A 255 33.02 28.83 8.95
C ASP A 255 31.57 28.71 9.39
N GLY A 256 30.87 29.84 9.39
CA GLY A 256 29.43 29.84 9.61
C GLY A 256 28.98 29.28 10.94
N LYS A 257 29.74 29.51 12.00
CA LYS A 257 29.35 29.10 13.35
C LYS A 257 29.18 30.34 14.21
N TYR A 258 27.97 30.54 14.72
CA TYR A 258 27.68 31.72 15.52
C TYR A 258 28.51 31.74 16.79
N SER A 259 29.09 32.90 17.09
CA SER A 259 29.92 33.08 18.28
C SER A 259 29.63 34.45 18.87
N LEU A 260 30.38 34.82 19.90
CA LEU A 260 30.20 36.10 20.56
C LEU A 260 31.53 36.78 20.79
N PRO A 261 31.59 38.11 20.68
CA PRO A 261 32.83 38.85 20.96
C PRO A 261 32.99 39.17 22.44
N THR A 262 33.53 38.19 23.19
CA THR A 262 33.72 38.39 24.63
C THR A 262 34.64 39.58 24.91
N LYS A 263 35.47 39.94 23.95
CA LYS A 263 36.27 41.16 24.02
C LYS A 263 36.15 41.91 22.70
N CYS A 264 36.18 43.24 22.78
CA CYS A 264 36.20 44.10 21.61
C CYS A 264 37.44 44.97 21.68
N PRO A 265 38.20 45.14 20.60
CA PRO A 265 39.44 45.92 20.67
C PRO A 265 39.18 47.37 21.09
N VAL A 266 38.42 48.10 20.29
CA VAL A 266 38.02 49.50 20.46
C VAL A 266 39.15 50.37 20.99
N PRO A 267 38.92 51.65 21.35
CA PRO A 267 39.95 52.38 22.10
C PRO A 267 40.15 51.89 23.53
N VAL A 268 39.07 51.88 24.32
CA VAL A 268 39.16 51.67 25.76
C VAL A 268 37.96 50.90 26.30
N CYS A 269 37.96 50.67 27.62
CA CYS A 269 36.81 50.23 28.42
C CYS A 269 36.31 48.83 28.06
N ARG A 270 35.14 48.49 28.61
CA ARG A 270 34.63 47.13 28.63
C ARG A 270 34.06 46.75 27.26
N GLY A 271 33.88 45.45 27.04
CA GLY A 271 33.43 44.94 25.77
C GLY A 271 31.94 44.64 25.72
N ARG A 272 31.59 43.36 25.83
CA ARG A 272 30.19 42.89 25.75
C ARG A 272 29.64 43.21 24.36
N SER A 273 28.72 44.18 24.27
CA SER A 273 28.12 44.59 23.00
C SER A 273 27.55 43.40 22.23
N PHE A 274 26.88 42.50 22.97
CA PHE A 274 26.33 41.27 22.39
C PHE A 274 24.98 41.57 21.77
N THR A 275 24.99 42.10 20.55
CA THR A 275 23.76 42.37 19.82
C THR A 275 24.04 42.25 18.33
N ALA A 276 23.07 41.73 17.60
CA ALA A 276 23.20 41.51 16.16
C ALA A 276 22.63 42.69 15.39
N LEU A 277 23.26 42.99 14.26
CA LEU A 277 22.92 44.13 13.42
C LEU A 277 22.88 43.69 11.95
N ARG A 278 22.10 42.64 11.67
CA ARG A 278 22.15 42.02 10.36
C ARG A 278 21.41 42.83 9.30
N SER A 279 21.77 44.11 9.18
CA SER A 279 21.30 44.96 8.08
C SER A 279 22.38 45.84 7.48
N SER A 280 23.47 46.10 8.20
CA SER A 280 24.52 46.99 7.69
C SER A 280 25.23 46.34 6.51
N PRO A 281 25.76 47.16 5.59
CA PRO A 281 26.55 46.60 4.47
C PRO A 281 27.85 45.95 4.89
N LEU A 282 28.22 46.01 6.17
CA LEU A 282 29.41 45.31 6.64
C LEU A 282 29.26 43.80 6.48
N THR A 283 28.05 43.29 6.66
CA THR A 283 27.79 41.87 6.46
C THR A 283 28.01 41.49 5.00
N VAL A 284 28.69 40.37 4.78
CA VAL A 284 28.98 39.86 3.44
C VAL A 284 28.50 38.42 3.35
N THR A 285 27.98 38.05 2.18
CA THR A 285 27.45 36.72 1.94
C THR A 285 28.05 36.15 0.67
N MET A 286 27.97 34.82 0.53
CA MET A 286 28.46 34.13 -0.65
C MET A 286 27.69 32.82 -0.80
N ASP A 287 27.84 32.22 -1.98
CA ASP A 287 27.04 31.06 -2.35
C ASP A 287 27.56 29.80 -1.68
N TRP A 288 26.91 28.68 -1.98
CA TRP A 288 27.21 27.38 -1.39
C TRP A 288 26.60 26.29 -2.26
N GLN A 289 27.10 25.08 -2.11
CA GLN A 289 26.65 23.93 -2.90
C GLN A 289 27.11 22.66 -2.18
N SER A 290 26.62 21.51 -2.65
CA SER A 290 27.03 20.22 -2.09
C SER A 290 27.03 19.20 -3.21
N ILE A 291 28.13 18.46 -3.34
CA ILE A 291 28.33 17.50 -4.43
C ILE A 291 28.80 16.18 -3.86
N LYS A 292 28.27 15.08 -4.40
CA LYS A 292 28.66 13.73 -4.04
C LYS A 292 29.43 13.09 -5.18
N ILE A 293 30.52 12.40 -4.86
CA ILE A 293 31.42 11.81 -5.85
C ILE A 293 31.44 10.30 -5.63
N GLN A 294 31.30 9.53 -6.71
CA GLN A 294 31.40 8.08 -6.68
C GLN A 294 32.63 7.67 -7.49
N GLU A 295 33.54 6.92 -6.87
CA GLU A 295 34.82 6.66 -7.50
C GLU A 295 34.71 5.47 -8.46
N LEU A 296 35.48 5.54 -9.56
CA LEU A 296 35.27 4.69 -10.73
C LEU A 296 35.58 3.22 -10.42
N MET A 297 35.58 2.39 -11.47
CA MET A 297 35.96 0.99 -11.31
C MET A 297 37.44 0.84 -10.98
N SER A 298 38.29 1.63 -11.63
CA SER A 298 39.73 1.65 -11.39
C SER A 298 40.34 0.25 -11.50
N ASP A 299 40.54 -0.40 -10.36
CA ASP A 299 41.14 -1.72 -10.31
C ASP A 299 40.56 -2.46 -9.11
N ASP A 300 41.21 -3.57 -8.72
CA ASP A 300 40.79 -4.40 -7.61
C ASP A 300 39.36 -4.91 -7.83
N GLN A 301 39.21 -5.74 -8.86
CA GLN A 301 37.92 -6.29 -9.24
C GLN A 301 37.48 -7.38 -8.27
N ARG A 302 37.20 -7.00 -7.02
CA ARG A 302 36.75 -7.95 -6.02
C ARG A 302 35.35 -8.46 -6.34
N GLU A 303 35.10 -9.72 -5.98
CA GLU A 303 33.78 -10.30 -6.22
C GLU A 303 32.72 -9.76 -5.29
N ALA A 304 33.12 -9.14 -4.18
CA ALA A 304 32.16 -8.59 -3.24
C ALA A 304 31.37 -7.45 -3.87
N GLY A 305 30.08 -7.39 -3.56
CA GLY A 305 29.21 -6.36 -4.11
C GLY A 305 29.19 -5.09 -3.29
N ARG A 306 30.34 -4.71 -2.74
CA ARG A 306 30.44 -3.48 -1.95
C ARG A 306 30.63 -2.29 -2.89
N ILE A 307 29.73 -1.32 -2.80
CA ILE A 307 29.81 -0.12 -3.62
C ILE A 307 31.04 0.69 -3.19
N PRO A 308 31.71 1.37 -4.11
CA PRO A 308 32.86 2.20 -3.72
C PRO A 308 32.45 3.32 -2.78
N ARG A 309 33.36 3.67 -1.87
CA ARG A 309 33.06 4.70 -0.89
C ARG A 309 32.88 6.05 -1.57
N THR A 310 32.04 6.89 -0.95
CA THR A 310 31.71 8.21 -1.47
C THR A 310 32.09 9.27 -0.47
N ILE A 311 32.60 10.40 -0.96
CA ILE A 311 32.99 11.52 -0.12
C ILE A 311 32.34 12.79 -0.68
N GLU A 312 31.88 13.65 0.22
CA GLU A 312 31.15 14.85 -0.18
C GLU A 312 32.11 15.96 -0.58
N CYS A 313 31.57 16.96 -1.26
CA CYS A 313 32.34 18.14 -1.68
C CYS A 313 31.52 19.39 -1.40
N GLU A 314 32.23 20.51 -1.25
CA GLU A 314 31.61 21.79 -0.90
C GLU A 314 32.26 22.88 -1.74
N LEU A 315 31.45 23.60 -2.50
CA LEU A 315 31.93 24.71 -3.30
C LEU A 315 31.68 26.02 -2.57
N VAL A 316 32.68 26.90 -2.56
CA VAL A 316 32.71 28.06 -1.67
C VAL A 316 32.20 29.33 -2.36
N HIS A 317 32.83 29.72 -3.47
CA HIS A 317 32.54 31.04 -4.03
C HIS A 317 32.97 31.08 -5.49
N ASP A 318 32.18 31.78 -6.31
CA ASP A 318 32.45 32.03 -7.72
C ASP A 318 32.35 30.76 -8.55
N LEU A 319 32.18 29.63 -7.88
CA LEU A 319 31.94 28.35 -8.52
C LEU A 319 30.43 28.10 -8.55
N VAL A 320 30.02 26.84 -8.79
CA VAL A 320 28.63 26.37 -8.77
C VAL A 320 28.06 26.50 -10.17
N ASP A 321 27.23 25.53 -10.57
CA ASP A 321 26.72 25.41 -11.94
C ASP A 321 27.85 25.10 -12.92
N SER A 322 28.95 24.56 -12.41
CA SER A 322 30.07 24.13 -13.23
C SER A 322 30.06 22.62 -13.48
N CYS A 323 29.05 21.91 -13.01
CA CYS A 323 28.98 20.47 -13.17
C CYS A 323 27.55 20.05 -13.48
N VAL A 324 27.43 18.91 -14.16
CA VAL A 324 26.14 18.33 -14.54
C VAL A 324 26.17 16.86 -14.12
N PRO A 325 25.02 16.30 -13.71
CA PRO A 325 25.02 14.88 -13.32
C PRO A 325 25.64 13.98 -14.38
N GLY A 326 26.82 13.43 -14.06
CA GLY A 326 27.58 12.62 -14.97
C GLY A 326 28.71 13.38 -15.64
N ASP A 327 29.93 13.22 -15.13
CA ASP A 327 31.13 13.85 -15.70
C ASP A 327 32.33 12.98 -15.39
N THR A 328 33.52 13.56 -15.60
CA THR A 328 34.80 12.96 -15.20
C THR A 328 35.67 14.15 -14.76
N VAL A 329 35.70 14.39 -13.45
CA VAL A 329 36.30 15.61 -12.91
C VAL A 329 37.44 15.25 -11.97
N THR A 330 38.40 16.16 -11.87
CA THR A 330 39.50 16.07 -10.93
C THR A 330 39.37 17.22 -9.94
N ILE A 331 39.39 16.90 -8.65
CA ILE A 331 39.16 17.87 -7.59
C ILE A 331 40.34 17.85 -6.63
N THR A 332 40.87 19.02 -6.31
CA THR A 332 41.92 19.19 -5.32
C THR A 332 41.42 20.14 -4.24
N GLY A 333 41.56 19.74 -2.99
CA GLY A 333 41.08 20.58 -1.90
C GLY A 333 41.51 20.04 -0.56
N ILE A 334 41.32 20.87 0.46
CA ILE A 334 41.70 20.50 1.83
C ILE A 334 40.67 19.51 2.38
N VAL A 335 41.14 18.63 3.26
CA VAL A 335 40.29 17.64 3.91
C VAL A 335 39.98 18.10 5.32
N LYS A 336 38.70 18.31 5.62
CA LYS A 336 38.25 18.70 6.94
C LYS A 336 37.23 17.69 7.45
N VAL A 337 36.81 17.89 8.69
CA VAL A 337 35.90 16.97 9.37
C VAL A 337 34.65 17.75 9.80
N SER A 338 33.49 17.24 9.42
CA SER A 338 32.22 17.89 9.74
C SER A 338 31.86 17.62 11.19
N ASN A 339 30.65 18.02 11.59
CA ASN A 339 30.19 17.83 12.95
C ASN A 339 28.67 17.70 12.94
N ALA A 340 28.15 17.01 13.95
CA ALA A 340 26.71 16.83 14.13
C ALA A 340 26.07 16.25 12.86
N GLU A 341 26.47 15.04 12.54
CA GLU A 341 25.97 14.34 11.35
C GLU A 341 24.46 14.16 11.42
N LYS A 350 28.48 14.62 21.85
CA LYS A 350 28.37 13.81 20.64
C LYS A 350 29.63 13.93 19.80
N CYS A 351 30.66 13.16 20.17
CA CYS A 351 31.93 13.18 19.46
C CYS A 351 31.94 12.11 18.36
N MET A 352 31.06 12.31 17.38
CA MET A 352 30.87 11.35 16.29
C MET A 352 30.76 12.15 14.99
N PHE A 353 31.79 12.08 14.14
CA PHE A 353 31.88 12.93 12.97
C PHE A 353 32.09 12.08 11.71
N LEU A 354 32.14 12.77 10.57
CA LEU A 354 32.45 12.16 9.28
C LEU A 354 33.52 12.94 8.54
N LEU A 355 33.73 12.63 7.27
CA LEU A 355 34.79 13.22 6.47
C LEU A 355 34.20 13.90 5.24
N TYR A 356 34.66 15.12 4.95
CA TYR A 356 34.25 15.85 3.76
C TYR A 356 35.39 16.76 3.31
N ILE A 357 35.36 17.16 2.04
CA ILE A 357 36.44 17.91 1.43
C ILE A 357 35.91 19.25 0.94
N GLU A 358 36.61 20.33 1.30
CA GLU A 358 36.34 21.65 0.78
C GLU A 358 37.14 21.83 -0.50
N ALA A 359 36.44 22.08 -1.61
CA ALA A 359 37.09 22.19 -2.91
C ALA A 359 37.95 23.44 -2.99
N ASN A 360 39.02 23.35 -3.78
CA ASN A 360 39.90 24.48 -4.04
C ASN A 360 40.10 24.78 -5.52
N SER A 361 39.95 23.79 -6.39
CA SER A 361 40.07 23.98 -7.83
C SER A 361 39.38 22.83 -8.54
N ILE A 362 38.69 23.14 -9.63
CA ILE A 362 37.92 22.16 -10.38
C ILE A 362 38.34 22.19 -11.83
N SER A 363 38.51 21.01 -12.41
CA SER A 363 38.80 20.88 -13.84
C SER A 363 37.67 20.15 -14.54
N ASN A 364 37.83 19.87 -15.83
CA ASN A 364 36.79 19.19 -16.59
C ASN A 364 37.46 18.45 -17.75
N SER A 365 36.66 17.70 -18.49
CA SER A 365 37.16 16.94 -19.63
C SER A 365 36.09 16.83 -20.72
N GLU A 384 43.27 8.77 -19.12
CA GLU A 384 44.50 9.04 -19.85
C GLU A 384 45.38 7.80 -19.93
N PHE A 385 46.01 7.59 -21.08
CA PHE A 385 46.82 6.40 -21.31
C PHE A 385 48.28 6.67 -20.99
N SER A 386 48.94 5.68 -20.39
CA SER A 386 50.34 5.83 -20.04
C SER A 386 51.22 5.60 -21.27
N LEU A 387 52.51 5.95 -21.12
CA LEU A 387 53.45 5.77 -22.22
C LEU A 387 53.63 4.29 -22.57
N LYS A 388 53.69 3.43 -21.56
CA LYS A 388 53.77 1.99 -21.81
C LYS A 388 52.55 1.49 -22.58
N ASP A 389 51.38 2.02 -22.25
CA ASP A 389 50.16 1.63 -22.97
C ASP A 389 50.29 2.00 -24.45
N LEU A 390 50.82 3.19 -24.74
CA LEU A 390 51.04 3.58 -26.13
C LEU A 390 52.04 2.65 -26.80
N TYR A 391 53.13 2.31 -26.11
CA TYR A 391 54.14 1.46 -26.72
C TYR A 391 53.53 0.11 -27.08
N ALA A 392 52.72 -0.43 -26.17
CA ALA A 392 52.05 -1.70 -26.40
C ALA A 392 51.08 -1.62 -27.58
N ILE A 393 50.32 -0.53 -27.70
CA ILE A 393 49.35 -0.46 -28.79
C ILE A 393 50.06 -0.32 -30.14
N GLN A 394 51.19 0.38 -30.19
CA GLN A 394 51.97 0.35 -31.43
C GLN A 394 52.52 -1.04 -31.75
N GLU A 395 52.98 -1.79 -30.76
CA GLU A 395 53.41 -3.15 -31.10
C GLU A 395 52.24 -4.02 -31.55
N ILE A 396 51.07 -3.84 -30.93
CA ILE A 396 49.88 -4.58 -31.35
C ILE A 396 49.51 -4.21 -32.78
N GLN A 397 49.57 -2.92 -33.12
CA GLN A 397 49.34 -2.51 -34.50
C GLN A 397 50.39 -3.08 -35.45
N ALA A 398 51.59 -3.33 -34.95
CA ALA A 398 52.69 -3.80 -35.80
C ALA A 398 52.53 -5.25 -36.28
N GLU A 399 51.53 -5.97 -35.80
CA GLU A 399 51.37 -7.36 -36.18
C GLU A 399 51.04 -7.49 -37.67
N GLU A 400 51.51 -8.58 -38.27
CA GLU A 400 51.35 -8.75 -39.71
C GLU A 400 49.92 -9.15 -40.07
N ASN A 401 49.31 -10.03 -39.27
CA ASN A 401 47.92 -10.42 -39.45
C ASN A 401 47.15 -10.01 -38.19
N LEU A 402 46.66 -8.77 -38.18
CA LEU A 402 45.93 -8.25 -37.04
C LEU A 402 44.52 -8.80 -36.92
N PHE A 403 43.88 -9.14 -38.04
CA PHE A 403 42.49 -9.57 -37.99
C PHE A 403 42.35 -10.97 -37.40
N LYS A 404 43.24 -11.90 -37.81
CA LYS A 404 43.22 -13.24 -37.27
C LYS A 404 43.49 -13.24 -35.77
N LEU A 405 44.49 -12.47 -35.33
CA LEU A 405 44.88 -12.45 -33.93
C LEU A 405 43.80 -11.90 -33.03
N ILE A 406 42.94 -11.01 -33.52
CA ILE A 406 41.88 -10.42 -32.71
C ILE A 406 40.59 -11.21 -32.83
N VAL A 407 40.40 -11.95 -33.92
CA VAL A 407 39.18 -12.75 -34.05
C VAL A 407 39.31 -14.12 -33.42
N ASN A 408 40.54 -14.65 -33.28
CA ASN A 408 40.76 -15.95 -32.66
C ASN A 408 41.29 -15.83 -31.24
N SER A 409 41.13 -14.67 -30.61
CA SER A 409 41.52 -14.48 -29.22
C SER A 409 40.37 -14.00 -28.34
N LEU A 410 39.20 -13.71 -28.92
CA LEU A 410 38.06 -13.29 -28.13
C LEU A 410 37.61 -14.39 -27.18
N CYS A 411 37.56 -15.63 -27.66
CA CYS A 411 37.21 -16.77 -26.83
C CYS A 411 37.87 -18.03 -27.38
N PRO A 412 38.99 -18.48 -26.79
CA PRO A 412 39.70 -19.63 -27.33
C PRO A 412 39.14 -20.98 -26.93
N VAL A 413 38.26 -21.04 -25.93
CA VAL A 413 37.70 -22.33 -25.51
C VAL A 413 36.84 -22.92 -26.61
N ILE A 414 35.98 -22.11 -27.22
CA ILE A 414 35.05 -22.60 -28.23
C ILE A 414 35.82 -22.89 -29.53
N PHE A 415 35.52 -24.02 -30.14
CA PHE A 415 36.14 -24.43 -31.39
C PHE A 415 35.21 -24.14 -32.55
N GLY A 416 35.73 -23.48 -33.58
CA GLY A 416 34.93 -23.18 -34.76
C GLY A 416 34.14 -21.89 -34.62
N HIS A 417 33.13 -21.77 -35.49
CA HIS A 417 32.25 -20.60 -35.54
C HIS A 417 33.06 -19.32 -35.78
N GLU A 418 33.69 -19.29 -36.94
CA GLU A 418 34.55 -18.16 -37.29
C GLU A 418 33.75 -16.91 -37.61
N LEU A 419 32.69 -17.05 -38.41
CA LEU A 419 31.95 -15.89 -38.88
C LEU A 419 31.20 -15.18 -37.76
N VAL A 420 30.65 -15.94 -36.81
CA VAL A 420 29.94 -15.33 -35.69
C VAL A 420 30.90 -14.51 -34.82
N LYS A 421 32.09 -15.07 -34.57
CA LYS A 421 33.09 -14.32 -33.81
C LYS A 421 33.55 -13.09 -34.57
N ALA A 422 33.68 -13.20 -35.90
CA ALA A 422 34.04 -12.02 -36.70
C ALA A 422 32.97 -10.93 -36.58
N GLY A 423 31.70 -11.33 -36.63
CA GLY A 423 30.62 -10.37 -36.48
C GLY A 423 30.63 -9.71 -35.10
N LEU A 424 30.88 -10.51 -34.06
CA LEU A 424 30.97 -9.94 -32.72
C LEU A 424 32.12 -8.96 -32.61
N ALA A 425 33.28 -9.30 -33.21
CA ALA A 425 34.41 -8.39 -33.20
C ALA A 425 34.09 -7.09 -33.93
N LEU A 426 33.38 -7.20 -35.05
CA LEU A 426 32.96 -6.00 -35.77
C LEU A 426 32.02 -5.16 -34.93
N ALA A 427 31.11 -5.80 -34.20
CA ALA A 427 30.18 -5.06 -33.35
C ALA A 427 30.88 -4.37 -32.20
N LEU A 428 31.92 -4.98 -31.65
CA LEU A 428 32.60 -4.39 -30.49
C LEU A 428 33.18 -3.03 -30.81
N PHE A 429 33.80 -2.87 -31.99
CA PHE A 429 34.41 -1.60 -32.34
C PHE A 429 33.35 -0.54 -32.60
N GLY A 430 32.48 -0.78 -33.57
CA GLY A 430 31.46 0.18 -33.95
C GLY A 430 31.82 0.97 -35.19
N GLY A 431 30.95 1.92 -35.51
CA GLY A 431 31.14 2.75 -36.68
C GLY A 431 31.27 4.22 -36.34
N SER A 432 30.90 5.09 -37.28
CA SER A 432 30.99 6.53 -37.10
C SER A 432 29.59 7.13 -36.97
N GLN A 433 29.54 8.32 -36.37
CA GLN A 433 28.31 9.05 -36.15
C GLN A 433 28.25 10.22 -37.13
N LYS A 434 27.13 10.38 -37.81
CA LYS A 434 26.96 11.39 -38.84
C LYS A 434 26.16 12.56 -38.27
N TYR A 435 26.77 13.75 -38.29
CA TYR A 435 26.12 14.99 -37.87
C TYR A 435 25.82 15.90 -39.06
N ALA A 436 25.45 15.34 -40.20
CA ALA A 436 25.24 16.12 -41.40
C ALA A 436 24.14 17.15 -41.19
N ASP A 437 24.30 18.31 -41.84
CA ASP A 437 23.35 19.42 -41.78
C ASP A 437 23.19 19.90 -40.33
N ASP A 438 24.28 20.48 -39.82
CA ASP A 438 24.40 20.80 -38.40
C ASP A 438 23.24 21.63 -37.87
N LYS A 439 22.62 22.48 -38.70
CA LYS A 439 21.55 23.34 -38.20
C LYS A 439 20.36 22.53 -37.69
N ASN A 440 20.10 21.36 -38.30
CA ASN A 440 18.99 20.52 -37.89
C ASN A 440 19.46 19.11 -37.55
N ARG A 441 20.54 18.67 -38.21
CA ARG A 441 21.17 17.38 -37.94
C ARG A 441 20.22 16.21 -38.12
N ILE A 442 19.38 15.95 -37.12
CA ILE A 442 18.60 14.72 -37.02
C ILE A 442 19.61 13.58 -37.11
N PRO A 443 20.37 13.34 -36.05
CA PRO A 443 21.48 12.37 -36.14
C PRO A 443 20.99 10.95 -36.36
N ILE A 444 21.85 10.16 -37.01
CA ILE A 444 21.59 8.76 -37.29
C ILE A 444 22.58 7.92 -36.49
N ARG A 445 22.08 6.84 -35.90
CA ARG A 445 22.93 5.97 -35.08
C ARG A 445 24.02 5.33 -35.92
N GLY A 446 25.15 5.04 -35.26
CA GLY A 446 26.30 4.49 -35.96
C GLY A 446 26.84 3.21 -35.33
N ASP A 447 25.96 2.36 -34.82
CA ASP A 447 26.34 1.09 -34.23
C ASP A 447 25.46 -0.01 -34.79
N PRO A 448 25.99 -1.23 -34.90
CA PRO A 448 25.18 -2.33 -35.43
C PRO A 448 24.40 -3.06 -34.35
N HIS A 449 23.64 -4.08 -34.76
CA HIS A 449 22.86 -4.90 -33.84
C HIS A 449 22.77 -6.31 -34.42
N ILE A 450 23.17 -7.30 -33.62
CA ILE A 450 23.31 -8.67 -34.09
C ILE A 450 22.49 -9.59 -33.21
N LEU A 451 21.73 -10.48 -33.84
CA LEU A 451 20.93 -11.50 -33.17
C LEU A 451 21.40 -12.87 -33.64
N VAL A 452 21.53 -13.81 -32.70
CA VAL A 452 21.98 -15.15 -32.99
C VAL A 452 20.85 -16.13 -32.67
N VAL A 453 20.46 -16.93 -33.66
CA VAL A 453 19.41 -17.92 -33.51
C VAL A 453 19.92 -19.26 -34.01
N GLY A 454 19.75 -20.30 -33.21
CA GLY A 454 20.20 -21.62 -33.61
C GLY A 454 19.77 -22.66 -32.61
N ASP A 455 20.08 -23.92 -32.93
CA ASP A 455 19.68 -25.03 -32.10
C ASP A 455 20.41 -24.99 -30.76
N PRO A 456 19.82 -25.52 -29.70
CA PRO A 456 20.50 -25.54 -28.40
C PRO A 456 21.69 -26.48 -28.41
N GLY A 457 22.65 -26.18 -27.55
CA GLY A 457 23.85 -26.98 -27.43
C GLY A 457 24.99 -26.59 -28.33
N LEU A 458 24.79 -25.60 -29.21
CA LEU A 458 25.87 -25.17 -30.10
C LEU A 458 26.86 -24.25 -29.40
N GLY A 459 26.58 -23.83 -28.18
CA GLY A 459 27.46 -22.99 -27.42
C GLY A 459 27.24 -21.50 -27.53
N LYS A 460 26.05 -21.06 -27.91
CA LYS A 460 25.79 -19.64 -28.10
C LYS A 460 25.45 -18.96 -26.77
N SER A 461 26.26 -19.20 -25.74
CA SER A 461 26.13 -18.48 -24.49
C SER A 461 27.47 -18.12 -23.87
N GLN A 462 28.58 -18.47 -24.51
CA GLN A 462 29.90 -18.06 -24.06
C GLN A 462 30.62 -17.12 -25.02
N MET A 463 30.26 -17.14 -26.31
CA MET A 463 30.74 -16.12 -27.22
C MET A 463 30.28 -14.73 -26.79
N LEU A 464 29.18 -14.64 -26.07
CA LEU A 464 28.67 -13.37 -25.58
C LEU A 464 29.27 -12.98 -24.24
N GLN A 465 29.55 -13.94 -23.37
CA GLN A 465 30.18 -13.63 -22.09
C GLN A 465 31.56 -13.04 -22.29
N ALA A 466 32.35 -13.64 -23.19
CA ALA A 466 33.68 -13.10 -23.48
C ALA A 466 33.58 -11.71 -24.10
N ALA A 467 32.63 -11.50 -25.00
CA ALA A 467 32.45 -10.19 -25.61
C ALA A 467 32.09 -9.14 -24.56
N CYS A 468 31.22 -9.50 -23.62
CA CYS A 468 30.87 -8.58 -22.54
C CYS A 468 32.08 -8.28 -21.67
N ASN A 469 32.93 -9.28 -21.43
CA ASN A 469 34.10 -9.07 -20.59
C ASN A 469 35.07 -8.09 -21.24
N VAL A 470 35.31 -8.23 -22.54
CA VAL A 470 36.26 -7.35 -23.25
C VAL A 470 35.47 -6.16 -23.77
N ALA A 471 35.30 -5.18 -22.89
CA ALA A 471 34.58 -3.95 -23.23
C ALA A 471 34.89 -2.87 -22.21
N PRO A 472 35.00 -1.61 -22.64
CA PRO A 472 35.18 -0.52 -21.66
C PRO A 472 34.05 -0.43 -20.65
N ARG A 473 32.83 -0.75 -21.05
CA ARG A 473 31.69 -0.73 -20.15
C ARG A 473 30.66 -1.72 -20.66
N GLY A 474 30.31 -2.71 -19.84
CA GLY A 474 29.40 -3.76 -20.24
C GLY A 474 28.46 -4.14 -19.12
N VAL A 475 27.41 -4.88 -19.50
CA VAL A 475 26.40 -5.35 -18.56
C VAL A 475 25.70 -6.55 -19.17
N TYR A 476 25.46 -7.56 -18.34
CA TYR A 476 24.81 -8.79 -18.76
C TYR A 476 23.53 -8.98 -17.95
N VAL A 477 22.41 -9.17 -18.65
CA VAL A 477 21.10 -9.29 -18.01
C VAL A 477 20.33 -10.44 -18.66
N CYS A 478 19.62 -11.21 -17.83
CA CYS A 478 18.81 -12.31 -18.32
C CYS A 478 17.49 -11.79 -18.89
N GLY A 479 16.71 -12.71 -19.45
CA GLY A 479 15.45 -12.35 -20.07
C GLY A 479 14.22 -12.72 -19.26
N ASN A 480 14.41 -13.09 -18.00
CA ASN A 480 13.30 -13.50 -17.14
C ASN A 480 13.18 -12.69 -15.86
N THR A 481 14.27 -12.17 -15.33
CA THR A 481 14.26 -11.40 -14.10
C THR A 481 14.02 -9.91 -14.33
N THR A 482 13.84 -9.50 -15.57
CA THR A 482 13.64 -8.10 -15.92
C THR A 482 12.28 -7.91 -16.58
N THR A 483 11.69 -6.74 -16.38
CA THR A 483 10.42 -6.36 -16.97
C THR A 483 10.62 -5.11 -17.83
N THR A 484 9.49 -4.54 -18.30
CA THR A 484 9.56 -3.28 -19.03
C THR A 484 10.17 -2.18 -18.17
N SER A 485 9.85 -2.17 -16.87
CA SER A 485 10.44 -1.21 -15.94
C SER A 485 11.93 -1.44 -15.72
N GLY A 486 12.44 -2.64 -16.02
CA GLY A 486 13.84 -2.93 -15.82
C GLY A 486 14.73 -2.48 -16.97
N LEU A 487 14.37 -2.89 -18.18
CA LEU A 487 15.18 -2.51 -19.35
C LEU A 487 15.15 -1.00 -19.56
N THR A 488 14.00 -0.37 -19.41
CA THR A 488 13.85 1.05 -19.66
C THR A 488 14.02 1.84 -18.37
N VAL A 489 13.85 3.17 -18.47
CA VAL A 489 14.03 4.04 -17.33
C VAL A 489 12.84 3.95 -16.40
N THR A 490 13.12 3.87 -15.10
CA THR A 490 12.08 3.86 -14.08
C THR A 490 12.36 4.90 -13.00
N ALA A 504 17.03 4.49 -13.70
CA ALA A 504 18.20 4.08 -14.47
C ALA A 504 18.09 2.62 -14.89
N GLY A 505 17.65 2.39 -16.13
CA GLY A 505 17.50 1.05 -16.63
C GLY A 505 18.82 0.46 -17.13
N ALA A 506 18.72 -0.77 -17.65
CA ALA A 506 19.90 -1.45 -18.14
C ALA A 506 20.50 -0.72 -19.34
N LEU A 507 19.65 -0.18 -20.22
CA LEU A 507 20.15 0.51 -21.41
C LEU A 507 20.94 1.74 -21.03
N VAL A 508 20.49 2.49 -20.02
CA VAL A 508 21.21 3.70 -19.60
C VAL A 508 22.58 3.34 -19.04
N LEU A 509 22.64 2.29 -18.22
CA LEU A 509 23.92 1.87 -17.65
C LEU A 509 24.89 1.36 -18.71
N GLY A 510 24.38 0.93 -19.86
CA GLY A 510 25.24 0.46 -20.93
C GLY A 510 25.53 1.53 -21.96
N ASP A 511 25.60 2.78 -21.52
CA ASP A 511 25.88 3.88 -22.43
C ASP A 511 27.32 3.83 -22.89
N GLN A 512 27.54 3.97 -24.20
CA GLN A 512 28.84 3.80 -24.83
C GLN A 512 29.44 2.45 -24.48
N GLY A 513 28.68 1.41 -24.78
CA GLY A 513 29.11 0.05 -24.50
C GLY A 513 28.20 -1.00 -25.11
N ILE A 514 28.07 -2.14 -24.45
CA ILE A 514 27.23 -3.23 -24.92
C ILE A 514 26.35 -3.71 -23.77
N CYS A 515 25.11 -4.04 -24.08
CA CYS A 515 24.09 -4.44 -23.11
C CYS A 515 23.46 -5.76 -23.52
N GLY A 516 24.31 -6.75 -23.83
CA GLY A 516 23.87 -8.04 -24.31
C GLY A 516 22.81 -8.71 -23.46
N ILE A 517 21.75 -9.20 -24.10
CA ILE A 517 20.60 -9.78 -23.41
C ILE A 517 20.45 -11.23 -23.85
N ASP A 518 20.28 -12.12 -22.88
CA ASP A 518 20.10 -13.55 -23.13
C ASP A 518 18.62 -13.93 -22.95
N GLN A 519 18.26 -15.05 -23.57
CA GLN A 519 16.88 -15.56 -23.57
C GLN A 519 15.92 -14.52 -24.14
N PHE A 520 16.19 -14.14 -25.39
CA PHE A 520 15.41 -13.09 -26.03
C PHE A 520 14.03 -13.57 -26.48
N ASP A 521 13.94 -14.82 -26.96
CA ASP A 521 12.68 -15.28 -27.54
C ASP A 521 11.57 -15.39 -26.51
N LYS A 522 11.91 -15.64 -25.26
CA LYS A 522 10.90 -15.93 -24.25
C LYS A 522 10.13 -14.68 -23.82
N MET A 523 10.69 -13.50 -24.02
CA MET A 523 9.93 -12.28 -23.78
C MET A 523 8.69 -12.25 -24.67
N GLY A 524 7.57 -11.84 -24.09
CA GLY A 524 6.33 -11.77 -24.84
C GLY A 524 5.58 -10.48 -24.65
N ASN A 525 5.98 -9.69 -23.66
CA ASN A 525 5.33 -8.42 -23.35
C ASN A 525 6.24 -7.21 -23.48
N GLN A 526 7.56 -7.40 -23.45
CA GLN A 526 8.50 -6.31 -23.55
C GLN A 526 9.07 -6.12 -24.95
N HIS A 527 8.51 -6.83 -25.94
CA HIS A 527 9.01 -6.72 -27.31
C HIS A 527 8.85 -5.30 -27.85
N GLN A 528 7.71 -4.68 -27.57
CA GLN A 528 7.40 -3.35 -28.10
C GLN A 528 7.86 -2.23 -27.18
N ALA A 529 8.88 -2.47 -26.36
CA ALA A 529 9.36 -1.47 -25.41
C ALA A 529 10.74 -0.91 -25.76
N LEU A 530 11.47 -1.53 -26.68
CA LEU A 530 12.82 -1.08 -27.03
C LEU A 530 12.95 -0.60 -28.47
N LEU A 531 11.90 -0.69 -29.28
CA LEU A 531 11.96 -0.17 -30.64
C LEU A 531 12.23 1.32 -30.65
N GLU A 532 11.56 2.08 -29.78
CA GLU A 532 11.83 3.51 -29.67
C GLU A 532 13.23 3.76 -29.15
N ALA A 533 13.66 3.00 -28.16
CA ALA A 533 14.93 3.28 -27.50
C ALA A 533 16.13 3.03 -28.41
N MET A 534 16.13 1.91 -29.14
CA MET A 534 17.30 1.57 -29.94
C MET A 534 17.37 2.41 -31.22
N GLU A 535 16.22 2.81 -31.76
CA GLU A 535 16.19 3.54 -33.03
C GLU A 535 16.30 5.05 -32.82
N GLN A 536 15.51 5.60 -31.89
CA GLN A 536 15.54 7.04 -31.64
C GLN A 536 16.87 7.49 -31.05
N GLN A 537 17.69 6.56 -30.58
CA GLN A 537 18.98 6.86 -29.97
C GLN A 537 18.82 7.67 -28.69
N SER A 538 17.61 7.65 -28.12
CA SER A 538 17.31 8.36 -26.88
C SER A 538 16.10 7.72 -26.24
N ILE A 539 15.93 7.99 -24.96
CA ILE A 539 14.79 7.49 -24.18
C ILE A 539 14.24 8.63 -23.35
N SER A 540 12.92 8.71 -23.25
CA SER A 540 12.24 9.73 -22.46
C SER A 540 11.74 9.12 -21.15
N LEU A 541 11.07 9.94 -20.36
CA LEU A 541 10.53 9.48 -19.09
C LEU A 541 9.37 8.51 -19.32
N ALA A 542 9.28 7.51 -18.44
CA ALA A 542 8.25 6.49 -18.51
C ALA A 542 7.00 6.85 -17.73
N LYS A 543 6.97 8.04 -17.12
CA LYS A 543 5.81 8.50 -16.35
C LYS A 543 5.02 9.46 -17.23
N ALA A 544 4.08 8.90 -17.99
CA ALA A 544 3.19 9.63 -18.90
C ALA A 544 3.95 10.34 -20.03
N GLY A 545 5.23 10.05 -20.21
CA GLY A 545 5.99 10.68 -21.27
C GLY A 545 6.12 12.18 -21.14
N VAL A 546 6.33 12.68 -19.93
CA VAL A 546 6.46 14.12 -19.68
C VAL A 546 7.93 14.48 -19.81
N VAL A 547 8.35 14.74 -21.05
CA VAL A 547 9.72 15.09 -21.46
C VAL A 547 10.77 14.37 -20.60
N CYS A 548 11.82 15.10 -20.21
CA CYS A 548 12.90 14.56 -19.39
C CYS A 548 13.56 13.36 -20.07
N SER A 549 14.14 13.62 -21.25
CA SER A 549 14.81 12.58 -22.01
C SER A 549 16.26 12.46 -21.58
N LEU A 550 16.79 11.23 -21.70
CA LEU A 550 18.17 10.94 -21.36
C LEU A 550 18.79 10.14 -22.48
N PRO A 551 20.05 10.39 -22.82
CA PRO A 551 20.70 9.61 -23.88
C PRO A 551 20.89 8.16 -23.45
N ALA A 552 20.81 7.26 -24.43
CA ALA A 552 21.02 5.83 -24.19
C ALA A 552 21.60 5.22 -25.46
N ARG A 553 22.93 5.10 -25.50
CA ARG A 553 23.63 4.53 -26.65
C ARG A 553 24.01 3.09 -26.31
N THR A 554 23.39 2.15 -27.00
CA THR A 554 23.61 0.72 -26.75
C THR A 554 23.86 0.00 -28.06
N SER A 555 24.47 -1.17 -27.94
CA SER A 555 24.79 -2.05 -29.07
C SER A 555 24.24 -3.45 -28.79
N ILE A 556 22.95 -3.50 -28.45
CA ILE A 556 22.27 -4.68 -27.95
C ILE A 556 22.61 -5.93 -28.75
N ILE A 557 23.06 -6.97 -28.05
CA ILE A 557 23.37 -8.27 -28.64
C ILE A 557 22.47 -9.30 -27.97
N ALA A 558 21.72 -10.05 -28.77
CA ALA A 558 20.75 -10.99 -28.25
C ALA A 558 20.96 -12.37 -28.84
N ALA A 559 20.65 -13.39 -28.05
CA ALA A 559 20.73 -14.78 -28.46
C ALA A 559 19.45 -15.50 -28.04
N ALA A 560 18.90 -16.30 -28.94
CA ALA A 560 17.65 -16.99 -28.68
C ALA A 560 17.58 -18.26 -29.50
N ASN A 561 16.67 -19.14 -29.11
CA ASN A 561 16.35 -20.45 -29.65
C ASN A 561 14.99 -20.43 -30.34
N PRO A 562 14.75 -21.33 -31.29
CA PRO A 562 13.46 -21.38 -31.97
C PRO A 562 12.32 -21.70 -31.01
N VAL A 563 11.09 -21.51 -31.50
CA VAL A 563 9.92 -21.69 -30.65
C VAL A 563 9.72 -23.16 -30.28
N GLY A 564 9.99 -24.06 -31.22
CA GLY A 564 9.75 -25.48 -30.98
C GLY A 564 11.00 -26.26 -30.64
N GLY A 565 11.87 -25.69 -29.82
CA GLY A 565 13.13 -26.33 -29.50
C GLY A 565 14.02 -26.48 -30.71
N HIS A 566 14.23 -27.73 -31.14
CA HIS A 566 15.00 -27.97 -32.35
C HIS A 566 14.23 -27.47 -33.56
N TYR A 567 14.94 -26.83 -34.48
CA TYR A 567 14.34 -26.23 -35.68
C TYR A 567 14.40 -27.22 -36.82
N ASN A 568 13.25 -27.66 -37.29
CA ASN A 568 13.18 -28.58 -38.42
C ASN A 568 13.54 -27.85 -39.72
N LYS A 569 13.99 -28.63 -40.70
CA LYS A 569 14.57 -28.09 -41.92
C LYS A 569 13.55 -27.92 -43.05
N ALA A 570 12.30 -28.34 -42.87
CA ALA A 570 11.29 -28.25 -43.92
C ALA A 570 10.06 -27.56 -43.36
N LYS A 571 10.10 -26.23 -43.34
CA LYS A 571 9.06 -25.26 -42.94
C LYS A 571 9.38 -23.93 -43.63
N THR A 572 8.71 -22.86 -43.20
CA THR A 572 9.04 -21.51 -43.64
C THR A 572 9.73 -20.77 -42.51
N VAL A 573 10.62 -19.85 -42.88
CA VAL A 573 11.46 -19.19 -41.90
C VAL A 573 10.64 -18.32 -40.95
N SER A 574 9.57 -17.69 -41.48
CA SER A 574 8.82 -16.73 -40.68
C SER A 574 8.16 -17.37 -39.46
N GLU A 575 7.59 -18.57 -39.61
CA GLU A 575 6.86 -19.21 -38.53
C GLU A 575 7.78 -19.88 -37.51
N ASN A 576 9.07 -20.02 -37.80
CA ASN A 576 10.00 -20.69 -36.90
C ASN A 576 10.74 -19.70 -36.01
N LEU A 577 10.42 -18.41 -36.08
CA LEU A 577 11.07 -17.41 -35.27
C LEU A 577 10.12 -16.66 -34.34
N LYS A 578 8.83 -16.61 -34.64
CA LYS A 578 7.84 -15.88 -33.87
C LYS A 578 8.27 -14.42 -33.70
N MET A 579 8.42 -13.77 -34.85
CA MET A 579 8.83 -12.38 -34.91
C MET A 579 8.07 -11.69 -36.04
N GLY A 580 7.67 -10.44 -35.79
CA GLY A 580 7.01 -9.65 -36.82
C GLY A 580 7.99 -9.05 -37.79
N SER A 581 7.43 -8.44 -38.84
CA SER A 581 8.23 -7.80 -39.86
C SER A 581 8.87 -6.49 -39.41
N ALA A 582 8.49 -5.99 -38.23
CA ALA A 582 9.06 -4.74 -37.73
C ALA A 582 10.35 -4.99 -36.95
N LEU A 583 10.34 -5.90 -35.99
CA LEU A 583 11.51 -6.17 -35.18
C LEU A 583 12.55 -7.04 -35.88
N LEU A 584 12.15 -7.78 -36.91
CA LEU A 584 13.07 -8.63 -37.66
C LEU A 584 13.92 -7.85 -38.65
N SER A 585 13.50 -6.62 -39.02
CA SER A 585 14.24 -5.82 -39.98
C SER A 585 15.20 -4.83 -39.34
N ARG A 586 15.01 -4.50 -38.06
CA ARG A 586 15.92 -3.58 -37.38
C ARG A 586 17.32 -4.16 -37.27
N PHE A 587 17.44 -5.44 -36.93
CA PHE A 587 18.75 -6.04 -36.72
C PHE A 587 19.52 -6.17 -38.03
N ASP A 588 20.81 -5.83 -37.98
CA ASP A 588 21.64 -5.90 -39.18
C ASP A 588 21.90 -7.34 -39.60
N LEU A 589 22.27 -8.19 -38.64
CA LEU A 589 22.64 -9.57 -38.93
C LEU A 589 21.88 -10.50 -38.00
N VAL A 590 21.22 -11.51 -38.57
CA VAL A 590 20.53 -12.53 -37.81
C VAL A 590 21.10 -13.87 -38.26
N PHE A 591 22.14 -14.33 -37.57
CA PHE A 591 22.77 -15.59 -37.93
C PHE A 591 21.86 -16.77 -37.59
N ILE A 592 21.82 -17.74 -38.50
CA ILE A 592 21.08 -18.97 -38.30
C ILE A 592 22.08 -20.12 -38.30
N LEU A 593 22.09 -20.89 -37.22
CA LEU A 593 23.03 -22.00 -37.04
C LEU A 593 22.27 -23.31 -36.99
N LEU A 594 22.86 -24.35 -37.57
CA LEU A 594 22.27 -25.68 -37.59
C LEU A 594 23.22 -26.69 -36.96
N ASP A 595 22.65 -27.78 -36.48
CA ASP A 595 23.41 -28.87 -35.86
C ASP A 595 23.18 -30.13 -36.70
N THR A 596 24.20 -30.54 -37.45
CA THR A 596 24.11 -31.70 -38.31
C THR A 596 25.16 -32.73 -37.92
N PRO A 597 24.86 -34.02 -38.01
CA PRO A 597 25.81 -35.08 -37.61
C PRO A 597 26.86 -35.40 -38.68
N ASN A 598 27.92 -34.61 -38.70
CA ASN A 598 29.02 -34.84 -39.62
C ASN A 598 29.94 -35.93 -39.07
N GLU A 599 31.07 -36.16 -39.71
CA GLU A 599 32.04 -37.16 -39.26
C GLU A 599 33.36 -36.53 -38.84
N HIS A 600 34.00 -35.75 -39.72
CA HIS A 600 35.28 -35.17 -39.39
C HIS A 600 35.14 -34.08 -38.33
N HIS A 601 34.12 -33.22 -38.46
CA HIS A 601 33.96 -32.11 -37.52
C HIS A 601 33.69 -32.62 -36.12
N ASP A 602 32.84 -33.65 -35.99
CA ASP A 602 32.57 -34.21 -34.67
C ASP A 602 33.83 -34.83 -34.07
N HIS A 603 34.63 -35.51 -34.89
CA HIS A 603 35.87 -36.10 -34.41
C HIS A 603 36.82 -35.03 -33.88
N LEU A 604 37.00 -33.95 -34.65
CA LEU A 604 37.89 -32.88 -34.22
C LEU A 604 37.37 -32.19 -32.96
N LEU A 605 36.05 -31.96 -32.90
CA LEU A 605 35.47 -31.32 -31.72
C LEU A 605 35.62 -32.18 -30.49
N SER A 606 35.41 -33.50 -30.61
CA SER A 606 35.61 -34.38 -29.48
C SER A 606 37.07 -34.38 -29.03
N GLU A 607 38.00 -34.40 -29.99
CA GLU A 607 39.41 -34.37 -29.63
C GLU A 607 39.76 -33.09 -28.89
N HIS A 608 39.25 -31.95 -29.35
CA HIS A 608 39.52 -30.68 -28.68
C HIS A 608 38.90 -30.64 -27.29
N VAL A 609 37.65 -31.10 -27.16
CA VAL A 609 36.95 -31.01 -25.88
C VAL A 609 37.49 -32.01 -24.89
N ILE A 610 38.21 -33.05 -25.34
CA ILE A 610 38.87 -33.91 -24.37
C ILE A 610 40.30 -33.43 -24.09
N ALA A 611 40.94 -32.76 -25.05
CA ALA A 611 42.29 -32.26 -24.81
C ALA A 611 42.29 -31.05 -23.89
N ILE A 612 41.21 -30.27 -23.89
CA ILE A 612 41.12 -29.15 -22.95
C ILE A 612 41.07 -29.67 -21.51
N ARG A 613 40.52 -30.88 -21.32
CA ARG A 613 40.40 -31.46 -19.99
C ARG A 613 41.59 -32.37 -19.64
N ALA A 614 42.76 -32.09 -20.20
CA ALA A 614 43.94 -32.89 -19.91
C ALA A 614 45.19 -32.01 -19.82
N LYS A 644 40.74 -16.84 -52.17
CA LYS A 644 40.09 -17.68 -51.18
C LYS A 644 38.95 -16.94 -50.50
N PRO A 645 37.83 -17.63 -50.29
CA PRO A 645 36.70 -17.00 -49.59
C PRO A 645 37.04 -16.71 -48.14
N LEU A 646 36.24 -15.84 -47.54
CA LEU A 646 36.51 -15.40 -46.17
C LEU A 646 35.98 -16.43 -45.20
N SER A 647 36.36 -17.69 -45.39
CA SER A 647 36.01 -18.77 -44.48
C SER A 647 37.15 -19.73 -44.20
N GLU A 648 38.21 -19.74 -45.00
CA GLU A 648 39.34 -20.64 -44.79
C GLU A 648 40.63 -19.90 -44.44
N ARG A 649 40.79 -18.65 -44.90
CA ARG A 649 41.95 -17.86 -44.53
C ARG A 649 42.01 -17.60 -43.03
N LEU A 650 40.87 -17.69 -42.34
CA LEU A 650 40.81 -17.49 -40.90
C LEU A 650 40.94 -18.79 -40.12
N LYS A 651 40.60 -19.92 -40.73
CA LYS A 651 40.73 -21.21 -40.07
C LYS A 651 42.20 -21.53 -39.81
N VAL A 652 42.46 -22.17 -38.68
CA VAL A 652 43.82 -22.45 -38.23
C VAL A 652 44.18 -23.87 -38.61
N VAL A 653 45.20 -24.01 -39.45
CA VAL A 653 45.72 -25.33 -39.80
C VAL A 653 46.62 -25.82 -38.65
N PRO A 654 46.39 -27.01 -38.12
CA PRO A 654 47.21 -27.50 -37.00
C PRO A 654 48.68 -27.57 -37.39
N GLY A 655 49.54 -27.21 -36.43
CA GLY A 655 50.97 -27.22 -36.65
C GLY A 655 51.59 -25.84 -36.57
N GLU A 656 50.91 -24.91 -35.91
CA GLU A 656 51.40 -23.55 -35.76
C GLU A 656 50.90 -22.98 -34.44
N THR A 657 51.54 -21.89 -34.01
CA THR A 657 51.21 -21.22 -32.76
C THR A 657 50.43 -19.95 -33.06
N ILE A 658 49.26 -19.82 -32.44
CA ILE A 658 48.39 -18.67 -32.64
C ILE A 658 48.13 -17.98 -31.30
N ASP A 659 49.16 -17.97 -30.43
CA ASP A 659 49.06 -17.51 -29.05
C ASP A 659 48.22 -16.24 -28.91
N PRO A 660 47.13 -16.30 -28.15
CA PRO A 660 46.21 -15.17 -28.08
C PRO A 660 46.72 -14.04 -27.21
N ILE A 661 46.28 -12.84 -27.55
CA ILE A 661 46.59 -11.66 -26.72
C ILE A 661 45.79 -11.75 -25.43
N PRO A 662 46.36 -11.36 -24.29
CA PRO A 662 45.56 -11.31 -23.06
C PRO A 662 44.41 -10.33 -23.18
N HIS A 663 43.28 -10.68 -22.54
CA HIS A 663 42.10 -9.80 -22.60
C HIS A 663 42.36 -8.48 -21.91
N GLN A 664 43.25 -8.45 -20.92
CA GLN A 664 43.58 -7.20 -20.24
C GLN A 664 44.16 -6.19 -21.21
N LEU A 665 45.07 -6.63 -22.08
CA LEU A 665 45.65 -5.73 -23.08
C LEU A 665 44.66 -5.38 -24.17
N LEU A 666 43.85 -6.33 -24.62
CA LEU A 666 42.85 -6.07 -25.64
C LEU A 666 41.79 -5.08 -25.18
N ARG A 667 41.49 -5.04 -23.88
CA ARG A 667 40.55 -4.06 -23.36
C ARG A 667 41.04 -2.63 -23.53
N LYS A 668 42.33 -2.39 -23.36
CA LYS A 668 42.92 -1.06 -23.49
C LYS A 668 43.05 -0.64 -24.94
N TYR A 669 42.92 -1.59 -25.87
CA TYR A 669 43.00 -1.34 -27.31
C TYR A 669 41.72 -0.75 -27.89
N ILE A 670 40.56 -1.25 -27.45
CA ILE A 670 39.28 -0.76 -27.95
C ILE A 670 39.09 0.71 -27.54
N GLY A 671 39.44 1.04 -26.30
CA GLY A 671 39.28 2.41 -25.84
C GLY A 671 40.10 3.39 -26.66
N TYR A 672 41.34 3.04 -26.98
CA TYR A 672 42.13 3.89 -27.87
C TYR A 672 41.53 3.94 -29.26
N ALA A 673 41.02 2.81 -29.76
CA ALA A 673 40.46 2.79 -31.11
C ALA A 673 39.23 3.67 -31.25
N ARG A 674 38.37 3.73 -30.23
CA ARG A 674 37.07 4.37 -30.36
C ARG A 674 37.10 5.88 -30.14
N GLN A 675 38.27 6.46 -29.84
CA GLN A 675 38.29 7.90 -29.59
C GLN A 675 39.47 8.61 -30.24
N TYR A 676 40.12 7.98 -31.23
CA TYR A 676 41.21 8.65 -31.94
C TYR A 676 41.16 8.45 -33.46
N VAL A 677 40.21 7.68 -33.98
CA VAL A 677 40.10 7.44 -35.41
C VAL A 677 38.65 7.55 -35.83
N TYR A 678 38.38 8.36 -36.85
CA TYR A 678 37.04 8.52 -37.42
C TYR A 678 37.08 8.12 -38.88
N PRO A 679 36.71 6.88 -39.22
CA PRO A 679 36.80 6.43 -40.60
C PRO A 679 35.77 7.09 -41.50
N ARG A 680 36.03 7.03 -42.80
CA ARG A 680 35.13 7.57 -43.80
C ARG A 680 35.21 6.70 -45.05
N LEU A 681 34.15 6.75 -45.86
CA LEU A 681 34.06 5.94 -47.06
C LEU A 681 34.82 6.59 -48.21
N SER A 682 35.37 5.75 -49.08
CA SER A 682 36.09 6.19 -50.26
C SER A 682 35.24 5.97 -51.51
N THR A 683 35.64 6.63 -52.60
CA THR A 683 34.87 6.55 -53.84
C THR A 683 34.87 5.14 -54.43
N GLU A 684 36.01 4.45 -54.36
CA GLU A 684 36.10 3.12 -54.99
C GLU A 684 35.16 2.12 -54.32
N ALA A 685 35.07 2.16 -52.99
CA ALA A 685 34.33 1.12 -52.28
C ALA A 685 32.81 1.28 -52.44
N ALA A 686 32.32 2.51 -52.60
CA ALA A 686 30.88 2.73 -52.66
C ALA A 686 30.25 2.06 -53.87
N ARG A 687 31.00 1.90 -54.96
CA ARG A 687 30.45 1.29 -56.16
C ARG A 687 30.05 -0.16 -55.91
N VAL A 688 30.87 -0.90 -55.18
CA VAL A 688 30.57 -2.31 -54.89
C VAL A 688 29.30 -2.42 -54.06
N LEU A 689 29.17 -1.58 -53.03
CA LEU A 689 27.97 -1.61 -52.20
C LEU A 689 26.73 -1.25 -53.00
N GLN A 690 26.83 -0.23 -53.87
CA GLN A 690 25.69 0.16 -54.69
C GLN A 690 25.28 -0.97 -55.62
N ASP A 691 26.27 -1.61 -56.26
CA ASP A 691 25.97 -2.74 -57.15
C ASP A 691 25.32 -3.89 -56.39
N PHE A 692 25.85 -4.22 -55.21
CA PHE A 692 25.26 -5.27 -54.40
C PHE A 692 23.81 -4.95 -54.06
N TYR A 693 23.54 -3.71 -53.64
CA TYR A 693 22.17 -3.33 -53.31
C TYR A 693 21.27 -3.44 -54.53
N LEU A 694 21.77 -3.03 -55.70
CA LEU A 694 20.97 -3.07 -56.91
C LEU A 694 20.59 -4.49 -57.32
N GLU A 695 21.54 -5.44 -57.34
CA GLU A 695 21.11 -6.79 -57.69
C GLU A 695 20.36 -7.48 -56.55
N LEU A 696 20.57 -7.05 -55.30
CA LEU A 696 19.83 -7.66 -54.20
C LEU A 696 18.35 -7.28 -54.26
N ARG A 697 18.06 -5.99 -54.45
CA ARG A 697 16.67 -5.54 -54.48
C ARG A 697 15.92 -6.12 -55.67
N LYS A 698 16.50 -6.04 -56.86
CA LYS A 698 15.82 -6.50 -58.06
C LYS A 698 15.58 -8.01 -58.03
N GLN A 699 16.39 -8.75 -57.27
CA GLN A 699 16.22 -10.19 -57.18
C GLN A 699 15.25 -10.60 -56.08
N SER A 700 15.29 -9.93 -54.93
CA SER A 700 14.46 -10.33 -53.80
C SER A 700 13.13 -9.58 -53.74
N GLN A 701 12.87 -8.66 -54.66
CA GLN A 701 11.58 -7.98 -54.68
C GLN A 701 10.47 -8.88 -55.21
N ARG A 702 10.80 -9.92 -55.97
CA ARG A 702 9.81 -10.87 -56.48
C ARG A 702 9.71 -12.12 -55.63
N LEU A 703 10.83 -12.59 -55.06
CA LEU A 703 10.81 -13.78 -54.23
C LEU A 703 10.26 -13.44 -52.83
N ASN A 704 10.09 -14.48 -52.03
CA ASN A 704 9.55 -14.34 -50.68
C ASN A 704 10.69 -14.29 -49.67
N SER A 705 10.79 -13.17 -48.96
CA SER A 705 11.80 -12.98 -47.92
C SER A 705 11.43 -11.73 -47.14
N SER A 706 12.27 -11.36 -46.19
CA SER A 706 12.06 -10.12 -45.46
C SER A 706 12.18 -8.94 -46.41
N PRO A 707 11.26 -7.99 -46.39
CA PRO A 707 11.35 -6.84 -47.30
C PRO A 707 12.64 -6.06 -47.09
N ILE A 708 13.23 -5.62 -48.20
CA ILE A 708 14.51 -4.92 -48.17
C ILE A 708 14.23 -3.43 -48.30
N THR A 709 14.42 -2.70 -47.21
CA THR A 709 14.19 -1.28 -47.20
C THR A 709 15.50 -0.55 -47.51
N THR A 710 15.52 0.76 -47.30
CA THR A 710 16.75 1.53 -47.41
C THR A 710 17.66 1.34 -46.21
N ARG A 711 17.22 0.57 -45.21
CA ARG A 711 18.03 0.36 -44.01
C ARG A 711 19.28 -0.47 -44.31
N GLN A 712 19.18 -1.41 -45.25
CA GLN A 712 20.34 -2.24 -45.57
C GLN A 712 21.46 -1.45 -46.20
N LEU A 713 21.14 -0.45 -47.01
CA LEU A 713 22.19 0.40 -47.58
C LEU A 713 22.95 1.15 -46.50
N GLU A 714 22.24 1.66 -45.49
CA GLU A 714 22.91 2.34 -44.39
C GLU A 714 23.70 1.34 -43.53
N SER A 715 23.16 0.14 -43.34
CA SER A 715 23.85 -0.87 -42.55
C SER A 715 25.15 -1.31 -43.21
N LEU A 716 25.14 -1.46 -44.54
CA LEU A 716 26.36 -1.83 -45.24
C LEU A 716 27.43 -0.75 -45.09
N ILE A 717 27.03 0.51 -45.18
CA ILE A 717 27.97 1.61 -44.95
C ILE A 717 28.51 1.56 -43.53
N ARG A 718 27.63 1.32 -42.55
CA ARG A 718 28.05 1.26 -41.16
C ARG A 718 29.05 0.13 -40.92
N LEU A 719 28.80 -1.04 -41.48
CA LEU A 719 29.71 -2.16 -41.31
C LEU A 719 31.01 -2.01 -42.08
N THR A 720 30.97 -1.38 -43.26
CA THR A 720 32.23 -1.07 -43.95
C THR A 720 33.06 -0.08 -43.16
N GLU A 721 32.41 0.92 -42.55
CA GLU A 721 33.11 1.79 -41.62
C GLU A 721 33.63 1.02 -40.42
N ALA A 722 32.91 -0.03 -40.00
CA ALA A 722 33.34 -0.83 -38.86
C ALA A 722 34.69 -1.49 -39.11
N ARG A 723 34.88 -2.05 -40.32
CA ARG A 723 36.19 -2.64 -40.66
C ARG A 723 37.17 -1.56 -41.12
N ALA A 724 37.32 -0.52 -40.31
CA ALA A 724 38.40 0.45 -40.49
C ALA A 724 38.95 0.94 -39.17
N ARG A 725 38.34 0.56 -38.04
CA ARG A 725 38.82 0.91 -36.72
C ARG A 725 39.55 -0.24 -36.05
N LEU A 726 39.43 -1.45 -36.60
CA LEU A 726 40.17 -2.60 -36.08
C LEU A 726 41.64 -2.54 -36.50
N GLU A 727 41.91 -2.04 -37.70
CA GLU A 727 43.27 -1.95 -38.23
C GLU A 727 43.87 -0.56 -38.04
N LEU A 728 43.16 0.36 -37.39
CA LEU A 728 43.63 1.72 -37.15
C LEU A 728 44.02 2.42 -38.46
N ARG A 729 43.02 2.60 -39.31
CA ARG A 729 43.19 3.29 -40.59
C ARG A 729 41.98 4.18 -40.82
N GLU A 730 42.15 5.17 -41.71
CA GLU A 730 41.05 6.06 -42.10
C GLU A 730 41.00 6.10 -43.63
N GLU A 731 40.37 5.09 -44.22
CA GLU A 731 40.19 4.92 -45.66
C GLU A 731 39.10 3.89 -45.86
N ALA A 732 38.87 3.54 -47.13
CA ALA A 732 37.95 2.47 -47.51
C ALA A 732 38.49 1.83 -48.79
N THR A 733 39.25 0.76 -48.64
CA THR A 733 39.86 0.07 -49.75
C THR A 733 38.82 -0.83 -50.42
N LYS A 734 39.11 -1.26 -51.66
CA LYS A 734 38.21 -2.18 -52.35
C LYS A 734 38.07 -3.49 -51.60
N GLU A 735 39.17 -4.01 -51.05
CA GLU A 735 39.09 -5.21 -50.23
C GLU A 735 38.28 -4.97 -48.98
N ASP A 736 38.31 -3.74 -48.46
CA ASP A 736 37.50 -3.41 -47.28
C ASP A 736 36.02 -3.61 -47.55
N ALA A 737 35.54 -3.13 -48.70
CA ALA A 737 34.14 -3.34 -49.07
C ALA A 737 33.87 -4.77 -49.53
N GLU A 738 34.86 -5.46 -50.08
CA GLU A 738 34.68 -6.85 -50.48
C GLU A 738 34.57 -7.80 -49.29
N ASP A 739 35.19 -7.46 -48.16
CA ASP A 739 35.11 -8.29 -46.97
C ASP A 739 33.78 -8.20 -46.24
N ILE A 740 32.95 -7.21 -46.56
CA ILE A 740 31.65 -7.05 -45.89
C ILE A 740 30.56 -7.61 -46.80
N VAL A 741 30.96 -8.22 -47.91
CA VAL A 741 30.01 -8.89 -48.78
C VAL A 741 29.88 -10.36 -48.43
N GLU A 742 30.99 -11.03 -48.13
CA GLU A 742 30.94 -12.43 -47.76
C GLU A 742 30.27 -12.64 -46.41
N ILE A 743 30.57 -11.77 -45.44
CA ILE A 743 29.91 -11.86 -44.14
C ILE A 743 28.42 -11.61 -44.29
N MET A 744 28.03 -10.64 -45.10
CA MET A 744 26.61 -10.34 -45.31
C MET A 744 25.87 -11.53 -45.91
N LYS A 745 26.57 -12.36 -46.69
CA LYS A 745 25.94 -13.54 -47.27
C LYS A 745 25.99 -14.71 -46.30
N TYR A 746 25.55 -14.48 -45.06
CA TYR A 746 25.37 -15.55 -44.08
C TYR A 746 24.04 -15.47 -43.35
N SER A 747 23.36 -14.33 -43.40
CA SER A 747 21.97 -14.20 -43.01
C SER A 747 21.05 -13.84 -44.16
N MET A 748 21.60 -13.19 -45.20
CA MET A 748 20.90 -12.86 -46.43
C MET A 748 20.90 -14.05 -47.39
N LEU A 749 20.70 -13.77 -48.68
CA LEU A 749 20.51 -14.75 -49.75
C LEU A 749 21.27 -16.05 -49.55
N GLY A 750 22.53 -15.98 -49.13
CA GLY A 750 23.32 -17.18 -48.91
C GLY A 750 22.74 -18.13 -47.87
N THR A 751 21.63 -17.77 -47.23
CA THR A 751 21.05 -18.58 -46.17
C THR A 751 19.57 -18.88 -46.34
N TYR A 752 18.79 -18.00 -46.98
CA TYR A 752 17.33 -18.21 -47.02
C TYR A 752 16.96 -19.51 -47.71
N SER A 753 17.82 -20.01 -48.59
CA SER A 753 17.55 -21.25 -49.32
C SER A 753 17.57 -22.44 -48.37
N PHE B 72 29.97 -13.79 65.93
CA PHE B 72 29.28 -14.61 66.92
C PHE B 72 28.01 -15.21 66.34
N ILE B 73 27.55 -14.65 65.23
CA ILE B 73 26.32 -15.14 64.60
C ILE B 73 26.57 -16.52 64.01
N PRO B 74 25.76 -17.52 64.34
CA PRO B 74 25.95 -18.85 63.71
C PRO B 74 25.75 -18.84 62.21
N TYR B 75 24.86 -17.98 61.70
CA TYR B 75 24.58 -17.91 60.27
C TYR B 75 25.51 -16.88 59.64
N LYS B 76 26.55 -17.36 58.97
CA LYS B 76 27.57 -16.47 58.41
C LYS B 76 27.00 -15.61 57.29
N GLY B 77 26.14 -16.19 56.45
CA GLY B 77 25.59 -15.46 55.32
C GLY B 77 24.41 -14.58 55.67
N TRP B 78 24.49 -13.89 56.81
CA TRP B 78 23.39 -13.02 57.24
C TRP B 78 23.29 -11.78 56.36
N LYS B 79 24.43 -11.26 55.90
CA LYS B 79 24.41 -10.04 55.11
C LYS B 79 23.74 -10.24 53.76
N LEU B 80 24.08 -11.33 53.05
CA LEU B 80 23.43 -11.61 51.78
C LEU B 80 21.95 -11.91 51.97
N TYR B 81 21.61 -12.61 53.06
CA TYR B 81 20.22 -12.83 53.46
C TYR B 81 19.73 -11.61 54.23
N PHE B 82 18.63 -11.78 54.98
CA PHE B 82 17.90 -10.69 55.63
C PHE B 82 18.79 -9.55 56.10
N SER B 83 18.48 -8.33 55.67
CA SER B 83 19.32 -7.16 55.92
C SER B 83 18.75 -6.39 57.10
N GLU B 84 18.96 -6.93 58.31
CA GLU B 84 18.53 -6.26 59.53
C GLU B 84 19.58 -6.52 60.60
N VAL B 85 19.60 -5.65 61.61
CA VAL B 85 20.52 -5.82 62.72
C VAL B 85 20.18 -7.10 63.46
N TYR B 86 21.20 -7.89 63.78
CA TYR B 86 20.98 -9.19 64.40
C TYR B 86 20.50 -9.01 65.84
N SER B 87 19.27 -9.42 66.11
CA SER B 87 18.70 -9.39 67.45
C SER B 87 17.90 -10.65 67.67
N ASP B 88 18.08 -11.26 68.85
CA ASP B 88 17.42 -12.53 69.17
C ASP B 88 16.02 -12.27 69.72
N SER B 89 15.21 -11.57 68.93
CA SER B 89 13.84 -11.27 69.31
C SER B 89 12.81 -11.49 68.21
N SER B 90 13.23 -11.66 66.95
CA SER B 90 12.27 -11.86 65.88
C SER B 90 11.61 -13.24 65.99
N PRO B 91 10.33 -13.33 65.61
CA PRO B 91 9.65 -14.64 65.65
C PRO B 91 10.12 -15.61 64.57
N LEU B 92 10.89 -15.14 63.59
CA LEU B 92 11.34 -16.01 62.50
C LEU B 92 12.34 -17.06 62.97
N ILE B 93 12.92 -16.89 64.16
CA ILE B 93 13.96 -17.80 64.63
C ILE B 93 13.41 -19.22 64.78
N GLU B 94 12.21 -19.35 65.36
CA GLU B 94 11.63 -20.67 65.54
C GLU B 94 11.41 -21.38 64.21
N LYS B 95 10.92 -20.64 63.21
CA LYS B 95 10.80 -21.21 61.87
C LYS B 95 12.16 -21.59 61.32
N ILE B 96 13.20 -20.80 61.61
CA ILE B 96 14.55 -21.14 61.15
C ILE B 96 14.99 -22.47 61.73
N GLN B 97 14.82 -22.68 63.04
CA GLN B 97 15.20 -23.96 63.62
C GLN B 97 14.36 -25.09 63.07
N ALA B 98 13.06 -24.87 62.88
CA ALA B 98 12.20 -25.93 62.34
C ALA B 98 12.67 -26.36 60.95
N PHE B 99 12.92 -25.38 60.07
CA PHE B 99 13.34 -25.70 58.72
C PHE B 99 14.73 -26.33 58.71
N GLU B 100 15.63 -25.86 59.57
CA GLU B 100 16.97 -26.43 59.61
C GLU B 100 16.94 -27.86 60.12
N LYS B 101 16.07 -28.16 61.09
CA LYS B 101 15.92 -29.54 61.54
C LYS B 101 15.35 -30.42 60.44
N PHE B 102 14.34 -29.92 59.72
CA PHE B 102 13.77 -30.70 58.62
C PHE B 102 14.82 -30.99 57.54
N PHE B 103 15.64 -29.99 57.22
CA PHE B 103 16.70 -30.20 56.22
C PHE B 103 17.79 -31.12 56.75
N THR B 104 18.12 -31.04 58.03
CA THR B 104 19.14 -31.92 58.60
C THR B 104 18.68 -33.37 58.56
N ARG B 105 17.41 -33.62 58.89
CA ARG B 105 16.90 -35.00 58.84
C ARG B 105 16.94 -35.55 57.42
N HIS B 106 16.47 -34.77 56.45
CA HIS B 106 16.48 -35.17 55.05
C HIS B 106 17.57 -34.38 54.33
N ILE B 107 18.81 -34.88 54.43
CA ILE B 107 19.95 -34.18 53.87
C ILE B 107 20.72 -35.07 52.90
N ASP B 108 20.63 -36.39 53.10
CA ASP B 108 21.42 -37.32 52.29
C ASP B 108 20.66 -37.83 51.07
N LEU B 109 20.07 -36.91 50.31
CA LEU B 109 19.41 -37.29 49.06
C LEU B 109 19.66 -36.28 47.94
N TYR B 110 20.63 -35.37 48.12
CA TYR B 110 20.85 -34.27 47.19
C TYR B 110 22.30 -34.29 46.70
N ASP B 111 22.49 -34.04 45.41
CA ASP B 111 23.81 -33.96 44.82
C ASP B 111 24.47 -32.65 45.23
N LYS B 112 25.69 -32.73 45.76
CA LYS B 112 26.36 -31.55 46.29
C LYS B 112 26.79 -30.60 45.17
N ASP B 113 27.28 -31.15 44.05
CA ASP B 113 27.82 -30.31 42.99
C ASP B 113 26.74 -29.44 42.36
N GLU B 114 25.54 -30.00 42.16
CA GLU B 114 24.47 -29.25 41.50
C GLU B 114 24.07 -28.04 42.32
N ILE B 115 23.82 -28.23 43.61
CA ILE B 115 23.42 -27.12 44.47
C ILE B 115 24.58 -26.15 44.68
N GLU B 116 25.81 -26.66 44.69
CA GLU B 116 26.97 -25.77 44.82
C GLU B 116 27.10 -24.86 43.61
N ARG B 117 26.90 -25.41 42.41
CA ARG B 117 27.02 -24.60 41.20
C ARG B 117 25.85 -23.65 41.03
N LYS B 118 24.63 -24.18 40.95
CA LYS B 118 23.44 -23.38 40.77
C LYS B 118 22.53 -23.56 41.97
N GLY B 119 22.04 -22.47 42.53
CA GLY B 119 21.21 -22.53 43.72
C GLY B 119 19.77 -22.90 43.42
N SER B 120 19.39 -24.14 43.74
CA SER B 120 18.02 -24.60 43.52
C SER B 120 17.79 -25.83 44.38
N ILE B 121 16.86 -25.73 45.33
CA ILE B 121 16.44 -26.85 46.16
C ILE B 121 14.99 -27.13 45.82
N LEU B 122 14.74 -28.14 45.00
CA LEU B 122 13.39 -28.46 44.53
C LEU B 122 12.62 -29.16 45.64
N VAL B 123 12.20 -28.36 46.62
CA VAL B 123 11.46 -28.88 47.77
C VAL B 123 10.01 -29.11 47.36
N ASP B 124 9.51 -30.31 47.64
CA ASP B 124 8.14 -30.67 47.28
C ASP B 124 7.20 -30.33 48.44
N PHE B 125 6.09 -29.67 48.10
CA PHE B 125 5.13 -29.26 49.12
C PHE B 125 4.37 -30.44 49.73
N LYS B 126 4.29 -31.57 49.02
CA LYS B 126 3.64 -32.75 49.59
C LYS B 126 4.38 -33.23 50.82
N GLU B 127 5.71 -33.21 50.79
CA GLU B 127 6.49 -33.59 51.97
C GLU B 127 6.22 -32.64 53.13
N LEU B 128 6.04 -31.35 52.83
CA LEU B 128 5.70 -30.38 53.88
C LEU B 128 4.33 -30.68 54.47
N THR B 129 3.34 -31.01 53.63
CA THR B 129 2.00 -31.23 54.13
C THR B 129 1.80 -32.66 54.64
N GLU B 130 2.84 -33.51 54.57
CA GLU B 130 2.76 -34.87 55.10
C GLU B 130 2.70 -34.92 56.62
N GLY B 131 2.61 -33.78 57.31
CA GLY B 131 2.55 -33.78 58.75
C GLY B 131 3.87 -33.97 59.46
N GLY B 132 4.96 -33.53 58.84
CA GLY B 132 6.28 -33.67 59.44
C GLY B 132 6.53 -32.69 60.57
N GLU B 133 7.80 -32.50 60.92
CA GLU B 133 8.14 -31.61 62.02
C GLU B 133 7.79 -30.15 61.72
N VAL B 134 7.72 -29.77 60.45
CA VAL B 134 7.38 -28.39 60.11
C VAL B 134 5.99 -28.04 60.63
N THR B 135 5.01 -28.93 60.43
CA THR B 135 3.68 -28.73 60.98
C THR B 135 3.60 -29.01 62.47
N ASN B 136 4.44 -29.90 62.99
CA ASN B 136 4.39 -30.23 64.41
C ASN B 136 4.85 -29.05 65.27
N LEU B 137 5.97 -28.43 64.89
CA LEU B 137 6.47 -27.28 65.65
C LEU B 137 5.57 -26.06 65.45
N ILE B 138 5.13 -25.81 64.23
CA ILE B 138 4.22 -24.70 63.94
C ILE B 138 3.15 -25.17 62.97
N PRO B 139 1.87 -25.03 63.32
CA PRO B 139 0.82 -25.49 62.40
C PRO B 139 0.48 -24.48 61.33
N ASP B 140 0.94 -23.23 61.51
CA ASP B 140 0.66 -22.15 60.57
C ASP B 140 1.79 -22.12 59.55
N ILE B 141 1.62 -22.89 58.48
CA ILE B 141 2.57 -22.92 57.37
C ILE B 141 1.93 -22.48 56.06
N ALA B 142 0.72 -22.96 55.77
CA ALA B 142 0.06 -22.60 54.53
C ALA B 142 -0.40 -21.15 54.55
N THR B 143 -1.05 -20.73 55.64
CA THR B 143 -1.50 -19.35 55.75
C THR B 143 -0.32 -18.39 55.80
N GLU B 144 0.75 -18.75 56.51
CA GLU B 144 1.93 -17.92 56.56
C GLU B 144 2.59 -17.81 55.18
N LEU B 145 2.65 -18.92 54.45
CA LEU B 145 3.22 -18.89 53.11
C LEU B 145 2.40 -18.02 52.18
N ARG B 146 1.07 -18.10 52.27
CA ARG B 146 0.21 -17.32 51.40
C ARG B 146 0.29 -15.83 51.75
N ASP B 147 0.23 -15.49 53.03
CA ASP B 147 0.19 -14.10 53.45
C ASP B 147 1.56 -13.43 53.35
N ALA B 148 2.63 -14.15 53.71
CA ALA B 148 3.96 -13.58 53.68
C ALA B 148 4.76 -14.19 52.54
N PRO B 149 4.96 -13.47 51.42
CA PRO B 149 5.69 -14.07 50.30
C PRO B 149 7.17 -14.27 50.56
N GLU B 150 7.83 -13.30 51.18
CA GLU B 150 9.29 -13.32 51.30
C GLU B 150 9.78 -13.87 52.64
N LYS B 151 9.10 -13.55 53.74
CA LYS B 151 9.61 -13.95 55.06
C LYS B 151 9.66 -15.47 55.19
N THR B 152 8.62 -16.17 54.75
CA THR B 152 8.64 -17.62 54.82
C THR B 152 9.53 -18.23 53.75
N LEU B 153 9.63 -17.58 52.59
CA LEU B 153 10.39 -18.14 51.48
C LEU B 153 11.89 -18.09 51.76
N ALA B 154 12.39 -16.96 52.27
CA ALA B 154 13.83 -16.80 52.45
C ALA B 154 14.39 -17.63 53.59
N CYS B 155 13.54 -18.04 54.54
CA CYS B 155 14.02 -18.91 55.62
C CYS B 155 14.47 -20.26 55.08
N MET B 156 13.81 -20.75 54.03
CA MET B 156 14.24 -21.98 53.39
C MET B 156 15.69 -21.86 52.91
N GLY B 157 15.99 -20.80 52.16
CA GLY B 157 17.35 -20.62 51.67
C GLY B 157 18.35 -20.40 52.79
N LEU B 158 17.93 -19.66 53.83
CA LEU B 158 18.83 -19.45 54.97
C LEU B 158 19.20 -20.77 55.62
N ALA B 159 18.21 -21.65 55.83
CA ALA B 159 18.49 -22.94 56.46
C ALA B 159 19.33 -23.82 55.55
N ILE B 160 19.06 -23.79 54.24
CA ILE B 160 19.89 -24.56 53.31
C ILE B 160 21.34 -24.10 53.37
N HIS B 161 21.55 -22.79 53.36
CA HIS B 161 22.91 -22.25 53.45
C HIS B 161 23.59 -22.68 54.74
N GLN B 162 22.85 -22.58 55.86
CA GLN B 162 23.44 -22.94 57.15
C GLN B 162 23.83 -24.42 57.19
N VAL B 163 22.94 -25.31 56.76
CA VAL B 163 23.24 -26.74 56.84
C VAL B 163 24.36 -27.09 55.87
N LEU B 164 24.38 -26.47 54.69
CA LEU B 164 25.44 -26.76 53.72
C LEU B 164 26.80 -26.31 54.24
N THR B 165 26.88 -25.11 54.82
CA THR B 165 28.17 -24.64 55.31
C THR B 165 28.61 -25.44 56.53
N LYS B 166 27.67 -25.86 57.38
CA LYS B 166 28.04 -26.72 58.51
C LYS B 166 28.57 -28.07 58.04
N ASP B 167 27.91 -28.68 57.05
CA ASP B 167 28.38 -29.95 56.53
C ASP B 167 29.76 -29.82 55.90
N LEU B 168 29.97 -28.75 55.11
CA LEU B 168 31.27 -28.56 54.48
C LEU B 168 32.36 -28.30 55.52
N GLU B 169 32.04 -27.53 56.56
CA GLU B 169 33.02 -27.29 57.63
C GLU B 169 33.36 -28.58 58.35
N ARG B 170 32.36 -29.42 58.63
CA ARG B 170 32.63 -30.69 59.29
C ARG B 170 33.50 -31.59 58.41
N HIS B 171 33.19 -31.64 57.11
CA HIS B 171 34.00 -32.46 56.20
C HIS B 171 35.44 -31.96 56.14
N ALA B 172 35.64 -30.64 56.07
CA ALA B 172 36.99 -30.09 56.04
C ALA B 172 37.72 -30.36 57.35
N ALA B 173 37.03 -30.24 58.49
CA ALA B 173 37.67 -30.46 59.78
C ALA B 173 38.08 -31.92 59.94
N GLU B 174 37.24 -32.85 59.50
CA GLU B 174 37.58 -34.26 59.62
C GLU B 174 38.82 -34.61 58.82
N LEU B 175 38.94 -34.06 57.61
CA LEU B 175 40.12 -34.30 56.77
C LEU B 175 40.90 -33.02 56.55
N MET B 188 38.44 -20.77 53.31
CA MET B 188 37.66 -21.78 54.03
C MET B 188 36.38 -22.11 53.27
N VAL B 189 35.27 -21.50 53.67
CA VAL B 189 33.99 -21.69 53.00
C VAL B 189 33.50 -20.34 52.48
N ASN B 190 33.14 -20.31 51.21
CA ASN B 190 32.63 -19.11 50.56
C ASN B 190 31.46 -19.46 49.65
N VAL B 191 30.55 -20.28 50.16
CA VAL B 191 29.41 -20.74 49.35
C VAL B 191 28.55 -19.56 48.96
N PRO B 192 28.13 -19.44 47.70
CA PRO B 192 27.35 -18.26 47.27
C PRO B 192 25.88 -18.36 47.64
N HIS B 193 25.10 -17.39 47.16
CA HIS B 193 23.67 -17.37 47.43
C HIS B 193 22.97 -18.57 46.80
N ILE B 194 22.01 -19.14 47.54
CA ILE B 194 21.18 -20.23 47.05
C ILE B 194 19.73 -19.80 47.11
N HIS B 195 19.02 -19.95 46.01
CA HIS B 195 17.60 -19.64 45.99
C HIS B 195 16.77 -20.82 46.48
N ALA B 196 15.54 -20.53 46.88
CA ALA B 196 14.60 -21.54 47.34
C ALA B 196 13.55 -21.80 46.27
N ARG B 197 13.20 -23.08 46.10
CA ARG B 197 12.27 -23.50 45.06
C ARG B 197 11.20 -24.37 45.68
N VAL B 198 9.99 -23.82 45.81
CA VAL B 198 8.86 -24.54 46.36
C VAL B 198 7.84 -24.72 45.24
N TYR B 199 7.51 -25.96 44.93
CA TYR B 199 6.60 -26.28 43.83
C TYR B 199 5.51 -27.25 44.33
N ASN B 200 4.69 -27.71 43.38
CA ASN B 200 3.60 -28.64 43.65
C ASN B 200 2.61 -28.03 44.66
N TYR B 201 2.01 -26.92 44.25
CA TYR B 201 1.06 -26.18 45.06
C TYR B 201 -0.34 -26.55 44.56
N GLU B 202 -1.18 -27.09 45.46
CA GLU B 202 -2.34 -27.86 44.99
C GLU B 202 -3.52 -26.99 44.55
N PRO B 203 -3.91 -25.90 45.26
CA PRO B 203 -5.11 -25.18 44.82
C PRO B 203 -4.86 -24.34 43.57
N LEU B 204 -5.41 -24.78 42.45
CA LEU B 204 -5.15 -24.14 41.15
C LEU B 204 -6.12 -22.98 40.96
N THR B 205 -5.67 -21.78 41.30
CA THR B 205 -6.43 -20.55 41.07
C THR B 205 -6.08 -20.05 39.67
N GLN B 206 -6.90 -20.44 38.70
CA GLN B 206 -6.66 -20.09 37.30
C GLN B 206 -7.00 -18.62 37.06
N LEU B 207 -6.89 -18.21 35.81
CA LEU B 207 -7.07 -16.81 35.43
C LEU B 207 -8.55 -16.44 35.49
N LYS B 208 -8.87 -15.23 35.02
CA LYS B 208 -10.20 -14.65 35.06
C LYS B 208 -10.71 -14.48 36.49
N ASN B 209 -9.80 -14.46 37.47
CA ASN B 209 -10.18 -14.28 38.87
C ASN B 209 -9.23 -13.31 39.56
N VAL B 210 -8.01 -13.14 39.07
CA VAL B 210 -7.01 -12.30 39.71
C VAL B 210 -7.15 -10.87 39.20
N ARG B 211 -7.93 -10.04 39.90
CA ARG B 211 -8.09 -8.65 39.51
C ARG B 211 -7.53 -7.69 40.55
N ALA B 212 -8.02 -7.72 41.79
CA ALA B 212 -7.60 -6.77 42.80
C ALA B 212 -7.05 -7.43 44.06
N ASN B 213 -7.76 -8.43 44.59
CA ASN B 213 -7.40 -8.98 45.89
C ASN B 213 -6.03 -9.63 45.87
N TYR B 214 -5.72 -10.39 44.83
CA TYR B 214 -4.48 -11.16 44.79
C TYR B 214 -3.31 -10.24 44.52
N TYR B 215 -2.88 -9.51 45.55
CA TYR B 215 -1.73 -8.63 45.50
C TYR B 215 -0.76 -9.07 46.60
N GLY B 216 0.42 -9.52 46.21
CA GLY B 216 1.36 -10.06 47.17
C GLY B 216 0.89 -11.34 47.84
N LYS B 217 0.27 -12.24 47.08
CA LYS B 217 -0.20 -13.52 47.59
C LYS B 217 0.30 -14.62 46.67
N TYR B 218 0.78 -15.71 47.26
CA TYR B 218 1.44 -16.76 46.48
C TYR B 218 0.38 -17.58 45.75
N ILE B 219 0.43 -17.55 44.42
CA ILE B 219 -0.60 -18.15 43.58
C ILE B 219 0.08 -19.02 42.52
N ALA B 220 -0.62 -20.05 42.06
CA ALA B 220 -0.12 -20.93 41.02
C ALA B 220 -1.06 -20.88 39.81
N LEU B 221 -0.48 -20.97 38.62
CA LEU B 221 -1.25 -20.90 37.38
C LEU B 221 -0.93 -22.04 36.44
N ARG B 222 -1.46 -21.97 35.21
CA ARG B 222 -1.21 -22.97 34.19
C ARG B 222 -1.53 -22.40 32.80
N GLY B 223 -0.63 -22.60 31.84
CA GLY B 223 -0.84 -22.02 30.53
C GLY B 223 0.24 -22.45 29.55
N THR B 224 0.29 -21.73 28.43
CA THR B 224 1.27 -21.96 27.38
C THR B 224 2.16 -20.75 27.22
N VAL B 225 3.12 -20.84 26.30
CA VAL B 225 4.10 -19.79 26.05
C VAL B 225 4.14 -19.51 24.56
N VAL B 226 4.13 -18.23 24.18
CA VAL B 226 4.13 -17.86 22.77
C VAL B 226 5.09 -16.72 22.43
N ARG B 227 5.66 -16.01 23.40
CA ARG B 227 6.42 -14.79 23.11
C ARG B 227 7.75 -14.78 23.87
N VAL B 228 8.52 -15.86 23.76
CA VAL B 228 9.85 -15.87 24.34
C VAL B 228 10.68 -14.73 23.75
N SER B 229 11.26 -13.91 24.63
CA SER B 229 11.94 -12.68 24.24
C SER B 229 13.44 -12.83 24.43
N ASN B 230 14.17 -11.78 24.07
CA ASN B 230 15.62 -11.75 24.19
C ASN B 230 16.04 -11.55 25.64
N ILE B 231 17.34 -11.66 25.86
CA ILE B 231 17.90 -11.64 27.21
C ILE B 231 18.78 -10.40 27.38
N LYS B 232 18.57 -9.68 28.47
CA LYS B 232 19.37 -8.52 28.81
C LYS B 232 19.59 -8.53 30.32
N PRO B 233 20.81 -8.27 30.79
CA PRO B 233 21.07 -8.32 32.23
C PRO B 233 20.51 -7.10 32.96
N LEU B 234 20.60 -7.17 34.28
CA LEU B 234 20.21 -6.07 35.14
C LEU B 234 21.03 -6.14 36.43
N CYS B 235 21.11 -5.02 37.14
CA CYS B 235 21.91 -4.91 38.34
C CYS B 235 21.01 -4.73 39.55
N THR B 236 21.41 -5.35 40.67
CA THR B 236 20.67 -5.25 41.92
C THR B 236 21.46 -4.71 43.09
N LYS B 237 22.79 -4.84 43.09
CA LYS B 237 23.60 -4.42 44.22
C LYS B 237 24.84 -3.69 43.75
N MET B 238 24.70 -2.80 42.78
CA MET B 238 25.83 -2.03 42.29
C MET B 238 26.28 -1.01 43.33
N ALA B 239 27.58 -0.74 43.37
CA ALA B 239 28.19 -0.05 44.49
C ALA B 239 28.21 1.46 44.28
N PHE B 240 28.47 2.17 45.38
CA PHE B 240 28.54 3.63 45.42
C PHE B 240 29.89 4.06 45.95
N LEU B 241 30.23 5.32 45.68
CA LEU B 241 31.46 5.91 46.19
C LEU B 241 31.24 6.47 47.59
N CYS B 242 32.33 6.65 48.31
CA CYS B 242 32.31 7.14 49.68
C CYS B 242 32.90 8.53 49.76
N ALA B 243 32.47 9.30 50.76
CA ALA B 243 32.96 10.64 50.99
C ALA B 243 34.00 10.65 52.10
N ALA B 244 34.84 11.69 52.06
CA ALA B 244 35.90 11.88 53.04
C ALA B 244 36.83 10.67 53.09
N CYS B 245 36.64 9.80 54.08
CA CYS B 245 37.46 8.62 54.25
C CYS B 245 37.00 7.53 53.28
N GLY B 246 37.50 6.31 53.48
CA GLY B 246 37.15 5.20 52.62
C GLY B 246 35.88 4.48 53.05
N GLU B 247 35.98 3.17 53.24
CA GLU B 247 34.85 2.33 53.65
C GLU B 247 33.67 2.49 52.67
N ILE B 248 33.90 2.05 51.43
CA ILE B 248 32.83 2.05 50.44
C ILE B 248 31.77 1.04 50.84
N GLN B 249 30.58 1.19 50.25
CA GLN B 249 29.44 0.37 50.63
C GLN B 249 28.74 -0.14 49.37
N SER B 250 27.91 -1.16 49.55
CA SER B 250 27.28 -1.91 48.47
C SER B 250 25.77 -1.95 48.65
N PHE B 251 25.15 -0.77 48.81
CA PHE B 251 23.74 -0.57 49.07
C PHE B 251 22.85 -1.52 48.26
N PRO B 252 21.92 -2.21 48.91
CA PRO B 252 21.03 -3.14 48.18
C PRO B 252 19.95 -2.41 47.40
N LEU B 253 20.28 -2.00 46.18
CA LEU B 253 19.31 -1.31 45.33
C LEU B 253 18.12 -2.22 45.05
N PRO B 254 16.88 -1.73 45.24
CA PRO B 254 15.72 -2.62 45.12
C PRO B 254 15.14 -2.68 43.71
N ASP B 255 14.92 -3.91 43.23
CA ASP B 255 14.20 -4.21 41.99
C ASP B 255 14.54 -3.24 40.85
N GLY B 256 15.82 -2.98 40.68
CA GLY B 256 16.29 -2.21 39.54
C GLY B 256 15.73 -0.80 39.44
N LYS B 257 15.63 -0.08 40.56
CA LYS B 257 15.21 1.31 40.57
C LYS B 257 16.29 2.15 41.22
N TYR B 258 16.82 3.12 40.47
CA TYR B 258 17.91 3.95 40.97
C TYR B 258 17.45 4.75 42.18
N SER B 259 18.25 4.72 43.24
CA SER B 259 17.97 5.47 44.46
C SER B 259 19.28 6.05 44.98
N LEU B 260 19.20 6.76 46.11
CA LEU B 260 20.37 7.41 46.69
C LEU B 260 20.44 7.10 48.19
N PRO B 261 21.64 6.89 48.72
CA PRO B 261 21.83 6.65 50.17
C PRO B 261 21.93 7.95 50.95
N THR B 262 20.77 8.50 51.31
CA THR B 262 20.75 9.75 52.08
C THR B 262 21.51 9.60 53.40
N LYS B 263 21.58 8.40 53.94
CA LYS B 263 22.39 8.09 55.10
C LYS B 263 23.33 6.93 54.78
N CYS B 264 24.57 7.03 55.25
CA CYS B 264 25.51 5.92 55.19
C CYS B 264 25.84 5.49 56.61
N PRO B 265 25.83 4.18 56.92
CA PRO B 265 26.07 3.76 58.30
C PRO B 265 27.43 4.20 58.82
N VAL B 266 28.50 3.73 58.16
CA VAL B 266 29.91 3.99 58.44
C VAL B 266 30.22 4.01 59.94
N PRO B 267 31.43 4.40 60.38
CA PRO B 267 31.61 4.66 61.82
C PRO B 267 30.90 5.91 62.31
N VAL B 268 31.19 7.06 61.70
CA VAL B 268 30.75 8.35 62.23
C VAL B 268 30.42 9.33 61.11
N CYS B 269 30.03 10.55 61.50
CA CYS B 269 29.96 11.75 60.67
C CYS B 269 28.93 11.67 59.55
N ARG B 270 28.98 12.65 58.64
CA ARG B 270 27.93 12.90 57.67
C ARG B 270 27.96 11.85 56.57
N GLY B 271 26.84 11.74 55.85
CA GLY B 271 26.69 10.76 54.80
C GLY B 271 26.98 11.29 53.42
N ARG B 272 25.93 11.54 52.63
CA ARG B 272 26.03 12.01 51.25
C ARG B 272 26.74 10.98 50.39
N SER B 273 27.95 11.30 49.93
CA SER B 273 28.74 10.41 49.07
C SER B 273 27.94 9.95 47.85
N PHE B 274 27.27 10.90 47.20
CA PHE B 274 26.41 10.61 46.05
C PHE B 274 27.28 10.56 44.80
N THR B 275 27.85 9.39 44.54
CA THR B 275 28.66 9.18 43.34
C THR B 275 28.61 7.70 42.98
N ALA B 276 28.63 7.43 41.67
CA ALA B 276 28.57 6.07 41.15
C ALA B 276 29.97 5.54 40.86
N LEU B 277 30.16 4.25 41.10
CA LEU B 277 31.43 3.57 40.96
C LEU B 277 31.25 2.25 40.23
N ARG B 278 30.61 2.29 39.06
CA ARG B 278 30.19 1.07 38.39
C ARG B 278 31.35 0.35 37.71
N SER B 279 32.42 0.08 38.46
CA SER B 279 33.51 -0.77 38.01
C SER B 279 34.00 -1.77 39.05
N SER B 280 33.75 -1.53 40.33
CA SER B 280 34.24 -2.42 41.37
C SER B 280 33.54 -3.78 41.30
N PRO B 281 34.21 -4.85 41.72
CA PRO B 281 33.56 -6.17 41.76
C PRO B 281 32.41 -6.26 42.74
N LEU B 282 32.16 -5.24 43.56
CA LEU B 282 31.00 -5.25 44.44
C LEU B 282 29.70 -5.31 43.66
N THR B 283 29.66 -4.70 42.49
CA THR B 283 28.48 -4.76 41.64
C THR B 283 28.23 -6.19 41.18
N VAL B 284 26.97 -6.62 41.24
CA VAL B 284 26.57 -7.97 40.85
C VAL B 284 25.40 -7.87 39.89
N THR B 285 25.38 -8.74 38.88
CA THR B 285 24.34 -8.74 37.86
C THR B 285 23.83 -10.16 37.65
N MET B 286 22.65 -10.25 37.03
CA MET B 286 22.05 -11.55 36.71
C MET B 286 21.18 -11.39 35.48
N ASP B 287 20.62 -12.50 35.03
CA ASP B 287 19.89 -12.53 33.77
C ASP B 287 18.44 -12.06 33.97
N TRP B 288 17.69 -12.05 32.87
CA TRP B 288 16.32 -11.57 32.84
C TRP B 288 15.69 -12.03 31.53
N GLN B 289 14.36 -11.97 31.46
CA GLN B 289 13.63 -12.33 30.25
C GLN B 289 12.20 -11.82 30.41
N SER B 290 11.35 -12.11 29.43
CA SER B 290 9.95 -11.73 29.47
C SER B 290 9.13 -12.70 28.62
N ILE B 291 8.05 -13.21 29.20
CA ILE B 291 7.21 -14.19 28.54
C ILE B 291 5.74 -13.90 28.88
N LYS B 292 4.87 -14.12 27.91
CA LYS B 292 3.42 -13.98 28.10
C LYS B 292 2.78 -15.37 28.03
N ILE B 293 1.69 -15.54 28.77
CA ILE B 293 1.01 -16.82 28.87
C ILE B 293 -0.44 -16.63 28.43
N GLN B 294 -0.88 -17.46 27.50
CA GLN B 294 -2.24 -17.44 26.98
C GLN B 294 -2.98 -18.64 27.55
N GLU B 295 -4.12 -18.38 28.20
CA GLU B 295 -4.81 -19.43 28.93
C GLU B 295 -5.58 -20.34 27.99
N LEU B 296 -5.61 -21.62 28.32
CA LEU B 296 -6.21 -22.64 27.46
C LEU B 296 -7.73 -22.42 27.41
N MET B 297 -8.39 -23.14 26.49
CA MET B 297 -9.83 -23.04 26.36
C MET B 297 -10.56 -23.43 27.63
N SER B 298 -10.06 -24.45 28.33
CA SER B 298 -10.61 -24.88 29.62
C SER B 298 -12.10 -25.18 29.51
N ASP B 299 -12.92 -24.23 29.91
CA ASP B 299 -14.38 -24.39 29.91
C ASP B 299 -15.01 -23.05 29.58
N ASP B 300 -16.32 -22.93 29.83
CA ASP B 300 -17.10 -21.73 29.52
C ASP B 300 -16.99 -21.39 28.03
N GLN B 301 -17.48 -22.32 27.20
CA GLN B 301 -17.41 -22.19 25.75
C GLN B 301 -18.47 -21.18 25.28
N ARG B 302 -18.26 -19.94 25.68
CA ARG B 302 -19.15 -18.85 25.28
C ARG B 302 -19.03 -18.59 23.79
N GLU B 303 -20.16 -18.21 23.18
CA GLU B 303 -20.15 -17.83 21.77
C GLU B 303 -19.41 -16.52 21.55
N ALA B 304 -19.12 -15.78 22.61
CA ALA B 304 -18.37 -14.54 22.48
C ALA B 304 -16.96 -14.79 21.98
N GLY B 305 -16.50 -13.95 21.07
CA GLY B 305 -15.19 -14.10 20.48
C GLY B 305 -14.11 -13.32 21.21
N ARG B 306 -14.16 -13.30 22.53
CA ARG B 306 -13.15 -12.62 23.33
C ARG B 306 -11.96 -13.55 23.55
N ILE B 307 -10.77 -13.09 23.19
CA ILE B 307 -9.55 -13.86 23.40
C ILE B 307 -9.30 -13.97 24.91
N PRO B 308 -8.82 -15.11 25.39
CA PRO B 308 -8.57 -15.25 26.83
C PRO B 308 -7.50 -14.27 27.31
N ARG B 309 -7.64 -13.85 28.56
CA ARG B 309 -6.73 -12.87 29.13
C ARG B 309 -5.31 -13.43 29.22
N THR B 310 -4.34 -12.56 28.99
CA THR B 310 -2.93 -12.91 29.02
C THR B 310 -2.23 -12.12 30.12
N ILE B 311 -1.30 -12.78 30.82
CA ILE B 311 -0.54 -12.18 31.90
C ILE B 311 0.94 -12.46 31.68
N GLU B 312 1.77 -11.45 31.92
CA GLU B 312 3.20 -11.58 31.69
C GLU B 312 3.86 -12.31 32.87
N CYS B 313 5.09 -12.76 32.63
CA CYS B 313 5.88 -13.43 33.64
C CYS B 313 7.33 -12.98 33.53
N GLU B 314 8.07 -13.14 34.63
CA GLU B 314 9.44 -12.65 34.72
C GLU B 314 10.30 -13.70 35.41
N LEU B 315 11.37 -14.12 34.74
CA LEU B 315 12.30 -15.07 35.31
C LEU B 315 13.56 -14.34 35.78
N VAL B 316 14.04 -14.70 36.97
CA VAL B 316 15.04 -13.91 37.69
C VAL B 316 16.46 -14.44 37.46
N HIS B 317 16.71 -15.71 37.78
CA HIS B 317 18.09 -16.20 37.78
C HIS B 317 18.09 -17.71 37.67
N ASP B 318 19.12 -18.23 36.99
CA ASP B 318 19.38 -19.66 36.82
C ASP B 318 18.34 -20.34 35.94
N LEU B 319 17.29 -19.60 35.59
CA LEU B 319 16.30 -20.02 34.61
C LEU B 319 16.71 -19.46 33.25
N VAL B 320 15.78 -19.44 32.29
CA VAL B 320 15.91 -18.85 30.94
C VAL B 320 16.39 -19.94 30.00
N ASP B 321 15.88 -19.91 28.76
CA ASP B 321 16.08 -20.97 27.78
C ASP B 321 15.49 -22.28 28.24
N SER B 322 14.50 -22.20 29.14
CA SER B 322 13.80 -23.37 29.65
C SER B 322 12.47 -23.61 28.95
N CYS B 323 12.12 -22.79 27.95
CA CYS B 323 10.85 -22.92 27.27
C CYS B 323 11.02 -22.61 25.79
N VAL B 324 10.10 -23.13 24.99
CA VAL B 324 10.08 -22.92 23.55
C VAL B 324 8.66 -22.48 23.17
N PRO B 325 8.52 -21.63 22.15
CA PRO B 325 7.17 -21.24 21.72
C PRO B 325 6.26 -22.45 21.46
N GLY B 326 5.27 -22.62 22.32
CA GLY B 326 4.36 -23.75 22.25
C GLY B 326 4.72 -24.84 23.24
N ASP B 327 4.03 -24.88 24.37
CA ASP B 327 4.26 -25.87 25.42
C ASP B 327 2.99 -26.01 26.26
N THR B 328 3.13 -26.69 27.39
CA THR B 328 2.07 -26.81 28.40
C THR B 328 2.78 -26.78 29.75
N VAL B 329 2.80 -25.61 30.38
CA VAL B 329 3.68 -25.36 31.51
C VAL B 329 2.86 -24.90 32.71
N THR B 330 3.36 -25.21 33.91
CA THR B 330 2.78 -24.78 35.17
C THR B 330 3.76 -23.84 35.87
N ILE B 331 3.26 -22.70 36.34
CA ILE B 331 4.09 -21.68 36.96
C ILE B 331 3.58 -21.42 38.38
N THR B 332 4.51 -21.12 39.28
CA THR B 332 4.19 -20.70 40.64
C THR B 332 5.09 -19.52 41.00
N GLY B 333 4.48 -18.46 41.53
CA GLY B 333 5.27 -17.30 41.90
C GLY B 333 4.40 -16.22 42.52
N ILE B 334 5.09 -15.22 43.09
CA ILE B 334 4.42 -14.11 43.73
C ILE B 334 3.79 -13.21 42.66
N VAL B 335 2.73 -12.49 43.05
CA VAL B 335 2.06 -11.54 42.18
C VAL B 335 2.45 -10.13 42.60
N LYS B 336 2.85 -9.31 41.64
CA LYS B 336 3.24 -7.93 41.88
C LYS B 336 2.56 -7.01 40.87
N VAL B 337 2.77 -5.70 41.07
CA VAL B 337 2.15 -4.68 40.24
C VAL B 337 3.24 -3.84 39.61
N SER B 338 3.20 -3.71 38.29
CA SER B 338 4.21 -2.97 37.54
C SER B 338 3.93 -1.47 37.65
N ASN B 339 4.69 -0.67 36.90
CA ASN B 339 4.51 0.78 36.89
C ASN B 339 4.99 1.32 35.56
N ALA B 340 4.48 2.49 35.21
CA ALA B 340 4.85 3.20 33.98
C ALA B 340 4.62 2.31 32.76
N GLU B 341 3.36 1.96 32.53
CA GLU B 341 2.97 1.12 31.40
C GLU B 341 3.34 1.77 30.07
N LYS B 350 1.17 9.79 37.32
CA LYS B 350 0.59 8.73 36.52
C LYS B 350 0.37 7.47 37.35
N CYS B 351 -0.72 7.45 38.10
CA CYS B 351 -1.04 6.31 38.97
C CYS B 351 -1.90 5.29 38.24
N MET B 352 -1.31 4.68 37.22
CA MET B 352 -2.00 3.74 36.33
C MET B 352 -1.07 2.56 36.09
N PHE B 353 -1.48 1.37 36.56
CA PHE B 353 -0.61 0.21 36.57
C PHE B 353 -1.31 -0.99 35.94
N LEU B 354 -0.55 -2.07 35.80
CA LEU B 354 -1.04 -3.37 35.35
C LEU B 354 -0.59 -4.44 36.36
N LEU B 355 -0.78 -5.71 35.99
CA LEU B 355 -0.45 -6.84 36.85
C LEU B 355 0.49 -7.79 36.12
N TYR B 356 1.56 -8.20 36.80
CA TYR B 356 2.49 -9.19 36.28
C TYR B 356 2.95 -10.07 37.43
N ILE B 357 3.41 -11.27 37.10
CA ILE B 357 3.77 -12.30 38.07
C ILE B 357 5.26 -12.54 38.03
N GLU B 358 5.91 -12.45 39.18
CA GLU B 358 7.32 -12.82 39.32
C GLU B 358 7.39 -14.31 39.65
N ALA B 359 7.98 -15.08 38.74
CA ALA B 359 7.99 -16.53 38.90
C ALA B 359 8.93 -16.96 40.02
N ASN B 360 8.65 -18.13 40.58
CA ASN B 360 9.48 -18.73 41.62
C ASN B 360 9.94 -20.14 41.31
N SER B 361 9.19 -20.89 40.50
CA SER B 361 9.57 -22.24 40.12
C SER B 361 8.89 -22.57 38.80
N ILE B 362 9.53 -23.41 38.00
CA ILE B 362 9.04 -23.72 36.66
C ILE B 362 8.93 -25.23 36.52
N SER B 363 8.05 -25.67 35.61
CA SER B 363 7.89 -27.09 35.33
C SER B 363 7.80 -27.32 33.82
N ASN B 364 7.51 -28.56 33.42
CA ASN B 364 7.37 -28.89 32.01
C ASN B 364 6.57 -30.18 31.90
N SER B 365 6.28 -30.57 30.66
CA SER B 365 5.54 -31.80 30.40
C SER B 365 5.90 -32.38 29.03
N GLU B 384 -4.18 -34.14 34.32
CA GLU B 384 -4.27 -35.27 35.24
C GLU B 384 -5.74 -35.62 35.50
N PHE B 385 -6.03 -36.92 35.63
CA PHE B 385 -7.39 -37.39 35.80
C PHE B 385 -7.69 -37.65 37.27
N SER B 386 -8.88 -37.22 37.70
CA SER B 386 -9.30 -37.47 39.07
C SER B 386 -9.69 -38.94 39.25
N LEU B 387 -9.77 -39.36 40.52
CA LEU B 387 -10.08 -40.74 40.84
C LEU B 387 -11.45 -41.13 40.31
N LYS B 388 -12.43 -40.23 40.44
CA LYS B 388 -13.76 -40.49 39.91
C LYS B 388 -13.71 -40.70 38.40
N ASP B 389 -12.82 -40.00 37.70
CA ASP B 389 -12.67 -40.21 36.27
C ASP B 389 -12.20 -41.62 35.96
N LEU B 390 -11.23 -42.12 36.72
CA LEU B 390 -10.78 -43.49 36.52
C LEU B 390 -11.89 -44.49 36.83
N TYR B 391 -12.65 -44.25 37.89
CA TYR B 391 -13.75 -45.13 38.22
C TYR B 391 -14.76 -45.17 37.08
N ALA B 392 -15.06 -44.00 36.50
CA ALA B 392 -15.97 -43.93 35.36
C ALA B 392 -15.41 -44.66 34.15
N ILE B 393 -14.11 -44.52 33.86
CA ILE B 393 -13.57 -45.13 32.65
C ILE B 393 -13.53 -46.65 32.78
N GLN B 394 -13.22 -47.17 33.97
CA GLN B 394 -13.36 -48.62 34.16
C GLN B 394 -14.81 -49.08 34.03
N GLU B 395 -15.77 -48.31 34.55
CA GLU B 395 -17.16 -48.71 34.33
C GLU B 395 -17.53 -48.72 32.84
N ILE B 396 -17.05 -47.73 32.09
CA ILE B 396 -17.31 -47.71 30.65
C ILE B 396 -16.68 -48.90 29.96
N GLN B 397 -15.44 -49.23 30.34
CA GLN B 397 -14.77 -50.41 29.80
C GLN B 397 -15.48 -51.69 30.16
N ALA B 398 -16.19 -51.74 31.28
CA ALA B 398 -16.87 -52.94 31.73
C ALA B 398 -18.12 -53.27 30.93
N GLU B 399 -18.51 -52.43 29.98
CA GLU B 399 -19.71 -52.68 29.20
C GLU B 399 -19.52 -53.91 28.31
N GLU B 400 -20.63 -54.63 28.08
CA GLU B 400 -20.57 -55.89 27.33
C GLU B 400 -20.34 -55.63 25.85
N ASN B 401 -21.27 -54.92 25.19
CA ASN B 401 -21.12 -54.52 23.80
C ASN B 401 -20.63 -53.08 23.78
N LEU B 402 -19.31 -52.90 23.82
CA LEU B 402 -18.72 -51.57 23.79
C LEU B 402 -18.74 -50.95 22.40
N PHE B 403 -18.64 -51.76 21.34
CA PHE B 403 -18.62 -51.24 19.98
C PHE B 403 -19.92 -50.53 19.63
N LYS B 404 -21.06 -51.15 19.92
CA LYS B 404 -22.35 -50.55 19.58
C LYS B 404 -22.58 -49.26 20.35
N LEU B 405 -22.25 -49.25 21.65
CA LEU B 405 -22.47 -48.08 22.49
C LEU B 405 -21.67 -46.87 22.03
N ILE B 406 -20.55 -47.06 21.35
CA ILE B 406 -19.75 -45.95 20.86
C ILE B 406 -20.01 -45.64 19.39
N VAL B 407 -20.52 -46.59 18.61
CA VAL B 407 -20.84 -46.29 17.22
C VAL B 407 -22.23 -45.67 17.07
N ASN B 408 -23.14 -45.91 18.03
CA ASN B 408 -24.48 -45.33 17.97
C ASN B 408 -24.68 -44.24 19.00
N SER B 409 -23.60 -43.65 19.51
CA SER B 409 -23.70 -42.51 20.41
C SER B 409 -22.96 -41.28 19.91
N LEU B 410 -22.22 -41.38 18.81
CA LEU B 410 -21.52 -40.21 18.27
C LEU B 410 -22.51 -39.14 17.84
N CYS B 411 -23.59 -39.53 17.17
CA CYS B 411 -24.63 -38.61 16.76
C CYS B 411 -25.96 -39.36 16.65
N PRO B 412 -26.84 -39.24 17.64
CA PRO B 412 -28.10 -39.97 17.62
C PRO B 412 -29.19 -39.35 16.76
N VAL B 413 -29.00 -38.10 16.30
CA VAL B 413 -30.03 -37.45 15.50
C VAL B 413 -30.17 -38.12 14.14
N ILE B 414 -29.05 -38.43 13.49
CA ILE B 414 -29.08 -38.99 12.15
C ILE B 414 -29.46 -40.46 12.23
N PHE B 415 -30.41 -40.87 11.38
CA PHE B 415 -30.84 -42.26 11.30
C PHE B 415 -30.10 -42.97 10.18
N GLY B 416 -29.57 -44.15 10.47
CA GLY B 416 -28.85 -44.91 9.47
C GLY B 416 -27.39 -44.47 9.36
N HIS B 417 -26.78 -44.88 8.25
CA HIS B 417 -25.37 -44.59 7.95
C HIS B 417 -24.46 -45.08 9.08
N GLU B 418 -24.52 -46.39 9.31
CA GLU B 418 -23.74 -47.03 10.36
C GLU B 418 -22.26 -47.16 10.00
N LEU B 419 -21.96 -47.54 8.74
CA LEU B 419 -20.57 -47.78 8.37
C LEU B 419 -19.76 -46.48 8.37
N VAL B 420 -20.34 -45.37 7.92
CA VAL B 420 -19.63 -44.10 7.94
C VAL B 420 -19.33 -43.68 9.37
N LYS B 421 -20.29 -43.86 10.27
CA LYS B 421 -20.05 -43.54 11.68
C LYS B 421 -18.96 -44.44 12.27
N ALA B 422 -18.95 -45.72 11.89
CA ALA B 422 -17.89 -46.61 12.34
C ALA B 422 -16.53 -46.14 11.85
N GLY B 423 -16.46 -45.71 10.59
CA GLY B 423 -15.21 -45.19 10.06
C GLY B 423 -14.75 -43.93 10.78
N LEU B 424 -15.69 -43.04 11.09
CA LEU B 424 -15.35 -41.84 11.83
C LEU B 424 -14.84 -42.17 13.23
N ALA B 425 -15.48 -43.15 13.89
CA ALA B 425 -15.02 -43.58 15.20
C ALA B 425 -13.61 -44.16 15.12
N LEU B 426 -13.35 -44.96 14.08
CA LEU B 426 -12.01 -45.51 13.90
C LEU B 426 -10.98 -44.40 13.68
N ALA B 427 -11.33 -43.41 12.87
CA ALA B 427 -10.39 -42.34 12.55
C ALA B 427 -10.11 -41.44 13.75
N LEU B 428 -11.12 -41.21 14.60
CA LEU B 428 -10.93 -40.33 15.76
C LEU B 428 -9.86 -40.87 16.70
N PHE B 429 -9.89 -42.17 17.00
CA PHE B 429 -8.91 -42.77 17.88
C PHE B 429 -7.51 -42.76 17.26
N GLY B 430 -7.37 -43.37 16.09
CA GLY B 430 -6.09 -43.41 15.41
C GLY B 430 -5.26 -44.64 15.76
N GLY B 431 -4.03 -44.64 15.26
CA GLY B 431 -3.12 -45.75 15.47
C GLY B 431 -1.86 -45.37 16.21
N SER B 432 -0.77 -46.05 15.93
CA SER B 432 0.50 -45.83 16.59
C SER B 432 1.52 -45.26 15.61
N GLN B 433 2.60 -44.70 16.17
CA GLN B 433 3.70 -44.14 15.40
C GLN B 433 4.88 -45.09 15.48
N LYS B 434 5.48 -45.40 14.34
CA LYS B 434 6.59 -46.34 14.26
C LYS B 434 7.91 -45.58 14.20
N TYR B 435 8.77 -45.80 15.19
CA TYR B 435 10.11 -45.23 15.24
C TYR B 435 11.18 -46.27 14.94
N ALA B 436 10.94 -47.15 13.97
CA ALA B 436 11.90 -48.20 13.66
C ALA B 436 13.22 -47.61 13.22
N ASP B 437 14.31 -48.27 13.61
CA ASP B 437 15.67 -47.85 13.27
C ASP B 437 15.96 -46.44 13.83
N ASP B 438 16.10 -46.38 15.15
CA ASP B 438 16.26 -45.11 15.86
C ASP B 438 17.44 -44.29 15.34
N LYS B 439 18.45 -44.93 14.75
CA LYS B 439 19.62 -44.19 14.28
C LYS B 439 19.25 -43.21 13.17
N ASN B 440 18.23 -43.54 12.38
CA ASN B 440 17.73 -42.63 11.34
C ASN B 440 16.22 -42.46 11.36
N ARG B 441 15.45 -43.45 11.81
CA ARG B 441 14.01 -43.35 12.01
C ARG B 441 13.24 -43.07 10.72
N ILE B 442 13.34 -41.84 10.21
CA ILE B 442 12.49 -41.30 9.15
C ILE B 442 11.05 -41.78 9.38
N PRO B 443 10.38 -41.28 10.41
CA PRO B 443 9.14 -41.93 10.88
C PRO B 443 8.04 -41.92 9.84
N ILE B 444 7.18 -42.94 9.92
CA ILE B 444 6.06 -43.13 9.00
C ILE B 444 4.80 -42.61 9.66
N ARG B 445 3.88 -42.10 8.85
CA ARG B 445 2.64 -41.54 9.36
C ARG B 445 1.80 -42.61 10.05
N GLY B 446 1.14 -42.22 11.14
CA GLY B 446 0.42 -43.16 11.96
C GLY B 446 -1.01 -42.78 12.30
N ASP B 447 -1.72 -42.15 11.36
CA ASP B 447 -3.13 -41.85 11.54
C ASP B 447 -3.81 -41.80 10.18
N PRO B 448 -5.06 -42.23 10.07
CA PRO B 448 -5.71 -42.33 8.75
C PRO B 448 -6.34 -41.02 8.29
N HIS B 449 -6.90 -41.04 7.08
CA HIS B 449 -7.62 -39.90 6.52
C HIS B 449 -8.87 -40.41 5.85
N ILE B 450 -9.99 -39.73 6.08
CA ILE B 450 -11.30 -40.18 5.60
C ILE B 450 -11.94 -39.08 4.77
N LEU B 451 -12.60 -39.48 3.68
CA LEU B 451 -13.30 -38.56 2.79
C LEU B 451 -14.67 -39.14 2.46
N VAL B 452 -15.69 -38.28 2.49
CA VAL B 452 -17.07 -38.67 2.22
C VAL B 452 -17.57 -37.86 1.03
N VAL B 453 -18.12 -38.55 0.02
CA VAL B 453 -18.71 -37.92 -1.14
C VAL B 453 -20.03 -38.62 -1.44
N GLY B 454 -21.05 -37.86 -1.80
CA GLY B 454 -22.34 -38.44 -2.10
C GLY B 454 -23.34 -37.36 -2.48
N ASP B 455 -24.56 -37.81 -2.75
CA ASP B 455 -25.60 -36.91 -3.20
C ASP B 455 -25.96 -35.92 -2.10
N PRO B 456 -26.40 -34.71 -2.46
CA PRO B 456 -26.78 -33.73 -1.44
C PRO B 456 -28.08 -34.13 -0.75
N GLY B 457 -28.21 -33.66 0.49
CA GLY B 457 -29.39 -33.93 1.28
C GLY B 457 -29.36 -35.21 2.10
N LEU B 458 -28.28 -35.98 2.01
CA LEU B 458 -28.18 -37.22 2.79
C LEU B 458 -27.68 -36.98 4.20
N GLY B 459 -27.33 -35.75 4.55
CA GLY B 459 -26.91 -35.41 5.89
C GLY B 459 -25.42 -35.47 6.16
N LYS B 460 -24.57 -35.38 5.12
CA LYS B 460 -23.14 -35.46 5.34
C LYS B 460 -22.55 -34.11 5.75
N SER B 461 -23.20 -33.46 6.73
CA SER B 461 -22.63 -32.27 7.35
C SER B 461 -22.89 -32.21 8.84
N GLN B 462 -23.54 -33.22 9.42
CA GLN B 462 -23.78 -33.28 10.85
C GLN B 462 -23.08 -34.43 11.53
N MET B 463 -22.85 -35.54 10.82
CA MET B 463 -22.00 -36.60 11.34
C MET B 463 -20.56 -36.14 11.51
N LEU B 464 -20.18 -35.04 10.87
CA LEU B 464 -18.85 -34.46 11.02
C LEU B 464 -18.79 -33.42 12.13
N GLN B 465 -19.86 -32.66 12.34
CA GLN B 465 -19.89 -31.68 13.43
C GLN B 465 -19.77 -32.38 14.78
N ALA B 466 -20.52 -33.47 14.97
CA ALA B 466 -20.43 -34.23 16.20
C ALA B 466 -19.04 -34.84 16.38
N ALA B 467 -18.46 -35.35 15.30
CA ALA B 467 -17.12 -35.93 15.39
C ALA B 467 -16.09 -34.88 15.79
N CYS B 468 -16.19 -33.68 15.22
CA CYS B 468 -15.29 -32.60 15.61
C CYS B 468 -15.52 -32.17 17.04
N ASN B 469 -16.78 -32.23 17.50
CA ASN B 469 -17.09 -31.81 18.87
C ASN B 469 -16.45 -32.73 19.90
N VAL B 470 -16.52 -34.04 19.69
CA VAL B 470 -15.97 -35.02 20.63
C VAL B 470 -14.51 -35.25 20.25
N ALA B 471 -13.65 -34.37 20.73
CA ALA B 471 -12.21 -34.48 20.50
C ALA B 471 -11.46 -33.60 21.50
N PRO B 472 -10.27 -34.01 21.95
CA PRO B 472 -9.50 -33.14 22.86
C PRO B 472 -9.21 -31.78 22.27
N ARG B 473 -8.95 -31.69 20.97
CA ARG B 473 -8.65 -30.43 20.31
C ARG B 473 -9.18 -30.51 18.89
N GLY B 474 -10.14 -29.66 18.55
CA GLY B 474 -10.76 -29.72 17.24
C GLY B 474 -10.96 -28.33 16.66
N VAL B 475 -10.81 -28.24 15.35
CA VAL B 475 -11.04 -27.02 14.59
C VAL B 475 -11.87 -27.36 13.36
N TYR B 476 -12.86 -26.53 13.06
CA TYR B 476 -13.75 -26.72 11.91
C TYR B 476 -13.70 -25.48 11.05
N VAL B 477 -13.34 -25.65 9.77
CA VAL B 477 -13.19 -24.54 8.83
C VAL B 477 -13.97 -24.82 7.57
N CYS B 478 -14.31 -23.76 6.86
CA CYS B 478 -15.03 -23.84 5.60
C CYS B 478 -14.06 -23.94 4.43
N GLY B 479 -14.59 -24.26 3.26
CA GLY B 479 -13.76 -24.43 2.08
C GLY B 479 -13.78 -23.27 1.11
N ASN B 480 -14.29 -22.12 1.56
CA ASN B 480 -14.40 -20.95 0.69
C ASN B 480 -13.80 -19.69 1.29
N THR B 481 -13.76 -19.56 2.61
CA THR B 481 -13.25 -18.36 3.26
C THR B 481 -11.78 -18.50 3.66
N THR B 482 -11.11 -19.56 3.26
CA THR B 482 -9.71 -19.79 3.59
C THR B 482 -8.90 -19.86 2.31
N THR B 483 -7.66 -19.40 2.37
CA THR B 483 -6.72 -19.41 1.26
C THR B 483 -5.55 -20.35 1.56
N THR B 484 -4.56 -20.34 0.68
CA THR B 484 -3.36 -21.15 0.91
C THR B 484 -2.64 -20.71 2.18
N SER B 485 -2.55 -19.39 2.40
CA SER B 485 -1.93 -18.88 3.62
C SER B 485 -2.74 -19.19 4.87
N GLY B 486 -4.02 -19.54 4.73
CA GLY B 486 -4.85 -19.86 5.88
C GLY B 486 -4.69 -21.29 6.33
N LEU B 487 -4.80 -22.25 5.39
CA LEU B 487 -4.63 -23.65 5.74
C LEU B 487 -3.22 -23.93 6.24
N THR B 488 -2.22 -23.37 5.57
CA THR B 488 -0.83 -23.55 5.95
C THR B 488 -0.38 -22.41 6.86
N VAL B 489 0.87 -22.50 7.33
CA VAL B 489 1.41 -21.46 8.20
C VAL B 489 1.73 -20.22 7.37
N THR B 490 1.53 -19.06 7.98
CA THR B 490 1.80 -17.79 7.31
C THR B 490 2.36 -16.76 8.29
N ALA B 504 0.54 -19.13 12.06
CA ALA B 504 -0.15 -20.28 12.63
C ALA B 504 -1.40 -20.60 11.83
N GLY B 505 -1.31 -21.61 10.97
CA GLY B 505 -2.43 -22.02 10.16
C GLY B 505 -3.39 -22.92 10.90
N ALA B 506 -4.44 -23.33 10.18
CA ALA B 506 -5.44 -24.22 10.77
C ALA B 506 -4.85 -25.57 11.11
N LEU B 507 -3.99 -26.10 10.23
CA LEU B 507 -3.37 -27.41 10.49
C LEU B 507 -2.51 -27.38 11.74
N VAL B 508 -1.75 -26.28 11.94
CA VAL B 508 -0.90 -26.18 13.11
C VAL B 508 -1.74 -26.15 14.38
N LEU B 509 -2.85 -25.39 14.37
CA LEU B 509 -3.70 -25.31 15.54
C LEU B 509 -4.40 -26.62 15.85
N GLY B 510 -4.56 -27.50 14.86
CA GLY B 510 -5.21 -28.77 15.08
C GLY B 510 -4.25 -29.92 15.32
N ASP B 511 -3.11 -29.61 15.94
CA ASP B 511 -2.12 -30.65 16.22
C ASP B 511 -2.64 -31.61 17.29
N GLN B 512 -2.41 -32.90 17.06
CA GLN B 512 -2.88 -33.97 17.94
C GLN B 512 -4.39 -33.86 18.16
N GLY B 513 -5.10 -33.64 17.06
CA GLY B 513 -6.54 -33.47 17.12
C GLY B 513 -7.23 -33.73 15.80
N ILE B 514 -8.25 -32.93 15.49
CA ILE B 514 -9.02 -33.08 14.26
C ILE B 514 -9.17 -31.72 13.60
N CYS B 515 -9.11 -31.70 12.28
CA CYS B 515 -9.17 -30.47 11.48
C CYS B 515 -10.10 -30.66 10.29
N GLY B 516 -11.32 -31.14 10.56
CA GLY B 516 -12.29 -31.41 9.51
C GLY B 516 -12.58 -30.21 8.62
N ILE B 517 -12.58 -30.43 7.31
CA ILE B 517 -12.77 -29.37 6.32
C ILE B 517 -14.01 -29.70 5.49
N ASP B 518 -14.89 -28.72 5.34
CA ASP B 518 -16.11 -28.88 4.57
C ASP B 518 -15.99 -28.18 3.22
N GLN B 519 -16.80 -28.63 2.27
CA GLN B 519 -16.81 -28.12 0.89
C GLN B 519 -15.43 -28.26 0.26
N PHE B 520 -14.98 -29.51 0.14
CA PHE B 520 -13.66 -29.78 -0.41
C PHE B 520 -13.63 -29.58 -1.92
N ASP B 521 -14.73 -29.82 -2.61
CA ASP B 521 -14.73 -29.75 -4.06
C ASP B 521 -14.61 -28.32 -4.57
N LYS B 522 -15.14 -27.34 -3.83
CA LYS B 522 -15.11 -25.97 -4.29
C LYS B 522 -13.70 -25.40 -4.39
N MET B 523 -12.75 -25.95 -3.63
CA MET B 523 -11.36 -25.53 -3.76
C MET B 523 -10.84 -25.86 -5.15
N GLY B 524 -10.12 -24.91 -5.75
CA GLY B 524 -9.57 -25.13 -7.07
C GLY B 524 -8.10 -24.78 -7.20
N ASN B 525 -7.56 -24.06 -6.21
CA ASN B 525 -6.17 -23.62 -6.26
C ASN B 525 -5.33 -24.16 -5.11
N GLN B 526 -5.93 -24.59 -4.01
CA GLN B 526 -5.20 -25.08 -2.85
C GLN B 526 -5.11 -26.60 -2.81
N HIS B 527 -5.51 -27.28 -3.89
CA HIS B 527 -5.47 -28.74 -3.90
C HIS B 527 -4.04 -29.26 -3.76
N GLN B 528 -3.09 -28.62 -4.44
CA GLN B 528 -1.69 -29.03 -4.39
C GLN B 528 -0.89 -28.27 -3.35
N ALA B 529 -1.53 -27.86 -2.25
CA ALA B 529 -0.86 -27.12 -1.20
C ALA B 529 -0.73 -27.89 0.10
N LEU B 530 -1.49 -28.97 0.30
CA LEU B 530 -1.45 -29.73 1.54
C LEU B 530 -0.79 -31.10 1.39
N LEU B 531 -0.35 -31.47 0.18
CA LEU B 531 0.29 -32.77 -0.01
C LEU B 531 1.59 -32.88 0.77
N GLU B 532 2.23 -31.75 1.11
CA GLU B 532 3.47 -31.81 1.85
C GLU B 532 3.22 -31.99 3.34
N ALA B 533 2.44 -31.09 3.94
CA ALA B 533 2.18 -31.18 5.38
C ALA B 533 1.36 -32.41 5.74
N MET B 534 0.48 -32.85 4.84
CA MET B 534 -0.39 -33.97 5.16
C MET B 534 0.35 -35.30 5.10
N GLU B 535 1.30 -35.44 4.18
CA GLU B 535 2.06 -36.68 4.04
C GLU B 535 3.32 -36.69 4.91
N GLN B 536 4.15 -35.65 4.81
CA GLN B 536 5.39 -35.59 5.57
C GLN B 536 5.16 -35.40 7.07
N GLN B 537 3.93 -35.09 7.48
CA GLN B 537 3.59 -34.85 8.89
C GLN B 537 4.36 -33.66 9.46
N SER B 538 4.82 -32.76 8.58
CA SER B 538 5.55 -31.57 9.01
C SER B 538 5.38 -30.51 7.93
N ILE B 539 5.54 -29.26 8.35
CA ILE B 539 5.43 -28.12 7.45
C ILE B 539 6.56 -27.15 7.77
N SER B 540 7.21 -26.64 6.73
CA SER B 540 8.30 -25.68 6.87
C SER B 540 7.75 -24.26 6.69
N LEU B 541 8.66 -23.29 6.71
CA LEU B 541 8.26 -21.91 6.53
C LEU B 541 7.77 -21.66 5.11
N ALA B 542 6.76 -20.81 4.99
CA ALA B 542 6.18 -20.47 3.69
C ALA B 542 6.88 -19.31 3.01
N LYS B 543 7.89 -18.72 3.65
CA LYS B 543 8.65 -17.61 3.09
C LYS B 543 9.90 -18.19 2.44
N ALA B 544 9.78 -18.55 1.16
CA ALA B 544 10.85 -19.09 0.34
C ALA B 544 11.38 -20.43 0.86
N GLY B 545 10.71 -21.03 1.82
CA GLY B 545 11.15 -22.31 2.36
C GLY B 545 12.51 -22.26 3.03
N VAL B 546 12.76 -21.21 3.81
CA VAL B 546 14.03 -21.05 4.52
C VAL B 546 13.89 -21.70 5.89
N VAL B 547 14.16 -23.01 5.93
CA VAL B 547 14.04 -23.88 7.11
C VAL B 547 12.90 -23.46 8.03
N CYS B 548 13.15 -23.47 9.34
CA CYS B 548 12.16 -23.08 10.35
C CYS B 548 10.89 -23.94 10.23
N SER B 549 11.08 -25.25 10.41
CA SER B 549 9.98 -26.20 10.36
C SER B 549 9.32 -26.32 11.73
N LEU B 550 8.08 -26.82 11.72
CA LEU B 550 7.32 -27.01 12.94
C LEU B 550 6.38 -28.20 12.75
N PRO B 551 6.17 -29.00 13.78
CA PRO B 551 5.36 -30.21 13.62
C PRO B 551 3.90 -29.89 13.30
N ALA B 552 3.28 -30.80 12.55
CA ALA B 552 1.86 -30.68 12.20
C ALA B 552 1.32 -32.08 11.99
N ARG B 553 0.65 -32.61 13.01
CA ARG B 553 0.05 -33.94 12.97
C ARG B 553 -1.47 -33.76 12.94
N THR B 554 -2.07 -34.07 11.79
CA THR B 554 -3.49 -33.80 11.56
C THR B 554 -4.12 -35.00 10.86
N SER B 555 -5.42 -35.18 11.08
CA SER B 555 -6.19 -36.32 10.61
C SER B 555 -7.38 -35.85 9.78
N ILE B 556 -7.09 -35.01 8.77
CA ILE B 556 -8.07 -34.28 7.98
C ILE B 556 -9.27 -35.14 7.59
N ILE B 557 -10.47 -34.62 7.86
CA ILE B 557 -11.73 -35.23 7.43
C ILE B 557 -12.40 -34.26 6.49
N ALA B 558 -12.81 -34.73 5.31
CA ALA B 558 -13.38 -33.88 4.29
C ALA B 558 -14.68 -34.47 3.76
N ALA B 559 -15.60 -33.57 3.39
CA ALA B 559 -16.86 -33.94 2.77
C ALA B 559 -17.03 -33.12 1.50
N ALA B 560 -17.47 -33.78 0.43
CA ALA B 560 -17.50 -33.13 -0.87
C ALA B 560 -18.77 -33.50 -1.62
N ASN B 561 -18.99 -32.82 -2.73
CA ASN B 561 -20.16 -32.96 -3.56
C ASN B 561 -19.72 -33.27 -5.00
N PRO B 562 -20.38 -34.19 -5.70
CA PRO B 562 -20.04 -34.42 -7.11
C PRO B 562 -20.21 -33.15 -7.92
N VAL B 563 -19.35 -33.01 -8.95
CA VAL B 563 -19.28 -31.77 -9.71
C VAL B 563 -20.58 -31.51 -10.47
N GLY B 564 -21.23 -32.55 -10.96
CA GLY B 564 -22.46 -32.37 -11.73
C GLY B 564 -23.71 -32.43 -10.89
N GLY B 565 -23.67 -31.85 -9.69
CA GLY B 565 -24.78 -31.91 -8.77
C GLY B 565 -25.07 -33.33 -8.34
N HIS B 566 -26.20 -33.88 -8.78
CA HIS B 566 -26.50 -35.28 -8.53
C HIS B 566 -25.54 -36.18 -9.28
N TYR B 567 -25.25 -37.33 -8.69
CA TYR B 567 -24.34 -38.31 -9.29
C TYR B 567 -25.15 -39.27 -10.16
N ASN B 568 -24.90 -39.24 -11.46
CA ASN B 568 -25.57 -40.14 -12.38
C ASN B 568 -24.96 -41.54 -12.28
N LYS B 569 -25.74 -42.54 -12.68
CA LYS B 569 -25.39 -43.93 -12.48
C LYS B 569 -24.64 -44.54 -13.66
N ALA B 570 -24.53 -43.82 -14.79
CA ALA B 570 -23.92 -44.36 -16.01
C ALA B 570 -22.88 -43.39 -16.55
N LYS B 571 -21.67 -43.47 -16.01
CA LYS B 571 -20.41 -42.82 -16.39
C LYS B 571 -19.28 -43.57 -15.70
N THR B 572 -18.07 -43.01 -15.75
CA THR B 572 -16.92 -43.56 -15.04
C THR B 572 -16.69 -42.77 -13.76
N VAL B 573 -16.10 -43.45 -12.78
CA VAL B 573 -15.95 -42.87 -11.44
C VAL B 573 -14.99 -41.68 -11.48
N SER B 574 -13.92 -41.78 -12.27
CA SER B 574 -12.88 -40.75 -12.26
C SER B 574 -13.39 -39.39 -12.70
N GLU B 575 -14.23 -39.34 -13.73
CA GLU B 575 -14.67 -38.05 -14.25
C GLU B 575 -15.67 -37.38 -13.33
N ASN B 576 -16.43 -38.16 -12.57
CA ASN B 576 -17.45 -37.62 -11.67
C ASN B 576 -16.90 -37.20 -10.32
N LEU B 577 -15.59 -37.04 -10.19
CA LEU B 577 -15.00 -36.60 -8.93
C LEU B 577 -14.05 -35.44 -9.14
N LYS B 578 -13.50 -35.32 -10.36
CA LYS B 578 -12.56 -34.26 -10.72
C LYS B 578 -11.38 -34.24 -9.75
N MET B 579 -10.73 -35.39 -9.63
CA MET B 579 -9.55 -35.53 -8.79
C MET B 579 -8.52 -36.37 -9.53
N GLY B 580 -7.25 -35.98 -9.39
CA GLY B 580 -6.17 -36.72 -10.01
C GLY B 580 -5.81 -37.97 -9.23
N SER B 581 -4.91 -38.76 -9.82
CA SER B 581 -4.45 -39.99 -9.20
C SER B 581 -3.51 -39.75 -8.03
N ALA B 582 -3.04 -38.53 -7.84
CA ALA B 582 -2.12 -38.19 -6.75
C ALA B 582 -2.86 -37.87 -5.45
N LEU B 583 -3.91 -37.06 -5.50
CA LEU B 583 -4.64 -36.68 -4.30
C LEU B 583 -5.71 -37.70 -3.90
N LEU B 584 -6.18 -38.52 -4.84
CA LEU B 584 -7.20 -39.52 -4.53
C LEU B 584 -6.62 -40.78 -3.89
N SER B 585 -5.34 -41.06 -4.11
CA SER B 585 -4.74 -42.28 -3.59
C SER B 585 -4.30 -42.16 -2.13
N ARG B 586 -3.97 -40.96 -1.66
CA ARG B 586 -3.51 -40.81 -0.28
C ARG B 586 -4.61 -41.14 0.72
N PHE B 587 -5.85 -40.74 0.44
CA PHE B 587 -6.95 -40.98 1.36
C PHE B 587 -7.17 -42.46 1.57
N ASP B 588 -7.28 -42.87 2.84
CA ASP B 588 -7.43 -44.29 3.15
C ASP B 588 -8.73 -44.86 2.59
N LEU B 589 -9.85 -44.21 2.90
CA LEU B 589 -11.16 -44.65 2.45
C LEU B 589 -11.90 -43.45 1.87
N VAL B 590 -12.66 -43.69 0.80
CA VAL B 590 -13.51 -42.67 0.19
C VAL B 590 -14.90 -43.27 0.05
N PHE B 591 -15.75 -43.04 1.05
CA PHE B 591 -17.11 -43.54 1.02
C PHE B 591 -17.91 -42.79 -0.05
N ILE B 592 -18.70 -43.54 -0.80
CA ILE B 592 -19.62 -42.97 -1.78
C ILE B 592 -21.04 -43.33 -1.33
N LEU B 593 -21.92 -42.34 -1.33
CA LEU B 593 -23.29 -42.52 -0.86
C LEU B 593 -24.27 -42.23 -1.98
N LEU B 594 -25.31 -43.06 -2.08
CA LEU B 594 -26.32 -42.92 -3.11
C LEU B 594 -27.69 -42.74 -2.48
N ASP B 595 -28.55 -42.02 -3.19
CA ASP B 595 -29.91 -41.72 -2.74
C ASP B 595 -30.89 -42.38 -3.70
N THR B 596 -31.49 -43.49 -3.28
CA THR B 596 -32.45 -44.21 -4.08
C THR B 596 -33.81 -44.24 -3.39
N PRO B 597 -34.91 -44.17 -4.16
CA PRO B 597 -36.26 -44.10 -3.57
C PRO B 597 -36.82 -45.46 -3.17
N ASN B 598 -36.45 -45.90 -1.96
CA ASN B 598 -36.92 -47.18 -1.46
C ASN B 598 -38.33 -47.01 -0.87
N GLU B 599 -38.86 -48.08 -0.29
CA GLU B 599 -40.21 -48.06 0.25
C GLU B 599 -40.21 -48.24 1.77
N HIS B 600 -39.47 -49.21 2.29
CA HIS B 600 -39.38 -49.38 3.73
C HIS B 600 -38.51 -48.31 4.37
N HIS B 601 -37.34 -48.03 3.79
CA HIS B 601 -36.37 -47.16 4.45
C HIS B 601 -36.89 -45.75 4.60
N ASP B 602 -37.46 -45.17 3.55
CA ASP B 602 -37.98 -43.82 3.66
C ASP B 602 -39.18 -43.77 4.60
N HIS B 603 -39.97 -44.85 4.65
CA HIS B 603 -41.06 -44.92 5.61
C HIS B 603 -40.55 -44.86 7.04
N LEU B 604 -39.46 -45.56 7.34
CA LEU B 604 -38.89 -45.49 8.68
C LEU B 604 -38.27 -44.12 8.96
N LEU B 605 -37.57 -43.56 7.96
CA LEU B 605 -36.91 -42.27 8.16
C LEU B 605 -37.92 -41.15 8.39
N SER B 606 -39.03 -41.16 7.64
CA SER B 606 -40.07 -40.15 7.84
C SER B 606 -40.67 -40.25 9.23
N GLU B 607 -40.92 -41.48 9.70
CA GLU B 607 -41.44 -41.65 11.06
C GLU B 607 -40.46 -41.14 12.10
N HIS B 608 -39.16 -41.42 11.91
CA HIS B 608 -38.15 -40.94 12.85
C HIS B 608 -38.10 -39.42 12.87
N VAL B 609 -38.13 -38.80 11.69
CA VAL B 609 -37.99 -37.34 11.62
C VAL B 609 -39.27 -36.63 12.03
N ILE B 610 -40.41 -37.30 11.99
CA ILE B 610 -41.63 -36.67 12.51
C ILE B 610 -41.74 -36.90 14.02
N ALA B 611 -41.14 -37.98 14.53
CA ALA B 611 -41.13 -38.21 15.97
C ALA B 611 -40.11 -37.32 16.68
N ILE B 612 -38.99 -37.02 16.04
CA ILE B 612 -37.97 -36.18 16.68
C ILE B 612 -38.51 -34.79 16.95
N ARG B 613 -39.49 -34.35 16.16
CA ARG B 613 -40.12 -33.04 16.34
C ARG B 613 -41.45 -33.14 17.08
N ALA B 614 -41.54 -34.03 18.06
CA ALA B 614 -42.76 -34.19 18.84
C ALA B 614 -42.45 -34.59 20.28
N LYS B 644 -22.53 -63.33 10.95
CA LYS B 644 -23.24 -62.22 10.32
C LYS B 644 -22.28 -61.10 9.94
N PRO B 645 -22.51 -60.48 8.78
CA PRO B 645 -21.63 -59.39 8.35
C PRO B 645 -21.77 -58.17 9.26
N LEU B 646 -20.78 -57.29 9.17
CA LEU B 646 -20.77 -56.09 10.02
C LEU B 646 -21.69 -55.02 9.45
N SER B 647 -22.94 -55.39 9.18
CA SER B 647 -23.94 -54.42 8.75
C SER B 647 -25.28 -54.59 9.45
N GLU B 648 -25.52 -55.72 10.11
CA GLU B 648 -26.76 -55.95 10.84
C GLU B 648 -26.56 -56.09 12.34
N ARG B 649 -25.42 -56.65 12.77
CA ARG B 649 -25.15 -56.78 14.20
C ARG B 649 -25.00 -55.41 14.87
N LEU B 650 -24.48 -54.42 14.14
CA LEU B 650 -24.37 -53.07 14.68
C LEU B 650 -25.72 -52.35 14.70
N LYS B 651 -26.62 -52.68 13.78
CA LYS B 651 -27.91 -52.02 13.70
C LYS B 651 -28.77 -52.37 14.91
N VAL B 652 -29.65 -51.43 15.28
CA VAL B 652 -30.52 -51.58 16.43
C VAL B 652 -31.91 -51.97 15.95
N VAL B 653 -32.39 -53.12 16.42
CA VAL B 653 -33.77 -53.52 16.15
C VAL B 653 -34.68 -52.80 17.14
N PRO B 654 -35.82 -52.26 16.70
CA PRO B 654 -36.72 -51.58 17.64
C PRO B 654 -37.23 -52.54 18.72
N GLY B 655 -37.37 -52.00 19.92
CA GLY B 655 -37.84 -52.79 21.05
C GLY B 655 -36.81 -52.92 22.16
N GLU B 656 -35.86 -51.99 22.22
CA GLU B 656 -34.82 -52.02 23.21
C GLU B 656 -34.28 -50.62 23.43
N THR B 657 -33.55 -50.43 24.53
CA THR B 657 -32.98 -49.15 24.89
C THR B 657 -31.47 -49.17 24.63
N ILE B 658 -31.00 -48.17 23.88
CA ILE B 658 -29.59 -48.05 23.52
C ILE B 658 -29.11 -46.69 24.04
N ASP B 659 -29.58 -46.30 25.23
CA ASP B 659 -29.30 -45.01 25.84
C ASP B 659 -27.84 -44.62 25.69
N PRO B 660 -27.55 -43.55 24.97
CA PRO B 660 -26.17 -43.19 24.66
C PRO B 660 -25.44 -42.59 25.85
N ILE B 661 -24.12 -42.73 25.81
CA ILE B 661 -23.26 -42.08 26.81
C ILE B 661 -23.20 -40.58 26.52
N PRO B 662 -23.21 -39.72 27.54
CA PRO B 662 -23.05 -38.28 27.28
C PRO B 662 -21.71 -37.98 26.62
N HIS B 663 -21.71 -36.99 25.74
CA HIS B 663 -20.51 -36.65 24.99
C HIS B 663 -19.40 -36.15 25.89
N GLN B 664 -19.74 -35.61 27.06
CA GLN B 664 -18.72 -35.13 27.99
C GLN B 664 -17.82 -36.26 28.45
N LEU B 665 -18.40 -37.42 28.75
CA LEU B 665 -17.61 -38.57 29.18
C LEU B 665 -16.86 -39.21 28.02
N LEU B 666 -17.45 -39.22 26.82
CA LEU B 666 -16.74 -39.75 25.66
C LEU B 666 -15.53 -38.89 25.30
N ARG B 667 -15.62 -37.57 25.55
CA ARG B 667 -14.47 -36.71 25.32
C ARG B 667 -13.34 -36.97 26.30
N LYS B 668 -13.66 -37.35 27.54
CA LYS B 668 -12.65 -37.70 28.52
C LYS B 668 -12.07 -39.09 28.30
N TYR B 669 -12.88 -40.03 27.82
CA TYR B 669 -12.44 -41.39 27.53
C TYR B 669 -11.38 -41.45 26.44
N ILE B 670 -11.54 -40.64 25.38
CA ILE B 670 -10.56 -40.62 24.29
C ILE B 670 -9.21 -40.12 24.79
N GLY B 671 -9.21 -39.17 25.73
CA GLY B 671 -7.96 -38.67 26.25
C GLY B 671 -7.17 -39.73 26.99
N TYR B 672 -7.84 -40.54 27.81
CA TYR B 672 -7.18 -41.66 28.46
C TYR B 672 -6.75 -42.71 27.43
N ALA B 673 -7.58 -42.95 26.42
CA ALA B 673 -7.26 -43.99 25.44
C ALA B 673 -6.08 -43.62 24.56
N ARG B 674 -5.78 -42.33 24.39
CA ARG B 674 -4.75 -41.91 23.46
C ARG B 674 -3.38 -41.68 24.11
N GLN B 675 -3.23 -41.95 25.41
CA GLN B 675 -1.91 -41.74 26.02
C GLN B 675 -1.54 -42.81 27.03
N TYR B 676 -2.21 -43.96 27.04
CA TYR B 676 -1.88 -45.00 28.01
C TYR B 676 -1.79 -46.40 27.41
N VAL B 677 -2.12 -46.59 26.14
CA VAL B 677 -2.09 -47.91 25.53
C VAL B 677 -1.43 -47.81 24.16
N TYR B 678 -0.46 -48.68 23.91
CA TYR B 678 0.27 -48.72 22.64
C TYR B 678 0.23 -50.13 22.09
N PRO B 679 -0.87 -50.56 21.46
CA PRO B 679 -0.97 -51.95 21.00
C PRO B 679 -0.07 -52.21 19.79
N ARG B 680 -0.12 -53.44 19.31
CA ARG B 680 0.73 -53.90 18.23
C ARG B 680 0.06 -55.06 17.50
N LEU B 681 0.55 -55.35 16.30
CA LEU B 681 0.01 -56.43 15.50
C LEU B 681 0.47 -57.79 16.04
N SER B 682 -0.33 -58.82 15.77
CA SER B 682 -0.04 -60.18 16.16
C SER B 682 0.25 -61.04 14.93
N THR B 683 0.84 -62.21 15.18
CA THR B 683 1.23 -63.09 14.08
C THR B 683 0.02 -63.61 13.33
N GLU B 684 -1.04 -63.98 14.04
CA GLU B 684 -2.21 -64.57 13.40
C GLU B 684 -2.89 -63.58 12.46
N ALA B 685 -3.00 -62.32 12.87
CA ALA B 685 -3.78 -61.35 12.10
C ALA B 685 -3.08 -60.96 10.81
N ALA B 686 -1.75 -60.98 10.78
CA ALA B 686 -1.02 -60.51 9.60
C ALA B 686 -1.29 -61.39 8.38
N ARG B 687 -1.57 -62.68 8.60
CA ARG B 687 -1.79 -63.58 7.47
C ARG B 687 -3.03 -63.18 6.67
N VAL B 688 -4.10 -62.79 7.36
CA VAL B 688 -5.32 -62.39 6.67
C VAL B 688 -5.08 -61.14 5.82
N LEU B 689 -4.37 -60.16 6.39
CA LEU B 689 -4.06 -58.95 5.62
C LEU B 689 -3.19 -59.28 4.42
N GLN B 690 -2.19 -60.16 4.60
CA GLN B 690 -1.33 -60.55 3.48
C GLN B 690 -2.15 -61.20 2.38
N ASP B 691 -3.04 -62.13 2.74
CA ASP B 691 -3.86 -62.79 1.74
C ASP B 691 -4.75 -61.79 1.02
N PHE B 692 -5.40 -60.89 1.77
CA PHE B 692 -6.26 -59.89 1.16
C PHE B 692 -5.48 -59.04 0.17
N TYR B 693 -4.31 -58.56 0.57
CA TYR B 693 -3.51 -57.71 -0.31
C TYR B 693 -3.10 -58.49 -1.56
N LEU B 694 -2.74 -59.76 -1.40
CA LEU B 694 -2.32 -60.56 -2.54
C LEU B 694 -3.46 -60.78 -3.54
N GLU B 695 -4.65 -61.20 -3.08
CA GLU B 695 -5.71 -61.40 -4.06
C GLU B 695 -6.24 -60.06 -4.60
N LEU B 696 -6.06 -58.97 -3.86
CA LEU B 696 -6.55 -57.69 -4.36
C LEU B 696 -5.63 -57.11 -5.43
N ARG B 697 -4.31 -57.27 -5.25
CA ARG B 697 -3.37 -56.73 -6.22
C ARG B 697 -3.51 -57.41 -7.58
N LYS B 698 -3.61 -58.74 -7.59
CA LYS B 698 -3.70 -59.48 -8.83
C LYS B 698 -4.97 -59.17 -9.61
N GLN B 699 -6.05 -58.77 -8.92
CA GLN B 699 -7.28 -58.41 -9.59
C GLN B 699 -7.29 -56.94 -9.99
N SER B 700 -6.61 -56.08 -9.24
CA SER B 700 -6.53 -54.66 -9.58
C SER B 700 -5.59 -54.39 -10.74
N GLN B 701 -4.56 -55.22 -10.93
CA GLN B 701 -3.61 -54.97 -12.01
C GLN B 701 -4.21 -55.16 -13.40
N ARG B 702 -5.28 -55.94 -13.54
CA ARG B 702 -5.89 -56.17 -14.84
C ARG B 702 -7.13 -55.30 -15.07
N LEU B 703 -7.97 -55.12 -14.05
CA LEU B 703 -9.14 -54.28 -14.20
C LEU B 703 -8.76 -52.80 -14.07
N ASN B 704 -9.70 -51.94 -14.46
CA ASN B 704 -9.47 -50.51 -14.44
C ASN B 704 -10.01 -49.92 -13.13
N SER B 705 -9.11 -49.35 -12.34
CA SER B 705 -9.44 -48.72 -11.07
C SER B 705 -8.23 -47.92 -10.62
N SER B 706 -8.30 -47.38 -9.41
CA SER B 706 -7.16 -46.68 -8.85
C SER B 706 -6.00 -47.66 -8.66
N PRO B 707 -4.80 -47.33 -9.15
CA PRO B 707 -3.68 -48.27 -9.01
C PRO B 707 -3.34 -48.52 -7.55
N ILE B 708 -3.38 -49.79 -7.15
CA ILE B 708 -3.09 -50.17 -5.78
C ILE B 708 -1.59 -50.15 -5.54
N THR B 709 -1.12 -49.19 -4.76
CA THR B 709 0.28 -49.08 -4.42
C THR B 709 0.57 -49.90 -3.17
N THR B 710 1.77 -49.76 -2.62
CA THR B 710 2.08 -50.34 -1.33
C THR B 710 1.44 -49.58 -0.17
N ARG B 711 0.82 -48.43 -0.45
CA ARG B 711 0.20 -47.65 0.61
C ARG B 711 -1.00 -48.37 1.21
N GLN B 712 -1.70 -49.18 0.41
CA GLN B 712 -2.86 -49.90 0.92
C GLN B 712 -2.47 -50.91 1.99
N LEU B 713 -1.33 -51.58 1.81
CA LEU B 713 -0.88 -52.54 2.81
C LEU B 713 -0.58 -51.86 4.14
N GLU B 714 -0.01 -50.65 4.10
CA GLU B 714 0.25 -49.91 5.32
C GLU B 714 -1.03 -49.36 5.93
N SER B 715 -1.97 -48.93 5.09
CA SER B 715 -3.25 -48.43 5.59
C SER B 715 -4.04 -49.54 6.27
N LEU B 716 -4.00 -50.76 5.74
CA LEU B 716 -4.66 -51.88 6.39
C LEU B 716 -4.06 -52.14 7.77
N ILE B 717 -2.73 -52.08 7.86
CA ILE B 717 -2.07 -52.23 9.15
C ILE B 717 -2.54 -51.15 10.12
N ARG B 718 -2.58 -49.90 9.65
CA ARG B 718 -2.96 -48.79 10.50
C ARG B 718 -4.40 -48.92 11.00
N LEU B 719 -5.33 -49.32 10.12
CA LEU B 719 -6.73 -49.42 10.52
C LEU B 719 -7.00 -50.64 11.38
N THR B 720 -6.30 -51.77 11.13
CA THR B 720 -6.42 -52.91 12.04
C THR B 720 -5.81 -52.58 13.41
N GLU B 721 -4.74 -51.78 13.43
CA GLU B 721 -4.21 -51.26 14.68
C GLU B 721 -5.22 -50.37 15.36
N ALA B 722 -6.03 -49.64 14.59
CA ALA B 722 -7.08 -48.81 15.17
C ALA B 722 -8.11 -49.65 15.90
N ARG B 723 -8.45 -50.83 15.35
CA ARG B 723 -9.36 -51.74 16.06
C ARG B 723 -8.62 -52.56 17.12
N ALA B 724 -7.84 -51.87 17.93
CA ALA B 724 -7.27 -52.43 19.15
C ALA B 724 -7.22 -51.41 20.26
N ARG B 725 -7.72 -50.20 20.03
CA ARG B 725 -7.63 -49.12 21.00
C ARG B 725 -9.01 -48.66 21.45
N LEU B 726 -10.06 -49.01 20.70
CA LEU B 726 -11.42 -48.72 21.12
C LEU B 726 -11.78 -49.52 22.36
N GLU B 727 -11.36 -50.78 22.41
CA GLU B 727 -11.65 -51.68 23.53
C GLU B 727 -10.61 -51.61 24.63
N LEU B 728 -9.60 -50.75 24.49
CA LEU B 728 -8.54 -50.57 25.48
C LEU B 728 -7.82 -51.90 25.74
N ARG B 729 -7.21 -52.42 24.68
CA ARG B 729 -6.48 -53.68 24.72
C ARG B 729 -5.14 -53.51 24.02
N GLU B 730 -4.26 -54.49 24.19
CA GLU B 730 -2.95 -54.52 23.52
C GLU B 730 -2.76 -55.89 22.88
N GLU B 731 -3.32 -56.06 21.68
CA GLU B 731 -3.22 -57.29 20.90
C GLU B 731 -3.95 -57.06 19.59
N ALA B 732 -3.82 -58.03 18.68
CA ALA B 732 -4.51 -58.00 17.39
C ALA B 732 -5.07 -59.40 17.13
N THR B 733 -6.31 -59.63 17.56
CA THR B 733 -6.95 -60.93 17.39
C THR B 733 -7.46 -61.07 15.96
N LYS B 734 -7.61 -62.32 15.52
CA LYS B 734 -8.14 -62.59 14.19
C LYS B 734 -9.54 -61.99 14.02
N GLU B 735 -10.34 -62.00 15.09
CA GLU B 735 -11.65 -61.37 15.03
C GLU B 735 -11.53 -59.87 14.78
N ASP B 736 -10.55 -59.22 15.42
CA ASP B 736 -10.34 -57.79 15.19
C ASP B 736 -9.92 -57.53 13.76
N ALA B 737 -9.01 -58.34 13.22
CA ALA B 737 -8.56 -58.15 11.85
C ALA B 737 -9.62 -58.48 10.82
N GLU B 738 -10.61 -59.31 11.17
CA GLU B 738 -11.70 -59.61 10.27
C GLU B 738 -12.67 -58.45 10.10
N ASP B 739 -12.64 -57.48 11.01
CA ASP B 739 -13.51 -56.31 10.92
C ASP B 739 -12.99 -55.25 9.96
N ILE B 740 -11.71 -55.31 9.58
CA ILE B 740 -11.13 -54.35 8.66
C ILE B 740 -11.12 -54.88 7.23
N VAL B 741 -11.79 -56.00 6.99
CA VAL B 741 -11.95 -56.54 5.64
C VAL B 741 -13.36 -56.27 5.11
N GLU B 742 -14.33 -56.03 5.98
CA GLU B 742 -15.69 -55.70 5.55
C GLU B 742 -15.87 -54.20 5.38
N ILE B 743 -15.33 -53.39 6.28
CA ILE B 743 -15.35 -51.95 6.11
C ILE B 743 -14.53 -51.55 4.88
N MET B 744 -13.44 -52.27 4.61
CA MET B 744 -12.65 -52.00 3.41
C MET B 744 -13.46 -52.23 2.14
N LYS B 745 -14.36 -53.21 2.16
CA LYS B 745 -15.18 -53.50 0.99
C LYS B 745 -16.42 -52.59 0.95
N TYR B 746 -16.21 -51.28 1.08
CA TYR B 746 -17.27 -50.30 0.88
C TYR B 746 -16.83 -49.12 0.02
N SER B 747 -15.52 -48.93 -0.18
CA SER B 747 -15.01 -48.06 -1.23
C SER B 747 -14.19 -48.81 -2.27
N MET B 748 -13.65 -49.97 -1.92
CA MET B 748 -12.92 -50.87 -2.81
C MET B 748 -13.89 -51.77 -3.56
N LEU B 749 -13.39 -52.92 -4.03
CA LEU B 749 -14.07 -53.84 -4.93
C LEU B 749 -15.59 -53.91 -4.74
N GLY B 750 -16.05 -53.94 -3.50
CA GLY B 750 -17.48 -53.99 -3.26
C GLY B 750 -18.24 -52.78 -3.77
N THR B 751 -17.52 -51.74 -4.22
CA THR B 751 -18.13 -50.49 -4.63
C THR B 751 -17.91 -50.14 -6.10
N TYR B 752 -16.72 -50.40 -6.66
CA TYR B 752 -16.40 -49.90 -7.99
C TYR B 752 -17.37 -50.42 -9.05
N SER B 753 -18.02 -51.54 -8.81
CA SER B 753 -18.97 -52.11 -9.76
C SER B 753 -20.19 -51.20 -9.94
N PHE C 72 -32.26 49.32 44.18
CA PHE C 72 -32.84 50.54 43.65
C PHE C 72 -32.80 50.55 42.12
N ILE C 73 -31.99 49.66 41.56
CA ILE C 73 -31.84 49.60 40.10
C ILE C 73 -33.12 49.03 39.50
N PRO C 74 -33.74 49.72 38.53
CA PRO C 74 -34.92 49.13 37.87
C PRO C 74 -34.63 47.84 37.14
N TYR C 75 -33.43 47.69 36.59
CA TYR C 75 -33.03 46.48 35.87
C TYR C 75 -32.35 45.52 36.84
N LYS C 76 -33.09 44.49 37.25
CA LYS C 76 -32.54 43.53 38.22
C LYS C 76 -31.39 42.73 37.60
N GLY C 77 -31.52 42.35 36.34
CA GLY C 77 -30.50 41.55 35.68
C GLY C 77 -29.34 42.35 35.13
N TRP C 78 -28.92 43.38 35.87
CA TRP C 78 -27.79 44.20 35.42
C TRP C 78 -26.48 43.41 35.47
N LYS C 79 -26.30 42.58 36.50
CA LYS C 79 -25.05 41.85 36.65
C LYS C 79 -24.84 40.85 35.52
N LEU C 80 -25.89 40.10 35.16
CA LEU C 80 -25.75 39.14 34.07
C LEU C 80 -25.52 39.84 32.74
N TYR C 81 -26.16 40.98 32.53
CA TYR C 81 -25.95 41.78 31.33
C TYR C 81 -24.72 42.66 31.50
N PHE C 82 -24.57 43.68 30.64
CA PHE C 82 -23.43 44.58 30.62
C PHE C 82 -22.88 44.89 32.01
N SER C 83 -21.58 44.66 32.21
CA SER C 83 -20.96 44.70 33.52
C SER C 83 -20.20 46.02 33.69
N GLU C 84 -20.79 46.91 34.48
CA GLU C 84 -20.14 48.18 34.84
C GLU C 84 -20.89 48.75 36.03
N VAL C 85 -20.20 49.64 36.77
CA VAL C 85 -20.84 50.31 37.88
C VAL C 85 -22.01 51.14 37.37
N TYR C 86 -23.16 51.01 38.03
CA TYR C 86 -24.38 51.63 37.54
C TYR C 86 -24.34 53.13 37.81
N SER C 87 -24.34 53.93 36.75
CA SER C 87 -24.36 55.38 36.85
C SER C 87 -25.27 55.95 35.77
N ASP C 88 -25.93 57.06 36.07
CA ASP C 88 -26.86 57.69 35.14
C ASP C 88 -26.13 58.70 34.25
N SER C 89 -25.13 58.20 33.53
CA SER C 89 -24.36 59.04 32.63
C SER C 89 -24.09 58.42 31.27
N SER C 90 -24.29 57.12 31.09
CA SER C 90 -24.02 56.51 29.80
C SER C 90 -25.07 56.92 28.77
N PRO C 91 -24.68 57.07 27.50
CA PRO C 91 -25.67 57.41 26.46
C PRO C 91 -26.58 56.25 26.09
N LEU C 92 -26.29 55.04 26.56
CA LEU C 92 -27.10 53.88 26.19
C LEU C 92 -28.48 53.93 26.84
N ILE C 93 -28.70 54.78 27.83
CA ILE C 93 -29.96 54.80 28.56
C ILE C 93 -31.11 55.18 27.64
N GLU C 94 -30.89 56.19 26.79
CA GLU C 94 -31.94 56.62 25.86
C GLU C 94 -32.33 55.49 24.91
N LYS C 95 -31.34 54.76 24.39
CA LYS C 95 -31.64 53.58 23.58
C LYS C 95 -32.39 52.54 24.39
N ILE C 96 -32.08 52.39 25.68
CA ILE C 96 -32.79 51.45 26.52
C ILE C 96 -34.28 51.81 26.59
N GLN C 97 -34.57 53.08 26.86
CA GLN C 97 -35.98 53.49 26.91
C GLN C 97 -36.66 53.33 25.56
N ALA C 98 -35.97 53.68 24.47
CA ALA C 98 -36.57 53.54 23.15
C ALA C 98 -36.92 52.08 22.86
N PHE C 99 -35.99 51.17 23.13
CA PHE C 99 -36.22 49.76 22.83
C PHE C 99 -37.29 49.17 23.75
N GLU C 100 -37.30 49.56 25.02
CA GLU C 100 -38.32 49.00 25.92
C GLU C 100 -39.71 49.52 25.55
N LYS C 101 -39.81 50.77 25.09
CA LYS C 101 -41.09 51.25 24.59
C LYS C 101 -41.52 50.49 23.33
N PHE C 102 -40.58 50.26 22.41
CA PHE C 102 -40.90 49.53 21.18
C PHE C 102 -41.34 48.11 21.49
N PHE C 103 -40.76 47.49 22.51
CA PHE C 103 -41.21 46.16 22.91
C PHE C 103 -42.52 46.21 23.69
N THR C 104 -42.77 47.31 24.41
CA THR C 104 -43.99 47.44 25.18
C THR C 104 -45.21 47.57 24.26
N ARG C 105 -45.11 48.37 23.20
CA ARG C 105 -46.25 48.48 22.29
C ARG C 105 -46.57 47.14 21.66
N HIS C 106 -45.55 46.43 21.16
CA HIS C 106 -45.74 45.13 20.53
C HIS C 106 -45.24 44.07 21.50
N ILE C 107 -46.13 43.66 22.42
CA ILE C 107 -45.77 42.70 23.44
C ILE C 107 -46.72 41.51 23.41
N ASP C 108 -47.94 41.75 22.92
CA ASP C 108 -48.96 40.69 22.91
C ASP C 108 -48.98 39.94 21.58
N LEU C 109 -47.81 39.48 21.15
CA LEU C 109 -47.71 38.70 19.92
C LEU C 109 -46.74 37.53 20.08
N TYR C 110 -46.25 37.25 21.29
CA TYR C 110 -45.22 36.26 21.52
C TYR C 110 -45.69 35.25 22.55
N ASP C 111 -45.39 33.98 22.29
CA ASP C 111 -45.70 32.91 23.24
C ASP C 111 -44.76 33.00 24.42
N LYS C 112 -45.32 33.01 25.63
CA LYS C 112 -44.50 33.19 26.83
C LYS C 112 -43.60 31.99 27.08
N ASP C 113 -44.13 30.77 26.90
CA ASP C 113 -43.39 29.58 27.30
C ASP C 113 -42.11 29.42 26.50
N GLU C 114 -42.16 29.73 25.20
CA GLU C 114 -40.99 29.56 24.34
C GLU C 114 -39.84 30.46 24.81
N ILE C 115 -40.12 31.74 25.05
CA ILE C 115 -39.06 32.64 25.47
C ILE C 115 -38.62 32.34 26.89
N GLU C 116 -39.53 31.84 27.75
CA GLU C 116 -39.11 31.46 29.09
C GLU C 116 -38.14 30.28 29.05
N ARG C 117 -38.43 29.27 28.23
CA ARG C 117 -37.59 28.08 28.23
C ARG C 117 -36.26 28.32 27.49
N LYS C 118 -36.31 29.02 26.36
CA LYS C 118 -35.11 29.31 25.57
C LYS C 118 -35.13 30.77 25.16
N GLY C 119 -34.01 31.46 25.36
CA GLY C 119 -33.94 32.86 25.02
C GLY C 119 -33.79 33.11 23.53
N SER C 120 -34.86 33.60 22.90
CA SER C 120 -34.82 33.91 21.47
C SER C 120 -35.98 34.83 21.15
N ILE C 121 -35.67 36.05 20.72
CA ILE C 121 -36.67 37.02 20.28
C ILE C 121 -36.39 37.29 18.81
N LEU C 122 -37.17 36.66 17.93
CA LEU C 122 -36.96 36.76 16.48
C LEU C 122 -37.45 38.12 15.99
N VAL C 123 -36.66 39.15 16.29
CA VAL C 123 -36.99 40.51 15.88
C VAL C 123 -36.69 40.67 14.40
N ASP C 124 -37.65 41.21 13.66
CA ASP C 124 -37.49 41.43 12.21
C ASP C 124 -37.01 42.85 11.96
N PHE C 125 -35.98 42.98 11.13
CA PHE C 125 -35.39 44.28 10.86
C PHE C 125 -36.31 45.17 10.01
N LYS C 126 -37.26 44.58 9.29
CA LYS C 126 -38.19 45.39 8.51
C LYS C 126 -39.07 46.24 9.41
N GLU C 127 -39.49 45.71 10.56
CA GLU C 127 -40.26 46.48 11.50
C GLU C 127 -39.45 47.65 12.04
N LEU C 128 -38.15 47.42 12.29
CA LEU C 128 -37.28 48.51 12.72
C LEU C 128 -37.13 49.57 11.64
N THR C 129 -37.00 49.14 10.38
CA THR C 129 -36.83 50.07 9.28
C THR C 129 -38.13 50.79 8.91
N GLU C 130 -39.27 50.29 9.39
CA GLU C 130 -40.57 50.88 9.09
C GLU C 130 -40.68 52.34 9.51
N GLY C 131 -39.96 52.76 10.54
CA GLY C 131 -39.99 54.15 10.96
C GLY C 131 -40.79 54.43 12.21
N GLY C 132 -40.77 53.51 13.18
CA GLY C 132 -41.48 53.71 14.43
C GLY C 132 -40.74 54.59 15.40
N GLU C 133 -41.01 54.42 16.70
CA GLU C 133 -40.34 55.22 17.71
C GLU C 133 -38.84 54.95 17.78
N VAL C 134 -38.39 53.79 17.31
CA VAL C 134 -36.96 53.46 17.36
C VAL C 134 -36.18 54.47 16.53
N THR C 135 -36.65 54.77 15.32
CA THR C 135 -36.03 55.79 14.49
C THR C 135 -36.49 57.20 14.84
N ASN C 136 -37.68 57.35 15.42
CA ASN C 136 -38.17 58.67 15.78
C ASN C 136 -37.34 59.28 16.91
N LEU C 137 -37.06 58.49 17.95
CA LEU C 137 -36.28 59.00 19.08
C LEU C 137 -34.81 59.14 18.69
N ILE C 138 -34.25 58.15 18.00
CA ILE C 138 -32.86 58.20 17.54
C ILE C 138 -32.81 57.73 16.09
N PRO C 139 -32.31 58.55 15.16
CA PRO C 139 -32.29 58.14 13.75
C PRO C 139 -31.09 57.26 13.41
N ASP C 140 -30.08 57.25 14.29
CA ASP C 140 -28.87 56.46 14.06
C ASP C 140 -29.10 55.07 14.64
N ILE C 141 -29.58 54.16 13.78
CA ILE C 141 -29.82 52.78 14.16
C ILE C 141 -28.98 51.82 13.32
N ALA C 142 -29.04 51.95 11.99
CA ALA C 142 -28.25 51.07 11.13
C ALA C 142 -26.76 51.33 11.30
N THR C 143 -26.36 52.60 11.33
CA THR C 143 -24.95 52.93 11.50
C THR C 143 -24.43 52.46 12.86
N GLU C 144 -25.22 52.67 13.92
CA GLU C 144 -24.80 52.23 15.25
C GLU C 144 -24.72 50.71 15.32
N LEU C 145 -25.67 50.01 14.69
CA LEU C 145 -25.63 48.55 14.67
C LEU C 145 -24.41 48.04 13.93
N ARG C 146 -24.08 48.65 12.79
CA ARG C 146 -22.94 48.19 12.01
C ARG C 146 -21.62 48.49 12.72
N ASP C 147 -21.50 49.69 13.30
CA ASP C 147 -20.25 50.07 13.94
C ASP C 147 -20.07 49.39 15.30
N ALA C 148 -21.15 49.29 16.09
CA ALA C 148 -21.06 48.70 17.42
C ALA C 148 -21.77 47.35 17.43
N PRO C 149 -21.04 46.23 17.43
CA PRO C 149 -21.72 44.93 17.41
C PRO C 149 -22.44 44.59 18.69
N GLU C 150 -21.84 44.87 19.85
CA GLU C 150 -22.37 44.41 21.13
C GLU C 150 -23.17 45.46 21.87
N LYS C 151 -22.77 46.72 21.80
CA LYS C 151 -23.45 47.77 22.57
C LYS C 151 -24.91 47.91 22.13
N THR C 152 -25.16 47.89 20.83
CA THR C 152 -26.53 47.96 20.34
C THR C 152 -27.27 46.64 20.53
N LEU C 153 -26.57 45.51 20.43
CA LEU C 153 -27.24 44.22 20.53
C LEU C 153 -27.72 43.93 21.94
N ALA C 154 -26.90 44.24 22.95
CA ALA C 154 -27.26 43.93 24.32
C ALA C 154 -28.46 44.71 24.83
N CYS C 155 -28.73 45.89 24.25
CA CYS C 155 -29.88 46.68 24.66
C CYS C 155 -31.18 45.93 24.37
N MET C 156 -31.24 45.22 23.25
CA MET C 156 -32.42 44.41 22.93
C MET C 156 -32.70 43.40 24.04
N GLY C 157 -31.69 42.63 24.42
CA GLY C 157 -31.87 41.64 25.47
C GLY C 157 -32.22 42.26 26.81
N LEU C 158 -31.59 43.39 27.14
CA LEU C 158 -31.91 44.06 28.40
C LEU C 158 -33.37 44.50 28.42
N ALA C 159 -33.85 45.08 27.31
CA ALA C 159 -35.23 45.52 27.26
C ALA C 159 -36.21 44.35 27.34
N ILE C 160 -35.88 43.24 26.65
CA ILE C 160 -36.74 42.05 26.74
C ILE C 160 -36.80 41.55 28.17
N HIS C 161 -35.65 41.49 28.84
CA HIS C 161 -35.62 41.02 30.23
C HIS C 161 -36.46 41.92 31.11
N GLN C 162 -36.31 43.23 30.96
CA GLN C 162 -37.04 44.17 31.81
C GLN C 162 -38.55 44.05 31.59
N VAL C 163 -38.98 44.02 30.33
CA VAL C 163 -40.41 43.97 30.07
C VAL C 163 -41.00 42.64 30.52
N LEU C 164 -40.26 41.54 30.33
CA LEU C 164 -40.76 40.24 30.75
C LEU C 164 -40.89 40.17 32.27
N THR C 165 -39.88 40.64 33.00
CA THR C 165 -39.95 40.57 34.46
C THR C 165 -41.02 41.51 34.99
N LYS C 166 -41.22 42.66 34.35
CA LYS C 166 -42.30 43.56 34.77
C LYS C 166 -43.66 42.93 34.55
N ASP C 167 -43.86 42.29 33.39
CA ASP C 167 -45.14 41.64 33.11
C ASP C 167 -45.39 40.50 34.09
N LEU C 168 -44.36 39.70 34.38
CA LEU C 168 -44.54 38.59 35.32
C LEU C 168 -44.81 39.09 36.73
N GLU C 169 -44.14 40.17 37.15
CA GLU C 169 -44.41 40.75 38.46
C GLU C 169 -45.83 41.29 38.55
N ARG C 170 -46.30 41.95 37.49
CA ARG C 170 -47.68 42.45 37.48
C ARG C 170 -48.67 41.30 37.55
N HIS C 171 -48.41 40.22 36.81
CA HIS C 171 -49.29 39.07 36.85
C HIS C 171 -49.33 38.44 38.25
N ALA C 172 -48.16 38.33 38.88
CA ALA C 172 -48.11 37.77 40.23
C ALA C 172 -48.83 38.68 41.23
N ALA C 173 -48.65 39.99 41.10
CA ALA C 173 -49.29 40.92 42.03
C ALA C 173 -50.80 40.91 41.88
N GLU C 174 -51.30 40.81 40.64
CA GLU C 174 -52.73 40.80 40.42
C GLU C 174 -53.39 39.59 41.08
N LEU C 175 -52.76 38.42 40.98
CA LEU C 175 -53.29 37.21 41.59
C LEU C 175 -52.36 36.70 42.68
N MET C 188 -39.69 34.60 43.79
CA MET C 188 -40.41 35.63 43.04
C MET C 188 -40.17 35.48 41.54
N VAL C 189 -39.25 36.26 41.00
CA VAL C 189 -38.88 36.21 39.59
C VAL C 189 -37.40 35.86 39.48
N ASN C 190 -37.09 34.84 38.69
CA ASN C 190 -35.71 34.41 38.47
C ASN C 190 -35.52 34.05 37.00
N VAL C 191 -36.01 34.92 36.12
CA VAL C 191 -35.91 34.65 34.68
C VAL C 191 -34.45 34.60 34.26
N PRO C 192 -34.02 33.62 33.47
CA PRO C 192 -32.60 33.53 33.10
C PRO C 192 -32.21 34.46 31.97
N HIS C 193 -30.98 34.33 31.48
CA HIS C 193 -30.50 35.15 30.39
C HIS C 193 -31.29 34.88 29.11
N ILE C 194 -31.58 35.95 28.38
CA ILE C 194 -32.25 35.86 27.08
C ILE C 194 -31.35 36.49 26.03
N HIS C 195 -31.11 35.77 24.94
CA HIS C 195 -30.30 36.30 23.86
C HIS C 195 -31.16 37.12 22.91
N ALA C 196 -30.50 37.97 22.13
CA ALA C 196 -31.16 38.80 21.13
C ALA C 196 -30.92 38.22 19.74
N ARG C 197 -31.98 38.23 18.93
CA ARG C 197 -31.94 37.66 17.58
C ARG C 197 -32.47 38.68 16.60
N VAL C 198 -31.60 39.20 15.74
CA VAL C 198 -31.99 40.13 14.69
C VAL C 198 -31.65 39.48 13.35
N TYR C 199 -32.62 39.43 12.44
CA TYR C 199 -32.44 38.81 11.14
C TYR C 199 -32.99 39.73 10.05
N ASN C 200 -33.02 39.20 8.83
CA ASN C 200 -33.50 39.92 7.65
C ASN C 200 -32.73 41.23 7.44
N TYR C 201 -31.42 41.07 7.24
CA TYR C 201 -30.51 42.18 7.02
C TYR C 201 -30.27 42.32 5.51
N GLU C 202 -30.70 43.45 4.95
CA GLU C 202 -30.89 43.53 3.50
C GLU C 202 -29.61 43.65 2.66
N PRO C 203 -28.55 44.38 3.08
CA PRO C 203 -27.37 44.43 2.21
C PRO C 203 -26.55 43.15 2.28
N LEU C 204 -26.59 42.36 1.21
CA LEU C 204 -25.96 41.03 1.19
C LEU C 204 -24.50 41.20 0.79
N THR C 205 -23.63 41.29 1.80
CA THR C 205 -22.18 41.37 1.57
C THR C 205 -21.64 39.95 1.39
N GLN C 206 -21.63 39.50 0.15
CA GLN C 206 -21.17 38.16 -0.17
C GLN C 206 -19.66 38.05 0.05
N LEU C 207 -19.13 36.85 -0.17
CA LEU C 207 -17.72 36.58 0.06
C LEU C 207 -16.88 37.22 -1.05
N LYS C 208 -15.58 36.93 -1.05
CA LYS C 208 -14.60 37.53 -1.94
C LYS C 208 -14.48 39.04 -1.76
N ASN C 209 -14.95 39.57 -0.63
CA ASN C 209 -14.81 40.99 -0.34
C ASN C 209 -14.36 41.23 1.08
N VAL C 210 -14.46 40.24 1.97
CA VAL C 210 -14.08 40.39 3.37
C VAL C 210 -12.64 39.94 3.57
N ARG C 211 -11.71 40.88 3.49
CA ARG C 211 -10.29 40.57 3.72
C ARG C 211 -9.74 41.24 4.97
N ALA C 212 -9.76 42.57 5.04
CA ALA C 212 -9.22 43.29 6.18
C ALA C 212 -10.22 44.23 6.82
N ASN C 213 -10.91 45.04 6.01
CA ASN C 213 -11.72 46.14 6.55
C ASN C 213 -12.86 45.63 7.41
N TYR C 214 -13.53 44.56 6.99
CA TYR C 214 -14.66 44.06 7.76
C TYR C 214 -14.18 43.35 9.01
N TYR C 215 -13.74 44.13 10.00
CA TYR C 215 -13.33 43.62 11.30
C TYR C 215 -14.31 44.13 12.34
N GLY C 216 -15.00 43.22 13.00
CA GLY C 216 -15.98 43.60 14.00
C GLY C 216 -17.13 44.42 13.43
N LYS C 217 -17.62 44.06 12.24
CA LYS C 217 -18.73 44.75 11.61
C LYS C 217 -19.83 43.75 11.29
N TYR C 218 -21.05 44.07 11.68
CA TYR C 218 -22.18 43.16 11.48
C TYR C 218 -22.49 43.05 9.99
N ILE C 219 -22.45 41.83 9.46
CA ILE C 219 -22.69 41.55 8.05
C ILE C 219 -23.62 40.35 7.94
N ALA C 220 -23.92 39.96 6.70
CA ALA C 220 -24.79 38.83 6.44
C ALA C 220 -24.19 37.96 5.35
N LEU C 221 -24.50 36.67 5.38
CA LEU C 221 -23.97 35.73 4.41
C LEU C 221 -25.02 34.80 3.84
N ARG C 222 -24.59 33.87 3.00
CA ARG C 222 -25.46 32.91 2.33
C ARG C 222 -24.60 31.80 1.72
N GLY C 223 -24.90 30.55 2.04
CA GLY C 223 -24.06 29.48 1.55
C GLY C 223 -24.63 28.11 1.87
N THR C 224 -23.77 27.10 1.75
CA THR C 224 -24.10 25.70 1.95
C THR C 224 -23.22 25.11 3.04
N VAL C 225 -23.77 24.13 3.76
CA VAL C 225 -23.09 23.49 4.88
C VAL C 225 -22.68 22.08 4.46
N VAL C 226 -21.42 21.73 4.70
CA VAL C 226 -20.89 20.44 4.26
C VAL C 226 -20.12 19.68 5.35
N ARG C 227 -19.73 20.31 6.45
CA ARG C 227 -18.85 19.66 7.44
C ARG C 227 -19.37 19.89 8.86
N VAL C 228 -20.64 19.58 9.08
CA VAL C 228 -21.18 19.60 10.43
C VAL C 228 -20.33 18.72 11.34
N SER C 229 -19.93 19.26 12.49
CA SER C 229 -19.00 18.61 13.40
C SER C 229 -19.73 18.17 14.66
N ASN C 230 -18.97 17.65 15.62
CA ASN C 230 -19.50 17.14 16.86
C ASN C 230 -19.71 18.28 17.87
N ILE C 231 -20.18 17.91 19.05
CA ILE C 231 -20.50 18.88 20.11
C ILE C 231 -19.62 18.62 21.32
N LYS C 232 -19.01 19.69 21.83
CA LYS C 232 -18.19 19.65 23.03
C LYS C 232 -18.47 20.91 23.84
N PRO C 233 -18.72 20.80 25.14
CA PRO C 233 -19.08 21.98 25.93
C PRO C 233 -17.86 22.87 26.19
N LEU C 234 -18.16 24.06 26.68
CA LEU C 234 -17.14 25.03 27.08
C LEU C 234 -17.70 25.89 28.21
N CYS C 235 -16.80 26.50 28.97
CA CYS C 235 -17.17 27.30 30.12
C CYS C 235 -16.78 28.75 29.89
N THR C 236 -17.65 29.66 30.36
CA THR C 236 -17.40 31.09 30.27
C THR C 236 -17.48 31.82 31.61
N LYS C 237 -18.16 31.26 32.60
CA LYS C 237 -18.38 31.92 33.88
C LYS C 237 -17.86 31.06 35.02
N MET C 238 -16.67 30.49 34.85
CA MET C 238 -16.12 29.62 35.88
C MET C 238 -15.63 30.44 37.07
N ALA C 239 -15.80 29.88 38.25
CA ALA C 239 -15.54 30.59 39.50
C ALA C 239 -14.09 30.39 39.96
N PHE C 240 -13.73 31.16 40.98
CA PHE C 240 -12.40 31.09 41.59
C PHE C 240 -12.54 31.05 43.11
N LEU C 241 -11.47 30.59 43.76
CA LEU C 241 -11.43 30.59 45.22
C LEU C 241 -11.09 31.99 45.73
N CYS C 242 -11.37 32.22 47.00
CA CYS C 242 -11.14 33.50 47.64
C CYS C 242 -9.97 33.39 48.61
N ALA C 243 -9.41 34.54 48.98
CA ALA C 243 -8.29 34.60 49.91
C ALA C 243 -8.77 35.03 51.29
N ALA C 244 -8.09 34.52 52.32
CA ALA C 244 -8.39 34.84 53.71
C ALA C 244 -9.85 34.54 54.04
N CYS C 245 -10.70 35.57 54.02
CA CYS C 245 -12.11 35.41 54.33
C CYS C 245 -12.87 34.84 53.14
N GLY C 246 -14.20 34.81 53.21
CA GLY C 246 -15.01 34.18 52.20
C GLY C 246 -15.28 35.04 50.98
N GLU C 247 -16.56 35.13 50.59
CA GLU C 247 -16.99 35.90 49.42
C GLU C 247 -16.35 35.40 48.13
N ILE C 248 -16.73 34.18 47.76
CA ILE C 248 -16.37 33.61 46.45
C ILE C 248 -16.90 34.53 45.36
N GLN C 249 -16.14 34.68 44.28
CA GLN C 249 -16.50 35.57 43.18
C GLN C 249 -16.51 34.78 41.88
N SER C 250 -17.12 35.38 40.86
CA SER C 250 -17.46 34.71 39.61
C SER C 250 -16.97 35.51 38.41
N PHE C 251 -15.67 35.86 38.43
CA PHE C 251 -14.99 36.66 37.40
C PHE C 251 -15.44 36.32 35.99
N PRO C 252 -15.72 37.34 35.17
CA PRO C 252 -16.17 37.08 33.79
C PRO C 252 -15.04 36.66 32.86
N LEU C 253 -14.74 35.36 32.83
CA LEU C 253 -13.71 34.86 31.94
C LEU C 253 -14.13 35.06 30.48
N PRO C 254 -13.32 35.72 29.66
CA PRO C 254 -13.75 36.05 28.30
C PRO C 254 -13.43 35.00 27.25
N ASP C 255 -14.43 34.68 26.43
CA ASP C 255 -14.32 33.80 25.25
C ASP C 255 -13.40 32.61 25.49
N GLY C 256 -13.59 31.95 26.62
CA GLY C 256 -12.90 30.69 26.88
C GLY C 256 -11.39 30.78 26.92
N LYS C 257 -10.85 31.90 27.38
CA LYS C 257 -9.41 32.05 27.55
C LYS C 257 -9.11 32.21 29.03
N TYR C 258 -8.26 31.33 29.56
CA TYR C 258 -7.92 31.36 30.98
C TYR C 258 -7.18 32.65 31.31
N SER C 259 -7.60 33.30 32.39
CA SER C 259 -6.97 34.51 32.88
C SER C 259 -6.90 34.42 34.40
N LEU C 260 -6.38 35.48 35.03
CA LEU C 260 -6.27 35.50 36.47
C LEU C 260 -6.82 36.81 37.02
N PRO C 261 -7.56 36.76 38.13
CA PRO C 261 -8.06 37.99 38.77
C PRO C 261 -7.02 38.62 39.69
N THR C 262 -6.12 39.41 39.07
CA THR C 262 -5.07 40.07 39.83
C THR C 262 -5.63 40.97 40.93
N LYS C 263 -6.82 41.52 40.70
CA LYS C 263 -7.53 42.30 41.72
C LYS C 263 -8.90 41.69 41.95
N CYS C 264 -9.30 41.65 43.22
CA CYS C 264 -10.66 41.26 43.58
C CYS C 264 -11.34 42.44 44.26
N PRO C 265 -12.55 42.80 43.85
CA PRO C 265 -13.20 43.98 44.44
C PRO C 265 -13.37 43.84 45.95
N VAL C 266 -14.12 42.83 46.37
CA VAL C 266 -14.43 42.45 47.76
C VAL C 266 -14.71 43.69 48.63
N PRO C 267 -14.84 43.55 49.97
CA PRO C 267 -14.85 44.77 50.80
C PRO C 267 -13.50 45.50 50.85
N VAL C 268 -12.45 44.80 51.27
CA VAL C 268 -11.17 45.46 51.57
C VAL C 268 -9.98 44.55 51.22
N CYS C 269 -8.78 45.06 51.50
CA CYS C 269 -7.52 44.30 51.56
C CYS C 269 -7.09 43.69 50.23
N ARG C 270 -6.10 42.81 50.30
CA ARG C 270 -5.37 42.33 49.14
C ARG C 270 -6.21 41.36 48.34
N GLY C 271 -5.79 41.11 47.10
CA GLY C 271 -6.51 40.24 46.19
C GLY C 271 -5.95 38.84 46.10
N ARG C 272 -5.16 38.58 45.06
CA ARG C 272 -4.57 37.26 44.81
C ARG C 272 -5.68 36.24 44.59
N SER C 273 -5.88 35.34 45.55
CA SER C 273 -6.93 34.32 45.48
C SER C 273 -6.83 33.52 44.19
N PHE C 274 -5.60 33.16 43.79
CA PHE C 274 -5.35 32.45 42.54
C PHE C 274 -5.50 30.95 42.78
N THR C 275 -6.75 30.49 42.82
CA THR C 275 -7.05 29.08 42.96
C THR C 275 -8.38 28.79 42.28
N ALA C 276 -8.45 27.62 41.65
CA ALA C 276 -9.64 27.21 40.92
C ALA C 276 -10.55 26.38 41.80
N LEU C 277 -11.86 26.53 41.58
CA LEU C 277 -12.90 25.88 42.37
C LEU C 277 -13.96 25.29 41.45
N ARG C 278 -13.52 24.49 40.48
CA ARG C 278 -14.42 24.04 39.42
C ARG C 278 -15.37 22.95 39.89
N SER C 279 -16.09 23.21 40.97
CA SER C 279 -17.18 22.36 41.41
C SER C 279 -18.43 23.11 41.85
N SER C 280 -18.32 24.39 42.21
CA SER C 280 -19.46 25.16 42.68
C SER C 280 -20.46 25.40 41.55
N PRO C 281 -21.75 25.52 41.87
CA PRO C 281 -22.75 25.82 40.83
C PRO C 281 -22.60 27.20 40.20
N LEU C 282 -21.64 28.02 40.66
CA LEU C 282 -21.40 29.30 40.02
C LEU C 282 -20.94 29.12 38.58
N THR C 283 -20.09 28.13 38.33
CA THR C 283 -19.62 27.84 36.97
C THR C 283 -20.79 27.34 36.12
N VAL C 284 -20.88 27.84 34.89
CA VAL C 284 -21.90 27.44 33.94
C VAL C 284 -21.21 26.94 32.68
N THR C 285 -21.91 26.09 31.93
CA THR C 285 -21.39 25.50 30.71
C THR C 285 -22.37 25.72 29.58
N MET C 286 -21.85 25.73 28.35
CA MET C 286 -22.64 26.05 27.17
C MET C 286 -22.11 25.23 26.00
N ASP C 287 -22.98 25.00 25.00
CA ASP C 287 -22.64 24.12 23.89
C ASP C 287 -21.76 24.83 22.86
N TRP C 288 -21.33 24.07 21.85
CA TRP C 288 -20.41 24.56 20.84
C TRP C 288 -20.52 23.66 19.61
N GLN C 289 -20.06 24.18 18.48
CA GLN C 289 -20.10 23.46 17.21
C GLN C 289 -19.19 24.21 16.23
N SER C 290 -18.95 23.61 15.06
CA SER C 290 -18.12 24.24 14.04
C SER C 290 -18.61 23.79 12.67
N ILE C 291 -18.90 24.76 11.80
CA ILE C 291 -19.39 24.49 10.45
C ILE C 291 -18.60 25.34 9.47
N LYS C 292 -18.31 24.78 8.30
CA LYS C 292 -17.68 25.50 7.20
C LYS C 292 -18.72 25.71 6.10
N ILE C 293 -18.58 26.82 5.37
CA ILE C 293 -19.53 27.21 4.35
C ILE C 293 -18.79 27.45 3.04
N GLN C 294 -19.28 26.85 1.96
CA GLN C 294 -18.74 27.05 0.62
C GLN C 294 -19.72 27.89 -0.19
N GLU C 295 -19.21 28.85 -0.94
CA GLU C 295 -20.07 29.78 -1.67
C GLU C 295 -20.55 29.17 -2.98
N LEU C 296 -21.72 29.63 -3.43
CA LEU C 296 -22.35 29.10 -4.62
C LEU C 296 -21.62 29.60 -5.88
N MET C 297 -22.04 29.07 -7.04
CA MET C 297 -21.46 29.50 -8.30
C MET C 297 -21.68 30.99 -8.54
N SER C 298 -22.85 31.52 -8.18
CA SER C 298 -23.13 32.95 -8.21
C SER C 298 -22.90 33.56 -9.60
N ASP C 299 -21.73 34.14 -9.81
CA ASP C 299 -21.40 34.75 -11.09
C ASP C 299 -19.89 34.64 -11.30
N ASP C 300 -19.37 35.43 -12.23
CA ASP C 300 -17.93 35.44 -12.57
C ASP C 300 -17.48 34.04 -13.01
N GLN C 301 -18.03 33.59 -14.12
CA GLN C 301 -17.75 32.25 -14.63
C GLN C 301 -16.35 32.19 -15.24
N ARG C 302 -15.33 32.34 -14.40
CA ARG C 302 -13.95 32.26 -14.88
C ARG C 302 -13.60 30.84 -15.28
N GLU C 303 -12.79 30.71 -16.33
CA GLU C 303 -12.31 29.39 -16.74
C GLU C 303 -11.37 28.78 -15.72
N ALA C 304 -10.85 29.57 -14.79
CA ALA C 304 -9.94 29.05 -13.77
C ALA C 304 -10.68 28.10 -12.84
N GLY C 305 -9.98 27.02 -12.45
CA GLY C 305 -10.57 26.03 -11.57
C GLY C 305 -10.27 26.24 -10.10
N ARG C 306 -10.49 27.46 -9.61
CA ARG C 306 -10.28 27.75 -8.19
C ARG C 306 -11.56 27.48 -7.42
N ILE C 307 -11.45 26.70 -6.34
CA ILE C 307 -12.59 26.41 -5.48
C ILE C 307 -13.00 27.68 -4.76
N PRO C 308 -14.29 27.89 -4.50
CA PRO C 308 -14.72 29.08 -3.78
C PRO C 308 -14.16 29.11 -2.37
N ARG C 309 -13.91 30.32 -1.87
CA ARG C 309 -13.37 30.49 -0.53
C ARG C 309 -14.37 29.99 0.51
N THR C 310 -13.83 29.39 1.58
CA THR C 310 -14.63 28.81 2.64
C THR C 310 -14.38 29.56 3.95
N ILE C 311 -15.46 29.97 4.60
CA ILE C 311 -15.40 30.67 5.87
C ILE C 311 -16.09 29.82 6.93
N GLU C 312 -15.44 29.64 8.07
CA GLU C 312 -15.97 28.83 9.14
C GLU C 312 -17.08 29.57 9.89
N CYS C 313 -17.86 28.81 10.66
CA CYS C 313 -18.92 29.37 11.48
C CYS C 313 -18.94 28.67 12.83
N GLU C 314 -19.48 29.36 13.83
CA GLU C 314 -19.47 28.88 15.21
C GLU C 314 -20.84 29.18 15.83
N LEU C 315 -21.49 28.15 16.37
CA LEU C 315 -22.80 28.31 16.98
C LEU C 315 -22.66 28.27 18.50
N VAL C 316 -23.36 29.19 19.17
CA VAL C 316 -23.09 29.50 20.58
C VAL C 316 -24.04 28.75 21.51
N HIS C 317 -25.35 28.96 21.37
CA HIS C 317 -26.29 28.41 22.34
C HIS C 317 -27.69 28.38 21.75
N ASP C 318 -28.45 27.36 22.16
CA ASP C 318 -29.84 27.12 21.76
C ASP C 318 -29.93 26.71 20.29
N LEU C 319 -28.81 26.78 19.59
CA LEU C 319 -28.69 26.28 18.23
C LEU C 319 -28.12 24.86 18.31
N VAL C 320 -27.59 24.35 17.18
CA VAL C 320 -26.92 23.06 17.04
C VAL C 320 -27.98 22.02 16.66
N ASP C 321 -27.60 21.11 15.77
CA ASP C 321 -28.53 20.15 15.15
C ASP C 321 -29.60 20.86 14.33
N SER C 322 -29.28 22.06 13.86
CA SER C 322 -30.19 22.85 13.04
C SER C 322 -29.88 22.76 11.55
N CYS C 323 -28.86 21.99 11.17
CA CYS C 323 -28.47 21.87 9.77
C CYS C 323 -27.98 20.46 9.49
N VAL C 324 -28.08 20.06 8.23
CA VAL C 324 -27.61 18.77 7.76
C VAL C 324 -26.79 18.99 6.50
N PRO C 325 -25.86 18.07 6.18
CA PRO C 325 -25.04 18.24 4.97
C PRO C 325 -25.88 18.42 3.72
N GLY C 326 -25.80 19.61 3.12
CA GLY C 326 -26.60 19.93 1.95
C GLY C 326 -27.80 20.78 2.31
N ASP C 327 -27.71 22.08 2.12
CA ASP C 327 -28.78 23.00 2.49
C ASP C 327 -28.50 24.36 1.84
N THR C 328 -29.44 25.29 1.98
CA THR C 328 -29.30 26.67 1.52
C THR C 328 -29.68 27.56 2.70
N VAL C 329 -28.67 28.11 3.37
CA VAL C 329 -28.86 28.79 4.64
C VAL C 329 -28.28 30.21 4.54
N THR C 330 -28.93 31.14 5.24
CA THR C 330 -28.46 32.50 5.38
C THR C 330 -28.05 32.72 6.83
N ILE C 331 -26.83 33.20 7.04
CA ILE C 331 -26.27 33.37 8.38
C ILE C 331 -25.87 34.83 8.57
N THR C 332 -26.29 35.42 9.67
CA THR C 332 -25.91 36.77 10.05
C THR C 332 -25.21 36.71 11.41
N GLY C 333 -24.03 37.31 11.49
CA GLY C 333 -23.29 37.28 12.73
C GLY C 333 -22.06 38.17 12.66
N ILE C 334 -21.49 38.43 13.83
CA ILE C 334 -20.31 39.27 13.92
C ILE C 334 -19.11 38.53 13.34
N VAL C 335 -18.17 39.28 12.78
CA VAL C 335 -16.94 38.74 12.23
C VAL C 335 -15.83 38.97 13.25
N LYS C 336 -15.08 37.92 13.56
CA LYS C 336 -13.96 37.99 14.48
C LYS C 336 -12.75 37.28 13.89
N VAL C 337 -11.65 37.36 14.62
CA VAL C 337 -10.36 36.80 14.18
C VAL C 337 -9.88 35.82 15.23
N SER C 338 -9.56 34.60 14.80
CA SER C 338 -9.11 33.56 15.70
C SER C 338 -7.62 33.75 16.00
N ASN C 339 -7.01 32.76 16.65
CA ASN C 339 -5.61 32.83 17.00
C ASN C 339 -5.06 31.40 17.08
N ALA C 340 -3.74 31.30 16.90
CA ALA C 340 -3.03 30.03 17.03
C ALA C 340 -3.62 28.96 16.11
N GLU C 341 -3.52 29.23 14.81
CA GLU C 341 -4.04 28.32 13.78
C GLU C 341 -3.54 26.90 13.95
N LYS C 350 3.86 34.74 17.56
CA LYS C 350 3.21 34.19 16.37
C LYS C 350 2.02 35.07 15.97
N CYS C 351 2.30 36.17 15.28
CA CYS C 351 1.25 37.11 14.89
C CYS C 351 0.65 36.72 13.54
N MET C 352 0.04 35.54 13.53
CA MET C 352 -0.51 34.93 12.32
C MET C 352 -1.90 34.39 12.67
N PHE C 353 -2.94 34.91 12.04
CA PHE C 353 -4.32 34.54 12.35
C PHE C 353 -5.13 34.29 11.08
N LEU C 354 -6.37 33.85 11.29
CA LEU C 354 -7.32 33.64 10.19
C LEU C 354 -8.64 34.36 10.49
N LEU C 355 -9.66 34.09 9.67
CA LEU C 355 -10.95 34.76 9.77
C LEU C 355 -12.06 33.74 9.99
N TYR C 356 -12.93 34.00 10.98
CA TYR C 356 -14.09 33.17 11.25
C TYR C 356 -15.21 34.06 11.75
N ILE C 357 -16.44 33.55 11.65
CA ILE C 357 -17.65 34.32 11.95
C ILE C 357 -18.42 33.63 13.07
N GLU C 358 -18.74 34.41 14.11
CA GLU C 358 -19.57 33.94 15.22
C GLU C 358 -21.03 34.15 14.84
N ALA C 359 -21.81 33.08 14.88
CA ALA C 359 -23.20 33.15 14.46
C ALA C 359 -24.05 33.95 15.43
N ASN C 360 -25.10 34.59 14.91
CA ASN C 360 -26.07 35.31 15.71
C ASN C 360 -27.51 34.94 15.41
N SER C 361 -27.83 34.50 14.20
CA SER C 361 -29.17 34.09 13.83
C SER C 361 -29.07 33.19 12.61
N ILE C 362 -29.96 32.21 12.52
CA ILE C 362 -29.94 31.23 11.44
C ILE C 362 -31.33 31.13 10.84
N SER C 363 -31.38 30.82 9.55
CA SER C 363 -32.62 30.60 8.81
C SER C 363 -32.54 29.27 8.08
N ASN C 364 -33.53 29.01 7.23
CA ASN C 364 -33.57 27.79 6.44
C ASN C 364 -34.45 28.02 5.22
N SER C 365 -34.49 27.03 4.35
CA SER C 365 -35.31 27.10 3.14
C SER C 365 -35.81 25.72 2.73
N GLU C 384 -34.72 33.36 -3.68
CA GLU C 384 -35.89 34.22 -3.85
C GLU C 384 -35.79 35.02 -5.14
N PHE C 385 -36.91 35.15 -5.85
CA PHE C 385 -36.95 35.83 -7.13
C PHE C 385 -37.28 37.31 -6.94
N SER C 386 -36.61 38.16 -7.70
CA SER C 386 -36.88 39.59 -7.67
C SER C 386 -38.17 39.90 -8.44
N LEU C 387 -38.71 41.10 -8.19
CA LEU C 387 -39.95 41.50 -8.84
C LEU C 387 -39.79 41.58 -10.36
N LYS C 388 -38.63 42.05 -10.83
CA LYS C 388 -38.37 42.06 -12.26
C LYS C 388 -38.38 40.65 -12.83
N ASP C 389 -37.97 39.66 -12.04
CA ASP C 389 -38.04 38.27 -12.49
C ASP C 389 -39.48 37.84 -12.71
N LEU C 390 -40.38 38.21 -11.79
CA LEU C 390 -41.79 37.90 -11.98
C LEU C 390 -42.35 38.60 -13.22
N TYR C 391 -41.96 39.86 -13.43
CA TYR C 391 -42.42 40.57 -14.63
C TYR C 391 -41.93 39.88 -15.89
N ALA C 392 -40.66 39.46 -15.90
CA ALA C 392 -40.10 38.81 -17.08
C ALA C 392 -40.78 37.47 -17.35
N ILE C 393 -40.99 36.66 -16.31
CA ILE C 393 -41.62 35.35 -16.53
C ILE C 393 -43.05 35.53 -16.98
N GLN C 394 -43.74 36.56 -16.47
CA GLN C 394 -45.09 36.86 -16.95
C GLN C 394 -45.06 37.22 -18.44
N GLU C 395 -44.08 38.03 -18.85
CA GLU C 395 -44.00 38.42 -20.25
C GLU C 395 -43.70 37.22 -21.15
N ILE C 396 -42.83 36.32 -20.71
CA ILE C 396 -42.56 35.11 -21.51
C ILE C 396 -43.80 34.22 -21.56
N GLN C 397 -44.55 34.14 -20.46
CA GLN C 397 -45.80 33.39 -20.48
C GLN C 397 -46.79 34.02 -21.45
N ALA C 398 -46.73 35.33 -21.63
CA ALA C 398 -47.66 36.01 -22.54
C ALA C 398 -47.39 35.72 -24.01
N GLU C 399 -46.39 34.91 -24.34
CA GLU C 399 -46.08 34.63 -25.73
C GLU C 399 -47.20 33.82 -26.37
N GLU C 400 -47.46 34.09 -27.64
CA GLU C 400 -48.60 33.47 -28.33
C GLU C 400 -48.33 32.00 -28.64
N ASN C 401 -47.11 31.67 -29.06
CA ASN C 401 -46.70 30.28 -29.27
C ASN C 401 -45.50 29.99 -28.37
N LEU C 402 -45.81 29.55 -27.14
CA LEU C 402 -44.75 29.29 -26.17
C LEU C 402 -43.97 28.02 -26.50
N PHE C 403 -44.62 27.05 -27.14
CA PHE C 403 -43.94 25.77 -27.40
C PHE C 403 -42.82 25.93 -28.41
N LYS C 404 -43.06 26.65 -29.51
CA LYS C 404 -42.03 26.81 -30.54
C LYS C 404 -40.84 27.60 -30.02
N LEU C 405 -41.09 28.68 -29.28
CA LEU C 405 -40.02 29.54 -28.79
C LEU C 405 -39.14 28.88 -27.75
N ILE C 406 -39.52 27.72 -27.23
CA ILE C 406 -38.69 26.98 -26.29
C ILE C 406 -38.14 25.71 -26.92
N VAL C 407 -38.83 25.15 -27.92
CA VAL C 407 -38.30 23.96 -28.59
C VAL C 407 -37.26 24.33 -29.63
N ASN C 408 -37.28 25.56 -30.14
CA ASN C 408 -36.33 26.00 -31.15
C ASN C 408 -35.43 27.09 -30.60
N SER C 409 -35.14 27.00 -29.29
CA SER C 409 -34.22 27.92 -28.65
C SER C 409 -33.20 27.21 -27.78
N LEU C 410 -33.31 25.90 -27.59
CA LEU C 410 -32.34 25.17 -26.77
C LEU C 410 -30.95 25.20 -27.40
N CYS C 411 -30.87 25.01 -28.71
CA CYS C 411 -29.59 25.04 -29.43
C CYS C 411 -29.88 25.47 -30.86
N PRO C 412 -29.60 26.72 -31.21
CA PRO C 412 -29.91 27.20 -32.57
C PRO C 412 -28.87 26.82 -33.62
N VAL C 413 -27.69 26.37 -33.21
CA VAL C 413 -26.66 26.02 -34.19
C VAL C 413 -27.06 24.79 -34.99
N ILE C 414 -27.58 23.76 -34.30
CA ILE C 414 -27.93 22.51 -34.97
C ILE C 414 -29.18 22.73 -35.81
N PHE C 415 -29.14 22.24 -37.06
CA PHE C 415 -30.26 22.34 -37.97
C PHE C 415 -31.01 21.01 -37.99
N GLY C 416 -32.33 21.09 -37.93
CA GLY C 416 -33.16 19.90 -37.92
C GLY C 416 -33.23 19.26 -36.55
N HIS C 417 -33.66 18.00 -36.54
CA HIS C 417 -33.79 17.21 -35.32
C HIS C 417 -34.69 17.91 -34.31
N GLU C 418 -35.94 18.09 -34.70
CA GLU C 418 -36.94 18.79 -33.89
C GLU C 418 -37.55 17.91 -32.81
N LEU C 419 -37.86 16.65 -33.13
CA LEU C 419 -38.51 15.78 -32.17
C LEU C 419 -37.60 15.45 -30.99
N VAL C 420 -36.31 15.22 -31.25
CA VAL C 420 -35.38 14.92 -30.17
C VAL C 420 -35.23 16.13 -29.25
N LYS C 421 -35.18 17.34 -29.82
CA LYS C 421 -35.13 18.54 -29.01
C LYS C 421 -36.40 18.69 -28.19
N ALA C 422 -37.56 18.36 -28.76
CA ALA C 422 -38.80 18.39 -28.01
C ALA C 422 -38.77 17.42 -26.84
N GLY C 423 -38.25 16.21 -27.08
CA GLY C 423 -38.13 15.25 -26.00
C GLY C 423 -37.20 15.72 -24.90
N LEU C 424 -36.07 16.34 -25.29
CA LEU C 424 -35.16 16.90 -24.29
C LEU C 424 -35.83 18.00 -23.48
N ALA C 425 -36.60 18.86 -24.15
CA ALA C 425 -37.33 19.91 -23.44
C ALA C 425 -38.34 19.32 -22.47
N LEU C 426 -39.05 18.27 -22.89
CA LEU C 426 -40.00 17.61 -22.00
C LEU C 426 -39.30 17.01 -20.79
N ALA C 427 -38.15 16.37 -21.00
CA ALA C 427 -37.43 15.75 -19.90
C ALA C 427 -36.83 16.80 -18.96
N LEU C 428 -36.49 17.98 -19.48
CA LEU C 428 -35.91 19.01 -18.63
C LEU C 428 -36.88 19.46 -17.54
N PHE C 429 -38.15 19.64 -17.88
CA PHE C 429 -39.12 20.10 -16.89
C PHE C 429 -39.41 19.01 -15.87
N GLY C 430 -39.90 17.87 -16.32
CA GLY C 430 -40.27 16.79 -15.43
C GLY C 430 -41.76 16.70 -15.19
N GLY C 431 -42.12 15.78 -14.31
CA GLY C 431 -43.52 15.58 -13.97
C GLY C 431 -43.81 15.77 -12.50
N SER C 432 -44.86 15.14 -12.00
CA SER C 432 -45.27 15.24 -10.61
C SER C 432 -44.89 13.98 -9.85
N GLN C 433 -44.62 14.15 -8.56
CA GLN C 433 -44.27 13.05 -7.67
C GLN C 433 -45.51 12.62 -6.91
N LYS C 434 -45.84 11.33 -6.99
CA LYS C 434 -47.05 10.81 -6.38
C LYS C 434 -46.75 10.26 -4.99
N TYR C 435 -47.36 10.86 -3.97
CA TYR C 435 -47.34 10.36 -2.60
C TYR C 435 -48.64 9.68 -2.23
N ALA C 436 -49.23 8.94 -3.17
CA ALA C 436 -50.51 8.29 -2.91
C ALA C 436 -50.40 7.33 -1.72
N ASP C 437 -51.45 7.31 -0.90
CA ASP C 437 -51.50 6.50 0.32
C ASP C 437 -50.36 6.91 1.26
N ASP C 438 -50.47 8.15 1.75
CA ASP C 438 -49.41 8.79 2.53
C ASP C 438 -48.89 7.92 3.67
N LYS C 439 -49.73 7.06 4.25
CA LYS C 439 -49.30 6.33 5.45
C LYS C 439 -48.22 5.32 5.12
N ASN C 440 -48.32 4.66 3.96
CA ASN C 440 -47.29 3.74 3.50
C ASN C 440 -46.55 4.23 2.27
N ARG C 441 -47.19 5.02 1.41
CA ARG C 441 -46.56 5.69 0.28
C ARG C 441 -45.91 4.72 -0.70
N ILE C 442 -44.66 4.33 -0.44
CA ILE C 442 -43.81 3.67 -1.42
C ILE C 442 -43.79 4.58 -2.64
N PRO C 443 -43.08 5.70 -2.58
CA PRO C 443 -43.20 6.71 -3.64
C PRO C 443 -42.74 6.19 -4.99
N ILE C 444 -43.40 6.69 -6.04
CA ILE C 444 -43.11 6.34 -7.42
C ILE C 444 -42.46 7.55 -8.09
N ARG C 445 -41.41 7.30 -8.86
CA ARG C 445 -40.64 8.38 -9.46
C ARG C 445 -41.50 9.19 -10.43
N GLY C 446 -41.17 10.47 -10.55
CA GLY C 446 -41.94 11.38 -11.37
C GLY C 446 -41.12 12.18 -12.37
N ASP C 447 -40.06 11.57 -12.89
CA ASP C 447 -39.25 12.17 -13.94
C ASP C 447 -38.91 11.12 -14.99
N PRO C 448 -38.71 11.54 -16.25
CA PRO C 448 -38.43 10.55 -17.30
C PRO C 448 -36.96 10.25 -17.49
N HIS C 449 -36.64 9.40 -18.46
CA HIS C 449 -35.27 9.06 -18.82
C HIS C 449 -35.21 8.87 -20.32
N ILE C 450 -34.22 9.49 -20.97
CA ILE C 450 -34.15 9.55 -22.42
C ILE C 450 -32.80 9.04 -22.89
N LEU C 451 -32.82 8.26 -23.98
CA LEU C 451 -31.62 7.73 -24.60
C LEU C 451 -31.68 7.98 -26.10
N VAL C 452 -30.54 8.36 -26.68
CA VAL C 452 -30.45 8.64 -28.11
C VAL C 452 -29.42 7.69 -28.72
N VAL C 453 -29.83 6.96 -29.75
CA VAL C 453 -28.97 6.03 -30.46
C VAL C 453 -29.07 6.31 -31.95
N GLY C 454 -27.94 6.46 -32.61
CA GLY C 454 -27.93 6.73 -34.03
C GLY C 454 -26.53 6.71 -34.59
N ASP C 455 -26.45 6.92 -35.91
CA ASP C 455 -25.18 6.86 -36.60
C ASP C 455 -24.28 8.03 -36.17
N PRO C 456 -22.96 7.85 -36.26
CA PRO C 456 -22.06 8.95 -35.91
C PRO C 456 -22.11 10.06 -36.94
N GLY C 457 -21.76 11.26 -36.50
CA GLY C 457 -21.75 12.42 -37.36
C GLY C 457 -23.06 13.17 -37.47
N LEU C 458 -24.10 12.73 -36.77
CA LEU C 458 -25.39 13.41 -36.81
C LEU C 458 -25.49 14.55 -35.81
N GLY C 459 -24.45 14.78 -35.02
CA GLY C 459 -24.43 15.87 -34.06
C GLY C 459 -24.99 15.56 -32.69
N LYS C 460 -25.08 14.30 -32.30
CA LYS C 460 -25.67 13.95 -31.02
C LYS C 460 -24.66 14.08 -29.89
N SER C 461 -23.97 15.21 -29.82
CA SER C 461 -23.10 15.52 -28.70
C SER C 461 -23.15 16.99 -28.30
N GLN C 462 -23.97 17.80 -28.95
CA GLN C 462 -24.14 19.21 -28.60
C GLN C 462 -25.55 19.54 -28.13
N MET C 463 -26.56 18.83 -28.65
CA MET C 463 -27.90 18.97 -28.10
C MET C 463 -27.98 18.56 -26.65
N LEU C 464 -27.13 17.62 -26.23
CA LEU C 464 -26.99 17.26 -24.82
C LEU C 464 -26.22 18.30 -24.02
N GLN C 465 -25.18 18.89 -24.62
CA GLN C 465 -24.44 19.95 -23.94
C GLN C 465 -25.33 21.15 -23.66
N ALA C 466 -26.12 21.56 -24.66
CA ALA C 466 -27.04 22.68 -24.46
C ALA C 466 -28.08 22.34 -23.39
N ALA C 467 -28.60 21.11 -23.41
CA ALA C 467 -29.59 20.71 -22.41
C ALA C 467 -28.99 20.76 -21.01
N CYS C 468 -27.76 20.28 -20.85
CA CYS C 468 -27.11 20.32 -19.55
C CYS C 468 -26.81 21.75 -19.13
N ASN C 469 -26.52 22.63 -20.08
CA ASN C 469 -26.20 24.02 -19.73
C ASN C 469 -27.40 24.75 -19.14
N VAL C 470 -28.58 24.56 -19.72
CA VAL C 470 -29.79 25.25 -19.27
C VAL C 470 -30.45 24.35 -18.22
N ALA C 471 -29.98 24.47 -16.98
CA ALA C 471 -30.52 23.72 -15.86
C ALA C 471 -30.09 24.36 -14.54
N PRO C 472 -30.96 24.36 -13.53
CA PRO C 472 -30.54 24.90 -12.22
C PRO C 472 -29.33 24.19 -11.64
N ARG C 473 -29.22 22.88 -11.86
CA ARG C 473 -28.07 22.11 -11.37
C ARG C 473 -27.82 20.97 -12.35
N GLY C 474 -26.67 21.00 -13.00
CA GLY C 474 -26.35 19.99 -13.99
C GLY C 474 -24.88 19.60 -13.93
N VAL C 475 -24.62 18.33 -14.26
CA VAL C 475 -23.27 17.78 -14.30
C VAL C 475 -23.13 16.97 -15.57
N TYR C 476 -21.98 17.08 -16.22
CA TYR C 476 -21.67 16.35 -17.45
C TYR C 476 -20.41 15.53 -17.22
N VAL C 477 -20.52 14.22 -17.41
CA VAL C 477 -19.42 13.29 -17.16
C VAL C 477 -19.33 12.30 -18.31
N CYS C 478 -18.10 12.02 -18.75
CA CYS C 478 -17.88 11.02 -19.77
C CYS C 478 -18.03 9.62 -19.19
N GLY C 479 -18.15 8.63 -20.07
CA GLY C 479 -18.32 7.26 -19.65
C GLY C 479 -17.06 6.42 -19.71
N ASN C 480 -15.91 7.08 -19.76
CA ASN C 480 -14.62 6.40 -19.89
C ASN C 480 -13.75 6.51 -18.66
N THR C 481 -13.67 7.68 -18.03
CA THR C 481 -12.80 7.90 -16.89
C THR C 481 -13.50 7.67 -15.55
N THR C 482 -14.76 7.24 -15.58
CA THR C 482 -15.52 7.00 -14.36
C THR C 482 -15.69 5.51 -14.15
N THR C 483 -15.67 5.08 -12.89
CA THR C 483 -15.83 3.69 -12.51
C THR C 483 -17.13 3.52 -11.72
N THR C 484 -17.33 2.31 -11.19
CA THR C 484 -18.50 2.06 -10.36
C THR C 484 -18.50 2.93 -9.12
N SER C 485 -17.33 3.10 -8.50
CA SER C 485 -17.21 3.98 -7.35
C SER C 485 -17.37 5.46 -7.73
N GLY C 486 -17.22 5.79 -9.00
CA GLY C 486 -17.36 7.16 -9.44
C GLY C 486 -18.80 7.58 -9.62
N LEU C 487 -19.57 6.80 -10.39
CA LEU C 487 -20.98 7.11 -10.59
C LEU C 487 -21.76 7.02 -9.28
N THR C 488 -21.50 5.97 -8.50
CA THR C 488 -22.20 5.77 -7.25
C THR C 488 -21.44 6.42 -6.09
N VAL C 489 -21.99 6.32 -4.89
CA VAL C 489 -21.37 6.92 -3.72
C VAL C 489 -20.20 6.05 -3.25
N THR C 490 -19.04 6.69 -3.08
CA THR C 490 -17.86 5.98 -2.62
C THR C 490 -17.31 6.63 -1.36
N ALA C 504 -19.27 10.74 -2.39
CA ALA C 504 -20.14 11.59 -3.19
C ALA C 504 -19.93 11.34 -4.67
N GLY C 505 -20.81 10.54 -5.28
CA GLY C 505 -20.73 10.23 -6.69
C GLY C 505 -21.32 11.32 -7.56
N ALA C 506 -21.34 11.04 -8.86
CA ALA C 506 -21.88 12.00 -9.82
C ALA C 506 -23.39 12.16 -9.64
N LEU C 507 -24.09 11.06 -9.38
CA LEU C 507 -25.56 11.12 -9.31
C LEU C 507 -26.02 11.96 -8.13
N VAL C 508 -25.39 11.81 -6.96
CA VAL C 508 -25.82 12.57 -5.79
C VAL C 508 -25.54 14.05 -5.97
N LEU C 509 -24.45 14.39 -6.66
CA LEU C 509 -24.15 15.80 -6.92
C LEU C 509 -25.17 16.42 -7.86
N GLY C 510 -25.73 15.64 -8.78
CA GLY C 510 -26.74 16.14 -9.70
C GLY C 510 -28.15 15.93 -9.19
N ASP C 511 -28.34 16.07 -7.89
CA ASP C 511 -29.67 15.89 -7.30
C ASP C 511 -30.60 17.02 -7.75
N GLN C 512 -31.83 16.65 -8.07
CA GLN C 512 -32.83 17.58 -8.60
C GLN C 512 -32.28 18.33 -9.82
N GLY C 513 -31.77 17.58 -10.78
CA GLY C 513 -31.21 18.18 -11.97
C GLY C 513 -30.94 17.20 -13.10
N ILE C 514 -29.85 17.43 -13.84
CA ILE C 514 -29.51 16.62 -15.00
C ILE C 514 -28.09 16.09 -14.83
N CYS C 515 -27.91 14.80 -15.07
CA CYS C 515 -26.63 14.11 -14.93
C CYS C 515 -26.30 13.37 -16.22
N GLY C 516 -26.41 14.07 -17.34
CA GLY C 516 -26.20 13.49 -18.65
C GLY C 516 -24.87 12.79 -18.83
N ILE C 517 -24.89 11.58 -19.37
CA ILE C 517 -23.71 10.73 -19.51
C ILE C 517 -23.48 10.46 -20.99
N ASP C 518 -22.25 10.69 -21.44
CA ASP C 518 -21.86 10.47 -22.82
C ASP C 518 -21.04 9.19 -22.96
N GLN C 519 -21.03 8.65 -24.18
CA GLN C 519 -20.32 7.41 -24.50
C GLN C 519 -20.83 6.25 -23.64
N PHE C 520 -22.13 6.01 -23.73
CA PHE C 520 -22.78 5.00 -22.90
C PHE C 520 -22.48 3.58 -23.37
N ASP C 521 -22.14 3.39 -24.64
CA ASP C 521 -21.99 2.04 -25.17
C ASP C 521 -20.71 1.38 -24.67
N LYS C 522 -19.67 2.17 -24.39
CA LYS C 522 -18.39 1.59 -24.01
C LYS C 522 -18.45 0.92 -22.63
N MET C 523 -19.39 1.35 -21.78
CA MET C 523 -19.53 0.73 -20.47
C MET C 523 -19.93 -0.73 -20.62
N GLY C 524 -19.23 -1.61 -19.92
CA GLY C 524 -19.54 -3.02 -19.96
C GLY C 524 -19.55 -3.68 -18.59
N ASN C 525 -19.06 -2.97 -17.58
CA ASN C 525 -18.99 -3.49 -16.22
C ASN C 525 -19.81 -2.71 -15.21
N GLN C 526 -20.14 -1.44 -15.49
CA GLN C 526 -20.90 -0.61 -14.57
C GLN C 526 -22.38 -0.58 -14.89
N HIS C 527 -22.84 -1.42 -15.82
CA HIS C 527 -24.26 -1.41 -16.20
C HIS C 527 -25.15 -1.76 -15.01
N GLN C 528 -24.76 -2.77 -14.23
CA GLN C 528 -25.58 -3.29 -13.16
C GLN C 528 -25.45 -2.48 -11.86
N ALA C 529 -24.87 -1.29 -11.93
CA ALA C 529 -24.71 -0.42 -10.77
C ALA C 529 -25.61 0.81 -10.83
N LEU C 530 -26.54 0.87 -11.78
CA LEU C 530 -27.41 2.02 -11.91
C LEU C 530 -28.90 1.68 -11.99
N LEU C 531 -29.26 0.41 -12.26
CA LEU C 531 -30.67 0.05 -12.31
C LEU C 531 -31.36 0.35 -10.98
N GLU C 532 -30.77 -0.11 -9.88
CA GLU C 532 -31.31 0.18 -8.56
C GLU C 532 -31.36 1.68 -8.30
N ALA C 533 -30.31 2.41 -8.72
CA ALA C 533 -30.24 3.84 -8.43
C ALA C 533 -31.35 4.61 -9.13
N MET C 534 -31.63 4.30 -10.40
CA MET C 534 -32.64 5.08 -11.11
C MET C 534 -34.04 4.52 -10.89
N GLU C 535 -34.16 3.28 -10.40
CA GLU C 535 -35.47 2.72 -10.14
C GLU C 535 -35.95 3.04 -8.72
N GLN C 536 -35.18 2.61 -7.72
CA GLN C 536 -35.60 2.80 -6.33
C GLN C 536 -35.54 4.26 -5.89
N GLN C 537 -34.96 5.14 -6.71
CA GLN C 537 -34.90 6.57 -6.42
C GLN C 537 -34.12 6.85 -5.14
N SER C 538 -33.21 5.95 -4.80
CA SER C 538 -32.36 6.11 -3.63
C SER C 538 -31.13 5.23 -3.79
N ILE C 539 -30.07 5.58 -3.05
CA ILE C 539 -28.83 4.82 -3.08
C ILE C 539 -28.33 4.67 -1.64
N SER C 540 -27.90 3.46 -1.29
CA SER C 540 -27.38 3.17 0.02
C SER C 540 -25.85 3.19 0.00
N LEU C 541 -25.25 2.83 1.13
CA LEU C 541 -23.79 2.81 1.22
C LEU C 541 -23.23 1.67 0.37
N ALA C 542 -22.07 1.93 -0.23
CA ALA C 542 -21.39 0.96 -1.07
C ALA C 542 -20.43 0.07 -0.29
N LYS C 543 -20.31 0.28 1.01
CA LYS C 543 -19.43 -0.53 1.88
C LYS C 543 -20.29 -1.60 2.54
N ALA C 544 -20.40 -2.75 1.86
CA ALA C 544 -21.14 -3.92 2.32
C ALA C 544 -22.64 -3.66 2.47
N GLY C 545 -23.13 -2.51 2.00
CA GLY C 545 -24.55 -2.20 2.10
C GLY C 545 -25.05 -2.09 3.52
N VAL C 546 -24.27 -1.47 4.41
CA VAL C 546 -24.65 -1.32 5.81
C VAL C 546 -25.39 0.01 5.93
N VAL C 547 -26.71 -0.06 5.67
CA VAL C 547 -27.65 1.06 5.69
C VAL C 547 -27.00 2.36 5.21
N CYS C 548 -27.28 3.46 5.91
CA CYS C 548 -26.73 4.78 5.59
C CYS C 548 -27.08 5.18 4.16
N SER C 549 -28.38 5.27 3.89
CA SER C 549 -28.89 5.67 2.59
C SER C 549 -28.95 7.19 2.50
N LEU C 550 -29.01 7.68 1.26
CA LEU C 550 -29.09 9.11 1.00
C LEU C 550 -29.85 9.33 -0.30
N PRO C 551 -30.68 10.37 -0.38
CA PRO C 551 -31.50 10.57 -1.58
C PRO C 551 -30.66 10.91 -2.80
N ALA C 552 -31.18 10.53 -3.96
CA ALA C 552 -30.53 10.84 -5.24
C ALA C 552 -31.61 10.85 -6.31
N ARG C 553 -32.04 12.05 -6.71
CA ARG C 553 -33.05 12.23 -7.74
C ARG C 553 -32.36 12.73 -9.00
N THR C 554 -32.28 11.85 -10.00
CA THR C 554 -31.52 12.11 -11.21
C THR C 554 -32.36 11.75 -12.43
N SER C 555 -32.08 12.45 -13.54
CA SER C 555 -32.84 12.36 -14.78
C SER C 555 -31.92 11.99 -15.94
N ILE C 556 -31.17 10.91 -15.76
CA ILE C 556 -30.08 10.48 -16.65
C ILE C 556 -30.43 10.62 -18.12
N ILE C 557 -29.56 11.30 -18.87
CA ILE C 557 -29.68 11.46 -20.31
C ILE C 557 -28.42 10.88 -20.93
N ALA C 558 -28.59 9.94 -21.85
CA ALA C 558 -27.46 9.22 -22.42
C ALA C 558 -27.55 9.21 -23.95
N ALA C 559 -26.38 9.22 -24.58
CA ALA C 559 -26.26 9.13 -26.02
C ALA C 559 -25.28 8.02 -26.36
N ALA C 560 -25.67 7.16 -27.30
CA ALA C 560 -24.88 5.98 -27.60
C ALA C 560 -24.86 5.75 -29.12
N ASN C 561 -23.87 4.98 -29.55
CA ASN C 561 -23.34 4.50 -30.81
C ASN C 561 -23.60 3.01 -30.97
N PRO C 562 -24.15 2.56 -32.10
CA PRO C 562 -24.28 1.12 -32.33
C PRO C 562 -22.93 0.42 -32.30
N VAL C 563 -22.98 -0.89 -32.02
CA VAL C 563 -21.75 -1.65 -31.77
C VAL C 563 -20.88 -1.73 -33.02
N GLY C 564 -21.48 -1.91 -34.19
CA GLY C 564 -20.70 -2.07 -35.41
C GLY C 564 -20.48 -0.79 -36.18
N GLY C 565 -20.22 0.31 -35.47
CA GLY C 565 -20.07 1.60 -36.11
C GLY C 565 -21.36 2.04 -36.78
N HIS C 566 -21.36 2.06 -38.12
CA HIS C 566 -22.59 2.34 -38.85
C HIS C 566 -23.59 1.20 -38.64
N TYR C 567 -24.86 1.57 -38.52
CA TYR C 567 -25.94 0.61 -38.27
C TYR C 567 -26.51 0.15 -39.60
N ASN C 568 -26.40 -1.15 -39.86
CA ASN C 568 -26.93 -1.73 -41.09
C ASN C 568 -28.46 -1.78 -41.05
N LYS C 569 -29.06 -1.82 -42.23
CA LYS C 569 -30.52 -1.76 -42.37
C LYS C 569 -31.17 -3.12 -42.49
N ALA C 570 -30.39 -4.21 -42.52
CA ALA C 570 -30.93 -5.57 -42.62
C ALA C 570 -30.35 -6.37 -41.45
N LYS C 571 -31.02 -6.28 -40.31
CA LYS C 571 -30.63 -6.99 -39.10
C LYS C 571 -31.79 -6.80 -38.11
N THR C 572 -31.62 -7.24 -36.86
CA THR C 572 -32.64 -7.07 -35.85
C THR C 572 -32.20 -5.99 -34.87
N VAL C 573 -33.18 -5.34 -34.24
CA VAL C 573 -32.90 -4.19 -33.39
C VAL C 573 -32.10 -4.58 -32.16
N SER C 574 -32.39 -5.75 -31.59
CA SER C 574 -31.72 -6.15 -30.35
C SER C 574 -30.23 -6.39 -30.55
N GLU C 575 -29.83 -7.00 -31.66
CA GLU C 575 -28.43 -7.31 -31.87
C GLU C 575 -27.61 -6.05 -32.16
N ASN C 576 -28.24 -5.02 -32.74
CA ASN C 576 -27.53 -3.78 -33.05
C ASN C 576 -27.45 -2.83 -31.87
N LEU C 577 -27.79 -3.29 -30.67
CA LEU C 577 -27.78 -2.41 -29.51
C LEU C 577 -26.93 -2.97 -28.38
N LYS C 578 -26.79 -4.30 -28.35
CA LYS C 578 -26.02 -4.99 -27.31
C LYS C 578 -26.51 -4.60 -25.92
N MET C 579 -27.82 -4.77 -25.73
CA MET C 579 -28.46 -4.45 -24.46
C MET C 579 -29.53 -5.49 -24.18
N GLY C 580 -29.65 -5.87 -22.91
CA GLY C 580 -30.66 -6.83 -22.50
C GLY C 580 -32.03 -6.20 -22.35
N SER C 581 -32.99 -7.04 -21.98
CA SER C 581 -34.36 -6.60 -21.79
C SER C 581 -34.57 -5.89 -20.45
N ALA C 582 -33.56 -5.86 -19.59
CA ALA C 582 -33.66 -5.20 -18.30
C ALA C 582 -33.27 -3.73 -18.36
N LEU C 583 -32.21 -3.38 -19.09
CA LEU C 583 -31.76 -2.00 -19.20
C LEU C 583 -32.36 -1.27 -20.39
N LEU C 584 -33.13 -1.96 -21.23
CA LEU C 584 -33.76 -1.33 -22.39
C LEU C 584 -35.20 -0.89 -22.10
N SER C 585 -35.85 -1.49 -21.11
CA SER C 585 -37.25 -1.17 -20.81
C SER C 585 -37.41 -0.03 -19.83
N ARG C 586 -36.41 0.24 -18.98
CA ARG C 586 -36.54 1.34 -18.01
C ARG C 586 -36.63 2.68 -18.69
N PHE C 587 -35.86 2.89 -19.77
CA PHE C 587 -35.92 4.16 -20.47
C PHE C 587 -37.28 4.34 -21.14
N ASP C 588 -37.82 5.55 -21.02
CA ASP C 588 -39.13 5.83 -21.60
C ASP C 588 -39.08 5.88 -23.12
N LEU C 589 -38.09 6.59 -23.67
CA LEU C 589 -37.98 6.78 -25.11
C LEU C 589 -36.54 6.53 -25.53
N VAL C 590 -36.35 5.84 -26.66
CA VAL C 590 -35.04 5.62 -27.24
C VAL C 590 -35.12 5.97 -28.73
N PHE C 591 -34.73 7.20 -29.06
CA PHE C 591 -34.76 7.64 -30.45
C PHE C 591 -33.72 6.91 -31.28
N ILE C 592 -34.12 6.53 -32.49
CA ILE C 592 -33.23 5.91 -33.46
C ILE C 592 -33.12 6.87 -34.65
N LEU C 593 -31.91 7.29 -34.96
CA LEU C 593 -31.65 8.23 -36.03
C LEU C 593 -30.85 7.54 -37.13
N LEU C 594 -31.21 7.83 -38.39
CA LEU C 594 -30.53 7.27 -39.53
C LEU C 594 -29.94 8.40 -40.38
N ASP C 595 -28.92 8.05 -41.15
CA ASP C 595 -28.23 9.00 -42.02
C ASP C 595 -28.39 8.51 -43.46
N THR C 596 -29.25 9.19 -44.22
CA THR C 596 -29.51 8.82 -45.61
C THR C 596 -29.18 10.00 -46.52
N PRO C 597 -28.65 9.73 -47.72
CA PRO C 597 -28.24 10.80 -48.64
C PRO C 597 -29.40 11.39 -49.45
N ASN C 598 -30.10 12.34 -48.85
CA ASN C 598 -31.19 13.03 -49.52
C ASN C 598 -30.62 14.10 -50.45
N GLU C 599 -31.49 14.88 -51.09
CA GLU C 599 -31.08 15.90 -52.04
C GLU C 599 -31.48 17.30 -51.59
N HIS C 600 -32.59 17.43 -50.86
CA HIS C 600 -33.00 18.74 -50.37
C HIS C 600 -32.43 19.01 -48.98
N HIS C 601 -32.49 18.01 -48.10
CA HIS C 601 -32.04 18.21 -46.73
C HIS C 601 -30.57 18.54 -46.67
N ASP C 602 -29.73 17.82 -47.42
CA ASP C 602 -28.30 18.11 -47.44
C ASP C 602 -28.03 19.47 -48.07
N HIS C 603 -28.81 19.84 -49.09
CA HIS C 603 -28.63 21.14 -49.73
C HIS C 603 -28.91 22.26 -48.74
N LEU C 604 -29.96 22.14 -47.93
CA LEU C 604 -30.25 23.15 -46.93
C LEU C 604 -29.21 23.15 -45.81
N LEU C 605 -28.80 21.96 -45.37
CA LEU C 605 -27.85 21.85 -44.27
C LEU C 605 -26.50 22.44 -44.63
N SER C 606 -26.03 22.21 -45.86
CA SER C 606 -24.77 22.77 -46.30
C SER C 606 -24.84 24.30 -46.35
N GLU C 607 -25.96 24.84 -46.84
CA GLU C 607 -26.11 26.29 -46.86
C GLU C 607 -26.12 26.86 -45.45
N HIS C 608 -26.79 26.17 -44.52
CA HIS C 608 -26.79 26.64 -43.13
C HIS C 608 -25.39 26.61 -42.53
N VAL C 609 -24.64 25.53 -42.78
CA VAL C 609 -23.33 25.39 -42.14
C VAL C 609 -22.29 26.31 -42.78
N ILE C 610 -22.51 26.74 -44.03
CA ILE C 610 -21.62 27.74 -44.61
C ILE C 610 -22.06 29.16 -44.27
N ALA C 611 -23.34 29.38 -43.96
CA ALA C 611 -23.79 30.69 -43.52
C ALA C 611 -23.40 30.96 -42.07
N ILE C 612 -23.37 29.93 -41.23
CA ILE C 612 -22.99 30.13 -39.83
C ILE C 612 -21.52 30.54 -39.73
N ARG C 613 -20.72 30.21 -40.74
CA ARG C 613 -19.31 30.56 -40.78
C ARG C 613 -19.06 31.80 -41.64
N ALA C 614 -19.99 32.74 -41.64
CA ALA C 614 -19.85 33.97 -42.42
C ALA C 614 -20.55 35.13 -41.74
N LYS C 644 -52.63 19.05 -38.60
CA LYS C 644 -51.27 18.74 -39.01
C LYS C 644 -50.51 18.01 -37.89
N PRO C 645 -49.72 17.01 -38.25
CA PRO C 645 -48.95 16.28 -37.24
C PRO C 645 -47.87 17.16 -36.63
N LEU C 646 -47.36 16.72 -35.48
CA LEU C 646 -46.36 17.49 -34.76
C LEU C 646 -44.98 17.28 -35.37
N SER C 647 -44.88 17.49 -36.68
CA SER C 647 -43.59 17.45 -37.37
C SER C 647 -43.41 18.59 -38.35
N GLU C 648 -44.47 19.31 -38.72
CA GLU C 648 -44.36 20.46 -39.61
C GLU C 648 -44.77 21.76 -38.95
N ARG C 649 -45.67 21.72 -37.97
CA ARG C 649 -46.05 22.92 -37.23
C ARG C 649 -44.92 23.45 -36.35
N LEU C 650 -43.92 22.63 -36.05
CA LEU C 650 -42.79 23.05 -35.24
C LEU C 650 -41.66 23.63 -36.07
N LYS C 651 -41.61 23.29 -37.37
CA LYS C 651 -40.55 23.80 -38.23
C LYS C 651 -40.75 25.29 -38.51
N VAL C 652 -39.69 25.92 -39.00
CA VAL C 652 -39.71 27.33 -39.35
C VAL C 652 -39.48 27.46 -40.85
N VAL C 653 -40.45 28.03 -41.54
CA VAL C 653 -40.29 28.32 -42.97
C VAL C 653 -39.42 29.56 -43.12
N PRO C 654 -38.62 29.67 -44.18
CA PRO C 654 -37.84 30.90 -44.37
C PRO C 654 -38.74 32.11 -44.55
N GLY C 655 -38.30 33.25 -44.00
CA GLY C 655 -38.99 34.50 -44.22
C GLY C 655 -39.58 35.16 -42.99
N GLU C 656 -39.16 34.74 -41.80
CA GLU C 656 -39.63 35.39 -40.58
C GLU C 656 -38.57 35.23 -39.49
N THR C 657 -38.72 36.02 -38.42
CA THR C 657 -37.79 36.03 -37.31
C THR C 657 -38.31 35.15 -36.18
N ILE C 658 -37.41 34.36 -35.60
CA ILE C 658 -37.75 33.43 -34.53
C ILE C 658 -36.81 33.63 -33.35
N ASP C 659 -36.35 34.88 -33.15
CA ASP C 659 -35.31 35.25 -32.20
C ASP C 659 -35.45 34.49 -30.88
N PRO C 660 -34.46 33.68 -30.52
CA PRO C 660 -34.58 32.85 -29.32
C PRO C 660 -34.47 33.68 -28.04
N ILE C 661 -35.04 33.13 -26.98
CA ILE C 661 -34.86 33.72 -25.65
C ILE C 661 -33.42 33.47 -25.20
N PRO C 662 -32.75 34.45 -24.60
CA PRO C 662 -31.41 34.19 -24.06
C PRO C 662 -31.45 33.09 -23.01
N HIS C 663 -30.39 32.28 -22.97
CA HIS C 663 -30.36 31.14 -22.06
C HIS C 663 -30.35 31.58 -20.60
N GLN C 664 -29.80 32.77 -20.31
CA GLN C 664 -29.79 33.26 -18.95
C GLN C 664 -31.21 33.44 -18.42
N LEU C 665 -32.10 34.00 -19.26
CA LEU C 665 -33.49 34.17 -18.84
C LEU C 665 -34.22 32.83 -18.77
N LEU C 666 -33.96 31.92 -19.71
CA LEU C 666 -34.62 30.62 -19.70
C LEU C 666 -34.19 29.78 -18.51
N ARG C 667 -32.98 29.98 -17.98
CA ARG C 667 -32.54 29.23 -16.82
C ARG C 667 -33.37 29.55 -15.58
N LYS C 668 -33.77 30.81 -15.42
CA LYS C 668 -34.54 31.24 -14.25
C LYS C 668 -36.03 30.96 -14.42
N TYR C 669 -36.45 30.57 -15.62
CA TYR C 669 -37.84 30.17 -15.89
C TYR C 669 -38.14 28.75 -15.43
N ILE C 670 -37.20 27.83 -15.62
CA ILE C 670 -37.40 26.45 -15.18
C ILE C 670 -37.52 26.40 -13.66
N GLY C 671 -36.72 27.21 -12.96
CA GLY C 671 -36.80 27.23 -11.51
C GLY C 671 -38.17 27.64 -11.00
N TYR C 672 -38.76 28.66 -11.63
CA TYR C 672 -40.11 29.06 -11.25
C TYR C 672 -41.13 28.00 -11.65
N ALA C 673 -40.97 27.39 -12.83
CA ALA C 673 -41.93 26.40 -13.29
C ALA C 673 -41.84 25.10 -12.51
N ARG C 674 -40.77 24.89 -11.74
CA ARG C 674 -40.54 23.65 -11.03
C ARG C 674 -41.09 23.64 -9.62
N GLN C 675 -41.17 24.80 -8.95
CA GLN C 675 -41.58 24.81 -7.55
C GLN C 675 -42.85 25.64 -7.31
N TYR C 676 -43.68 25.86 -8.34
CA TYR C 676 -44.91 26.61 -8.14
C TYR C 676 -46.11 26.01 -8.86
N VAL C 677 -45.95 24.95 -9.64
CA VAL C 677 -47.07 24.35 -10.37
C VAL C 677 -46.98 22.84 -10.27
N TYR C 678 -48.10 22.21 -9.91
CA TYR C 678 -48.19 20.76 -9.84
C TYR C 678 -49.31 20.27 -10.75
N PRO C 679 -49.01 19.68 -11.90
CA PRO C 679 -50.07 19.26 -12.82
C PRO C 679 -50.84 18.07 -12.30
N ARG C 680 -52.07 17.94 -12.81
CA ARG C 680 -52.94 16.83 -12.45
C ARG C 680 -53.70 16.39 -13.69
N LEU C 681 -53.82 15.08 -13.87
CA LEU C 681 -54.54 14.54 -15.03
C LEU C 681 -56.04 14.77 -14.89
N SER C 682 -56.71 14.97 -16.02
CA SER C 682 -58.15 15.14 -16.08
C SER C 682 -58.80 13.88 -16.64
N THR C 683 -60.13 13.81 -16.46
CA THR C 683 -60.87 12.62 -16.88
C THR C 683 -60.83 12.44 -18.40
N GLU C 684 -60.94 13.54 -19.14
CA GLU C 684 -61.00 13.45 -20.60
C GLU C 684 -59.72 12.87 -21.19
N ALA C 685 -58.57 13.28 -20.67
CA ALA C 685 -57.29 12.86 -21.26
C ALA C 685 -56.98 11.40 -21.00
N ALA C 686 -57.46 10.85 -19.88
CA ALA C 686 -57.10 9.48 -19.51
C ALA C 686 -57.64 8.46 -20.49
N ARG C 687 -58.77 8.75 -21.13
CA ARG C 687 -59.38 7.79 -22.05
C ARG C 687 -58.46 7.52 -23.24
N VAL C 688 -57.82 8.56 -23.78
CA VAL C 688 -56.95 8.39 -24.92
C VAL C 688 -55.74 7.51 -24.56
N LEU C 689 -55.15 7.76 -23.39
CA LEU C 689 -54.00 6.96 -22.96
C LEU C 689 -54.42 5.51 -22.74
N GLN C 690 -55.57 5.28 -22.10
CA GLN C 690 -56.04 3.92 -21.88
C GLN C 690 -56.28 3.20 -23.20
N ASP C 691 -56.91 3.89 -24.15
CA ASP C 691 -57.14 3.30 -25.46
C ASP C 691 -55.83 2.94 -26.14
N PHE C 692 -54.87 3.88 -26.16
CA PHE C 692 -53.58 3.60 -26.78
C PHE C 692 -52.91 2.40 -26.15
N TYR C 693 -52.94 2.30 -24.82
CA TYR C 693 -52.35 1.16 -24.14
C TYR C 693 -53.05 -0.14 -24.55
N LEU C 694 -54.38 -0.07 -24.71
CA LEU C 694 -55.13 -1.26 -25.10
C LEU C 694 -54.74 -1.76 -26.49
N GLU C 695 -54.72 -0.88 -27.51
CA GLU C 695 -54.29 -1.41 -28.81
C GLU C 695 -52.80 -1.71 -28.85
N LEU C 696 -52.00 -1.11 -27.97
CA LEU C 696 -50.59 -1.48 -27.92
C LEU C 696 -50.41 -2.91 -27.42
N ARG C 697 -51.19 -3.29 -26.39
CA ARG C 697 -51.03 -4.62 -25.80
C ARG C 697 -51.45 -5.72 -26.78
N LYS C 698 -52.61 -5.55 -27.43
CA LYS C 698 -53.11 -6.59 -28.31
C LYS C 698 -52.27 -6.75 -29.57
N GLN C 699 -51.48 -5.75 -29.92
CA GLN C 699 -50.57 -5.86 -31.05
C GLN C 699 -49.18 -6.34 -30.65
N SER C 700 -48.71 -5.99 -29.45
CA SER C 700 -47.47 -6.55 -28.95
C SER C 700 -47.61 -8.01 -28.52
N GLN C 701 -48.85 -8.49 -28.35
CA GLN C 701 -49.04 -9.90 -28.02
C GLN C 701 -48.47 -10.81 -29.10
N ARG C 702 -48.71 -10.48 -30.38
CA ARG C 702 -48.30 -11.32 -31.49
C ARG C 702 -46.94 -10.91 -32.06
N LEU C 703 -46.74 -9.62 -32.31
CA LEU C 703 -45.51 -9.16 -32.93
C LEU C 703 -44.33 -9.28 -31.97
N ASN C 704 -43.13 -9.28 -32.54
CA ASN C 704 -41.89 -9.41 -31.79
C ASN C 704 -41.28 -8.03 -31.58
N SER C 705 -41.11 -7.65 -30.32
CA SER C 705 -40.49 -6.38 -29.94
C SER C 705 -40.21 -6.45 -28.44
N SER C 706 -39.78 -5.32 -27.88
CA SER C 706 -39.63 -5.23 -26.44
C SER C 706 -40.98 -5.43 -25.78
N PRO C 707 -41.10 -6.31 -24.79
CA PRO C 707 -42.40 -6.56 -24.17
C PRO C 707 -43.00 -5.30 -23.57
N ILE C 708 -44.30 -5.11 -23.77
CA ILE C 708 -45.01 -3.93 -23.27
C ILE C 708 -45.49 -4.26 -21.86
N THR C 709 -44.74 -3.80 -20.86
CA THR C 709 -45.08 -4.03 -19.47
C THR C 709 -46.07 -2.96 -19.01
N THR C 710 -46.31 -2.89 -17.71
CA THR C 710 -47.15 -1.84 -17.15
C THR C 710 -46.42 -0.52 -16.98
N ARG C 711 -45.12 -0.48 -17.28
CA ARG C 711 -44.37 0.76 -17.16
C ARG C 711 -44.73 1.75 -18.26
N GLN C 712 -45.22 1.26 -19.40
CA GLN C 712 -45.55 2.15 -20.51
C GLN C 712 -46.69 3.10 -20.14
N LEU C 713 -47.72 2.59 -19.47
CA LEU C 713 -48.83 3.46 -19.06
C LEU C 713 -48.37 4.51 -18.05
N GLU C 714 -47.54 4.12 -17.09
CA GLU C 714 -47.03 5.08 -16.12
C GLU C 714 -46.16 6.13 -16.80
N SER C 715 -45.34 5.72 -17.77
CA SER C 715 -44.54 6.68 -18.53
C SER C 715 -45.42 7.64 -19.32
N LEU C 716 -46.49 7.13 -19.94
CA LEU C 716 -47.41 8.00 -20.66
C LEU C 716 -48.06 9.00 -19.73
N ILE C 717 -48.46 8.57 -18.53
CA ILE C 717 -49.03 9.49 -17.55
C ILE C 717 -48.00 10.54 -17.17
N ARG C 718 -46.75 10.12 -16.93
CA ARG C 718 -45.71 11.06 -16.55
C ARG C 718 -45.44 12.09 -17.62
N LEU C 719 -45.39 11.67 -18.89
CA LEU C 719 -45.14 12.60 -19.99
C LEU C 719 -46.34 13.50 -20.27
N THR C 720 -47.57 13.02 -20.11
CA THR C 720 -48.72 13.90 -20.23
C THR C 720 -48.74 14.92 -19.10
N GLU C 721 -48.32 14.53 -17.90
CA GLU C 721 -48.11 15.51 -16.84
C GLU C 721 -47.02 16.50 -17.22
N ALA C 722 -45.99 16.04 -17.94
CA ALA C 722 -44.92 16.92 -18.37
C ALA C 722 -45.44 18.00 -19.33
N ARG C 723 -46.35 17.63 -20.23
CA ARG C 723 -46.92 18.61 -21.15
C ARG C 723 -48.05 19.36 -20.44
N ALA C 724 -47.76 19.81 -19.22
CA ALA C 724 -48.60 20.77 -18.52
C ALA C 724 -47.79 21.76 -17.70
N ARG C 725 -46.46 21.65 -17.71
CA ARG C 725 -45.60 22.50 -16.91
C ARG C 725 -44.78 23.46 -17.74
N LEU C 726 -44.70 23.24 -19.06
CA LEU C 726 -44.01 24.16 -19.94
C LEU C 726 -44.85 25.41 -20.21
N GLU C 727 -46.17 25.25 -20.26
CA GLU C 727 -47.09 26.37 -20.48
C GLU C 727 -47.59 27.00 -19.19
N LEU C 728 -47.10 26.53 -18.04
CA LEU C 728 -47.46 27.08 -16.73
C LEU C 728 -48.97 27.02 -16.50
N ARG C 729 -49.48 25.80 -16.48
CA ARG C 729 -50.89 25.51 -16.26
C ARG C 729 -51.03 24.31 -15.34
N GLU C 730 -52.23 24.13 -14.76
CA GLU C 730 -52.53 22.95 -13.96
C GLU C 730 -53.83 22.34 -14.47
N GLU C 731 -53.72 21.55 -15.54
CA GLU C 731 -54.84 20.85 -16.17
C GLU C 731 -54.29 19.71 -17.02
N ALA C 732 -55.19 18.97 -17.67
CA ALA C 732 -54.79 17.97 -18.66
C ALA C 732 -55.91 17.89 -19.70
N THR C 733 -55.78 18.70 -20.74
CA THR C 733 -56.81 18.75 -21.78
C THR C 733 -56.47 17.78 -22.91
N LYS C 734 -57.39 17.68 -23.88
CA LYS C 734 -57.31 16.63 -24.88
C LYS C 734 -56.07 16.76 -25.77
N GLU C 735 -55.77 17.98 -26.24
CA GLU C 735 -54.63 18.12 -27.14
C GLU C 735 -53.31 17.90 -26.39
N ASP C 736 -53.30 18.17 -25.09
CA ASP C 736 -52.11 17.87 -24.30
C ASP C 736 -51.80 16.38 -24.33
N ALA C 737 -52.82 15.53 -24.20
CA ALA C 737 -52.64 14.09 -24.30
C ALA C 737 -52.42 13.63 -25.73
N GLU C 738 -52.97 14.33 -26.72
CA GLU C 738 -52.76 13.98 -28.12
C GLU C 738 -51.37 14.33 -28.60
N ASP C 739 -50.70 15.29 -27.96
CA ASP C 739 -49.34 15.65 -28.31
C ASP C 739 -48.31 14.62 -27.85
N ILE C 740 -48.72 13.64 -27.06
CA ILE C 740 -47.80 12.64 -26.51
C ILE C 740 -47.96 11.29 -27.20
N VAL C 741 -48.95 11.16 -28.08
CA VAL C 741 -49.15 9.90 -28.81
C VAL C 741 -48.38 9.96 -30.12
N GLU C 742 -48.02 11.17 -30.54
CA GLU C 742 -47.24 11.33 -31.76
C GLU C 742 -45.74 11.33 -31.50
N ILE C 743 -45.28 11.96 -30.41
CA ILE C 743 -43.89 11.82 -30.01
C ILE C 743 -43.58 10.39 -29.58
N MET C 744 -44.53 9.71 -28.94
CA MET C 744 -44.34 8.30 -28.57
C MET C 744 -44.15 7.43 -29.82
N LYS C 745 -44.77 7.79 -30.93
CA LYS C 745 -44.64 7.00 -32.14
C LYS C 745 -43.39 7.39 -32.92
N TYR C 746 -42.25 7.45 -32.23
CA TYR C 746 -40.97 7.64 -32.88
C TYR C 746 -39.89 6.69 -32.38
N SER C 747 -40.11 6.01 -31.26
CA SER C 747 -39.32 4.86 -30.85
C SER C 747 -40.14 3.57 -30.79
N MET C 748 -41.45 3.69 -30.61
CA MET C 748 -42.42 2.59 -30.60
C MET C 748 -42.79 2.25 -32.04
N LEU C 749 -43.95 1.61 -32.22
CA LEU C 749 -44.44 1.08 -33.49
C LEU C 749 -44.09 1.92 -34.70
N GLY C 750 -44.11 3.26 -34.56
CA GLY C 750 -43.76 4.11 -35.67
C GLY C 750 -42.34 3.92 -36.18
N THR C 751 -41.54 3.11 -35.48
CA THR C 751 -40.14 2.92 -35.84
C THR C 751 -39.69 1.46 -35.90
N TYR C 752 -40.40 0.53 -35.27
CA TYR C 752 -39.92 -0.85 -35.21
C TYR C 752 -39.74 -1.44 -36.60
N SER C 753 -40.51 -0.97 -37.58
CA SER C 753 -40.44 -1.48 -38.94
C SER C 753 -39.10 -1.13 -39.59
N MET D 1 48.91 -5.51 40.44
CA MET D 1 49.91 -6.56 40.27
C MET D 1 51.25 -6.12 40.86
N ASN D 2 52.12 -7.09 41.12
CA ASN D 2 53.42 -6.79 41.70
C ASN D 2 54.36 -6.18 40.65
N SER D 3 55.38 -5.48 41.15
CA SER D 3 56.27 -4.73 40.28
C SER D 3 57.17 -5.65 39.46
N ASP D 4 57.69 -6.72 40.07
CA ASP D 4 58.61 -7.60 39.36
C ASP D 4 57.90 -8.44 38.29
N GLN D 5 56.61 -8.74 38.51
CA GLN D 5 55.88 -9.60 37.59
C GLN D 5 55.79 -8.98 36.20
N VAL D 6 55.46 -7.68 36.14
CA VAL D 6 55.31 -7.02 34.85
C VAL D 6 56.65 -6.93 34.13
N THR D 7 57.73 -6.70 34.87
CA THR D 7 59.06 -6.68 34.27
C THR D 7 59.40 -8.04 33.67
N LEU D 8 59.12 -9.11 34.40
CA LEU D 8 59.40 -10.45 33.87
C LEU D 8 58.56 -10.75 32.64
N VAL D 9 57.29 -10.36 32.66
CA VAL D 9 56.40 -10.58 31.52
C VAL D 9 56.91 -9.82 30.29
N GLY D 10 57.30 -8.56 30.48
CA GLY D 10 57.83 -7.78 29.37
C GLY D 10 59.11 -8.38 28.83
N GLN D 11 59.97 -8.87 29.72
CA GLN D 11 61.19 -9.53 29.27
C GLN D 11 60.88 -10.77 28.44
N VAL D 12 59.87 -11.55 28.87
CA VAL D 12 59.52 -12.76 28.14
C VAL D 12 59.05 -12.42 26.74
N PHE D 13 58.11 -11.47 26.62
CA PHE D 13 57.64 -11.09 25.29
C PHE D 13 58.75 -10.49 24.42
N GLU D 14 59.60 -9.63 25.00
CA GLU D 14 60.63 -9.02 24.18
C GLU D 14 61.63 -10.06 23.69
N SER D 15 61.98 -11.03 24.54
CA SER D 15 62.87 -12.10 24.11
C SER D 15 62.23 -12.94 23.00
N TYR D 16 60.95 -13.28 23.15
CA TYR D 16 60.30 -14.09 22.14
C TYR D 16 60.23 -13.36 20.80
N VAL D 17 59.83 -12.09 20.82
CA VAL D 17 59.68 -11.35 19.57
C VAL D 17 61.04 -11.08 18.94
N SER D 18 62.09 -10.94 19.75
CA SER D 18 63.43 -10.76 19.19
C SER D 18 63.93 -12.04 18.55
N GLU D 19 63.67 -13.19 19.18
CA GLU D 19 64.24 -14.43 18.69
C GLU D 19 63.50 -14.96 17.46
N TYR D 20 62.16 -14.82 17.40
CA TYR D 20 61.40 -15.50 16.37
C TYR D 20 60.60 -14.57 15.47
N HIS D 21 60.74 -13.26 15.63
CA HIS D 21 59.93 -12.32 14.85
C HIS D 21 60.79 -11.17 14.33
N LYS D 22 61.90 -11.51 13.68
CA LYS D 22 62.76 -10.48 13.11
C LYS D 22 62.31 -10.04 11.72
N ASN D 23 61.84 -10.98 10.91
CA ASN D 23 61.52 -10.68 9.52
C ASN D 23 60.34 -9.71 9.41
N ASP D 24 59.29 -9.95 10.19
CA ASP D 24 58.12 -9.07 10.14
C ASP D 24 58.47 -7.67 10.64
N ILE D 25 59.30 -7.58 11.70
CA ILE D 25 59.72 -6.28 12.19
C ILE D 25 60.53 -5.55 11.13
N LEU D 26 61.43 -6.26 10.44
CA LEU D 26 62.22 -5.63 9.38
C LEU D 26 61.32 -5.14 8.25
N LEU D 27 60.31 -5.93 7.88
CA LEU D 27 59.38 -5.51 6.84
C LEU D 27 58.60 -4.27 7.28
N ILE D 28 58.17 -4.23 8.54
CA ILE D 28 57.42 -3.09 9.04
C ILE D 28 58.28 -1.83 9.03
N LEU D 29 59.55 -1.95 9.45
CA LEU D 29 60.44 -0.81 9.44
C LEU D 29 60.68 -0.29 8.03
N LYS D 30 60.85 -1.21 7.07
CA LYS D 30 61.05 -0.82 5.67
C LYS D 30 59.70 -0.55 5.02
N GLU D 31 59.17 0.62 5.32
CA GLU D 31 57.88 1.05 4.77
C GLU D 31 57.79 2.57 4.84
N ARG D 32 56.91 3.13 4.02
CA ARG D 32 56.69 4.56 4.02
C ARG D 32 55.76 4.95 5.15
N ASP D 33 55.38 6.23 5.17
CA ASP D 33 54.52 6.82 6.20
C ASP D 33 55.20 6.82 7.57
N GLU D 34 54.75 7.69 8.46
CA GLU D 34 55.36 7.83 9.78
C GLU D 34 54.49 7.35 10.92
N ASP D 35 53.22 7.75 10.97
CA ASP D 35 52.37 7.48 12.12
C ASP D 35 50.98 7.04 11.68
N ALA D 36 50.88 6.13 10.70
CA ALA D 36 49.55 5.69 10.30
C ALA D 36 49.02 4.61 11.25
N HIS D 37 49.56 3.39 11.11
CA HIS D 37 49.31 2.21 11.96
C HIS D 37 50.16 1.05 11.45
N TYR D 38 50.53 0.12 12.33
CA TYR D 38 51.24 -1.09 11.92
C TYR D 38 51.02 -2.23 12.90
N PRO D 39 50.36 -3.30 12.49
CA PRO D 39 50.14 -4.45 13.38
C PRO D 39 51.22 -5.52 13.24
N VAL D 40 51.25 -6.41 14.24
CA VAL D 40 52.17 -7.54 14.28
C VAL D 40 51.38 -8.78 14.68
N VAL D 41 51.59 -9.88 13.95
CA VAL D 41 50.92 -11.14 14.22
C VAL D 41 51.85 -12.04 15.03
N VAL D 42 51.36 -12.55 16.16
CA VAL D 42 52.15 -13.38 17.05
C VAL D 42 51.31 -14.59 17.45
N ASN D 43 51.91 -15.78 17.37
CA ASN D 43 51.25 -17.01 17.78
C ASN D 43 51.22 -17.11 19.30
N ALA D 44 50.43 -18.06 19.80
CA ALA D 44 50.21 -18.24 21.23
C ALA D 44 50.81 -19.53 21.78
N MET D 45 50.58 -20.65 21.12
CA MET D 45 50.92 -21.95 21.71
C MET D 45 52.42 -22.07 21.98
N THR D 46 53.25 -21.62 21.04
CA THR D 46 54.70 -21.68 21.24
C THR D 46 55.12 -20.84 22.43
N LEU D 47 54.54 -19.63 22.54
CA LEU D 47 54.87 -18.76 23.66
C LEU D 47 54.47 -19.37 24.99
N PHE D 48 53.29 -19.99 25.04
CA PHE D 48 52.82 -20.59 26.30
C PHE D 48 53.60 -21.85 26.66
N GLU D 49 54.05 -22.63 25.68
CA GLU D 49 54.86 -23.80 26.02
C GLU D 49 56.30 -23.40 26.36
N THR D 50 56.75 -22.24 25.89
CA THR D 50 58.09 -21.78 26.24
C THR D 50 58.21 -21.52 27.73
N ASN D 51 57.22 -20.86 28.32
CA ASN D 51 57.20 -20.58 29.75
C ASN D 51 55.82 -20.86 30.32
N MET D 52 55.79 -21.60 31.42
CA MET D 52 54.54 -21.99 32.08
C MET D 52 53.90 -20.86 32.87
N GLU D 53 54.67 -19.88 33.33
CA GLU D 53 54.14 -18.79 34.15
C GLU D 53 53.32 -17.78 33.37
N ILE D 54 53.57 -17.62 32.07
CA ILE D 54 52.90 -16.58 31.31
C ILE D 54 51.40 -16.87 31.18
N GLY D 55 51.03 -18.15 31.08
CA GLY D 55 49.63 -18.49 30.88
C GLY D 55 48.76 -18.13 32.07
N GLU D 56 49.25 -18.41 33.28
CA GLU D 56 48.47 -18.07 34.48
C GLU D 56 48.33 -16.56 34.62
N TYR D 57 49.39 -15.81 34.30
CA TYR D 57 49.34 -14.36 34.38
C TYR D 57 48.50 -13.75 33.25
N PHE D 58 48.33 -14.48 32.15
CA PHE D 58 47.57 -13.99 31.00
C PHE D 58 46.08 -14.26 31.15
N ASN D 59 45.70 -15.53 31.29
CA ASN D 59 44.28 -15.86 31.24
C ASN D 59 43.61 -15.65 32.59
N MET D 60 43.88 -14.51 33.22
CA MET D 60 43.05 -14.00 34.32
C MET D 60 42.73 -12.52 34.19
N PHE D 61 43.60 -11.70 33.61
CA PHE D 61 43.39 -10.26 33.46
C PHE D 61 43.84 -9.85 32.06
N PRO D 62 43.06 -10.17 31.03
CA PRO D 62 43.51 -9.88 29.66
C PRO D 62 43.44 -8.40 29.32
N SER D 63 44.02 -7.55 30.17
CA SER D 63 44.08 -6.12 29.92
C SER D 63 45.49 -5.59 29.87
N GLU D 64 46.31 -5.90 30.88
CA GLU D 64 47.66 -5.37 30.94
C GLU D 64 48.61 -6.08 29.97
N VAL D 65 48.30 -7.33 29.60
CA VAL D 65 49.22 -8.11 28.78
C VAL D 65 49.42 -7.46 27.42
N LEU D 66 48.34 -6.97 26.81
CA LEU D 66 48.44 -6.35 25.50
C LEU D 66 49.28 -5.08 25.55
N THR D 67 49.08 -4.25 26.58
CA THR D 67 49.89 -3.04 26.72
C THR D 67 51.36 -3.37 26.95
N ILE D 68 51.63 -4.40 27.75
CA ILE D 68 53.01 -4.76 28.02
C ILE D 68 53.67 -5.31 26.75
N PHE D 69 52.92 -6.06 25.94
CA PHE D 69 53.48 -6.51 24.67
C PHE D 69 53.71 -5.35 23.71
N ASP D 70 52.83 -4.34 23.75
CA ASP D 70 53.07 -3.15 22.95
C ASP D 70 54.37 -2.46 23.37
N SER D 71 54.60 -2.34 24.68
CA SER D 71 55.84 -1.75 25.16
C SER D 71 57.05 -2.59 24.75
N ALA D 72 56.91 -3.92 24.81
CA ALA D 72 57.99 -4.80 24.41
C ALA D 72 58.31 -4.64 22.93
N LEU D 73 57.28 -4.54 22.09
CA LEU D 73 57.50 -4.29 20.68
C LEU D 73 58.18 -2.95 20.45
N ARG D 74 57.79 -1.93 21.23
CA ARG D 74 58.43 -0.63 21.10
C ARG D 74 59.91 -0.68 21.44
N ARG D 75 60.27 -1.35 22.54
CA ARG D 75 61.68 -1.41 22.91
C ARG D 75 62.46 -2.27 21.93
N SER D 76 61.84 -3.32 21.39
CA SER D 76 62.48 -4.12 20.35
C SER D 76 62.76 -3.28 19.10
N ALA D 77 61.79 -2.45 18.71
CA ALA D 77 62.00 -1.56 17.57
C ALA D 77 63.12 -0.57 17.85
N LEU D 78 63.17 -0.02 19.07
CA LEU D 78 64.27 0.87 19.43
C LEU D 78 65.61 0.16 19.35
N THR D 79 65.68 -1.07 19.85
CA THR D 79 66.93 -1.82 19.84
C THR D 79 67.39 -2.11 18.41
N ILE D 80 66.47 -2.55 17.55
CA ILE D 80 66.87 -2.87 16.17
C ILE D 80 67.24 -1.59 15.41
N LEU D 81 66.57 -0.48 15.69
CA LEU D 81 66.95 0.78 15.06
C LEU D 81 68.36 1.20 15.51
N GLN D 82 68.66 1.03 16.79
CA GLN D 82 70.02 1.35 17.27
C GLN D 82 71.05 0.45 16.62
N SER D 83 70.75 -0.85 16.52
CA SER D 83 71.67 -1.80 15.90
C SER D 83 71.27 -2.04 14.44
N LEU D 84 71.44 -1.00 13.65
CA LEU D 84 71.10 -1.02 12.23
C LEU D 84 72.32 -0.63 11.41
N SER D 85 72.51 -1.29 10.27
CA SER D 85 73.67 -1.06 9.42
C SER D 85 73.38 -0.24 8.17
N GLN D 86 72.11 -0.11 7.78
CA GLN D 86 71.72 0.64 6.59
C GLN D 86 70.67 1.67 6.98
N PRO D 87 71.07 2.77 7.63
CA PRO D 87 70.12 3.78 8.08
C PRO D 87 69.80 4.83 7.01
N GLU D 88 69.43 4.38 5.82
CA GLU D 88 69.04 5.27 4.74
C GLU D 88 67.59 5.09 4.32
N ALA D 89 67.21 3.89 3.88
CA ALA D 89 65.83 3.60 3.48
C ALA D 89 65.03 3.03 4.64
N VAL D 90 65.02 3.73 5.77
CA VAL D 90 64.31 3.27 6.97
C VAL D 90 63.52 4.44 7.56
N SER D 91 62.51 4.08 8.35
CA SER D 91 61.68 5.06 9.04
C SER D 91 61.25 4.49 10.37
N MET D 92 61.09 5.35 11.36
CA MET D 92 60.70 4.94 12.70
C MET D 92 59.22 5.19 12.90
N LYS D 93 58.50 4.19 13.41
CA LYS D 93 57.06 4.25 13.61
C LYS D 93 56.76 4.10 15.09
N GLN D 94 55.94 5.01 15.62
CA GLN D 94 55.55 4.99 17.02
C GLN D 94 54.18 4.37 17.26
N ASN D 95 53.56 3.80 16.24
CA ASN D 95 52.23 3.20 16.35
C ASN D 95 52.33 1.71 16.02
N LEU D 96 52.47 0.90 17.05
CA LEU D 96 52.49 -0.56 16.93
C LEU D 96 51.35 -1.14 17.74
N HIS D 97 50.96 -2.38 17.40
CA HIS D 97 49.85 -3.02 18.08
C HIS D 97 50.11 -4.52 18.17
N ALA D 98 49.34 -5.17 19.04
CA ALA D 98 49.45 -6.60 19.29
C ALA D 98 48.23 -7.32 18.72
N ARG D 99 48.44 -8.56 18.30
CA ARG D 99 47.36 -9.38 17.76
C ARG D 99 47.71 -10.84 18.02
N ILE D 100 47.12 -11.41 19.06
CA ILE D 100 47.40 -12.79 19.46
C ILE D 100 46.43 -13.73 18.76
N SER D 101 46.90 -14.93 18.45
CA SER D 101 46.06 -15.96 17.87
C SER D 101 46.72 -17.31 18.12
N GLY D 102 45.91 -18.37 17.96
CA GLY D 102 46.40 -19.71 18.21
C GLY D 102 46.06 -20.18 19.62
N LEU D 103 44.83 -19.91 20.04
CA LEU D 103 44.39 -20.31 21.36
C LEU D 103 44.23 -21.83 21.42
N PRO D 104 44.38 -22.43 22.61
CA PRO D 104 44.17 -23.88 22.73
C PRO D 104 42.75 -24.32 22.40
N VAL D 105 42.51 -25.61 22.43
CA VAL D 105 41.23 -26.17 22.00
C VAL D 105 40.46 -26.57 23.26
N CYS D 106 40.72 -25.87 24.36
CA CYS D 106 40.00 -26.14 25.59
C CYS D 106 38.50 -25.87 25.40
N PRO D 107 37.64 -26.70 25.98
CA PRO D 107 36.19 -26.51 25.77
C PRO D 107 35.67 -25.15 26.23
N GLU D 108 36.30 -24.53 27.22
CA GLU D 108 35.80 -23.28 27.79
C GLU D 108 36.34 -22.05 27.08
N LEU D 109 37.13 -22.21 26.02
CA LEU D 109 37.67 -21.08 25.29
C LEU D 109 37.31 -21.08 23.81
N VAL D 110 36.63 -22.12 23.31
CA VAL D 110 36.27 -22.21 21.91
C VAL D 110 34.74 -22.33 21.88
N ARG D 111 34.08 -21.69 22.85
CA ARG D 111 32.63 -21.78 22.95
C ARG D 111 31.97 -21.25 21.69
N GLU D 112 30.98 -21.99 21.18
CA GLU D 112 30.22 -21.59 20.02
C GLU D 112 28.99 -20.77 20.39
N HIS D 113 28.54 -20.85 21.64
CA HIS D 113 27.38 -20.10 22.12
C HIS D 113 27.85 -18.87 22.89
N ILE D 114 27.29 -17.72 22.54
CA ILE D 114 27.70 -16.46 23.16
C ILE D 114 27.30 -16.46 24.64
N PRO D 115 28.13 -15.92 25.53
CA PRO D 115 27.85 -16.04 26.97
C PRO D 115 26.62 -15.25 27.39
N LYS D 116 25.99 -15.68 28.48
CA LYS D 116 24.81 -14.97 28.98
C LYS D 116 25.21 -13.78 29.84
N THR D 117 25.78 -14.05 31.02
CA THR D 117 26.28 -12.98 31.89
C THR D 117 27.53 -13.37 32.66
N LYS D 118 28.08 -14.56 32.48
CA LYS D 118 29.12 -15.08 33.36
C LYS D 118 30.52 -14.78 32.85
N ASP D 119 30.67 -14.53 31.55
CA ASP D 119 31.98 -14.29 30.94
C ASP D 119 32.17 -12.78 30.78
N VAL D 120 32.70 -12.14 31.82
CA VAL D 120 33.06 -10.74 31.79
C VAL D 120 34.54 -10.64 32.16
N GLY D 121 35.33 -10.06 31.27
CA GLY D 121 36.77 -10.04 31.45
C GLY D 121 37.49 -11.29 31.02
N HIS D 122 36.80 -12.21 30.34
CA HIS D 122 37.39 -13.44 29.84
C HIS D 122 37.70 -13.32 28.36
N PHE D 123 38.74 -14.04 27.92
CA PHE D 123 39.12 -14.08 26.53
C PHE D 123 38.40 -15.25 25.87
N LEU D 124 37.61 -14.97 24.83
CA LEU D 124 36.73 -15.95 24.24
C LEU D 124 36.99 -16.05 22.74
N SER D 125 36.17 -16.87 22.07
CA SER D 125 36.31 -17.06 20.63
C SER D 125 34.93 -17.42 20.07
N VAL D 126 34.38 -16.56 19.23
CA VAL D 126 33.04 -16.74 18.69
C VAL D 126 33.11 -16.73 17.17
N THR D 127 32.40 -17.67 16.55
CA THR D 127 32.31 -17.76 15.10
C THR D 127 30.87 -17.58 14.66
N GLY D 128 30.70 -16.99 13.49
CA GLY D 128 29.37 -16.72 12.99
C GLY D 128 29.41 -16.00 11.65
N THR D 129 28.25 -15.51 11.24
CA THR D 129 28.04 -14.82 9.98
C THR D 129 27.91 -13.32 10.23
N VAL D 130 27.58 -12.58 9.18
CA VAL D 130 27.46 -11.12 9.23
C VAL D 130 26.10 -10.73 8.66
N ILE D 131 25.42 -9.81 9.35
CA ILE D 131 24.11 -9.33 8.94
C ILE D 131 24.15 -7.85 8.54
N ARG D 132 24.56 -6.98 9.46
CA ARG D 132 24.53 -5.53 9.24
C ARG D 132 25.94 -4.96 9.21
N THR D 133 26.03 -3.72 8.74
CA THR D 133 27.31 -3.02 8.65
C THR D 133 27.06 -1.52 8.68
N SER D 134 27.75 -0.82 9.56
CA SER D 134 27.62 0.62 9.70
C SER D 134 28.62 1.32 8.77
N LEU D 135 28.79 2.63 8.97
CA LEU D 135 29.67 3.44 8.15
C LEU D 135 30.95 3.77 8.90
N VAL D 136 32.00 4.12 8.16
CA VAL D 136 33.26 4.48 8.77
C VAL D 136 33.16 5.87 9.37
N LYS D 137 33.53 5.99 10.66
CA LYS D 137 33.34 7.22 11.42
C LYS D 137 34.55 7.42 12.32
N VAL D 138 34.72 8.67 12.77
CA VAL D 138 35.92 9.09 13.48
C VAL D 138 35.55 9.60 14.86
N LEU D 139 36.25 9.13 15.89
CA LEU D 139 36.06 9.54 17.27
C LEU D 139 37.12 10.57 17.69
N GLU D 140 36.92 11.11 18.89
CA GLU D 140 37.85 12.02 19.54
C GLU D 140 38.37 11.37 20.80
N PHE D 141 39.69 11.29 20.93
CA PHE D 141 40.34 10.64 22.07
C PHE D 141 41.26 11.64 22.76
N GLU D 142 40.96 11.96 24.01
CA GLU D 142 41.72 12.88 24.86
C GLU D 142 41.59 14.30 24.36
N ARG D 143 41.60 15.27 25.28
CA ARG D 143 41.39 16.67 24.93
C ARG D 143 42.55 17.56 25.34
N ASP D 144 43.15 17.32 26.50
CA ASP D 144 44.18 18.19 27.08
C ASP D 144 43.64 19.62 27.21
N TYR D 145 42.53 19.74 27.95
CA TYR D 145 41.83 21.00 28.11
C TYR D 145 42.70 21.99 28.88
N MET D 146 42.46 23.28 28.65
CA MET D 146 43.34 24.30 29.17
C MET D 146 43.38 24.29 30.70
N CYS D 147 44.52 24.70 31.25
CA CYS D 147 44.78 24.60 32.67
C CYS D 147 44.22 25.82 33.40
N ASN D 148 43.34 25.59 34.37
CA ASN D 148 42.70 26.66 35.12
C ASN D 148 43.11 26.61 36.59
N LYS D 149 43.48 27.78 37.12
CA LYS D 149 43.80 27.97 38.53
C LYS D 149 45.04 27.20 38.96
N CYS D 150 45.66 26.46 38.05
CA CYS D 150 46.89 25.73 38.33
C CYS D 150 47.78 25.80 37.09
N LYS D 151 48.87 25.04 37.10
CA LYS D 151 49.90 25.15 36.07
C LYS D 151 50.03 23.90 35.22
N HIS D 152 50.21 22.73 35.83
CA HIS D 152 50.46 21.51 35.07
C HIS D 152 49.23 21.10 34.28
N VAL D 153 49.44 20.76 33.00
CA VAL D 153 48.34 20.39 32.12
C VAL D 153 47.84 18.99 32.47
N PHE D 154 46.61 18.71 32.08
CA PHE D 154 45.95 17.44 32.38
C PHE D 154 45.84 16.60 31.11
N VAL D 155 45.86 15.27 31.29
CA VAL D 155 45.89 14.34 30.17
C VAL D 155 44.75 13.34 30.29
N ILE D 156 43.62 13.77 30.86
CA ILE D 156 42.47 12.91 31.10
C ILE D 156 42.03 12.25 29.79
N LYS D 157 41.61 11.00 29.87
CA LYS D 157 41.21 10.20 28.72
C LYS D 157 39.69 10.00 28.73
N ALA D 158 39.21 9.22 27.77
CA ALA D 158 37.79 8.90 27.68
C ALA D 158 37.51 7.58 28.40
N ASP D 159 36.24 7.16 28.35
CA ASP D 159 35.80 5.93 28.99
C ASP D 159 34.96 5.16 27.98
N PHE D 160 35.20 3.85 27.88
CA PHE D 160 34.43 3.03 26.93
C PHE D 160 33.08 2.60 27.48
N GLU D 161 32.94 2.55 28.81
CA GLU D 161 31.73 2.01 29.42
C GLU D 161 30.56 2.99 29.43
N GLN D 162 30.77 4.25 29.03
CA GLN D 162 29.74 5.26 29.06
C GLN D 162 29.53 5.85 27.68
N TYR D 163 29.63 5.02 26.64
CA TYR D 163 29.39 5.43 25.25
C TYR D 163 30.32 6.57 24.84
N TYR D 164 31.57 6.52 25.30
CA TYR D 164 32.59 7.52 24.97
C TYR D 164 32.14 8.93 25.38
N THR D 165 31.96 9.11 26.68
CA THR D 165 31.54 10.38 27.24
C THR D 165 32.58 10.88 28.23
N PHE D 166 32.82 12.18 28.21
CA PHE D 166 33.84 12.81 29.03
C PHE D 166 33.23 13.32 30.33
N CYS D 167 33.89 13.04 31.44
CA CYS D 167 33.44 13.47 32.76
C CYS D 167 34.30 14.65 33.21
N ARG D 168 33.64 15.69 33.72
CA ARG D 168 34.34 16.89 34.13
C ARG D 168 35.07 16.65 35.45
N PRO D 169 36.39 16.80 35.50
CA PRO D 169 37.11 16.61 36.75
C PRO D 169 37.09 17.85 37.63
N SER D 170 37.17 17.61 38.93
CA SER D 170 37.21 18.70 39.91
C SER D 170 38.30 18.53 40.96
N SER D 171 38.79 17.32 41.21
CA SER D 171 39.83 17.08 42.21
C SER D 171 41.15 16.92 41.47
N CYS D 172 41.94 17.99 41.46
CA CYS D 172 43.22 17.95 40.77
C CYS D 172 44.21 17.08 41.54
N PRO D 173 45.01 16.26 40.85
CA PRO D 173 46.02 15.43 41.51
C PRO D 173 47.27 16.18 41.93
N SER D 174 47.24 17.51 41.96
CA SER D 174 48.43 18.30 42.30
C SER D 174 48.90 17.98 43.71
N LEU D 175 50.21 18.13 43.92
CA LEU D 175 50.78 17.84 45.24
C LEU D 175 50.23 18.79 46.30
N GLU D 176 50.06 20.06 45.95
CA GLU D 176 49.49 21.03 46.87
C GLU D 176 47.98 20.84 46.98
N SER D 177 47.34 21.70 47.76
CA SER D 177 45.90 21.63 47.98
C SER D 177 45.11 22.32 46.88
N CYS D 178 45.77 22.95 45.91
CA CYS D 178 45.07 23.62 44.83
C CYS D 178 44.35 22.61 43.95
N ASP D 179 43.07 22.88 43.66
CA ASP D 179 42.27 21.99 42.83
C ASP D 179 41.10 22.77 42.26
N SER D 180 40.83 22.58 40.98
CA SER D 180 39.73 23.26 40.32
C SER D 180 38.73 22.25 39.73
N PRO D 193 41.47 19.83 17.98
CA PRO D 193 41.44 18.39 18.25
C PRO D 193 42.34 17.61 17.30
N THR D 194 43.65 17.61 17.54
CA THR D 194 44.58 16.92 16.68
C THR D 194 44.75 15.46 17.12
N ARG D 195 43.64 14.75 17.29
CA ARG D 195 43.66 13.34 17.64
C ARG D 195 42.46 12.67 16.99
N CYS D 196 42.68 11.48 16.44
CA CYS D 196 41.62 10.76 15.76
C CYS D 196 41.90 9.27 15.79
N ARG D 197 40.83 8.48 15.61
CA ARG D 197 40.90 7.03 15.61
C ARG D 197 39.95 6.51 14.52
N ASP D 198 39.66 5.22 14.56
CA ASP D 198 38.75 4.58 13.63
C ASP D 198 37.68 3.82 14.39
N TYR D 199 36.57 3.55 13.71
CA TYR D 199 35.40 3.00 14.36
C TYR D 199 34.51 2.32 13.32
N GLN D 200 33.65 1.43 13.81
CA GLN D 200 32.66 0.75 12.97
C GLN D 200 31.70 0.01 13.89
N GLU D 201 30.58 -0.41 13.31
CA GLU D 201 29.60 -1.25 14.00
C GLU D 201 29.18 -2.37 13.07
N ILE D 202 29.20 -3.60 13.57
CA ILE D 202 28.84 -4.78 12.79
C ILE D 202 28.13 -5.77 13.70
N LYS D 203 27.24 -6.56 13.11
CA LYS D 203 26.45 -7.54 13.86
C LYS D 203 26.76 -8.94 13.33
N ILE D 204 26.95 -9.88 14.25
CA ILE D 204 27.24 -11.26 13.91
C ILE D 204 26.09 -12.13 14.39
N GLN D 205 25.70 -13.10 13.57
CA GLN D 205 24.61 -14.02 13.88
C GLN D 205 25.16 -15.45 13.94
N GLU D 206 24.79 -16.18 14.99
CA GLU D 206 25.24 -17.57 15.12
C GLU D 206 24.66 -18.42 14.00
N GLN D 207 25.51 -19.24 13.39
CA GLN D 207 25.09 -20.09 12.30
C GLN D 207 24.27 -21.27 12.82
N VAL D 208 23.39 -21.79 11.96
CA VAL D 208 22.48 -22.86 12.36
C VAL D 208 23.00 -24.24 11.99
N GLN D 209 24.10 -24.33 11.24
CA GLN D 209 24.61 -25.63 10.80
C GLN D 209 25.00 -26.51 11.99
N ARG D 210 25.70 -25.94 12.97
CA ARG D 210 26.13 -26.69 14.14
C ARG D 210 25.27 -26.40 15.37
N LEU D 211 24.09 -25.84 15.19
CA LEU D 211 23.19 -25.57 16.30
C LEU D 211 22.73 -26.87 16.94
N ILE D 216 16.04 -20.76 17.26
CA ILE D 216 16.54 -19.52 16.66
C ILE D 216 17.60 -18.88 17.53
N PRO D 217 18.73 -18.55 16.92
CA PRO D 217 19.80 -17.87 17.66
C PRO D 217 19.70 -16.36 17.57
N ARG D 218 20.07 -15.72 18.68
CA ARG D 218 20.10 -14.26 18.77
C ARG D 218 21.38 -13.73 18.12
N SER D 219 21.50 -12.41 18.09
CA SER D 219 22.62 -11.74 17.45
C SER D 219 23.48 -11.05 18.50
N MET D 220 24.74 -10.81 18.12
CA MET D 220 25.71 -10.10 18.94
C MET D 220 26.19 -8.86 18.23
N LYS D 221 26.38 -7.79 19.00
CA LYS D 221 26.86 -6.51 18.48
C LYS D 221 28.33 -6.39 18.87
N VAL D 222 29.20 -6.90 18.00
CA VAL D 222 30.64 -6.79 18.22
C VAL D 222 31.12 -5.45 17.69
N ILE D 223 32.10 -4.86 18.39
CA ILE D 223 32.60 -3.54 18.08
C ILE D 223 34.03 -3.68 17.55
N LEU D 224 34.34 -2.92 16.50
CA LEU D 224 35.67 -2.89 15.92
C LEU D 224 36.35 -1.56 16.20
N GLU D 225 37.68 -1.56 16.11
CA GLU D 225 38.43 -0.36 16.40
C GLU D 225 39.78 -0.41 15.69
N ASP D 226 40.27 0.77 15.32
CA ASP D 226 41.62 0.96 14.75
C ASP D 226 41.67 0.24 13.41
N ASP D 227 42.73 -0.53 13.13
CA ASP D 227 42.97 -1.05 11.80
C ASP D 227 41.94 -2.09 11.37
N LEU D 228 41.14 -2.60 12.32
CA LEU D 228 40.13 -3.59 11.97
C LEU D 228 39.02 -3.02 11.09
N VAL D 229 38.92 -1.68 10.99
CA VAL D 229 37.86 -1.09 10.18
C VAL D 229 38.07 -1.46 8.71
N ASP D 230 36.96 -1.66 8.00
CA ASP D 230 36.95 -2.02 6.59
C ASP D 230 37.77 -3.30 6.35
N SER D 231 37.44 -4.33 7.14
CA SER D 231 38.11 -5.61 7.00
C SER D 231 37.12 -6.77 6.93
N CYS D 232 35.83 -6.50 6.71
CA CYS D 232 34.82 -7.54 6.64
C CYS D 232 33.86 -7.24 5.50
N LYS D 233 33.25 -8.30 4.95
CA LYS D 233 32.26 -8.19 3.89
C LYS D 233 30.98 -8.86 4.35
N SER D 234 29.84 -8.27 4.00
CA SER D 234 28.55 -8.78 4.44
C SER D 234 28.27 -10.17 3.86
N GLY D 235 28.12 -11.16 4.74
CA GLY D 235 27.81 -12.50 4.30
C GLY D 235 29.00 -13.44 4.28
N ASP D 236 29.86 -13.35 5.29
CA ASP D 236 31.05 -14.18 5.37
C ASP D 236 31.18 -14.75 6.77
N ASP D 237 31.90 -15.87 6.87
CA ASP D 237 32.16 -16.49 8.17
C ASP D 237 33.36 -15.83 8.84
N LEU D 238 33.20 -15.48 10.12
CA LEU D 238 34.23 -14.78 10.86
C LEU D 238 34.59 -15.55 12.13
N THR D 239 35.77 -15.27 12.65
CA THR D 239 36.24 -15.86 13.91
C THR D 239 36.99 -14.76 14.66
N ILE D 240 36.41 -14.29 15.77
CA ILE D 240 36.91 -13.14 16.49
C ILE D 240 37.52 -13.58 17.82
N TYR D 241 38.71 -13.08 18.11
CA TYR D 241 39.37 -13.27 19.40
C TYR D 241 39.25 -11.94 20.15
N GLY D 242 38.17 -11.78 20.91
CA GLY D 242 37.85 -10.52 21.53
C GLY D 242 37.52 -10.68 23.01
N ILE D 243 37.48 -9.54 23.69
CA ILE D 243 37.17 -9.46 25.12
C ILE D 243 35.72 -9.03 25.28
N VAL D 244 35.06 -9.52 26.33
CA VAL D 244 33.67 -9.21 26.61
C VAL D 244 33.61 -8.14 27.68
N MET D 245 32.89 -7.05 27.40
CA MET D 245 32.73 -5.95 28.34
C MET D 245 31.28 -5.48 28.32
N GLN D 246 30.95 -4.62 29.28
CA GLN D 246 29.60 -4.09 29.45
C GLN D 246 29.57 -2.60 29.18
N ARG D 247 28.49 -2.14 28.53
CA ARG D 247 28.28 -0.74 28.24
C ARG D 247 27.02 -0.28 28.97
N TRP D 248 27.15 0.78 29.75
CA TRP D 248 26.05 1.29 30.55
C TRP D 248 25.24 2.33 29.75
N LYS D 249 24.32 3.01 30.43
CA LYS D 249 23.50 4.05 29.85
C LYS D 249 23.27 5.11 30.93
N PRO D 250 23.05 6.37 30.56
CA PRO D 250 22.80 7.39 31.58
C PRO D 250 21.60 7.05 32.44
N PHE D 251 21.71 7.34 33.74
CA PHE D 251 20.69 6.96 34.71
C PHE D 251 19.57 7.98 34.74
N GLN D 252 18.34 7.48 34.74
CA GLN D 252 17.15 8.30 34.99
C GLN D 252 16.56 7.92 36.34
N GLN D 253 15.86 8.87 36.95
CA GLN D 253 15.34 8.65 38.29
C GLN D 253 14.15 7.70 38.26
N ASP D 254 14.19 6.69 39.13
CA ASP D 254 13.07 5.77 39.36
C ASP D 254 12.66 5.06 38.07
N VAL D 255 13.63 4.48 37.38
CA VAL D 255 13.40 3.64 36.21
C VAL D 255 14.31 2.42 36.31
N ARG D 256 14.26 1.58 35.29
CA ARG D 256 15.11 0.39 35.21
C ARG D 256 16.28 0.69 34.27
N CYS D 257 17.48 0.67 34.82
CA CYS D 257 18.67 0.93 34.01
C CYS D 257 18.89 -0.18 33.00
N GLU D 258 19.43 0.19 31.85
CA GLU D 258 19.64 -0.73 30.74
C GLU D 258 21.13 -0.97 30.53
N VAL D 259 21.49 -2.24 30.29
CA VAL D 259 22.85 -2.62 30.01
C VAL D 259 22.86 -3.47 28.74
N GLU D 260 24.07 -3.77 28.26
CA GLU D 260 24.22 -4.57 27.05
C GLU D 260 25.55 -5.30 27.12
N ILE D 261 25.67 -6.34 26.31
CA ILE D 261 26.87 -7.17 26.23
C ILE D 261 27.51 -6.96 24.86
N VAL D 262 28.78 -6.58 24.86
CA VAL D 262 29.52 -6.32 23.62
C VAL D 262 30.81 -7.12 23.61
N LEU D 263 31.52 -7.08 22.48
CA LEU D 263 32.74 -7.88 22.30
C LEU D 263 33.76 -7.03 21.55
N LYS D 264 34.71 -6.47 22.29
CA LYS D 264 35.76 -5.66 21.69
C LYS D 264 36.76 -6.55 20.97
N ALA D 265 36.88 -6.38 19.66
CA ALA D 265 37.73 -7.27 18.87
C ALA D 265 39.20 -6.97 19.08
N ASN D 266 40.01 -8.03 19.16
CA ASN D 266 41.45 -7.93 19.22
C ASN D 266 42.16 -8.58 18.03
N TYR D 267 41.51 -9.53 17.36
CA TYR D 267 42.03 -10.13 16.15
C TYR D 267 40.86 -10.63 15.32
N ILE D 268 41.12 -10.94 14.05
CA ILE D 268 40.07 -11.35 13.14
C ILE D 268 40.64 -12.42 12.22
N GLN D 269 39.76 -13.26 11.68
CA GLN D 269 40.15 -14.27 10.70
C GLN D 269 39.10 -14.32 9.61
N VAL D 270 39.55 -14.54 8.38
CA VAL D 270 38.68 -14.52 7.22
C VAL D 270 38.43 -15.95 6.77
N ASN D 271 38.63 -16.90 7.69
CA ASN D 271 38.45 -18.32 7.37
C ASN D 271 37.03 -18.60 6.90
N ASN D 272 36.92 -19.33 5.79
CA ASN D 272 35.63 -19.68 5.22
C ASN D 272 35.48 -21.19 5.09
N ASP D 281 42.23 -36.46 13.12
CA ASP D 281 42.30 -37.74 13.83
C ASP D 281 42.64 -38.88 12.88
N GLU D 282 43.80 -39.50 13.09
CA GLU D 282 44.27 -40.56 12.21
C GLU D 282 43.46 -41.83 12.34
N GLU D 283 42.59 -41.93 13.36
CA GLU D 283 41.82 -43.16 13.55
C GLU D 283 40.87 -43.41 12.38
N VAL D 284 40.22 -42.36 11.88
CA VAL D 284 39.26 -42.52 10.79
C VAL D 284 39.98 -43.00 9.53
N GLN D 285 41.10 -42.35 9.19
CA GLN D 285 41.86 -42.76 8.01
C GLN D 285 42.39 -44.18 8.15
N LYS D 286 42.86 -44.54 9.36
CA LYS D 286 43.36 -45.88 9.58
C LYS D 286 42.25 -46.92 9.40
N GLU D 287 41.07 -46.64 9.95
CA GLU D 287 39.95 -47.57 9.83
C GLU D 287 39.54 -47.73 8.37
N PHE D 288 39.45 -46.61 7.64
CA PHE D 288 39.08 -46.71 6.23
C PHE D 288 40.13 -47.44 5.41
N GLU D 289 41.41 -47.19 5.69
CA GLU D 289 42.47 -47.88 4.97
C GLU D 289 42.45 -49.38 5.25
N ASP D 290 42.21 -49.77 6.50
CA ASP D 290 42.08 -51.18 6.81
C ASP D 290 40.89 -51.79 6.08
N PHE D 291 39.76 -51.09 6.05
CA PHE D 291 38.57 -51.62 5.40
C PHE D 291 38.78 -51.81 3.91
N TRP D 292 39.46 -50.86 3.26
CA TRP D 292 39.71 -50.96 1.82
C TRP D 292 40.95 -51.78 1.48
N GLU D 293 41.76 -52.15 2.46
CA GLU D 293 42.84 -53.10 2.21
C GLU D 293 42.42 -54.54 2.43
N TYR D 294 41.43 -54.77 3.30
CA TYR D 294 40.88 -56.12 3.44
C TYR D 294 40.25 -56.57 2.12
N TYR D 295 39.47 -55.70 1.48
CA TYR D 295 38.81 -56.02 0.22
C TYR D 295 39.75 -55.72 -0.95
N LYS D 296 40.78 -56.56 -1.08
CA LYS D 296 41.75 -56.43 -2.15
C LYS D 296 41.49 -57.41 -3.29
N SER D 297 41.29 -58.69 -2.98
CA SER D 297 41.01 -59.67 -4.03
C SER D 297 39.71 -59.36 -4.76
N ASP D 298 38.67 -58.97 -4.00
CA ASP D 298 37.39 -58.59 -4.59
C ASP D 298 37.15 -57.10 -4.36
N PRO D 299 37.28 -56.26 -5.39
CA PRO D 299 37.13 -54.81 -5.18
C PRO D 299 35.68 -54.36 -5.18
N PHE D 300 34.79 -55.12 -5.83
CA PHE D 300 33.39 -54.72 -5.93
C PHE D 300 32.58 -55.10 -4.69
N ALA D 301 33.11 -55.94 -3.82
CA ALA D 301 32.41 -56.23 -2.57
C ALA D 301 32.25 -54.98 -1.73
N GLY D 302 33.30 -54.15 -1.67
CA GLY D 302 33.20 -52.89 -0.95
C GLY D 302 32.13 -51.98 -1.51
N ARG D 303 32.06 -51.86 -2.83
CA ARG D 303 31.05 -51.00 -3.45
C ARG D 303 29.65 -51.55 -3.22
N ASN D 304 29.50 -52.88 -3.26
CA ASN D 304 28.20 -53.48 -2.97
C ASN D 304 27.79 -53.20 -1.53
N VAL D 305 28.73 -53.27 -0.59
CA VAL D 305 28.41 -52.96 0.80
C VAL D 305 28.06 -51.48 0.95
N ILE D 306 28.75 -50.61 0.20
CA ILE D 306 28.39 -49.18 0.19
C ILE D 306 26.95 -49.01 -0.25
N LEU D 307 26.59 -49.64 -1.37
CA LEU D 307 25.26 -49.42 -1.93
C LEU D 307 24.16 -50.05 -1.08
N ALA D 308 24.46 -51.16 -0.39
CA ALA D 308 23.45 -51.79 0.44
C ALA D 308 23.05 -50.91 1.61
N SER D 309 23.98 -50.10 2.14
CA SER D 309 23.70 -49.28 3.31
C SER D 309 22.96 -47.99 2.98
N LEU D 310 22.90 -47.58 1.72
CA LEU D 310 22.11 -46.42 1.35
C LEU D 310 20.63 -46.80 1.33
N CYS D 311 19.79 -45.97 1.96
CA CYS D 311 18.35 -46.17 2.08
C CYS D 311 18.01 -47.63 2.33
N PRO D 312 18.49 -48.21 3.44
CA PRO D 312 18.38 -49.66 3.63
C PRO D 312 16.98 -50.13 4.00
N GLN D 313 15.99 -49.25 4.03
CA GLN D 313 14.62 -49.65 4.32
C GLN D 313 13.87 -50.10 3.08
N VAL D 314 14.51 -50.08 1.91
CA VAL D 314 13.88 -50.47 0.66
C VAL D 314 14.62 -51.68 0.10
N PHE D 315 13.85 -52.63 -0.42
CA PHE D 315 14.38 -53.88 -0.96
C PHE D 315 14.62 -53.72 -2.45
N GLY D 316 15.83 -54.06 -2.90
CA GLY D 316 16.18 -53.97 -4.30
C GLY D 316 16.67 -52.60 -4.72
N MET D 317 16.33 -52.19 -5.94
CA MET D 317 16.67 -50.88 -6.48
C MET D 317 18.19 -50.68 -6.51
N TYR D 318 18.83 -51.51 -7.34
CA TYR D 318 20.28 -51.47 -7.49
C TYR D 318 20.72 -50.25 -8.29
N LEU D 319 20.20 -50.11 -9.52
CA LEU D 319 20.66 -49.07 -10.42
C LEU D 319 20.38 -47.68 -9.86
N VAL D 320 19.19 -47.49 -9.27
CA VAL D 320 18.84 -46.18 -8.72
C VAL D 320 19.75 -45.83 -7.56
N LYS D 321 20.03 -46.79 -6.69
CA LYS D 321 20.94 -46.55 -5.57
C LYS D 321 22.35 -46.24 -6.02
N LEU D 322 22.84 -46.91 -7.06
CA LEU D 322 24.16 -46.59 -7.61
C LEU D 322 24.18 -45.19 -8.23
N ALA D 323 23.11 -44.82 -8.95
CA ALA D 323 23.04 -43.50 -9.54
C ALA D 323 23.04 -42.41 -8.48
N VAL D 324 22.31 -42.63 -7.39
CA VAL D 324 22.31 -41.65 -6.30
C VAL D 324 23.71 -41.49 -5.72
N ALA D 325 24.41 -42.61 -5.53
CA ALA D 325 25.77 -42.54 -5.00
C ALA D 325 26.69 -41.77 -5.93
N MET D 326 26.61 -42.04 -7.24
CA MET D 326 27.47 -41.32 -8.18
C MET D 326 27.15 -39.83 -8.21
N VAL D 327 25.86 -39.48 -8.13
CA VAL D 327 25.48 -38.08 -8.13
C VAL D 327 26.00 -37.37 -6.88
N LEU D 328 25.83 -38.00 -5.70
CA LEU D 328 26.36 -37.42 -4.47
C LEU D 328 27.88 -37.42 -4.42
N ALA D 329 28.54 -38.21 -5.27
CA ALA D 329 30.00 -38.23 -5.27
C ALA D 329 30.57 -36.85 -5.56
N GLY D 330 30.05 -36.17 -6.58
CA GLY D 330 30.50 -34.83 -6.89
C GLY D 330 31.28 -34.75 -8.20
N GLY D 331 32.20 -33.80 -8.26
CA GLY D 331 33.01 -33.63 -9.45
C GLY D 331 34.17 -32.71 -9.20
N ILE D 332 34.88 -32.38 -10.28
CA ILE D 332 36.04 -31.51 -10.24
C ILE D 332 35.76 -30.28 -11.09
N GLN D 333 36.09 -29.11 -10.57
CA GLN D 333 35.85 -27.86 -11.27
C GLN D 333 37.12 -27.40 -11.98
N ARG D 334 36.98 -27.09 -13.27
CA ARG D 334 38.08 -26.59 -14.09
C ARG D 334 37.65 -25.23 -14.65
N THR D 335 38.48 -24.22 -14.43
CA THR D 335 38.21 -22.87 -14.89
C THR D 335 39.27 -22.43 -15.89
N ASP D 336 38.85 -21.69 -16.91
CA ASP D 336 39.79 -21.12 -17.85
C ASP D 336 40.37 -19.83 -17.28
N ALA D 337 41.47 -19.38 -17.90
CA ALA D 337 42.22 -18.24 -17.38
C ALA D 337 41.41 -16.94 -17.40
N THR D 338 41.10 -16.44 -18.60
CA THR D 338 40.56 -15.08 -18.72
C THR D 338 39.18 -14.88 -18.11
N GLY D 339 38.12 -15.50 -18.66
CA GLY D 339 36.79 -15.20 -18.19
C GLY D 339 35.88 -16.37 -17.85
N THR D 340 36.11 -17.53 -18.46
CA THR D 340 35.11 -18.59 -18.50
C THR D 340 35.47 -19.74 -17.56
N ARG D 341 34.44 -20.45 -17.13
CA ARG D 341 34.57 -21.67 -16.36
C ARG D 341 33.40 -22.59 -16.67
N VAL D 342 33.66 -23.89 -16.65
CA VAL D 342 32.67 -24.87 -17.06
C VAL D 342 32.05 -25.51 -15.81
N ARG D 343 30.94 -26.20 -16.01
CA ARG D 343 30.25 -26.87 -14.91
C ARG D 343 31.05 -28.06 -14.42
N GLY D 344 30.94 -28.34 -13.12
CA GLY D 344 31.65 -29.45 -12.52
C GLY D 344 30.80 -30.28 -11.59
N GLU D 345 29.49 -30.23 -11.75
CA GLU D 345 28.55 -30.96 -10.91
C GLU D 345 27.67 -31.86 -11.77
N SER D 346 26.65 -32.46 -11.15
CA SER D 346 25.75 -33.36 -11.84
C SER D 346 24.34 -33.18 -11.29
N HIS D 347 23.36 -33.59 -12.10
CA HIS D 347 21.95 -33.46 -11.73
C HIS D 347 21.22 -34.76 -12.07
N LEU D 348 20.16 -35.02 -11.32
CA LEU D 348 19.39 -36.25 -11.44
C LEU D 348 17.90 -35.95 -11.39
N LEU D 349 17.13 -36.71 -12.16
CA LEU D 349 15.69 -36.61 -12.19
C LEU D 349 15.08 -37.99 -12.28
N LEU D 350 13.98 -38.21 -11.57
CA LEU D 350 13.31 -39.50 -11.49
C LEU D 350 11.86 -39.36 -11.89
N VAL D 351 11.36 -40.31 -12.68
CA VAL D 351 9.96 -40.36 -13.10
C VAL D 351 9.45 -41.77 -12.92
N GLY D 352 8.23 -41.91 -12.40
CA GLY D 352 7.62 -43.20 -12.24
C GLY D 352 6.25 -43.08 -11.63
N ASP D 353 5.52 -44.19 -11.69
CA ASP D 353 4.17 -44.23 -11.13
C ASP D 353 4.21 -44.01 -9.62
N PRO D 354 3.17 -43.42 -9.04
CA PRO D 354 3.16 -43.18 -7.60
C PRO D 354 3.25 -44.48 -6.82
N GLY D 355 3.94 -44.41 -5.68
CA GLY D 355 4.10 -45.57 -4.84
C GLY D 355 5.31 -46.40 -5.23
N THR D 356 6.48 -45.76 -5.31
CA THR D 356 7.71 -46.48 -5.63
C THR D 356 8.78 -46.21 -4.60
N GLY D 357 8.82 -45.00 -4.07
CA GLY D 357 9.78 -44.66 -3.02
C GLY D 357 10.67 -43.48 -3.32
N LYS D 358 10.25 -42.62 -4.25
CA LYS D 358 11.04 -41.45 -4.60
C LYS D 358 11.22 -40.52 -3.40
N SER D 359 10.13 -40.24 -2.68
CA SER D 359 10.21 -39.35 -1.53
C SER D 359 11.16 -39.90 -0.47
N GLN D 360 11.18 -41.23 -0.31
CA GLN D 360 12.13 -41.84 0.62
C GLN D 360 13.56 -41.56 0.20
N PHE D 361 13.87 -41.67 -1.10
CA PHE D 361 15.23 -41.39 -1.56
C PHE D 361 15.60 -39.94 -1.34
N LEU D 362 14.68 -39.02 -1.65
CA LEU D 362 14.96 -37.60 -1.42
C LEU D 362 15.21 -37.32 0.05
N LYS D 363 14.36 -37.85 0.94
CA LYS D 363 14.55 -37.61 2.36
C LYS D 363 15.84 -38.22 2.88
N TYR D 364 16.19 -39.41 2.38
CA TYR D 364 17.43 -40.05 2.81
C TYR D 364 18.65 -39.26 2.36
N ALA D 365 18.62 -38.74 1.13
CA ALA D 365 19.73 -37.91 0.66
C ALA D 365 19.73 -36.53 1.29
N ALA D 366 18.62 -36.11 1.90
CA ALA D 366 18.53 -34.76 2.44
C ALA D 366 19.36 -34.53 3.70
N LYS D 367 19.70 -35.57 4.46
CA LYS D 367 20.44 -35.39 5.70
C LYS D 367 21.89 -35.83 5.64
N ILE D 368 22.24 -36.73 4.72
CA ILE D 368 23.63 -37.18 4.60
C ILE D 368 24.53 -36.01 4.24
N THR D 369 24.12 -35.19 3.27
CA THR D 369 24.90 -34.03 2.87
C THR D 369 24.96 -33.04 4.03
N PRO D 370 26.13 -32.45 4.31
CA PRO D 370 26.26 -31.49 5.42
C PRO D 370 25.25 -30.36 5.36
N ARG D 371 25.20 -29.64 4.23
CA ARG D 371 24.27 -28.53 4.05
C ARG D 371 23.25 -28.91 2.98
N SER D 372 21.97 -28.83 3.34
CA SER D 372 20.90 -29.16 2.42
C SER D 372 19.63 -28.43 2.85
N VAL D 373 18.85 -28.00 1.87
CA VAL D 373 17.55 -27.36 2.11
C VAL D 373 16.50 -28.15 1.34
N LEU D 374 15.39 -28.44 2.00
CA LEU D 374 14.29 -29.20 1.42
C LEU D 374 13.12 -28.24 1.15
N THR D 375 12.64 -28.22 -0.08
CA THR D 375 11.54 -27.36 -0.47
C THR D 375 10.44 -28.20 -1.12
N THR D 376 9.20 -27.75 -0.92
CA THR D 376 8.05 -28.43 -1.49
C THR D 376 7.97 -28.27 -3.00
N GLY D 377 8.52 -27.19 -3.54
CA GLY D 377 8.41 -26.92 -4.97
C GLY D 377 7.27 -25.98 -5.29
N ILE D 378 6.13 -26.54 -5.71
CA ILE D 378 4.97 -25.72 -6.04
C ILE D 378 4.49 -24.92 -4.84
N GLY D 379 4.74 -25.41 -3.63
CA GLY D 379 4.43 -24.65 -2.44
C GLY D 379 5.44 -23.58 -2.08
N SER D 380 6.49 -23.43 -2.88
CA SER D 380 7.50 -22.39 -2.68
C SER D 380 7.34 -21.32 -3.75
N THR D 381 7.35 -20.06 -3.32
CA THR D 381 7.13 -18.95 -4.22
C THR D 381 8.39 -18.64 -5.03
N SER D 382 8.32 -17.57 -5.83
CA SER D 382 9.46 -17.16 -6.64
C SER D 382 10.61 -16.62 -5.81
N ALA D 383 10.37 -16.27 -4.56
CA ALA D 383 11.42 -15.72 -3.71
C ALA D 383 12.51 -16.74 -3.40
N GLY D 384 12.20 -18.03 -3.48
CA GLY D 384 13.18 -19.05 -3.16
C GLY D 384 13.99 -19.53 -4.34
N LEU D 385 13.32 -19.81 -5.46
CA LEU D 385 14.02 -20.33 -6.63
C LEU D 385 14.98 -19.33 -7.24
N THR D 386 14.80 -18.04 -6.97
CA THR D 386 15.69 -17.00 -7.48
C THR D 386 16.00 -16.04 -6.34
N VAL D 387 16.65 -14.92 -6.67
CA VAL D 387 16.96 -13.90 -5.69
C VAL D 387 15.82 -12.89 -5.65
N THR D 388 15.57 -12.34 -4.45
CA THR D 388 14.51 -11.37 -4.27
C THR D 388 15.06 -9.95 -4.27
N GLU D 399 17.58 -10.19 -0.28
CA GLU D 399 17.09 -11.39 0.37
C GLU D 399 17.58 -12.64 -0.35
N ALA D 400 17.84 -13.70 0.41
CA ALA D 400 18.36 -14.94 -0.13
C ALA D 400 17.24 -15.97 -0.26
N GLY D 401 17.22 -16.66 -1.40
CA GLY D 401 16.21 -17.66 -1.65
C GLY D 401 16.63 -19.06 -1.25
N ALA D 402 16.55 -20.00 -2.19
CA ALA D 402 16.88 -21.40 -1.94
C ALA D 402 18.18 -21.84 -2.61
N LEU D 403 18.34 -21.53 -3.91
CA LEU D 403 19.54 -21.94 -4.61
C LEU D 403 20.78 -21.25 -4.05
N VAL D 404 20.67 -19.96 -3.74
CA VAL D 404 21.82 -19.21 -3.23
C VAL D 404 22.25 -19.71 -1.86
N LEU D 405 21.29 -20.12 -1.02
CA LEU D 405 21.59 -20.56 0.33
C LEU D 405 22.08 -22.00 0.39
N ALA D 406 22.08 -22.71 -0.73
CA ALA D 406 22.51 -24.10 -0.79
C ALA D 406 23.89 -24.22 -1.42
N ASP D 407 24.76 -23.25 -1.13
CA ASP D 407 26.12 -23.28 -1.66
C ASP D 407 26.89 -24.48 -1.13
N ALA D 408 27.58 -25.17 -2.04
CA ALA D 408 28.35 -26.38 -1.71
C ALA D 408 27.45 -27.42 -1.03
N GLY D 409 26.22 -27.55 -1.53
CA GLY D 409 25.27 -28.49 -0.95
C GLY D 409 24.36 -29.13 -1.96
N LEU D 410 23.12 -29.44 -1.55
CA LEU D 410 22.14 -30.06 -2.41
C LEU D 410 20.75 -29.61 -1.97
N CYS D 411 19.91 -29.23 -2.93
CA CYS D 411 18.54 -28.82 -2.65
C CYS D 411 17.59 -29.88 -3.20
N CYS D 412 16.84 -30.51 -2.31
CA CYS D 412 15.82 -31.45 -2.74
C CYS D 412 14.57 -30.69 -3.17
N ILE D 413 14.11 -30.95 -4.39
CA ILE D 413 12.92 -30.32 -4.94
C ILE D 413 11.94 -31.42 -5.34
N ASP D 414 10.66 -31.22 -5.05
CA ASP D 414 9.63 -32.20 -5.32
C ASP D 414 8.50 -31.55 -6.10
N GLN D 415 7.73 -32.39 -6.79
CA GLN D 415 6.58 -31.96 -7.59
C GLN D 415 7.01 -30.95 -8.65
N PHE D 416 7.86 -31.43 -9.57
CA PHE D 416 8.40 -30.63 -10.66
C PHE D 416 7.45 -30.52 -11.84
N ASN D 417 6.28 -31.16 -11.77
CA ASN D 417 5.39 -31.24 -12.94
C ASN D 417 4.90 -29.86 -13.37
N SER D 418 4.49 -29.03 -12.41
CA SER D 418 3.85 -27.74 -12.69
C SER D 418 4.46 -26.65 -11.84
N LEU D 419 5.80 -26.58 -11.84
CA LEU D 419 6.53 -25.66 -10.97
C LEU D 419 6.51 -24.22 -11.51
N LYS D 420 5.30 -23.70 -11.70
CA LYS D 420 5.08 -22.28 -11.97
C LYS D 420 5.95 -21.82 -13.16
N GLU D 421 5.55 -22.29 -14.35
CA GLU D 421 6.37 -22.32 -15.55
C GLU D 421 7.36 -21.16 -15.67
N HIS D 422 6.93 -19.94 -15.35
CA HIS D 422 7.87 -18.82 -15.27
C HIS D 422 9.02 -19.16 -14.32
N ASP D 423 8.69 -19.57 -13.09
CA ASP D 423 9.73 -19.98 -12.15
C ASP D 423 10.45 -21.24 -12.62
N ARG D 424 9.72 -22.18 -13.23
CA ARG D 424 10.32 -23.41 -13.73
C ARG D 424 11.41 -23.15 -14.75
N THR D 425 11.30 -22.10 -15.55
CA THR D 425 12.27 -21.81 -16.59
C THR D 425 13.23 -20.69 -16.21
N SER D 426 12.95 -19.94 -15.14
CA SER D 426 13.86 -18.90 -14.68
C SER D 426 15.12 -19.46 -14.02
N ILE D 427 15.35 -20.77 -14.08
CA ILE D 427 16.51 -21.40 -13.47
C ILE D 427 17.50 -21.93 -14.49
N HIS D 428 17.26 -21.71 -15.79
CA HIS D 428 18.19 -22.20 -16.81
C HIS D 428 19.56 -21.57 -16.67
N GLU D 429 19.61 -20.29 -16.30
CA GLU D 429 20.89 -19.62 -16.10
C GLU D 429 21.68 -20.25 -14.97
N ALA D 430 21.07 -20.40 -13.79
CA ALA D 430 21.78 -20.88 -12.61
C ALA D 430 22.05 -22.38 -12.63
N MET D 431 21.26 -23.15 -13.38
CA MET D 431 21.47 -24.59 -13.41
C MET D 431 22.68 -24.99 -14.25
N GLU D 432 23.03 -24.21 -15.26
CA GLU D 432 24.20 -24.50 -16.08
C GLU D 432 25.40 -23.62 -15.78
N GLN D 433 25.22 -22.31 -15.60
CA GLN D 433 26.35 -21.42 -15.39
C GLN D 433 26.76 -21.28 -13.93
N GLN D 434 26.03 -21.90 -13.00
CA GLN D 434 26.31 -21.85 -11.57
C GLN D 434 26.38 -20.43 -11.02
N THR D 435 25.80 -19.46 -11.70
CA THR D 435 25.85 -18.07 -11.26
C THR D 435 24.63 -17.32 -11.78
N ILE D 436 24.01 -16.55 -10.89
CA ILE D 436 22.87 -15.72 -11.22
C ILE D 436 23.38 -14.37 -11.72
N SER D 437 22.61 -13.74 -12.60
CA SER D 437 22.97 -12.43 -13.15
C SER D 437 21.69 -11.63 -13.32
N VAL D 438 21.41 -10.76 -12.34
CA VAL D 438 20.18 -9.98 -12.33
C VAL D 438 20.53 -8.51 -12.17
N ALA D 439 19.63 -7.65 -12.66
CA ALA D 439 19.76 -6.20 -12.54
C ALA D 439 18.43 -5.59 -12.17
N LYS D 440 17.69 -6.25 -11.29
CA LYS D 440 16.37 -5.77 -10.89
C LYS D 440 16.49 -4.48 -10.09
N ALA D 441 15.56 -3.55 -10.33
CA ALA D 441 15.49 -2.25 -9.66
C ALA D 441 16.75 -1.43 -9.86
N GLY D 442 17.49 -1.67 -10.95
CA GLY D 442 18.69 -0.91 -11.24
C GLY D 442 19.77 -1.03 -10.19
N LEU D 443 20.01 -2.26 -9.72
CA LEU D 443 21.02 -2.51 -8.70
C LEU D 443 22.25 -3.22 -9.22
N VAL D 444 22.11 -4.11 -10.20
CA VAL D 444 23.22 -4.85 -10.80
C VAL D 444 23.98 -5.61 -9.73
N CYS D 445 23.42 -6.73 -9.28
CA CYS D 445 24.04 -7.58 -8.26
C CYS D 445 24.27 -8.96 -8.84
N LYS D 446 25.44 -9.54 -8.52
CA LYS D 446 25.83 -10.85 -9.02
C LYS D 446 26.11 -11.76 -7.84
N LEU D 447 25.53 -12.97 -7.86
CA LEU D 447 25.66 -13.92 -6.78
C LEU D 447 26.00 -15.30 -7.34
N ASN D 448 26.70 -16.08 -6.53
CA ASN D 448 27.16 -17.41 -6.93
C ASN D 448 26.27 -18.48 -6.33
N THR D 449 26.01 -19.54 -7.10
CA THR D 449 25.23 -20.67 -6.60
C THR D 449 25.78 -21.95 -7.23
N ARG D 450 26.39 -22.78 -6.39
CA ARG D 450 26.99 -24.05 -6.83
C ARG D 450 26.24 -25.17 -6.11
N THR D 451 25.17 -25.65 -6.73
CA THR D 451 24.29 -26.62 -6.09
C THR D 451 23.98 -27.77 -7.05
N THR D 452 23.86 -28.97 -6.50
CA THR D 452 23.46 -30.15 -7.25
C THR D 452 21.95 -30.34 -7.07
N ILE D 453 21.22 -30.28 -8.18
CA ILE D 453 19.76 -30.31 -8.14
C ILE D 453 19.28 -31.75 -8.26
N LEU D 454 18.45 -32.16 -7.30
CA LEU D 454 17.85 -33.50 -7.29
C LEU D 454 16.33 -33.33 -7.34
N ALA D 455 15.70 -33.94 -8.34
CA ALA D 455 14.29 -33.72 -8.61
C ALA D 455 13.56 -35.04 -8.85
N ALA D 456 12.26 -35.03 -8.56
CA ALA D 456 11.39 -36.17 -8.80
C ALA D 456 9.99 -35.66 -9.05
N THR D 457 9.35 -36.14 -10.11
CA THR D 457 8.04 -35.65 -10.52
C THR D 457 7.21 -36.78 -11.11
N ASN D 458 5.89 -36.57 -11.12
CA ASN D 458 4.93 -37.56 -11.61
C ASN D 458 4.79 -37.49 -13.13
N PRO D 459 4.60 -38.63 -13.78
CA PRO D 459 4.31 -38.63 -15.23
C PRO D 459 2.85 -38.37 -15.53
N LYS D 460 2.47 -37.09 -15.64
CA LYS D 460 1.09 -36.73 -15.92
C LYS D 460 0.57 -37.45 -17.17
N GLY D 461 -0.60 -38.06 -17.05
CA GLY D 461 -1.14 -38.89 -18.11
C GLY D 461 -0.67 -40.32 -17.98
N GLN D 462 -1.41 -41.26 -18.56
CA GLN D 462 -1.02 -42.66 -18.48
C GLN D 462 0.29 -42.89 -19.22
N TYR D 463 1.28 -43.43 -18.52
CA TYR D 463 2.59 -43.62 -19.10
C TYR D 463 2.57 -44.71 -20.17
N ASP D 464 3.40 -44.54 -21.20
CA ASP D 464 3.49 -45.46 -22.31
C ASP D 464 4.94 -45.80 -22.57
N PRO D 465 5.23 -47.05 -22.98
CA PRO D 465 6.62 -47.38 -23.36
C PRO D 465 7.15 -46.52 -24.50
N GLN D 466 6.31 -46.20 -25.47
CA GLN D 466 6.65 -45.28 -26.53
C GLN D 466 6.36 -43.85 -26.05
N GLU D 467 6.40 -42.88 -26.97
CA GLU D 467 6.12 -41.49 -26.64
C GLU D 467 7.09 -40.99 -25.55
N SER D 468 8.35 -40.88 -25.95
CA SER D 468 9.43 -40.58 -25.03
C SER D 468 9.11 -39.38 -24.14
N VAL D 469 9.78 -39.34 -22.98
CA VAL D 469 9.44 -38.43 -21.88
C VAL D 469 9.13 -37.02 -22.36
N SER D 470 9.81 -36.56 -23.42
CA SER D 470 9.59 -35.22 -23.94
C SER D 470 8.14 -35.01 -24.40
N VAL D 471 7.41 -36.09 -24.68
CA VAL D 471 6.00 -36.02 -25.06
C VAL D 471 5.10 -36.28 -23.86
N ASN D 472 5.45 -37.26 -23.02
CA ASN D 472 4.60 -37.61 -21.89
C ASN D 472 4.54 -36.48 -20.87
N ILE D 473 5.70 -35.97 -20.44
CA ILE D 473 5.71 -34.90 -19.45
C ILE D 473 5.64 -33.53 -20.10
N ALA D 474 5.97 -33.43 -21.39
CA ALA D 474 5.91 -32.17 -22.14
C ALA D 474 6.78 -31.09 -21.51
N LEU D 475 8.08 -31.37 -21.46
CA LEU D 475 9.08 -30.39 -21.09
C LEU D 475 9.90 -30.01 -22.32
N GLY D 476 10.31 -28.74 -22.37
CA GLY D 476 11.04 -28.25 -23.52
C GLY D 476 12.37 -28.93 -23.69
N SER D 477 12.80 -29.06 -24.94
CA SER D 477 14.12 -29.62 -25.23
C SER D 477 15.27 -28.87 -24.55
N PRO D 478 15.30 -27.53 -24.51
CA PRO D 478 16.40 -26.87 -23.79
C PRO D 478 16.52 -27.29 -22.34
N LEU D 479 15.40 -27.48 -21.63
CA LEU D 479 15.47 -27.93 -20.25
C LEU D 479 15.77 -29.42 -20.18
N LEU D 480 15.22 -30.22 -21.09
CA LEU D 480 15.46 -31.66 -21.07
C LEU D 480 16.73 -31.99 -21.85
N SER D 481 17.80 -31.30 -21.47
CA SER D 481 19.15 -31.64 -21.89
C SER D 481 20.19 -31.48 -20.80
N ARG D 482 19.94 -30.65 -19.79
CA ARG D 482 20.92 -30.41 -18.74
C ARG D 482 20.92 -31.49 -17.67
N PHE D 483 19.93 -32.36 -17.66
CA PHE D 483 19.86 -33.41 -16.66
C PHE D 483 20.68 -34.61 -17.12
N ASP D 484 21.60 -35.08 -16.27
CA ASP D 484 22.51 -36.13 -16.67
C ASP D 484 21.79 -37.45 -16.85
N LEU D 485 20.98 -37.85 -15.87
CA LEU D 485 20.32 -39.15 -15.86
C LEU D 485 18.83 -38.98 -15.65
N ILE D 486 18.04 -39.63 -16.48
CA ILE D 486 16.59 -39.66 -16.34
C ILE D 486 16.20 -41.13 -16.24
N LEU D 487 16.08 -41.62 -15.01
CA LEU D 487 15.76 -43.03 -14.77
C LEU D 487 14.26 -43.21 -14.75
N VAL D 488 13.77 -44.16 -15.56
CA VAL D 488 12.34 -44.40 -15.72
C VAL D 488 11.96 -45.58 -14.84
N LEU D 489 10.99 -45.37 -13.95
CA LEU D 489 10.49 -46.41 -13.06
C LEU D 489 9.12 -46.86 -13.55
N LEU D 490 9.00 -48.14 -13.85
CA LEU D 490 7.77 -48.70 -14.41
C LEU D 490 7.31 -49.89 -13.59
N ASP D 491 6.03 -49.92 -13.25
CA ASP D 491 5.42 -51.02 -12.52
C ASP D 491 4.68 -51.92 -13.47
N THR D 492 5.02 -53.21 -13.46
CA THR D 492 4.46 -54.17 -14.40
C THR D 492 4.00 -55.40 -13.63
N LYS D 493 3.63 -56.45 -14.38
CA LYS D 493 3.12 -57.68 -13.80
C LYS D 493 4.26 -58.54 -13.28
N ASN D 494 4.17 -58.93 -12.01
CA ASN D 494 5.12 -59.86 -11.42
C ASN D 494 4.44 -60.55 -10.24
N GLU D 495 4.71 -61.84 -10.08
CA GLU D 495 4.10 -62.64 -9.02
C GLU D 495 5.07 -63.00 -7.90
N ASP D 496 6.27 -62.43 -7.89
CA ASP D 496 7.25 -62.68 -6.84
C ASP D 496 7.64 -61.43 -6.07
N TRP D 497 7.86 -60.31 -6.77
CA TRP D 497 8.21 -59.07 -6.10
C TRP D 497 7.10 -58.63 -5.16
N ASP D 498 5.84 -58.83 -5.57
CA ASP D 498 4.71 -58.49 -4.72
C ASP D 498 4.75 -59.28 -3.41
N ARG D 499 4.98 -60.59 -3.50
CA ARG D 499 5.05 -61.40 -2.29
C ARG D 499 6.23 -60.99 -1.41
N ILE D 500 7.38 -60.72 -2.03
CA ILE D 500 8.56 -60.34 -1.25
C ILE D 500 8.32 -59.03 -0.51
N ILE D 501 7.76 -58.04 -1.20
CA ILE D 501 7.53 -56.74 -0.57
C ILE D 501 6.43 -56.85 0.48
N SER D 502 5.43 -57.68 0.24
CA SER D 502 4.39 -57.89 1.25
C SER D 502 4.99 -58.49 2.52
N SER D 503 5.85 -59.50 2.37
CA SER D 503 6.51 -60.08 3.53
C SER D 503 7.39 -59.05 4.23
N PHE D 504 8.12 -58.25 3.46
CA PHE D 504 8.98 -57.22 4.05
C PHE D 504 8.18 -56.25 4.89
N ILE D 505 7.04 -55.79 4.36
CA ILE D 505 6.25 -54.79 5.08
C ILE D 505 5.58 -55.41 6.30
N LEU D 506 5.02 -56.61 6.16
CA LEU D 506 4.19 -57.17 7.22
C LEU D 506 5.03 -57.76 8.35
N GLU D 507 6.01 -58.60 8.01
CA GLU D 507 6.85 -59.20 9.05
C GLU D 507 7.81 -58.20 9.69
N ASN D 508 7.72 -56.92 9.34
CA ASN D 508 8.51 -55.83 9.92
C ASN D 508 10.00 -56.13 9.96
N LYS D 509 10.45 -57.07 9.12
CA LYS D 509 11.84 -57.50 9.10
C LYS D 509 12.68 -56.42 8.43
N GLY D 510 13.21 -55.49 9.22
CA GLY D 510 14.13 -54.51 8.72
C GLY D 510 15.52 -55.11 8.62
N TYR D 511 16.24 -54.75 7.55
CA TYR D 511 17.59 -55.24 7.32
C TYR D 511 17.58 -56.76 7.21
N PRO D 512 17.06 -57.33 6.12
CA PRO D 512 16.96 -58.80 6.04
C PRO D 512 18.29 -59.51 6.22
N SER D 513 19.39 -58.89 5.81
CA SER D 513 20.71 -59.44 6.11
C SER D 513 21.00 -59.23 7.59
N LYS D 514 20.74 -60.24 8.41
CA LYS D 514 20.84 -60.12 9.85
C LYS D 514 22.27 -59.91 10.33
N SER D 515 23.26 -60.10 9.47
CA SER D 515 24.64 -59.85 9.86
C SER D 515 24.83 -58.39 10.27
N GLU D 516 25.70 -58.18 11.25
CA GLU D 516 25.87 -56.88 11.88
C GLU D 516 26.84 -55.97 11.12
N LYS D 517 27.07 -56.23 9.83
CA LYS D 517 27.91 -55.33 9.04
C LYS D 517 27.26 -53.96 8.99
N LEU D 518 26.07 -53.87 8.37
CA LEU D 518 25.31 -52.63 8.27
C LEU D 518 26.19 -51.48 7.81
N TRP D 519 25.94 -50.29 8.38
CA TRP D 519 26.78 -49.12 8.63
C TRP D 519 25.95 -48.05 9.33
N SER D 520 26.57 -47.35 10.27
CA SER D 520 25.92 -46.24 10.93
C SER D 520 25.89 -45.02 10.01
N MET D 521 24.93 -44.11 10.30
CA MET D 521 24.79 -42.91 9.48
C MET D 521 25.96 -41.96 9.67
N GLU D 522 26.55 -41.93 10.87
CA GLU D 522 27.73 -41.09 11.09
C GLU D 522 28.90 -41.57 10.23
N LYS D 523 29.08 -42.88 10.13
CA LYS D 523 30.13 -43.42 9.26
C LYS D 523 29.89 -43.01 7.81
N MET D 524 28.64 -43.08 7.36
CA MET D 524 28.32 -42.68 5.98
C MET D 524 28.59 -41.21 5.74
N LYS D 525 28.21 -40.34 6.68
CA LYS D 525 28.44 -38.92 6.48
C LYS D 525 29.93 -38.59 6.50
N THR D 526 30.69 -39.25 7.38
CA THR D 526 32.14 -39.05 7.38
C THR D 526 32.75 -39.53 6.05
N TYR D 527 32.29 -40.67 5.55
CA TYR D 527 32.80 -41.21 4.29
C TYR D 527 32.52 -40.25 3.15
N PHE D 528 31.30 -39.73 3.06
CA PHE D 528 30.93 -38.84 1.96
C PHE D 528 31.40 -37.41 2.16
N CYS D 529 31.89 -37.05 3.33
CA CYS D 529 32.50 -35.75 3.55
C CYS D 529 34.02 -35.79 3.43
N LEU D 530 34.63 -36.98 3.50
CA LEU D 530 36.08 -37.10 3.40
C LEU D 530 36.58 -37.27 1.98
N ILE D 531 35.81 -37.93 1.10
CA ILE D 531 36.25 -38.14 -0.27
C ILE D 531 36.07 -36.92 -1.15
N ARG D 532 35.67 -35.79 -0.60
CA ARG D 532 35.49 -34.56 -1.35
C ARG D 532 36.81 -33.81 -1.57
N ASN D 533 37.91 -34.33 -1.03
CA ASN D 533 39.21 -33.68 -1.14
C ASN D 533 40.13 -34.28 -2.19
N LEU D 534 39.85 -35.49 -2.69
CA LEU D 534 40.71 -36.12 -3.68
C LEU D 534 40.48 -35.54 -5.06
N GLN D 535 41.55 -35.43 -5.84
CA GLN D 535 41.50 -34.92 -7.22
C GLN D 535 42.05 -35.97 -8.18
N PRO D 536 41.19 -36.73 -8.86
CA PRO D 536 41.69 -37.74 -9.79
C PRO D 536 42.23 -37.11 -11.07
N THR D 537 43.02 -37.89 -11.79
CA THR D 537 43.61 -37.48 -13.05
C THR D 537 43.32 -38.53 -14.13
N LEU D 538 43.09 -38.05 -15.35
CA LEU D 538 42.71 -38.94 -16.44
C LEU D 538 43.90 -39.78 -16.88
N SER D 539 43.62 -40.80 -17.70
CA SER D 539 44.64 -41.73 -18.16
C SER D 539 44.41 -42.02 -19.64
N ASP D 540 45.15 -42.99 -20.16
CA ASP D 540 45.09 -43.36 -21.58
C ASP D 540 44.31 -44.63 -21.85
N VAL D 541 44.32 -45.59 -20.94
CA VAL D 541 43.51 -46.81 -21.07
C VAL D 541 42.03 -46.51 -20.89
N GLY D 542 41.68 -45.27 -20.58
CA GLY D 542 40.34 -44.79 -20.32
C GLY D 542 39.81 -44.06 -21.52
N ASN D 543 40.07 -42.75 -21.56
CA ASN D 543 39.48 -41.75 -22.45
C ASN D 543 39.12 -42.22 -23.84
N GLN D 544 39.98 -43.03 -24.46
CA GLN D 544 39.70 -43.53 -25.81
C GLN D 544 38.35 -44.24 -25.88
N VAL D 545 37.96 -44.93 -24.81
CA VAL D 545 36.68 -45.63 -24.79
C VAL D 545 35.53 -44.63 -24.91
N LEU D 546 35.57 -43.56 -24.12
CA LEU D 546 34.52 -42.55 -24.19
C LEU D 546 34.52 -41.85 -25.55
N LEU D 547 35.71 -41.58 -26.10
CA LEU D 547 35.78 -40.92 -27.40
C LEU D 547 35.17 -41.79 -28.50
N ARG D 548 35.40 -43.10 -28.46
CA ARG D 548 34.78 -43.97 -29.45
C ARG D 548 33.28 -44.11 -29.21
N TYR D 549 32.86 -44.17 -27.95
CA TYR D 549 31.44 -44.29 -27.65
C TYR D 549 30.65 -43.09 -28.12
N TYR D 550 31.18 -41.87 -27.88
CA TYR D 550 30.47 -40.68 -28.33
C TYR D 550 30.35 -40.66 -29.85
N GLN D 551 31.42 -40.98 -30.55
CA GLN D 551 31.39 -40.96 -32.01
C GLN D 551 30.45 -42.02 -32.56
N MET D 552 30.39 -43.18 -31.92
CA MET D 552 29.47 -44.22 -32.35
C MET D 552 28.02 -43.82 -32.09
N GLN D 553 27.74 -43.22 -30.94
CA GLN D 553 26.39 -42.80 -30.60
C GLN D 553 25.94 -41.58 -31.38
N ARG D 554 26.88 -40.82 -31.95
CA ARG D 554 26.54 -39.56 -32.59
C ARG D 554 25.58 -39.77 -33.76
N GLN D 555 25.68 -40.90 -34.46
CA GLN D 555 24.67 -41.27 -35.45
C GLN D 555 24.67 -42.80 -35.59
N SER D 556 23.72 -43.45 -34.92
CA SER D 556 23.52 -44.87 -35.17
C SER D 556 22.39 -45.10 -36.18
N ASP D 557 21.16 -44.77 -35.79
CA ASP D 557 20.06 -44.64 -36.74
C ASP D 557 19.06 -43.54 -36.42
N CYS D 558 18.99 -43.05 -35.18
CA CYS D 558 17.96 -42.08 -34.83
C CYS D 558 18.53 -40.89 -34.07
N ARG D 559 19.60 -41.11 -33.30
CA ARG D 559 20.24 -40.05 -32.52
C ARG D 559 19.24 -39.40 -31.57
N ASN D 560 18.22 -40.17 -31.16
CA ASN D 560 17.09 -39.72 -30.35
C ASN D 560 16.67 -38.29 -30.70
N ALA D 561 16.46 -37.44 -29.69
CA ALA D 561 16.11 -36.05 -29.96
C ALA D 561 16.96 -35.02 -29.22
N ALA D 562 17.31 -35.23 -27.95
CA ALA D 562 17.96 -34.18 -27.17
C ALA D 562 19.12 -34.65 -26.31
N ARG D 563 19.39 -35.94 -26.19
CA ARG D 563 20.43 -36.45 -25.31
C ARG D 563 21.69 -36.86 -26.08
N THR D 564 21.92 -36.22 -27.23
CA THR D 564 23.12 -36.47 -28.01
C THR D 564 23.91 -35.21 -28.34
N THR D 565 23.63 -34.08 -27.71
CA THR D 565 24.38 -32.87 -27.96
C THR D 565 25.77 -32.97 -27.33
N ILE D 566 26.55 -31.91 -27.47
CA ILE D 566 27.91 -31.88 -26.93
C ILE D 566 27.94 -32.02 -25.42
N ARG D 567 26.83 -31.71 -24.74
CA ARG D 567 26.77 -31.81 -23.29
C ARG D 567 26.75 -33.25 -22.79
N LEU D 568 26.55 -34.22 -23.68
CA LEU D 568 26.62 -35.63 -23.33
C LEU D 568 28.03 -36.04 -22.92
N LEU D 569 29.05 -35.64 -23.70
CA LEU D 569 30.42 -35.95 -23.34
C LEU D 569 30.89 -35.16 -22.12
N GLU D 570 30.35 -33.95 -21.92
CA GLU D 570 30.68 -33.17 -20.74
C GLU D 570 30.20 -33.84 -19.46
N SER D 571 29.22 -34.73 -19.55
CA SER D 571 28.75 -35.51 -18.40
C SER D 571 29.36 -36.89 -18.34
N LEU D 572 29.67 -37.50 -19.49
CA LEU D 572 30.31 -38.80 -19.50
C LEU D 572 31.67 -38.80 -18.83
N ILE D 573 32.38 -37.67 -18.85
CA ILE D 573 33.65 -37.56 -18.15
C ILE D 573 33.45 -37.27 -16.67
N ARG D 574 32.51 -36.38 -16.35
CA ARG D 574 32.24 -36.04 -14.95
C ARG D 574 31.75 -37.23 -14.15
N LEU D 575 30.86 -38.05 -14.71
CA LEU D 575 30.39 -39.24 -14.01
C LEU D 575 31.49 -40.26 -13.77
N ALA D 576 32.35 -40.49 -14.77
CA ALA D 576 33.48 -41.40 -14.57
C ALA D 576 34.43 -40.87 -13.51
N GLU D 577 34.70 -39.56 -13.54
CA GLU D 577 35.55 -38.98 -12.50
C GLU D 577 34.93 -39.15 -11.12
N ALA D 578 33.63 -38.92 -10.99
CA ALA D 578 32.96 -39.10 -9.71
C ALA D 578 33.04 -40.55 -9.24
N HIS D 579 32.82 -41.50 -10.16
CA HIS D 579 32.92 -42.91 -9.80
C HIS D 579 34.32 -43.30 -9.38
N ALA D 580 35.34 -42.67 -9.95
CA ALA D 580 36.72 -42.94 -9.55
C ALA D 580 37.04 -42.42 -8.16
N ARG D 581 36.21 -41.57 -7.59
CA ARG D 581 36.45 -40.98 -6.28
C ARG D 581 35.72 -41.70 -5.16
N LEU D 582 34.96 -42.75 -5.48
CA LEU D 582 34.26 -43.54 -4.47
C LEU D 582 35.05 -44.77 -4.05
N MET D 583 36.16 -45.09 -4.73
CA MET D 583 36.92 -46.30 -4.45
C MET D 583 38.34 -46.00 -3.99
N PHE D 584 38.59 -44.78 -3.51
CA PHE D 584 39.88 -44.38 -2.96
C PHE D 584 41.03 -44.61 -3.94
N ARG D 585 40.95 -43.91 -5.07
CA ARG D 585 42.06 -43.86 -6.01
C ARG D 585 41.91 -42.61 -6.86
N ASP D 586 43.02 -42.18 -7.46
CA ASP D 586 43.03 -40.95 -8.24
C ASP D 586 43.52 -41.19 -9.66
N THR D 587 43.38 -42.43 -10.15
CA THR D 587 43.79 -42.78 -11.51
C THR D 587 42.66 -43.56 -12.15
N VAL D 588 41.95 -42.94 -13.09
CA VAL D 588 40.87 -43.62 -13.80
C VAL D 588 41.45 -44.72 -14.67
N THR D 589 40.74 -45.84 -14.76
CA THR D 589 41.17 -46.99 -15.53
C THR D 589 40.04 -47.43 -16.44
N LEU D 590 40.23 -48.59 -17.08
CA LEU D 590 39.17 -49.18 -17.89
C LEU D 590 37.97 -49.56 -17.02
N GLU D 591 38.21 -49.86 -15.74
CA GLU D 591 37.13 -50.29 -14.86
C GLU D 591 36.07 -49.21 -14.69
N ASP D 592 36.48 -47.97 -14.36
CA ASP D 592 35.51 -46.92 -14.12
C ASP D 592 34.73 -46.58 -15.39
N ALA D 593 35.42 -46.49 -16.52
CA ALA D 593 34.73 -46.17 -17.78
C ALA D 593 33.75 -47.26 -18.16
N ILE D 594 34.15 -48.53 -18.00
CA ILE D 594 33.25 -49.62 -18.37
C ILE D 594 32.11 -49.74 -17.38
N THR D 595 32.29 -49.22 -16.16
CA THR D 595 31.17 -49.15 -15.22
C THR D 595 30.18 -48.05 -15.60
N VAL D 596 30.70 -46.88 -15.98
CA VAL D 596 29.81 -45.75 -16.28
C VAL D 596 29.12 -45.89 -17.63
N VAL D 597 29.71 -46.61 -18.59
CA VAL D 597 29.08 -46.76 -19.89
C VAL D 597 27.77 -47.54 -19.78
N SER D 598 27.74 -48.60 -18.96
CA SER D 598 26.52 -49.37 -18.80
C SER D 598 25.40 -48.54 -18.18
N VAL D 599 25.75 -47.73 -17.16
CA VAL D 599 24.74 -46.86 -16.54
C VAL D 599 24.23 -45.84 -17.55
N MET D 600 25.13 -45.26 -18.36
CA MET D 600 24.71 -44.32 -19.39
C MET D 600 23.78 -44.97 -20.39
N GLU D 601 24.09 -46.19 -20.81
CA GLU D 601 23.23 -46.89 -21.77
C GLU D 601 21.87 -47.21 -21.17
N SER D 602 21.85 -47.62 -19.90
CA SER D 602 20.58 -47.92 -19.24
C SER D 602 19.75 -46.68 -18.97
N SER D 603 20.38 -45.51 -18.83
CA SER D 603 19.64 -44.28 -18.61
C SER D 603 18.78 -43.92 -19.81
N MET D 604 19.32 -44.10 -21.02
CA MET D 604 18.58 -43.80 -22.25
C MET D 604 17.54 -44.88 -22.48
N GLN D 605 16.30 -44.60 -22.08
CA GLN D 605 15.22 -45.56 -22.26
C GLN D 605 14.86 -45.70 -23.74
N GLY D 606 14.29 -46.85 -24.08
CA GLY D 606 13.86 -47.10 -25.44
C GLY D 606 15.00 -47.24 -26.41
N GLY D 607 15.17 -46.26 -27.30
CA GLY D 607 16.23 -46.31 -28.28
C GLY D 607 17.62 -46.32 -27.67
N ALA D 608 18.39 -47.37 -27.98
CA ALA D 608 19.74 -47.53 -27.46
C ALA D 608 20.47 -48.53 -28.34
N LEU D 609 21.66 -48.95 -27.90
CA LEU D 609 22.47 -49.90 -28.65
C LEU D 609 22.68 -51.24 -27.94
N LEU D 610 22.18 -51.39 -26.72
CA LEU D 610 22.26 -52.66 -25.99
C LEU D 610 20.88 -53.18 -25.59
N GLY D 611 19.99 -52.32 -25.14
CA GLY D 611 18.68 -52.73 -24.68
C GLY D 611 18.35 -52.06 -23.36
N GLY D 612 17.06 -51.98 -23.06
CA GLY D 612 16.57 -51.33 -21.85
C GLY D 612 16.19 -52.36 -20.80
N VAL D 613 16.65 -52.10 -19.58
CA VAL D 613 16.35 -52.94 -18.42
C VAL D 613 15.66 -52.07 -17.38
N ASN D 614 14.52 -52.55 -16.88
CA ASN D 614 13.75 -51.79 -15.91
C ASN D 614 14.53 -51.66 -14.60
N ALA D 615 14.46 -50.47 -14.00
CA ALA D 615 15.18 -50.22 -12.76
C ALA D 615 14.52 -50.87 -11.55
N LEU D 616 13.19 -51.08 -11.60
CA LEU D 616 12.50 -51.67 -10.47
C LEU D 616 12.93 -53.11 -10.23
N HIS D 617 12.96 -53.91 -11.30
CA HIS D 617 13.24 -55.35 -11.17
C HIS D 617 14.74 -55.59 -11.32
N THR D 618 15.47 -55.25 -10.27
CA THR D 618 16.91 -55.46 -10.22
C THR D 618 17.32 -55.75 -8.78
N SER D 619 18.19 -56.74 -8.61
CA SER D 619 18.64 -57.18 -7.30
C SER D 619 20.16 -57.24 -7.29
N PHE D 620 20.72 -57.20 -6.08
CA PHE D 620 22.17 -57.27 -5.92
C PHE D 620 22.70 -58.59 -6.44
N PRO D 621 23.71 -58.58 -7.32
CA PRO D 621 24.28 -59.84 -7.79
C PRO D 621 25.04 -60.57 -6.70
N GLU D 622 25.07 -61.90 -6.82
CA GLU D 622 25.80 -62.71 -5.84
C GLU D 622 27.30 -62.56 -5.99
N ASN D 623 27.81 -62.60 -7.21
CA ASN D 623 29.24 -62.45 -7.48
C ASN D 623 29.44 -61.34 -8.50
N PRO D 624 30.04 -60.21 -8.13
CA PRO D 624 30.20 -59.10 -9.08
C PRO D 624 31.36 -59.28 -10.04
N GLY D 625 32.36 -60.08 -9.71
CA GLY D 625 33.52 -60.22 -10.59
C GLY D 625 33.17 -60.86 -11.92
N GLU D 626 32.38 -61.93 -11.88
CA GLU D 626 31.98 -62.59 -13.12
C GLU D 626 31.12 -61.68 -13.97
N GLN D 627 30.20 -60.94 -13.34
CA GLN D 627 29.38 -60.00 -14.08
C GLN D 627 30.23 -58.91 -14.73
N TYR D 628 31.23 -58.40 -14.00
CA TYR D 628 32.12 -57.39 -14.56
C TYR D 628 32.91 -57.94 -15.74
N GLN D 629 33.42 -59.16 -15.62
CA GLN D 629 34.17 -59.75 -16.71
C GLN D 629 33.29 -59.95 -17.94
N ARG D 630 32.07 -60.43 -17.74
CA ARG D 630 31.16 -60.62 -18.87
C ARG D 630 30.79 -59.29 -19.51
N GLN D 631 30.55 -58.26 -18.69
CA GLN D 631 30.24 -56.94 -19.23
C GLN D 631 31.40 -56.39 -20.05
N CYS D 632 32.62 -56.54 -19.55
CA CYS D 632 33.78 -56.07 -20.29
C CYS D 632 33.92 -56.80 -21.62
N GLU D 633 33.79 -58.12 -21.58
CA GLU D 633 33.95 -58.91 -22.81
C GLU D 633 32.85 -58.58 -23.81
N LEU D 634 31.65 -58.26 -23.33
CA LEU D 634 30.56 -57.92 -24.24
C LEU D 634 30.75 -56.54 -24.84
N ILE D 635 31.13 -55.55 -24.01
CA ILE D 635 31.19 -54.18 -24.49
C ILE D 635 32.39 -53.97 -25.40
N LEU D 636 33.55 -54.55 -25.05
CA LEU D 636 34.77 -54.28 -25.81
C LEU D 636 34.83 -55.05 -27.12
N GLU D 637 33.72 -55.59 -27.60
CA GLU D 637 33.69 -56.32 -28.87
C GLU D 637 33.10 -55.50 -30.01
N LYS D 638 31.91 -54.95 -29.82
CA LYS D 638 31.27 -54.20 -30.92
C LYS D 638 32.02 -52.91 -31.21
N LEU D 639 32.56 -52.26 -30.19
CA LEU D 639 33.47 -51.13 -30.38
C LEU D 639 34.88 -51.71 -30.41
N GLU D 640 35.60 -51.47 -31.50
CA GLU D 640 36.83 -52.18 -31.80
C GLU D 640 37.98 -51.62 -30.97
N LEU D 641 38.18 -52.18 -29.79
CA LEU D 641 39.33 -51.89 -28.94
C LEU D 641 39.84 -53.21 -28.34
N GLN D 642 39.91 -54.24 -29.18
CA GLN D 642 40.33 -55.56 -28.73
C GLN D 642 41.76 -55.59 -28.24
N SER D 643 42.58 -54.60 -28.61
CA SER D 643 43.95 -54.55 -28.12
C SER D 643 44.01 -54.33 -26.61
N LEU D 644 42.93 -53.82 -26.01
CA LEU D 644 42.87 -53.61 -24.57
C LEU D 644 42.23 -54.78 -23.82
N LEU D 645 41.43 -55.60 -24.51
CA LEU D 645 40.77 -56.72 -23.84
C LEU D 645 41.78 -57.74 -23.33
N SER D 646 42.79 -58.05 -24.13
CA SER D 646 43.82 -58.99 -23.69
C SER D 646 44.58 -58.46 -22.48
N GLU D 647 44.93 -57.16 -22.51
CA GLU D 647 45.63 -56.57 -21.38
C GLU D 647 44.77 -56.60 -20.12
N GLU D 648 43.47 -56.29 -20.26
CA GLU D 648 42.58 -56.33 -19.10
C GLU D 648 42.45 -57.74 -18.55
N LEU D 649 42.32 -58.73 -19.42
CA LEU D 649 42.22 -60.12 -18.96
C LEU D 649 43.49 -60.54 -18.26
N ARG D 650 44.66 -60.17 -18.79
CA ARG D 650 45.93 -60.52 -18.16
C ARG D 650 46.06 -59.85 -16.80
N ARG D 651 45.64 -58.59 -16.68
CA ARG D 651 45.67 -57.91 -15.40
C ARG D 651 44.75 -58.59 -14.40
N LEU D 652 43.55 -58.96 -14.83
CA LEU D 652 42.59 -59.60 -13.94
C LEU D 652 43.07 -60.99 -13.52
N GLU D 653 43.87 -61.64 -14.36
CA GLU D 653 44.32 -63.01 -14.06
C GLU D 653 45.19 -63.05 -12.81
N ARG D 654 46.16 -62.14 -12.70
CA ARG D 654 47.11 -62.18 -11.59
C ARG D 654 46.66 -61.30 -10.43
N LEU D 655 45.41 -61.44 -10.02
CA LEU D 655 44.90 -60.72 -8.85
C LEU D 655 44.27 -61.67 -7.84
N MET E 1 -27.25 19.04 54.03
CA MET E 1 -28.56 18.52 54.38
C MET E 1 -28.75 18.53 55.89
N ASN E 2 -30.00 18.38 56.33
CA ASN E 2 -30.31 18.40 57.76
C ASN E 2 -29.88 17.08 58.42
N SER E 3 -29.63 17.16 59.73
CA SER E 3 -29.14 16.00 60.46
C SER E 3 -30.18 14.89 60.54
N ASP E 4 -31.44 15.25 60.78
CA ASP E 4 -32.49 14.23 60.93
C ASP E 4 -32.84 13.57 59.61
N GLN E 5 -32.62 14.26 58.49
CA GLN E 5 -33.01 13.72 57.19
C GLN E 5 -32.23 12.45 56.87
N VAL E 6 -30.90 12.48 57.07
CA VAL E 6 -30.09 11.30 56.76
C VAL E 6 -30.42 10.15 57.71
N THR E 7 -30.74 10.47 58.97
CA THR E 7 -31.12 9.42 59.91
C THR E 7 -32.41 8.74 59.47
N LEU E 8 -33.41 9.53 59.07
CA LEU E 8 -34.66 8.94 58.60
C LEU E 8 -34.45 8.15 57.32
N VAL E 9 -33.59 8.64 56.42
CA VAL E 9 -33.28 7.94 55.19
C VAL E 9 -32.63 6.58 55.49
N GLY E 10 -31.64 6.57 56.38
CA GLY E 10 -31.02 5.31 56.77
C GLY E 10 -32.02 4.36 57.38
N GLN E 11 -32.91 4.88 58.23
CA GLN E 11 -33.92 4.04 58.86
C GLN E 11 -34.85 3.41 57.84
N VAL E 12 -35.31 4.19 56.85
CA VAL E 12 -36.27 3.64 55.90
C VAL E 12 -35.60 2.61 54.99
N PHE E 13 -34.38 2.88 54.51
CA PHE E 13 -33.68 1.86 53.73
C PHE E 13 -33.40 0.60 54.53
N GLU E 14 -32.95 0.74 55.78
CA GLU E 14 -32.64 -0.46 56.56
C GLU E 14 -33.90 -1.26 56.84
N SER E 15 -35.02 -0.58 57.12
CA SER E 15 -36.28 -1.28 57.33
C SER E 15 -36.69 -2.03 56.07
N TYR E 16 -36.61 -1.39 54.91
CA TYR E 16 -37.02 -2.05 53.67
C TYR E 16 -36.14 -3.25 53.37
N VAL E 17 -34.82 -3.10 53.52
CA VAL E 17 -33.93 -4.19 53.19
C VAL E 17 -34.07 -5.35 54.17
N SER E 18 -34.33 -5.05 55.46
CA SER E 18 -34.55 -6.12 56.42
C SER E 18 -35.90 -6.79 56.21
N GLU E 19 -36.86 -6.08 55.62
CA GLU E 19 -38.19 -6.66 55.44
C GLU E 19 -38.29 -7.51 54.17
N TYR E 20 -37.64 -7.08 53.08
CA TYR E 20 -37.85 -7.74 51.79
C TYR E 20 -36.61 -8.38 51.20
N HIS E 21 -35.47 -8.34 51.88
CA HIS E 21 -34.23 -8.82 51.29
C HIS E 21 -33.46 -9.71 52.28
N LYS E 22 -34.18 -10.65 52.91
CA LYS E 22 -33.54 -11.60 53.81
C LYS E 22 -32.72 -12.66 53.08
N ASN E 23 -33.27 -13.20 51.99
CA ASN E 23 -32.63 -14.31 51.30
C ASN E 23 -31.30 -13.90 50.69
N ASP E 24 -31.26 -12.71 50.07
CA ASP E 24 -30.05 -12.28 49.39
C ASP E 24 -28.90 -12.07 50.37
N ILE E 25 -29.16 -11.37 51.48
CA ILE E 25 -28.12 -11.17 52.47
C ILE E 25 -27.73 -12.49 53.13
N LEU E 26 -28.71 -13.38 53.30
CA LEU E 26 -28.40 -14.70 53.86
C LEU E 26 -27.42 -15.45 52.98
N LEU E 27 -27.63 -15.44 51.66
CA LEU E 27 -26.64 -16.02 50.76
C LEU E 27 -25.30 -15.28 50.84
N ILE E 28 -25.35 -13.94 50.80
CA ILE E 28 -24.11 -13.15 50.71
C ILE E 28 -23.22 -13.44 51.92
N LEU E 29 -23.82 -13.64 53.08
CA LEU E 29 -23.04 -14.02 54.25
C LEU E 29 -22.38 -15.39 54.06
N LYS E 30 -23.05 -16.31 53.36
CA LYS E 30 -22.62 -17.71 53.29
C LYS E 30 -21.83 -17.99 52.01
N GLU E 31 -20.82 -17.15 51.78
CA GLU E 31 -19.81 -17.37 50.74
C GLU E 31 -18.42 -17.18 51.34
N ARG E 32 -17.42 -17.72 50.63
CA ARG E 32 -16.02 -17.67 51.02
C ARG E 32 -15.43 -16.29 50.74
N ASP E 33 -14.12 -16.17 50.99
CA ASP E 33 -13.36 -14.92 50.82
C ASP E 33 -13.82 -13.85 51.79
N GLU E 34 -12.97 -12.86 52.05
CA GLU E 34 -13.21 -11.92 53.14
C GLU E 34 -13.43 -10.48 52.70
N ASP E 35 -12.71 -10.00 51.70
CA ASP E 35 -12.81 -8.59 51.29
C ASP E 35 -12.81 -8.45 49.77
N ALA E 36 -13.57 -9.29 49.07
CA ALA E 36 -13.54 -9.17 47.62
C ALA E 36 -14.47 -8.09 47.10
N HIS E 37 -15.78 -8.37 47.10
CA HIS E 37 -16.87 -7.43 46.83
C HIS E 37 -18.19 -8.20 46.88
N TYR E 38 -19.29 -7.53 47.20
CA TYR E 38 -20.61 -8.17 47.12
C TYR E 38 -21.71 -7.14 46.93
N PRO E 39 -22.39 -7.14 45.78
CA PRO E 39 -23.48 -6.19 45.55
C PRO E 39 -24.84 -6.76 45.95
N VAL E 40 -25.78 -5.84 46.17
CA VAL E 40 -27.16 -6.16 46.52
C VAL E 40 -28.08 -5.41 45.58
N VAL E 41 -29.01 -6.14 44.94
CA VAL E 41 -29.95 -5.56 43.99
C VAL E 41 -31.23 -5.19 44.74
N VAL E 42 -31.69 -3.95 44.53
CA VAL E 42 -32.86 -3.42 45.22
C VAL E 42 -33.70 -2.64 44.22
N ASN E 43 -35.01 -2.92 44.21
CA ASN E 43 -35.93 -2.24 43.31
C ASN E 43 -36.28 -0.84 43.83
N ALA E 44 -36.84 -0.02 42.96
CA ALA E 44 -37.17 1.36 43.25
C ALA E 44 -38.66 1.63 43.44
N MET E 45 -39.53 0.90 42.73
CA MET E 45 -40.96 1.11 42.85
C MET E 45 -41.46 0.86 44.27
N THR E 46 -41.36 -0.40 44.72
CA THR E 46 -41.90 -0.75 46.03
C THR E 46 -41.38 0.19 47.11
N LEU E 47 -40.12 0.61 47.01
CA LEU E 47 -39.57 1.57 47.95
C LEU E 47 -40.25 2.94 47.82
N PHE E 48 -40.46 3.41 46.59
CA PHE E 48 -40.97 4.77 46.40
C PHE E 48 -42.46 4.86 46.75
N GLU E 49 -43.26 3.90 46.30
CA GLU E 49 -44.64 3.85 46.76
C GLU E 49 -44.75 3.48 48.24
N THR E 50 -43.69 2.92 48.83
CA THR E 50 -43.71 2.69 50.28
C THR E 50 -43.71 4.02 51.04
N ASN E 51 -42.83 4.95 50.68
CA ASN E 51 -42.75 6.25 51.32
C ASN E 51 -42.61 7.34 50.27
N MET E 52 -43.45 8.37 50.38
CA MET E 52 -43.46 9.46 49.43
C MET E 52 -42.26 10.38 49.56
N GLU E 53 -41.72 10.53 50.77
CA GLU E 53 -40.62 11.46 51.01
C GLU E 53 -39.28 10.98 50.47
N ILE E 54 -39.06 9.68 50.37
CA ILE E 54 -37.75 9.17 49.98
C ILE E 54 -37.46 9.50 48.51
N GLY E 55 -38.48 9.46 47.66
CA GLY E 55 -38.25 9.72 46.25
C GLY E 55 -37.82 11.16 45.98
N GLU E 56 -38.48 12.12 46.65
CA GLU E 56 -38.07 13.52 46.51
C GLU E 56 -36.68 13.74 47.08
N TYR E 57 -36.41 13.16 48.25
CA TYR E 57 -35.08 13.28 48.84
C TYR E 57 -34.01 12.60 47.99
N PHE E 58 -34.39 11.68 47.12
CA PHE E 58 -33.43 10.96 46.28
C PHE E 58 -33.17 11.69 44.96
N ASN E 59 -34.24 12.13 44.28
CA ASN E 59 -34.04 12.62 42.91
C ASN E 59 -33.80 14.12 42.83
N MET E 60 -32.93 14.65 43.69
CA MET E 60 -32.18 15.86 43.38
C MET E 60 -30.71 15.77 43.76
N PHE E 61 -30.32 14.93 44.71
CA PHE E 61 -28.94 14.79 45.17
C PHE E 61 -28.58 13.32 45.21
N PRO E 62 -28.42 12.68 44.05
CA PRO E 62 -28.15 11.24 44.00
C PRO E 62 -26.70 10.87 44.31
N SER E 63 -26.16 11.44 45.38
CA SER E 63 -24.81 11.13 45.83
C SER E 63 -24.78 10.57 47.25
N GLU E 64 -25.45 11.24 48.20
CA GLU E 64 -25.45 10.77 49.58
C GLU E 64 -26.36 9.57 49.77
N VAL E 65 -27.36 9.40 48.91
CA VAL E 65 -28.32 8.31 49.08
C VAL E 65 -27.63 6.97 48.99
N LEU E 66 -26.73 6.80 48.02
CA LEU E 66 -26.03 5.53 47.86
C LEU E 66 -25.16 5.22 49.07
N THR E 67 -24.45 6.24 49.59
CA THR E 67 -23.60 6.02 50.76
C THR E 67 -24.44 5.65 51.99
N ILE E 68 -25.56 6.34 52.19
CA ILE E 68 -26.42 6.03 53.33
C ILE E 68 -27.00 4.63 53.20
N PHE E 69 -27.36 4.23 51.98
CA PHE E 69 -27.88 2.88 51.76
C PHE E 69 -26.81 1.84 52.01
N ASP E 70 -25.56 2.11 51.62
CA ASP E 70 -24.45 1.21 51.95
C ASP E 70 -24.28 1.07 53.45
N SER E 71 -24.37 2.18 54.18
CA SER E 71 -24.27 2.12 55.63
C SER E 71 -25.43 1.30 56.22
N ALA E 72 -26.63 1.46 55.65
CA ALA E 72 -27.77 0.68 56.12
C ALA E 72 -27.55 -0.82 55.88
N LEU E 73 -27.00 -1.17 54.72
CA LEU E 73 -26.68 -2.58 54.47
C LEU E 73 -25.64 -3.11 55.43
N ARG E 74 -24.62 -2.30 55.76
CA ARG E 74 -23.63 -2.74 56.73
C ARG E 74 -24.27 -2.97 58.10
N ARG E 75 -25.15 -2.05 58.52
CA ARG E 75 -25.83 -2.21 59.80
C ARG E 75 -26.72 -3.45 59.80
N SER E 76 -27.44 -3.69 58.70
CA SER E 76 -28.27 -4.88 58.62
C SER E 76 -27.42 -6.15 58.67
N ALA E 77 -26.27 -6.15 57.99
CA ALA E 77 -25.40 -7.32 58.01
C ALA E 77 -24.89 -7.60 59.42
N LEU E 78 -24.45 -6.56 60.14
CA LEU E 78 -23.97 -6.79 61.50
C LEU E 78 -25.10 -7.26 62.41
N THR E 79 -26.31 -6.71 62.22
CA THR E 79 -27.45 -7.16 63.01
C THR E 79 -27.77 -8.63 62.76
N ILE E 80 -27.76 -9.05 61.49
CA ILE E 80 -28.07 -10.44 61.17
C ILE E 80 -26.99 -11.37 61.69
N LEU E 81 -25.72 -10.95 61.61
CA LEU E 81 -24.65 -11.77 62.17
C LEU E 81 -24.80 -11.91 63.68
N GLN E 82 -25.18 -10.82 64.36
CA GLN E 82 -25.42 -10.91 65.79
C GLN E 82 -26.56 -11.86 66.10
N SER E 83 -27.64 -11.78 65.32
CA SER E 83 -28.79 -12.67 65.48
C SER E 83 -28.69 -13.87 64.55
N LEU E 84 -27.67 -14.69 64.78
CA LEU E 84 -27.40 -15.87 63.98
C LEU E 84 -27.38 -17.11 64.86
N SER E 85 -27.94 -18.20 64.35
CA SER E 85 -28.03 -19.45 65.10
C SER E 85 -26.99 -20.49 64.69
N GLN E 86 -26.37 -20.34 63.52
CA GLN E 86 -25.38 -21.28 63.02
C GLN E 86 -24.11 -20.52 62.66
N PRO E 87 -23.32 -20.12 63.66
CA PRO E 87 -22.09 -19.34 63.42
C PRO E 87 -20.87 -20.22 63.12
N GLU E 88 -21.02 -21.15 62.18
CA GLU E 88 -19.92 -22.00 61.76
C GLU E 88 -19.55 -21.81 60.29
N ALA E 89 -20.48 -22.00 59.37
CA ALA E 89 -20.24 -21.80 57.94
C ALA E 89 -20.63 -20.40 57.50
N VAL E 90 -20.11 -19.37 58.17
CA VAL E 90 -20.43 -17.99 57.84
C VAL E 90 -19.15 -17.16 57.83
N SER E 91 -19.22 -16.01 57.17
CA SER E 91 -18.10 -15.10 57.08
C SER E 91 -18.63 -13.67 56.98
N MET E 92 -17.88 -12.73 57.54
CA MET E 92 -18.21 -11.32 57.50
C MET E 92 -17.52 -10.66 56.31
N LYS E 93 -18.29 -9.87 55.56
CA LYS E 93 -17.76 -9.08 54.45
C LYS E 93 -17.97 -7.61 54.76
N GLN E 94 -16.90 -6.82 54.64
CA GLN E 94 -16.95 -5.39 54.92
C GLN E 94 -17.06 -4.56 53.65
N ASN E 95 -17.23 -5.18 52.49
CA ASN E 95 -17.31 -4.49 51.21
C ASN E 95 -18.66 -4.78 50.59
N LEU E 96 -19.62 -3.89 50.79
CA LEU E 96 -20.94 -3.97 50.19
C LEU E 96 -21.15 -2.77 49.28
N HIS E 97 -22.24 -2.83 48.51
CA HIS E 97 -22.52 -1.76 47.55
C HIS E 97 -24.03 -1.66 47.32
N ALA E 98 -24.42 -0.55 46.70
CA ALA E 98 -25.82 -0.25 46.42
C ALA E 98 -26.08 -0.36 44.93
N ARG E 99 -27.21 -0.98 44.59
CA ARG E 99 -27.56 -1.21 43.19
C ARG E 99 -29.03 -0.87 43.00
N ILE E 100 -29.31 0.31 42.46
CA ILE E 100 -30.68 0.78 42.28
C ILE E 100 -31.12 0.53 40.85
N SER E 101 -32.31 -0.03 40.69
CA SER E 101 -32.87 -0.29 39.38
C SER E 101 -34.40 -0.27 39.47
N GLY E 102 -35.04 -0.09 38.32
CA GLY E 102 -36.48 0.01 38.28
C GLY E 102 -36.96 1.44 38.33
N LEU E 103 -36.42 2.28 37.46
CA LEU E 103 -36.77 3.69 37.38
C LEU E 103 -38.14 3.85 36.71
N PRO E 104 -38.91 4.89 37.07
CA PRO E 104 -40.21 5.10 36.42
C PRO E 104 -40.12 5.35 34.93
N VAL E 105 -41.28 5.49 34.28
CA VAL E 105 -41.35 5.58 32.83
C VAL E 105 -41.61 7.03 32.45
N CYS E 106 -41.20 7.96 33.32
CA CYS E 106 -41.36 9.37 33.03
C CYS E 106 -40.53 9.75 31.81
N PRO E 107 -41.02 10.66 30.97
CA PRO E 107 -40.27 11.02 29.74
C PRO E 107 -38.90 11.61 30.01
N GLU E 108 -38.68 12.22 31.17
CA GLU E 108 -37.43 12.90 31.47
C GLU E 108 -36.40 11.99 32.13
N LEU E 109 -36.72 10.71 32.35
CA LEU E 109 -35.79 9.79 32.99
C LEU E 109 -35.47 8.57 32.15
N VAL E 110 -36.10 8.41 30.98
CA VAL E 110 -35.84 7.27 30.12
C VAL E 110 -35.38 7.82 28.76
N ARG E 111 -34.68 8.94 28.79
CA ARG E 111 -34.23 9.58 27.56
C ARG E 111 -33.38 8.64 26.73
N GLU E 112 -33.65 8.60 25.43
CA GLU E 112 -32.89 7.78 24.49
C GLU E 112 -31.79 8.56 23.79
N HIS E 113 -31.58 9.82 24.16
CA HIS E 113 -30.55 10.66 23.56
C HIS E 113 -29.59 11.15 24.63
N ILE E 114 -28.35 11.40 24.22
CA ILE E 114 -27.32 11.84 25.17
C ILE E 114 -27.58 13.30 25.55
N PRO E 115 -27.67 13.63 26.83
CA PRO E 115 -27.83 15.03 27.22
C PRO E 115 -26.62 15.85 26.83
N LYS E 116 -26.88 17.10 26.45
CA LYS E 116 -25.78 17.95 25.97
C LYS E 116 -25.03 18.60 27.13
N THR E 117 -25.69 19.50 27.86
CA THR E 117 -25.06 20.11 29.03
C THR E 117 -26.03 20.38 30.17
N LYS E 118 -27.30 20.02 30.06
CA LYS E 118 -28.31 20.40 31.04
C LYS E 118 -28.46 19.36 32.15
N ASP E 119 -28.03 18.12 31.92
CA ASP E 119 -28.19 17.04 32.88
C ASP E 119 -26.84 16.78 33.54
N VAL E 120 -26.57 17.53 34.61
CA VAL E 120 -25.37 17.35 35.43
C VAL E 120 -25.83 17.13 36.86
N GLY E 121 -25.48 15.97 37.42
CA GLY E 121 -25.96 15.61 38.75
C GLY E 121 -27.33 14.98 38.78
N HIS E 122 -27.86 14.54 37.64
CA HIS E 122 -29.15 13.89 37.55
C HIS E 122 -28.97 12.40 37.31
N PHE E 123 -30.01 11.64 37.65
CA PHE E 123 -30.00 10.18 37.47
C PHE E 123 -30.74 9.85 36.17
N LEU E 124 -30.04 9.22 35.23
CA LEU E 124 -30.57 9.00 33.90
C LEU E 124 -30.56 7.51 33.56
N SER E 125 -30.93 7.22 32.31
CA SER E 125 -30.94 5.85 31.80
C SER E 125 -30.77 5.92 30.29
N VAL E 126 -29.68 5.36 29.78
CA VAL E 126 -29.36 5.44 28.36
C VAL E 126 -29.22 4.03 27.81
N THR E 127 -29.60 3.87 26.53
CA THR E 127 -29.52 2.61 25.83
C THR E 127 -28.70 2.78 24.56
N GLY E 128 -27.97 1.73 24.19
CA GLY E 128 -27.14 1.79 23.01
C GLY E 128 -26.32 0.53 22.86
N THR E 129 -25.41 0.56 21.90
CA THR E 129 -24.53 -0.56 21.58
C THR E 129 -23.13 -0.29 22.14
N VAL E 130 -22.20 -1.19 21.84
CA VAL E 130 -20.83 -1.09 22.32
C VAL E 130 -19.88 -1.18 21.13
N ILE E 131 -18.91 -0.26 21.07
CA ILE E 131 -17.96 -0.18 19.97
C ILE E 131 -16.56 -0.57 20.42
N ARG E 132 -16.01 0.12 21.40
CA ARG E 132 -14.64 -0.08 21.84
C ARG E 132 -14.60 -0.62 23.26
N THR E 133 -13.48 -1.25 23.60
CA THR E 133 -13.28 -1.83 24.92
C THR E 133 -11.81 -1.74 25.28
N SER E 134 -11.53 -1.25 26.49
CA SER E 134 -10.16 -1.10 26.96
C SER E 134 -9.72 -2.35 27.70
N LEU E 135 -8.58 -2.27 28.39
CA LEU E 135 -8.01 -3.38 29.14
C LEU E 135 -8.32 -3.24 30.62
N VAL E 136 -8.17 -4.33 31.36
CA VAL E 136 -8.39 -4.32 32.79
C VAL E 136 -7.18 -3.70 33.48
N LYS E 137 -7.41 -2.61 34.21
CA LYS E 137 -6.33 -1.83 34.81
C LYS E 137 -6.73 -1.46 36.23
N VAL E 138 -5.71 -1.21 37.06
CA VAL E 138 -5.89 -1.02 38.50
C VAL E 138 -5.39 0.36 38.89
N LEU E 139 -6.21 1.10 39.63
CA LEU E 139 -5.87 2.42 40.14
C LEU E 139 -5.38 2.34 41.56
N GLU E 140 -4.95 3.50 42.08
CA GLU E 140 -4.49 3.64 43.45
C GLU E 140 -5.37 4.68 44.14
N PHE E 141 -5.92 4.31 45.29
CA PHE E 141 -6.87 5.15 46.02
C PHE E 141 -6.33 5.41 47.41
N GLU E 142 -6.06 6.69 47.72
CA GLU E 142 -5.60 7.15 49.03
C GLU E 142 -4.17 6.69 49.32
N ARG E 143 -3.40 7.53 50.01
CA ARG E 143 -2.01 7.20 50.35
C ARG E 143 -1.78 7.05 51.85
N ASP E 144 -2.39 7.88 52.67
CA ASP E 144 -2.04 8.01 54.09
C ASP E 144 -0.54 8.30 54.23
N TYR E 145 -0.15 9.43 53.63
CA TYR E 145 1.26 9.79 53.53
C TYR E 145 1.86 10.04 54.92
N MET E 146 3.19 10.07 54.96
CA MET E 146 3.91 10.19 56.22
C MET E 146 3.59 11.52 56.91
N CYS E 147 3.58 11.50 58.24
CA CYS E 147 3.24 12.68 59.02
C CYS E 147 4.47 13.57 59.19
N ASN E 148 4.34 14.83 58.80
CA ASN E 148 5.42 15.81 58.90
C ASN E 148 5.01 16.98 59.78
N LYS E 149 5.89 17.34 60.71
CA LYS E 149 5.78 18.49 61.61
C LYS E 149 4.61 18.37 62.58
N CYS E 150 3.79 17.30 62.49
CA CYS E 150 2.66 17.11 63.40
C CYS E 150 2.60 15.62 63.75
N LYS E 151 1.49 15.21 64.34
CA LYS E 151 1.34 13.85 64.86
C LYS E 151 0.23 13.06 64.18
N HIS E 152 -0.97 13.62 64.07
CA HIS E 152 -2.10 12.87 63.52
C HIS E 152 -1.90 12.59 62.03
N VAL E 153 -2.22 11.37 61.61
CA VAL E 153 -2.08 10.99 60.21
C VAL E 153 -3.25 11.56 59.41
N PHE E 154 -3.04 11.66 58.10
CA PHE E 154 -4.01 12.26 57.20
C PHE E 154 -4.55 11.23 56.22
N VAL E 155 -5.83 11.38 55.86
CA VAL E 155 -6.55 10.39 55.08
C VAL E 155 -7.07 10.99 53.77
N ILE E 156 -6.31 11.93 53.20
CA ILE E 156 -6.74 12.59 51.98
C ILE E 156 -7.02 11.57 50.89
N LYS E 157 -8.06 11.83 50.09
CA LYS E 157 -8.55 10.93 49.06
C LYS E 157 -8.24 11.47 47.68
N ALA E 158 -8.79 10.82 46.66
CA ALA E 158 -8.61 11.22 45.29
C ALA E 158 -9.73 12.16 44.83
N ASP E 159 -9.64 12.61 43.59
CA ASP E 159 -10.67 13.46 42.99
C ASP E 159 -10.97 12.90 41.60
N PHE E 160 -12.26 12.64 41.33
CA PHE E 160 -12.64 12.09 40.04
C PHE E 160 -12.62 13.13 38.92
N GLU E 161 -12.82 14.40 39.25
CA GLU E 161 -12.94 15.43 38.24
C GLU E 161 -11.61 15.85 37.64
N GLN E 162 -10.48 15.38 38.17
CA GLN E 162 -9.17 15.79 37.71
C GLN E 162 -8.35 14.60 37.21
N TYR E 163 -9.01 13.61 36.61
CA TYR E 163 -8.35 12.45 36.02
C TYR E 163 -7.53 11.68 37.05
N TYR E 164 -8.03 11.61 38.28
CA TYR E 164 -7.39 10.88 39.38
C TYR E 164 -5.96 11.39 39.61
N THR E 165 -5.86 12.65 40.03
CA THR E 165 -4.60 13.23 40.45
C THR E 165 -4.69 13.63 41.92
N PHE E 166 -3.55 13.97 42.49
CA PHE E 166 -3.45 14.29 43.91
C PHE E 166 -2.96 15.72 44.08
N CYS E 167 -3.63 16.47 44.96
CA CYS E 167 -3.25 17.83 45.28
C CYS E 167 -2.47 17.84 46.59
N ARG E 168 -1.36 18.56 46.61
CA ARG E 168 -0.51 18.58 47.80
C ARG E 168 -1.16 19.45 48.88
N PRO E 169 -1.47 18.91 50.04
CA PRO E 169 -2.07 19.72 51.10
C PRO E 169 -1.05 20.50 51.88
N SER E 170 -1.46 21.69 52.34
CA SER E 170 -0.61 22.55 53.15
C SER E 170 -1.30 23.10 54.39
N SER E 171 -2.63 23.16 54.42
CA SER E 171 -3.38 23.67 55.58
C SER E 171 -3.96 22.48 56.33
N CYS E 172 -3.29 22.07 57.40
CA CYS E 172 -3.75 20.93 58.17
C CYS E 172 -5.02 21.29 58.95
N PRO E 173 -5.96 20.35 59.07
CA PRO E 173 -7.18 20.62 59.85
C PRO E 173 -6.95 20.51 61.35
N SER E 174 -5.68 20.53 61.78
CA SER E 174 -5.35 20.39 63.18
C SER E 174 -5.97 21.50 64.01
N LEU E 175 -6.35 21.16 65.24
CA LEU E 175 -6.96 22.13 66.14
C LEU E 175 -6.01 23.27 66.45
N GLU E 176 -4.73 22.97 66.65
CA GLU E 176 -3.73 24.00 66.91
C GLU E 176 -3.35 24.69 65.60
N SER E 177 -2.43 25.66 65.70
CA SER E 177 -1.99 26.42 64.55
C SER E 177 -0.89 25.72 63.75
N CYS E 178 -0.42 24.56 64.22
CA CYS E 178 0.64 23.85 63.51
C CYS E 178 0.10 23.30 62.20
N ASP E 179 0.58 23.85 61.09
CA ASP E 179 0.13 23.43 59.77
C ASP E 179 1.36 23.24 58.88
N SER E 180 1.38 22.13 58.15
CA SER E 180 2.49 21.81 57.26
C SER E 180 2.02 21.68 55.82
N PRO E 193 1.72 0.63 48.94
CA PRO E 193 0.36 0.96 48.51
C PRO E 193 -0.58 -0.24 48.59
N THR E 194 -1.10 -0.50 49.79
CA THR E 194 -2.01 -1.64 50.00
C THR E 194 -3.46 -1.24 49.78
N ARG E 195 -3.75 -0.63 48.63
CA ARG E 195 -5.10 -0.25 48.26
C ARG E 195 -5.23 -0.36 46.74
N CYS E 196 -6.29 -1.03 46.29
CA CYS E 196 -6.50 -1.22 44.86
C CYS E 196 -7.98 -1.20 44.55
N ARG E 197 -8.30 -0.92 43.30
CA ARG E 197 -9.68 -0.87 42.80
C ARG E 197 -9.70 -1.48 41.40
N ASP E 198 -10.79 -1.25 40.68
CA ASP E 198 -10.95 -1.74 39.32
C ASP E 198 -11.35 -0.58 38.41
N TYR E 199 -11.12 -0.78 37.11
CA TYR E 199 -11.32 0.29 36.13
C TYR E 199 -11.50 -0.32 34.76
N GLN E 200 -12.09 0.46 33.86
CA GLN E 200 -12.23 0.07 32.46
C GLN E 200 -12.65 1.31 31.68
N GLU E 201 -12.72 1.16 30.36
CA GLU E 201 -13.17 2.23 29.47
C GLU E 201 -13.89 1.60 28.29
N ILE E 202 -15.18 1.89 28.15
CA ILE E 202 -15.99 1.38 27.05
C ILE E 202 -16.78 2.53 26.43
N LYS E 203 -17.06 2.39 25.14
CA LYS E 203 -17.77 3.43 24.37
C LYS E 203 -19.13 2.91 23.94
N ILE E 204 -20.12 3.79 23.96
CA ILE E 204 -21.49 3.46 23.60
C ILE E 204 -21.92 4.31 22.42
N GLN E 205 -22.49 3.67 21.41
CA GLN E 205 -23.05 4.34 20.25
C GLN E 205 -24.56 4.19 20.26
N GLU E 206 -25.26 5.29 20.03
CA GLU E 206 -26.72 5.27 20.02
C GLU E 206 -27.24 4.42 18.87
N GLN E 207 -28.34 3.70 19.12
CA GLN E 207 -28.93 2.86 18.09
C GLN E 207 -29.58 3.72 17.01
N VAL E 208 -29.50 3.24 15.77
CA VAL E 208 -30.10 3.95 14.65
C VAL E 208 -31.55 3.55 14.41
N GLN E 209 -31.97 2.40 14.95
CA GLN E 209 -33.34 1.94 14.74
C GLN E 209 -34.36 2.91 15.32
N ARG E 210 -34.10 3.42 16.52
CA ARG E 210 -35.01 4.34 17.19
C ARG E 210 -34.74 5.80 16.87
N LEU E 211 -33.79 6.07 15.98
CA LEU E 211 -33.49 7.45 15.58
C LEU E 211 -34.65 8.04 14.78
N ILE E 216 -26.69 10.90 11.81
CA ILE E 216 -25.64 10.13 12.47
C ILE E 216 -25.58 10.47 13.96
N PRO E 217 -25.63 9.45 14.81
CA PRO E 217 -25.55 9.68 16.25
C PRO E 217 -24.12 9.74 16.76
N ARG E 218 -23.95 10.49 17.84
CA ARG E 218 -22.65 10.64 18.47
C ARG E 218 -22.46 9.54 19.51
N SER E 219 -21.23 9.44 20.03
CA SER E 219 -20.86 8.37 20.94
C SER E 219 -20.68 8.92 22.35
N MET E 220 -20.93 8.07 23.34
CA MET E 220 -20.78 8.40 24.74
C MET E 220 -19.69 7.53 25.35
N LYS E 221 -18.80 8.17 26.12
CA LYS E 221 -17.68 7.48 26.76
C LYS E 221 -18.08 7.19 28.20
N VAL E 222 -18.77 6.06 28.40
CA VAL E 222 -19.21 5.68 29.74
C VAL E 222 -18.07 4.98 30.47
N ILE E 223 -17.94 5.26 31.76
CA ILE E 223 -16.84 4.75 32.58
C ILE E 223 -17.38 3.69 33.53
N LEU E 224 -16.67 2.57 33.63
CA LEU E 224 -17.01 1.49 34.54
C LEU E 224 -16.09 1.53 35.74
N GLU E 225 -16.53 0.93 36.84
CA GLU E 225 -15.71 0.92 38.05
C GLU E 225 -16.14 -0.23 38.95
N ASP E 226 -15.20 -0.70 39.75
CA ASP E 226 -15.40 -1.74 40.79
C ASP E 226 -15.75 -3.06 40.10
N ASP E 227 -16.68 -3.84 40.66
CA ASP E 227 -16.92 -5.19 40.16
C ASP E 227 -17.64 -5.19 38.82
N LEU E 228 -18.07 -4.02 38.32
CA LEU E 228 -18.69 -3.96 37.01
C LEU E 228 -17.72 -4.28 35.89
N VAL E 229 -16.41 -4.32 36.20
CA VAL E 229 -15.42 -4.61 35.17
C VAL E 229 -15.59 -6.03 34.66
N ASP E 230 -15.30 -6.23 33.37
CA ASP E 230 -15.41 -7.52 32.70
C ASP E 230 -16.84 -8.07 32.81
N SER E 231 -17.80 -7.22 32.41
CA SER E 231 -19.20 -7.61 32.44
C SER E 231 -19.95 -7.18 31.18
N CYS E 232 -19.25 -6.95 30.07
CA CYS E 232 -19.87 -6.54 28.82
C CYS E 232 -19.07 -7.07 27.64
N LYS E 233 -19.71 -7.14 26.48
CA LYS E 233 -19.09 -7.59 25.24
C LYS E 233 -19.34 -6.58 24.14
N SER E 234 -18.39 -6.45 23.22
CA SER E 234 -18.53 -5.57 22.07
C SER E 234 -19.61 -6.10 21.13
N GLY E 235 -20.62 -5.28 20.84
CA GLY E 235 -21.70 -5.69 19.96
C GLY E 235 -22.90 -6.23 20.70
N ASP E 236 -23.25 -5.60 21.82
CA ASP E 236 -24.38 -6.02 22.63
C ASP E 236 -25.16 -4.78 23.07
N ASP E 237 -26.44 -4.97 23.32
CA ASP E 237 -27.32 -3.90 23.77
C ASP E 237 -27.21 -3.77 25.29
N LEU E 238 -27.02 -2.54 25.76
CA LEU E 238 -26.83 -2.26 27.17
C LEU E 238 -27.84 -1.23 27.65
N THR E 239 -28.01 -1.15 28.97
CA THR E 239 -28.89 -0.17 29.60
C THR E 239 -28.28 0.15 30.96
N ILE E 240 -27.72 1.36 31.09
CA ILE E 240 -26.97 1.76 32.26
C ILE E 240 -27.77 2.79 33.05
N TYR E 241 -27.82 2.61 34.37
CA TYR E 241 -28.42 3.57 35.29
C TYR E 241 -27.27 4.28 36.00
N GLY E 242 -26.78 5.36 35.41
CA GLY E 242 -25.59 6.01 35.88
C GLY E 242 -25.77 7.51 36.03
N ILE E 243 -24.83 8.11 36.75
CA ILE E 243 -24.81 9.55 37.03
C ILE E 243 -23.93 10.24 35.99
N VAL E 244 -24.29 11.48 35.65
CA VAL E 244 -23.55 12.26 34.66
C VAL E 244 -22.67 13.26 35.41
N MET E 245 -21.37 13.25 35.11
CA MET E 245 -20.42 14.15 35.72
C MET E 245 -19.53 14.74 34.63
N GLN E 246 -18.67 15.69 35.03
CA GLN E 246 -17.78 16.38 34.12
C GLN E 246 -16.33 16.14 34.52
N ARG E 247 -15.47 15.96 33.51
CA ARG E 247 -14.04 15.73 33.71
C ARG E 247 -13.28 16.92 33.12
N TRP E 248 -12.40 17.50 33.92
CA TRP E 248 -11.63 18.67 33.49
C TRP E 248 -10.26 18.22 32.95
N LYS E 249 -9.41 19.20 32.66
CA LYS E 249 -8.06 18.96 32.16
C LYS E 249 -7.16 20.01 32.77
N PRO E 250 -5.87 19.73 32.94
CA PRO E 250 -4.96 20.75 33.48
C PRO E 250 -4.95 22.00 32.62
N PHE E 251 -4.88 23.15 33.28
CA PHE E 251 -5.01 24.44 32.60
C PHE E 251 -3.66 24.90 32.06
N GLN E 252 -3.68 25.50 30.87
CA GLN E 252 -2.53 26.18 30.31
C GLN E 252 -2.85 27.66 30.15
N GLN E 253 -1.81 28.48 30.11
CA GLN E 253 -2.00 29.92 30.07
C GLN E 253 -2.46 30.37 28.69
N ASP E 254 -3.54 31.16 28.66
CA ASP E 254 -4.03 31.80 27.43
C ASP E 254 -4.35 30.78 26.34
N VAL E 255 -5.15 29.78 26.69
CA VAL E 255 -5.65 28.78 25.75
C VAL E 255 -7.13 28.53 26.05
N ARG E 256 -7.73 27.63 25.29
CA ARG E 256 -9.12 27.22 25.49
C ARG E 256 -9.14 25.93 26.29
N CYS E 257 -9.72 25.98 27.48
CA CYS E 257 -9.81 24.80 28.32
C CYS E 257 -10.77 23.78 27.70
N GLU E 258 -10.49 22.51 27.96
CA GLU E 258 -11.26 21.40 27.39
C GLU E 258 -12.00 20.67 28.50
N VAL E 259 -13.27 20.32 28.23
CA VAL E 259 -14.08 19.53 29.14
C VAL E 259 -14.68 18.36 28.36
N GLU E 260 -15.31 17.46 29.10
CA GLU E 260 -15.94 16.29 28.50
C GLU E 260 -17.08 15.84 29.39
N ILE E 261 -18.01 15.09 28.79
CA ILE E 261 -19.17 14.55 29.49
C ILE E 261 -18.97 13.05 29.65
N VAL E 262 -19.03 12.58 30.90
CA VAL E 262 -18.84 11.17 31.19
C VAL E 262 -20.05 10.65 31.96
N LEU E 263 -20.10 9.35 32.19
CA LEU E 263 -21.25 8.71 32.83
C LEU E 263 -20.73 7.64 33.79
N LYS E 264 -20.78 7.93 35.10
CA LYS E 264 -20.33 6.97 36.09
C LYS E 264 -21.39 5.90 36.29
N ALA E 265 -21.07 4.67 35.89
CA ALA E 265 -22.05 3.59 35.92
C ALA E 265 -22.36 3.15 37.34
N ASN E 266 -23.64 2.84 37.58
CA ASN E 266 -24.09 2.30 38.86
C ASN E 266 -24.82 0.98 38.73
N TYR E 267 -25.22 0.58 37.54
CA TYR E 267 -25.87 -0.71 37.31
C TYR E 267 -25.76 -1.06 35.84
N ILE E 268 -25.85 -2.35 35.54
CA ILE E 268 -25.73 -2.85 34.17
C ILE E 268 -26.85 -3.84 33.93
N GLN E 269 -27.47 -3.75 32.76
CA GLN E 269 -28.46 -4.74 32.34
C GLN E 269 -28.03 -5.30 30.99
N VAL E 270 -28.23 -6.61 30.83
CA VAL E 270 -27.76 -7.33 29.65
C VAL E 270 -28.95 -7.61 28.75
N ASN E 271 -30.00 -6.82 28.89
CA ASN E 271 -31.21 -7.01 28.09
C ASN E 271 -30.90 -6.91 26.60
N ASN E 272 -31.46 -7.83 25.83
CA ASN E 272 -31.23 -7.87 24.39
C ASN E 272 -32.52 -8.17 23.63
N ASP E 281 -49.77 -3.31 28.21
CA ASP E 281 -51.05 -2.65 28.02
C ASP E 281 -52.11 -3.64 27.53
N GLU E 282 -53.15 -3.85 28.35
CA GLU E 282 -54.19 -4.82 28.02
C GLU E 282 -55.09 -4.36 26.88
N GLU E 283 -55.02 -3.08 26.50
CA GLU E 283 -55.92 -2.55 25.46
C GLU E 283 -55.70 -3.27 24.13
N VAL E 284 -54.45 -3.50 23.76
CA VAL E 284 -54.13 -4.14 22.49
C VAL E 284 -54.66 -5.56 22.46
N GLN E 285 -54.38 -6.34 23.52
CA GLN E 285 -54.89 -7.70 23.59
C GLN E 285 -56.41 -7.74 23.58
N LYS E 286 -57.05 -6.78 24.28
CA LYS E 286 -58.51 -6.74 24.33
C LYS E 286 -59.10 -6.49 22.95
N GLU E 287 -58.55 -5.53 22.21
CA GLU E 287 -59.00 -5.28 20.85
C GLU E 287 -58.82 -6.52 19.99
N PHE E 288 -57.69 -7.22 20.18
CA PHE E 288 -57.43 -8.38 19.33
C PHE E 288 -58.39 -9.53 19.61
N GLU E 289 -58.65 -9.86 20.89
CA GLU E 289 -59.62 -10.95 21.11
C GLU E 289 -61.04 -10.51 20.75
N ASP E 290 -61.37 -9.23 20.90
CA ASP E 290 -62.68 -8.79 20.43
C ASP E 290 -62.81 -8.98 18.92
N PHE E 291 -61.76 -8.61 18.17
CA PHE E 291 -61.78 -8.77 16.72
C PHE E 291 -61.87 -10.25 16.33
N TRP E 292 -61.10 -11.12 16.99
CA TRP E 292 -61.12 -12.52 16.60
C TRP E 292 -62.28 -13.31 17.21
N GLU E 293 -63.01 -12.71 18.15
CA GLU E 293 -64.24 -13.31 18.65
C GLU E 293 -65.45 -12.90 17.82
N TYR E 294 -65.43 -11.69 17.24
CA TYR E 294 -66.48 -11.33 16.30
C TYR E 294 -66.51 -12.28 15.11
N TYR E 295 -65.35 -12.63 14.57
CA TYR E 295 -65.25 -13.57 13.45
C TYR E 295 -65.14 -15.00 13.97
N LYS E 296 -66.26 -15.50 14.50
CA LYS E 296 -66.29 -16.86 15.02
C LYS E 296 -67.00 -17.80 14.05
N SER E 297 -68.14 -17.39 13.49
CA SER E 297 -68.85 -18.22 12.53
C SER E 297 -68.01 -18.44 11.28
N ASP E 298 -67.37 -17.40 10.78
CA ASP E 298 -66.50 -17.49 9.61
C ASP E 298 -65.05 -17.28 10.04
N PRO E 299 -64.22 -18.32 10.05
CA PRO E 299 -62.82 -18.14 10.49
C PRO E 299 -61.95 -17.52 9.43
N PHE E 300 -62.30 -17.71 8.15
CA PHE E 300 -61.50 -17.16 7.07
C PHE E 300 -61.76 -15.70 6.78
N ALA E 301 -62.82 -15.10 7.33
CA ALA E 301 -63.04 -13.68 7.12
C ALA E 301 -61.87 -12.87 7.68
N GLY E 302 -61.43 -13.21 8.89
CA GLY E 302 -60.27 -12.52 9.46
C GLY E 302 -59.02 -12.70 8.63
N ARG E 303 -58.78 -13.91 8.15
CA ARG E 303 -57.58 -14.16 7.35
C ARG E 303 -57.62 -13.42 6.02
N ASN E 304 -58.80 -13.35 5.39
CA ASN E 304 -58.93 -12.60 4.15
C ASN E 304 -58.69 -11.11 4.39
N VAL E 305 -59.19 -10.58 5.50
CA VAL E 305 -58.92 -9.18 5.82
C VAL E 305 -57.43 -8.97 6.11
N ILE E 306 -56.79 -9.95 6.73
CA ILE E 306 -55.34 -9.88 6.94
C ILE E 306 -54.61 -9.79 5.61
N LEU E 307 -54.97 -10.66 4.67
CA LEU E 307 -54.26 -10.72 3.40
C LEU E 307 -54.53 -9.49 2.54
N ALA E 308 -55.73 -8.91 2.64
CA ALA E 308 -56.04 -7.72 1.86
C ALA E 308 -55.16 -6.54 2.26
N SER E 309 -54.86 -6.40 3.55
CA SER E 309 -54.11 -5.24 4.02
C SER E 309 -52.62 -5.29 3.67
N LEU E 310 -52.09 -6.48 3.40
CA LEU E 310 -50.68 -6.60 3.03
C LEU E 310 -50.47 -6.06 1.63
N CYS E 311 -49.58 -5.08 1.47
CA CYS E 311 -49.28 -4.42 0.21
C CYS E 311 -50.56 -4.02 -0.50
N PRO E 312 -51.30 -3.03 0.00
CA PRO E 312 -52.60 -2.69 -0.59
C PRO E 312 -52.51 -1.88 -1.87
N GLN E 313 -51.31 -1.60 -2.38
CA GLN E 313 -51.15 -0.84 -3.62
C GLN E 313 -51.21 -1.72 -4.86
N VAL E 314 -51.38 -3.02 -4.71
CA VAL E 314 -51.42 -3.95 -5.83
C VAL E 314 -52.75 -4.71 -5.80
N PHE E 315 -53.26 -4.98 -7.00
CA PHE E 315 -54.54 -5.66 -7.17
C PHE E 315 -54.30 -7.14 -7.39
N GLY E 316 -54.99 -7.97 -6.60
CA GLY E 316 -54.88 -9.41 -6.71
C GLY E 316 -53.74 -10.01 -5.90
N MET E 317 -53.02 -10.95 -6.52
CA MET E 317 -51.84 -11.57 -5.91
C MET E 317 -52.19 -12.33 -4.64
N TYR E 318 -53.25 -13.15 -4.74
CA TYR E 318 -53.73 -13.89 -3.56
C TYR E 318 -52.66 -14.85 -3.04
N LEU E 319 -52.17 -15.74 -3.91
CA LEU E 319 -51.23 -16.76 -3.47
C LEU E 319 -49.93 -16.15 -2.98
N VAL E 320 -49.43 -15.14 -3.69
CA VAL E 320 -48.15 -14.52 -3.30
C VAL E 320 -48.30 -13.80 -1.97
N LYS E 321 -49.41 -13.07 -1.78
CA LYS E 321 -49.62 -12.38 -0.52
C LYS E 321 -49.77 -13.35 0.64
N LEU E 322 -50.45 -14.48 0.41
CA LEU E 322 -50.54 -15.51 1.44
C LEU E 322 -49.17 -16.07 1.78
N ALA E 323 -48.37 -16.38 0.75
CA ALA E 323 -47.06 -16.97 0.98
C ALA E 323 -46.15 -16.01 1.74
N VAL E 324 -46.23 -14.71 1.42
CA VAL E 324 -45.43 -13.73 2.15
C VAL E 324 -45.80 -13.73 3.63
N ALA E 325 -47.10 -13.82 3.94
CA ALA E 325 -47.53 -13.87 5.33
C ALA E 325 -47.01 -15.12 6.02
N MET E 326 -47.10 -16.28 5.37
CA MET E 326 -46.60 -17.51 5.98
C MET E 326 -45.11 -17.44 6.23
N VAL E 327 -44.34 -16.89 5.29
CA VAL E 327 -42.91 -16.76 5.49
C VAL E 327 -42.61 -15.79 6.63
N LEU E 328 -43.31 -14.66 6.69
CA LEU E 328 -43.10 -13.70 7.76
C LEU E 328 -43.56 -14.22 9.12
N ALA E 329 -44.39 -15.26 9.15
CA ALA E 329 -44.83 -15.83 10.41
C ALA E 329 -43.64 -16.29 11.25
N GLY E 330 -42.87 -17.25 10.73
CA GLY E 330 -41.68 -17.74 11.41
C GLY E 330 -41.81 -19.22 11.75
N GLY E 331 -41.18 -19.59 12.85
CA GLY E 331 -41.21 -20.96 13.31
C GLY E 331 -40.75 -21.08 14.73
N ILE E 332 -40.55 -22.32 15.16
CA ILE E 332 -40.09 -22.63 16.51
C ILE E 332 -38.79 -23.41 16.42
N GLN E 333 -37.83 -23.06 17.27
CA GLN E 333 -36.54 -23.74 17.28
C GLN E 333 -36.58 -24.94 18.21
N ARG E 334 -36.01 -26.06 17.75
CA ARG E 334 -35.95 -27.30 18.51
C ARG E 334 -34.51 -27.79 18.49
N THR E 335 -33.78 -27.55 19.57
CA THR E 335 -32.39 -27.95 19.68
C THR E 335 -32.26 -29.19 20.54
N ASP E 336 -31.46 -30.15 20.08
CA ASP E 336 -31.20 -31.33 20.87
C ASP E 336 -30.07 -31.06 21.86
N ALA E 337 -29.89 -32.00 22.80
CA ALA E 337 -29.03 -31.76 23.95
C ALA E 337 -27.57 -31.55 23.59
N THR E 338 -26.90 -32.58 23.09
CA THR E 338 -25.44 -32.54 22.99
C THR E 338 -24.89 -31.50 22.02
N GLY E 339 -25.09 -31.68 20.72
CA GLY E 339 -24.53 -30.74 19.75
C GLY E 339 -25.47 -30.20 18.69
N THR E 340 -26.52 -30.94 18.40
CA THR E 340 -27.31 -30.70 17.19
C THR E 340 -28.31 -29.57 17.41
N ARG E 341 -28.45 -28.73 16.39
CA ARG E 341 -29.42 -27.64 16.39
C ARG E 341 -29.96 -27.49 14.97
N VAL E 342 -31.21 -27.86 14.76
CA VAL E 342 -31.82 -27.82 13.44
C VAL E 342 -32.40 -26.43 13.19
N ARG E 343 -32.63 -26.13 11.91
CA ARG E 343 -33.17 -24.84 11.53
C ARG E 343 -34.63 -24.71 11.93
N GLY E 344 -35.09 -23.47 12.06
CA GLY E 344 -36.46 -23.21 12.44
C GLY E 344 -37.09 -22.03 11.73
N GLU E 345 -36.52 -21.64 10.60
CA GLU E 345 -37.00 -20.50 9.82
C GLU E 345 -37.40 -20.98 8.43
N SER E 346 -37.74 -20.03 7.57
CA SER E 346 -38.17 -20.32 6.21
C SER E 346 -37.58 -19.30 5.25
N HIS E 347 -37.47 -19.69 3.98
CA HIS E 347 -36.93 -18.83 2.94
C HIS E 347 -37.84 -18.89 1.71
N LEU E 348 -37.83 -17.80 0.94
CA LEU E 348 -38.71 -17.65 -0.20
C LEU E 348 -37.95 -17.06 -1.37
N LEU E 349 -38.34 -17.45 -2.57
CA LEU E 349 -37.74 -16.94 -3.80
C LEU E 349 -38.84 -16.74 -4.83
N LEU E 350 -38.81 -15.59 -5.51
CA LEU E 350 -39.78 -15.25 -6.55
C LEU E 350 -39.05 -15.05 -7.87
N VAL E 351 -39.54 -15.68 -8.93
CA VAL E 351 -39.01 -15.52 -10.27
C VAL E 351 -40.15 -15.17 -11.21
N GLY E 352 -39.93 -14.19 -12.08
CA GLY E 352 -40.96 -13.78 -13.01
C GLY E 352 -40.46 -12.69 -13.93
N ASP E 353 -41.24 -12.44 -14.98
CA ASP E 353 -40.88 -11.44 -15.96
C ASP E 353 -40.87 -10.05 -15.33
N PRO E 354 -40.04 -9.14 -15.83
CA PRO E 354 -40.02 -7.78 -15.28
C PRO E 354 -41.37 -7.10 -15.43
N GLY E 355 -41.72 -6.30 -14.42
CA GLY E 355 -43.00 -5.61 -14.43
C GLY E 355 -44.12 -6.45 -13.85
N THR E 356 -43.92 -6.94 -12.62
CA THR E 356 -44.95 -7.74 -11.96
C THR E 356 -45.23 -7.18 -10.56
N GLY E 357 -44.19 -6.69 -9.89
CA GLY E 357 -44.36 -6.08 -8.58
C GLY E 357 -43.54 -6.70 -7.48
N LYS E 358 -42.43 -7.35 -7.85
CA LYS E 358 -41.56 -7.95 -6.83
C LYS E 358 -40.96 -6.89 -5.92
N SER E 359 -40.49 -5.77 -6.51
CA SER E 359 -39.83 -4.74 -5.73
C SER E 359 -40.77 -4.14 -4.69
N GLN E 360 -42.04 -3.96 -5.06
CA GLN E 360 -43.02 -3.45 -4.09
C GLN E 360 -43.18 -4.40 -2.92
N PHE E 361 -43.26 -5.71 -3.20
CA PHE E 361 -43.39 -6.69 -2.14
C PHE E 361 -42.19 -6.66 -1.20
N LEU E 362 -40.98 -6.64 -1.77
CA LEU E 362 -39.78 -6.59 -0.94
C LEU E 362 -39.72 -5.31 -0.10
N LYS E 363 -40.02 -4.17 -0.71
CA LYS E 363 -39.95 -2.91 0.02
C LYS E 363 -40.97 -2.87 1.15
N TYR E 364 -42.19 -3.36 0.91
CA TYR E 364 -43.20 -3.35 1.96
C TYR E 364 -42.87 -4.36 3.05
N ALA E 365 -42.30 -5.51 2.70
CA ALA E 365 -41.92 -6.49 3.70
C ALA E 365 -40.69 -6.07 4.50
N ALA E 366 -39.88 -5.15 3.97
CA ALA E 366 -38.70 -4.69 4.67
C ALA E 366 -39.00 -3.62 5.72
N LYS E 367 -40.25 -3.18 5.83
CA LYS E 367 -40.64 -2.14 6.79
C LYS E 367 -41.44 -2.67 7.96
N ILE E 368 -42.30 -3.67 7.74
CA ILE E 368 -43.12 -4.21 8.83
C ILE E 368 -42.25 -4.87 9.88
N THR E 369 -41.26 -5.65 9.45
CA THR E 369 -40.38 -6.33 10.38
C THR E 369 -39.57 -5.32 11.20
N PRO E 370 -39.48 -5.52 12.52
CA PRO E 370 -38.76 -4.57 13.39
C PRO E 370 -37.35 -4.25 12.91
N ARG E 371 -36.52 -5.27 12.75
CA ARG E 371 -35.15 -5.11 12.31
C ARG E 371 -34.98 -5.71 10.92
N SER E 372 -34.56 -4.89 9.97
CA SER E 372 -34.38 -5.34 8.60
C SER E 372 -33.25 -4.55 7.95
N VAL E 373 -32.50 -5.21 7.08
CA VAL E 373 -31.42 -4.59 6.32
C VAL E 373 -31.72 -4.77 4.84
N LEU E 374 -31.62 -3.68 4.08
CA LEU E 374 -31.89 -3.70 2.65
C LEU E 374 -30.58 -3.55 1.89
N THR E 375 -30.30 -4.50 1.01
CA THR E 375 -29.10 -4.48 0.18
C THR E 375 -29.48 -4.63 -1.28
N THR E 376 -28.54 -4.25 -2.15
CA THR E 376 -28.77 -4.25 -3.60
C THR E 376 -28.39 -5.57 -4.25
N GLY E 377 -27.58 -6.40 -3.60
CA GLY E 377 -27.17 -7.65 -4.19
C GLY E 377 -25.86 -7.55 -4.93
N ILE E 378 -25.93 -7.39 -6.25
CA ILE E 378 -24.74 -7.26 -7.08
C ILE E 378 -23.90 -6.07 -6.66
N GLY E 379 -24.52 -5.04 -6.10
CA GLY E 379 -23.81 -3.88 -5.57
C GLY E 379 -23.26 -4.07 -4.18
N SER E 380 -23.42 -5.25 -3.59
CA SER E 380 -22.90 -5.53 -2.25
C SER E 380 -21.69 -6.44 -2.34
N THR E 381 -20.61 -6.04 -1.66
CA THR E 381 -19.35 -6.76 -1.73
C THR E 381 -19.38 -7.98 -0.81
N SER E 382 -18.26 -8.71 -0.76
CA SER E 382 -18.16 -9.87 0.08
C SER E 382 -18.13 -9.53 1.57
N ALA E 383 -17.88 -8.27 1.91
CA ALA E 383 -17.83 -7.87 3.31
C ALA E 383 -19.19 -7.94 3.99
N GLY E 384 -20.28 -7.88 3.21
CA GLY E 384 -21.61 -7.91 3.79
C GLY E 384 -22.19 -9.30 3.89
N LEU E 385 -22.10 -10.08 2.81
CA LEU E 385 -22.68 -11.42 2.79
C LEU E 385 -21.99 -12.35 3.78
N THR E 386 -20.74 -12.08 4.14
CA THR E 386 -20.02 -12.88 5.12
C THR E 386 -19.39 -11.94 6.13
N VAL E 387 -18.57 -12.49 7.02
CA VAL E 387 -17.85 -11.69 8.00
C VAL E 387 -16.52 -11.25 7.41
N THR E 388 -16.04 -10.08 7.84
CA THR E 388 -14.79 -9.54 7.34
C THR E 388 -13.66 -9.76 8.34
N GLU E 399 -15.40 -7.01 11.99
CA GLU E 399 -16.39 -6.20 11.29
C GLU E 399 -17.64 -7.00 11.00
N ALA E 400 -18.79 -6.34 11.05
CA ALA E 400 -20.08 -6.98 10.83
C ALA E 400 -20.60 -6.64 9.45
N GLY E 401 -21.07 -7.65 8.73
CA GLY E 401 -21.58 -7.46 7.38
C GLY E 401 -23.08 -7.26 7.33
N ALA E 402 -23.78 -8.13 6.61
CA ALA E 402 -25.23 -8.05 6.45
C ALA E 402 -25.98 -9.15 7.18
N LEU E 403 -25.60 -10.40 6.98
CA LEU E 403 -26.30 -11.50 7.63
C LEU E 403 -26.14 -11.44 9.15
N VAL E 404 -24.93 -11.16 9.62
CA VAL E 404 -24.70 -11.07 11.06
C VAL E 404 -25.41 -9.85 11.65
N LEU E 405 -25.51 -8.77 10.88
CA LEU E 405 -26.14 -7.55 11.34
C LEU E 405 -27.65 -7.63 11.37
N ALA E 406 -28.24 -8.68 10.82
CA ALA E 406 -29.69 -8.86 10.75
C ALA E 406 -30.17 -9.94 11.71
N ASP E 407 -29.58 -10.00 12.90
CA ASP E 407 -29.95 -11.01 13.88
C ASP E 407 -31.42 -10.86 14.27
N ALA E 408 -32.14 -11.99 14.27
CA ALA E 408 -33.56 -12.01 14.61
C ALA E 408 -34.36 -11.03 13.77
N GLY E 409 -34.06 -10.97 12.48
CA GLY E 409 -34.74 -10.03 11.59
C GLY E 409 -35.04 -10.58 10.22
N LEU E 410 -34.95 -9.73 9.21
CA LEU E 410 -35.27 -10.13 7.84
C LEU E 410 -34.38 -9.35 6.89
N CYS E 411 -33.59 -10.05 6.07
CA CYS E 411 -32.66 -9.44 5.14
C CYS E 411 -33.17 -9.68 3.72
N CYS E 412 -33.55 -8.59 3.05
CA CYS E 412 -34.03 -8.69 1.68
C CYS E 412 -32.87 -8.74 0.70
N ILE E 413 -32.94 -9.65 -0.26
CA ILE E 413 -31.91 -9.84 -1.27
C ILE E 413 -32.52 -9.58 -2.64
N ASP E 414 -31.84 -8.78 -3.45
CA ASP E 414 -32.32 -8.40 -4.77
C ASP E 414 -31.22 -8.60 -5.80
N GLN E 415 -31.65 -8.88 -7.04
CA GLN E 415 -30.76 -9.17 -8.16
C GLN E 415 -29.86 -10.36 -7.85
N PHE E 416 -30.50 -11.52 -7.70
CA PHE E 416 -29.83 -12.77 -7.36
C PHE E 416 -29.25 -13.49 -8.57
N ASN E 417 -29.42 -12.94 -9.78
CA ASN E 417 -29.02 -13.66 -10.99
C ASN E 417 -27.52 -13.90 -11.03
N SER E 418 -26.72 -12.89 -10.71
CA SER E 418 -25.26 -12.93 -10.86
C SER E 418 -24.58 -12.46 -9.59
N LEU E 419 -24.99 -13.00 -8.45
CA LEU E 419 -24.47 -12.55 -7.16
C LEU E 419 -23.09 -13.12 -6.87
N LYS E 420 -22.10 -12.80 -7.72
CA LYS E 420 -20.68 -13.02 -7.42
C LYS E 420 -20.43 -14.46 -6.96
N GLU E 421 -20.54 -15.38 -7.93
CA GLU E 421 -20.67 -16.83 -7.71
C GLU E 421 -19.91 -17.32 -6.48
N HIS E 422 -18.69 -16.85 -6.26
CA HIS E 422 -17.98 -17.15 -5.02
C HIS E 422 -18.81 -16.74 -3.81
N ASP E 423 -19.31 -15.51 -3.79
CA ASP E 423 -20.17 -15.08 -2.69
C ASP E 423 -21.47 -15.87 -2.66
N ARG E 424 -22.03 -16.19 -3.82
CA ARG E 424 -23.26 -16.98 -3.89
C ARG E 424 -23.12 -18.38 -3.32
N THR E 425 -21.92 -18.97 -3.39
CA THR E 425 -21.69 -20.28 -2.81
C THR E 425 -21.08 -20.23 -1.43
N SER E 426 -20.62 -19.06 -0.97
CA SER E 426 -20.10 -18.92 0.38
C SER E 426 -21.19 -18.69 1.42
N ILE E 427 -22.45 -18.99 1.12
CA ILE E 427 -23.55 -18.82 2.06
C ILE E 427 -24.30 -20.11 2.33
N HIS E 428 -23.88 -21.24 1.74
CA HIS E 428 -24.57 -22.50 1.96
C HIS E 428 -24.52 -22.93 3.42
N GLU E 429 -23.37 -22.75 4.07
CA GLU E 429 -23.26 -23.05 5.49
C GLU E 429 -24.09 -22.11 6.36
N ALA E 430 -24.04 -20.82 6.10
CA ALA E 430 -24.75 -19.84 6.91
C ALA E 430 -26.25 -19.86 6.71
N MET E 431 -26.74 -20.42 5.61
CA MET E 431 -28.18 -20.46 5.37
C MET E 431 -28.86 -21.68 6.00
N GLU E 432 -28.15 -22.80 6.15
CA GLU E 432 -28.74 -24.01 6.70
C GLU E 432 -28.25 -24.37 8.09
N GLN E 433 -27.01 -24.06 8.45
CA GLN E 433 -26.48 -24.40 9.77
C GLN E 433 -26.72 -23.31 10.81
N GLN E 434 -27.35 -22.20 10.45
CA GLN E 434 -27.80 -21.16 11.37
C GLN E 434 -26.63 -20.37 11.98
N THR E 435 -25.39 -20.77 11.71
CA THR E 435 -24.22 -20.11 12.25
C THR E 435 -23.13 -20.06 11.21
N ILE E 436 -22.18 -19.16 11.42
CA ILE E 436 -20.99 -19.06 10.59
C ILE E 436 -19.84 -19.76 11.31
N SER E 437 -18.88 -20.26 10.52
CA SER E 437 -17.73 -20.96 11.07
C SER E 437 -16.54 -20.64 10.19
N VAL E 438 -15.75 -19.65 10.61
CA VAL E 438 -14.57 -19.22 9.88
C VAL E 438 -13.39 -19.14 10.83
N ALA E 439 -12.19 -19.33 10.26
CA ALA E 439 -10.94 -19.21 11.00
C ALA E 439 -9.90 -18.47 10.16
N LYS E 440 -10.33 -17.38 9.53
CA LYS E 440 -9.44 -16.63 8.65
C LYS E 440 -8.32 -15.98 9.45
N ALA E 441 -7.10 -16.05 8.90
CA ALA E 441 -5.89 -15.48 9.50
C ALA E 441 -5.60 -16.08 10.88
N GLY E 442 -6.08 -17.28 11.13
CA GLY E 442 -5.82 -17.95 12.41
C GLY E 442 -6.42 -17.29 13.62
N LEU E 443 -7.68 -16.87 13.55
CA LEU E 443 -8.38 -16.29 14.69
C LEU E 443 -9.42 -17.22 15.29
N VAL E 444 -10.07 -18.06 14.47
CA VAL E 444 -11.07 -19.02 14.93
C VAL E 444 -12.20 -18.29 15.66
N CYS E 445 -13.10 -17.68 14.91
CA CYS E 445 -14.23 -16.94 15.47
C CYS E 445 -15.54 -17.53 14.94
N LYS E 446 -16.53 -17.63 15.82
CA LYS E 446 -17.85 -18.15 15.48
C LYS E 446 -18.90 -17.11 15.83
N LEU E 447 -19.89 -16.95 14.97
CA LEU E 447 -20.97 -16.00 15.17
C LEU E 447 -22.30 -16.64 14.84
N ASN E 448 -23.36 -16.11 15.44
CA ASN E 448 -24.71 -16.62 15.25
C ASN E 448 -25.52 -15.64 14.40
N THR E 449 -26.04 -16.14 13.29
CA THR E 449 -26.84 -15.31 12.38
C THR E 449 -28.17 -16.03 12.15
N ARG E 450 -29.26 -15.41 12.59
CA ARG E 450 -30.61 -15.94 12.38
C ARG E 450 -31.38 -14.95 11.51
N THR E 451 -31.48 -15.25 10.22
CA THR E 451 -32.15 -14.38 9.27
C THR E 451 -33.06 -15.20 8.38
N THR E 452 -34.11 -14.56 7.89
CA THR E 452 -35.00 -15.11 6.87
C THR E 452 -34.71 -14.37 5.57
N ILE E 453 -34.48 -15.12 4.50
CA ILE E 453 -34.01 -14.55 3.23
C ILE E 453 -35.16 -14.54 2.23
N LEU E 454 -35.41 -13.37 1.65
CA LEU E 454 -36.35 -13.21 0.55
C LEU E 454 -35.57 -12.87 -0.71
N ALA E 455 -35.87 -13.57 -1.80
CA ALA E 455 -35.12 -13.44 -3.04
C ALA E 455 -36.03 -13.09 -4.20
N ALA E 456 -35.50 -12.30 -5.13
CA ALA E 456 -36.22 -11.92 -6.34
C ALA E 456 -35.20 -11.72 -7.46
N THR E 457 -35.31 -12.52 -8.50
CA THR E 457 -34.36 -12.50 -9.61
C THR E 457 -35.08 -12.66 -10.93
N ASN E 458 -34.43 -12.22 -12.00
CA ASN E 458 -35.00 -12.30 -13.33
C ASN E 458 -34.68 -13.65 -13.98
N PRO E 459 -35.60 -14.17 -14.79
CA PRO E 459 -35.33 -15.40 -15.54
C PRO E 459 -34.48 -15.15 -16.78
N LYS E 460 -33.16 -15.17 -16.63
CA LYS E 460 -32.28 -14.96 -17.77
C LYS E 460 -32.60 -15.94 -18.89
N GLY E 461 -32.75 -15.42 -20.10
CA GLY E 461 -33.23 -16.21 -21.22
C GLY E 461 -34.74 -16.27 -21.23
N GLN E 462 -35.34 -16.39 -22.42
CA GLN E 462 -36.80 -16.39 -22.52
C GLN E 462 -37.39 -17.56 -21.74
N TYR E 463 -38.36 -17.26 -20.89
CA TYR E 463 -38.95 -18.29 -20.04
C TYR E 463 -39.79 -19.25 -20.86
N ASP E 464 -39.70 -20.53 -20.51
CA ASP E 464 -40.44 -21.59 -21.16
C ASP E 464 -41.24 -22.37 -20.13
N PRO E 465 -42.46 -22.81 -20.46
CA PRO E 465 -43.22 -23.64 -19.51
C PRO E 465 -42.49 -24.92 -19.12
N GLN E 466 -41.79 -25.54 -20.05
CA GLN E 466 -40.95 -26.69 -19.75
C GLN E 466 -39.57 -26.19 -19.33
N GLU E 467 -38.60 -27.10 -19.22
CA GLU E 467 -37.23 -26.76 -18.82
C GLU E 467 -37.24 -26.05 -17.45
N SER E 468 -37.59 -26.84 -16.44
CA SER E 468 -37.77 -26.34 -15.08
C SER E 468 -36.60 -25.46 -14.65
N VAL E 469 -36.89 -24.57 -13.70
CA VAL E 469 -36.03 -23.44 -13.31
C VAL E 469 -34.57 -23.87 -13.16
N SER E 470 -34.35 -25.14 -12.80
CA SER E 470 -32.99 -25.64 -12.63
C SER E 470 -32.16 -25.47 -13.90
N VAL E 471 -32.80 -25.42 -15.06
CA VAL E 471 -32.12 -25.17 -16.32
C VAL E 471 -32.27 -23.71 -16.74
N ASN E 472 -33.43 -23.10 -16.48
CA ASN E 472 -33.69 -21.74 -16.94
C ASN E 472 -32.77 -20.74 -16.24
N ILE E 473 -32.71 -20.79 -14.91
CA ILE E 473 -31.84 -19.87 -14.18
C ILE E 473 -30.41 -20.39 -14.11
N ALA E 474 -30.19 -21.67 -14.38
CA ALA E 474 -28.87 -22.30 -14.32
C ALA E 474 -28.25 -22.16 -12.92
N LEU E 475 -28.96 -22.72 -11.94
CA LEU E 475 -28.51 -22.75 -10.57
C LEU E 475 -28.28 -24.20 -10.16
N GLY E 476 -27.27 -24.41 -9.30
CA GLY E 476 -26.94 -25.75 -8.87
C GLY E 476 -28.05 -26.38 -8.06
N SER E 477 -28.17 -27.71 -8.19
CA SER E 477 -29.15 -28.45 -7.40
C SER E 477 -28.99 -28.26 -5.90
N PRO E 478 -27.79 -28.27 -5.32
CA PRO E 478 -27.69 -28.04 -3.87
C PRO E 478 -28.26 -26.69 -3.42
N LEU E 479 -28.11 -25.65 -4.24
CA LEU E 479 -28.63 -24.34 -3.85
C LEU E 479 -30.15 -24.29 -3.93
N LEU E 480 -30.73 -24.83 -5.00
CA LEU E 480 -32.18 -24.77 -5.19
C LEU E 480 -32.89 -25.92 -4.50
N SER E 481 -32.48 -26.19 -3.26
CA SER E 481 -33.17 -27.14 -2.41
C SER E 481 -33.43 -26.62 -1.00
N ARG E 482 -32.69 -25.61 -0.53
CA ARG E 482 -32.93 -25.02 0.77
C ARG E 482 -34.04 -23.97 0.75
N PHE E 483 -34.51 -23.58 -0.44
CA PHE E 483 -35.60 -22.64 -0.55
C PHE E 483 -36.93 -23.38 -0.41
N ASP E 484 -37.77 -22.93 0.54
CA ASP E 484 -39.00 -23.64 0.82
C ASP E 484 -39.98 -23.57 -0.36
N LEU E 485 -40.23 -22.37 -0.87
CA LEU E 485 -41.21 -22.15 -1.92
C LEU E 485 -40.60 -21.31 -3.03
N ILE E 486 -40.81 -21.73 -4.27
CA ILE E 486 -40.38 -20.98 -5.45
C ILE E 486 -41.63 -20.75 -6.29
N LEU E 487 -42.22 -19.57 -6.15
CA LEU E 487 -43.43 -19.21 -6.88
C LEU E 487 -43.06 -18.69 -8.26
N VAL E 488 -43.67 -19.27 -9.29
CA VAL E 488 -43.40 -18.92 -10.67
C VAL E 488 -44.43 -17.90 -11.13
N LEU E 489 -43.98 -16.73 -11.53
CA LEU E 489 -44.85 -15.66 -12.01
C LEU E 489 -44.72 -15.58 -13.53
N LEU E 490 -45.75 -16.03 -14.24
CA LEU E 490 -45.75 -16.05 -15.69
C LEU E 490 -46.72 -15.00 -16.20
N ASP E 491 -46.26 -14.14 -17.10
CA ASP E 491 -47.08 -13.07 -17.66
C ASP E 491 -47.67 -13.52 -18.99
N THR E 492 -48.99 -13.59 -19.05
CA THR E 492 -49.72 -13.96 -20.25
C THR E 492 -50.53 -12.76 -20.74
N LYS E 493 -51.32 -12.99 -21.78
CA LYS E 493 -52.14 -11.95 -22.39
C LYS E 493 -53.61 -12.25 -22.10
N ASN E 494 -54.23 -11.42 -21.26
CA ASN E 494 -55.64 -11.53 -20.93
C ASN E 494 -56.29 -10.18 -21.19
N GLU E 495 -57.49 -10.22 -21.77
CA GLU E 495 -58.18 -9.01 -22.21
C GLU E 495 -58.93 -8.30 -21.08
N ASP E 496 -58.94 -8.86 -19.88
CA ASP E 496 -59.63 -8.26 -18.74
C ASP E 496 -58.67 -7.74 -17.69
N TRP E 497 -57.59 -8.49 -17.41
CA TRP E 497 -56.62 -8.05 -16.40
C TRP E 497 -55.95 -6.76 -16.81
N ASP E 498 -55.62 -6.62 -18.09
CA ASP E 498 -54.99 -5.39 -18.57
C ASP E 498 -55.93 -4.19 -18.39
N ARG E 499 -57.21 -4.36 -18.74
CA ARG E 499 -58.16 -3.27 -18.56
C ARG E 499 -58.33 -2.91 -17.09
N ILE E 500 -58.40 -3.93 -16.22
CA ILE E 500 -58.59 -3.66 -14.80
C ILE E 500 -57.40 -2.91 -14.22
N ILE E 501 -56.18 -3.36 -14.54
CA ILE E 501 -54.99 -2.69 -14.00
C ILE E 501 -54.84 -1.30 -14.62
N SER E 502 -55.23 -1.13 -15.88
CA SER E 502 -55.19 0.19 -16.49
C SER E 502 -56.12 1.15 -15.79
N SER E 503 -57.34 0.70 -15.46
CA SER E 503 -58.25 1.55 -14.71
C SER E 503 -57.70 1.85 -13.32
N PHE E 504 -57.13 0.83 -12.66
CA PHE E 504 -56.54 1.03 -11.34
C PHE E 504 -55.48 2.12 -11.36
N ILE E 505 -54.60 2.09 -12.37
CA ILE E 505 -53.53 3.08 -12.46
C ILE E 505 -54.10 4.44 -12.84
N LEU E 506 -55.05 4.48 -13.78
CA LEU E 506 -55.47 5.76 -14.34
C LEU E 506 -56.38 6.53 -13.38
N GLU E 507 -57.49 5.92 -12.97
CA GLU E 507 -58.37 6.62 -12.03
C GLU E 507 -57.83 6.63 -10.61
N ASN E 508 -56.56 6.24 -10.41
CA ASN E 508 -55.82 6.41 -9.15
C ASN E 508 -56.63 6.05 -7.92
N LYS E 509 -57.54 5.07 -8.06
CA LYS E 509 -58.41 4.66 -6.96
C LYS E 509 -57.57 3.90 -5.94
N GLY E 510 -57.01 4.62 -4.98
CA GLY E 510 -56.29 3.99 -3.89
C GLY E 510 -57.25 3.28 -2.96
N TYR E 511 -56.98 2.01 -2.68
CA TYR E 511 -57.84 1.19 -1.83
C TYR E 511 -59.25 1.13 -2.41
N PRO E 512 -59.45 0.39 -3.52
CA PRO E 512 -60.76 0.39 -4.19
C PRO E 512 -61.91 0.02 -3.28
N SER E 513 -61.63 -0.79 -2.25
CA SER E 513 -62.64 -1.09 -1.23
C SER E 513 -62.83 0.15 -0.36
N LYS E 514 -63.77 1.01 -0.74
CA LYS E 514 -63.98 2.28 -0.05
C LYS E 514 -64.43 2.08 1.40
N SER E 515 -64.88 0.89 1.76
CA SER E 515 -65.18 0.60 3.16
C SER E 515 -63.94 0.83 4.01
N GLU E 516 -64.15 1.39 5.22
CA GLU E 516 -63.06 1.91 6.03
C GLU E 516 -62.46 0.88 6.97
N LYS E 517 -62.55 -0.41 6.65
CA LYS E 517 -61.90 -1.41 7.49
C LYS E 517 -60.38 -1.32 7.34
N LEU E 518 -59.89 -1.56 6.12
CA LEU E 518 -58.45 -1.51 5.83
C LEU E 518 -57.63 -2.24 6.88
N TRP E 519 -56.56 -1.59 7.34
CA TRP E 519 -55.85 -1.68 8.62
C TRP E 519 -54.64 -0.75 8.62
N SER E 520 -54.23 -0.33 9.82
CA SER E 520 -53.10 0.56 9.96
C SER E 520 -51.80 -0.24 10.08
N MET E 521 -50.70 0.39 9.62
CA MET E 521 -49.42 -0.30 9.62
C MET E 521 -48.89 -0.49 11.04
N GLU E 522 -49.23 0.41 11.96
CA GLU E 522 -48.86 0.20 13.36
C GLU E 522 -49.57 -1.03 13.93
N LYS E 523 -50.86 -1.17 13.61
CA LYS E 523 -51.59 -2.36 14.05
C LYS E 523 -50.98 -3.63 13.45
N MET E 524 -50.60 -3.59 12.18
CA MET E 524 -49.99 -4.76 11.56
C MET E 524 -48.64 -5.09 12.18
N LYS E 525 -47.86 -4.06 12.52
CA LYS E 525 -46.57 -4.28 13.17
C LYS E 525 -46.76 -4.93 14.54
N THR E 526 -47.73 -4.43 15.32
CA THR E 526 -48.01 -5.06 16.61
C THR E 526 -48.53 -6.49 16.42
N TYR E 527 -49.35 -6.70 15.40
CA TYR E 527 -49.87 -8.04 15.10
C TYR E 527 -48.74 -9.02 14.82
N PHE E 528 -47.79 -8.65 13.97
CA PHE E 528 -46.71 -9.54 13.59
C PHE E 528 -45.57 -9.55 14.60
N CYS E 529 -45.58 -8.66 15.58
CA CYS E 529 -44.62 -8.71 16.68
C CYS E 529 -45.18 -9.34 17.94
N LEU E 530 -46.49 -9.61 17.98
CA LEU E 530 -47.12 -10.20 19.15
C LEU E 530 -47.40 -11.69 18.99
N ILE E 531 -47.74 -12.16 17.78
CA ILE E 531 -48.02 -13.58 17.57
C ILE E 531 -46.77 -14.42 17.52
N ARG E 532 -45.59 -13.82 17.67
CA ARG E 532 -44.31 -14.53 17.62
C ARG E 532 -44.03 -15.30 18.90
N ASN E 533 -44.68 -14.94 20.01
CA ASN E 533 -44.44 -15.58 21.30
C ASN E 533 -45.20 -16.89 21.51
N LEU E 534 -46.25 -17.15 20.74
CA LEU E 534 -47.02 -18.37 20.94
C LEU E 534 -46.23 -19.58 20.49
N GLN E 535 -46.45 -20.71 21.18
CA GLN E 535 -45.75 -21.95 20.89
C GLN E 535 -46.76 -23.05 20.57
N PRO E 536 -47.07 -23.27 19.29
CA PRO E 536 -48.06 -24.30 18.95
C PRO E 536 -47.52 -25.71 19.16
N THR E 537 -48.44 -26.66 19.28
CA THR E 537 -48.11 -28.06 19.48
C THR E 537 -48.90 -28.92 18.49
N LEU E 538 -48.26 -29.97 17.99
CA LEU E 538 -48.87 -30.83 16.99
C LEU E 538 -49.95 -31.70 17.61
N SER E 539 -50.69 -32.40 16.76
CA SER E 539 -51.79 -33.26 17.18
C SER E 539 -51.80 -34.51 16.32
N ASP E 540 -52.85 -35.32 16.47
CA ASP E 540 -53.01 -36.57 15.76
C ASP E 540 -53.88 -36.48 14.52
N VAL E 541 -54.92 -35.63 14.54
CA VAL E 541 -55.72 -35.37 13.34
C VAL E 541 -54.94 -34.56 12.31
N GLY E 542 -53.71 -34.17 12.65
CA GLY E 542 -52.83 -33.35 11.85
C GLY E 542 -51.81 -34.22 11.15
N ASN E 543 -50.64 -34.39 11.78
CA ASN E 543 -49.43 -35.00 11.23
C ASN E 543 -49.67 -36.13 10.24
N GLN E 544 -50.63 -37.02 10.52
CA GLN E 544 -50.85 -38.19 9.68
C GLN E 544 -51.04 -37.83 8.21
N VAL E 545 -51.68 -36.69 7.93
CA VAL E 545 -51.91 -36.28 6.55
C VAL E 545 -50.58 -36.07 5.82
N LEU E 546 -49.66 -35.34 6.46
CA LEU E 546 -48.35 -35.12 5.85
C LEU E 546 -47.53 -36.40 5.82
N LEU E 547 -47.66 -37.22 6.87
CA LEU E 547 -46.87 -38.44 6.98
C LEU E 547 -47.44 -39.54 6.10
N ARG E 548 -48.53 -39.24 5.37
CA ARG E 548 -48.95 -40.04 4.21
C ARG E 548 -48.57 -39.37 2.90
N TYR E 549 -48.78 -38.06 2.80
CA TYR E 549 -48.50 -37.33 1.55
C TYR E 549 -47.04 -37.41 1.17
N TYR E 550 -46.14 -37.44 2.16
CA TYR E 550 -44.71 -37.48 1.85
C TYR E 550 -44.36 -38.76 1.09
N GLN E 551 -44.78 -39.91 1.61
CA GLN E 551 -44.53 -41.17 0.89
C GLN E 551 -45.25 -41.19 -0.44
N MET E 552 -46.45 -40.59 -0.51
CA MET E 552 -47.15 -40.53 -1.78
C MET E 552 -46.33 -39.75 -2.82
N GLN E 553 -45.71 -38.65 -2.40
CA GLN E 553 -44.96 -37.79 -3.31
C GLN E 553 -43.53 -38.29 -3.56
N ARG E 554 -43.01 -39.18 -2.71
CA ARG E 554 -41.64 -39.63 -2.87
C ARG E 554 -41.41 -40.33 -4.21
N GLN E 555 -42.40 -41.09 -4.69
CA GLN E 555 -42.27 -41.70 -6.01
C GLN E 555 -43.69 -41.86 -6.58
N SER E 556 -44.11 -40.88 -7.38
CA SER E 556 -45.33 -41.06 -8.15
C SER E 556 -45.00 -41.55 -9.56
N ASP E 557 -44.34 -40.70 -10.35
CA ASP E 557 -43.73 -41.14 -11.61
C ASP E 557 -42.36 -40.53 -11.89
N CYS E 558 -42.04 -39.34 -11.38
CA CYS E 558 -40.81 -38.66 -11.77
C CYS E 558 -40.10 -38.05 -10.56
N ARG E 559 -40.85 -37.86 -9.47
CA ARG E 559 -40.39 -37.24 -8.22
C ARG E 559 -39.45 -36.06 -8.45
N ASN E 560 -39.75 -35.23 -9.44
CA ASN E 560 -38.93 -34.08 -9.83
C ASN E 560 -37.44 -34.44 -9.87
N ALA E 561 -36.59 -33.50 -9.47
CA ALA E 561 -35.16 -33.78 -9.36
C ALA E 561 -34.50 -33.25 -8.09
N ALA E 562 -35.03 -32.19 -7.47
CA ALA E 562 -34.41 -31.63 -6.28
C ALA E 562 -35.39 -31.29 -5.16
N ARG E 563 -36.70 -31.33 -5.40
CA ARG E 563 -37.70 -31.05 -4.38
C ARG E 563 -38.30 -32.34 -3.81
N THR E 564 -37.48 -33.40 -3.74
CA THR E 564 -37.92 -34.69 -3.25
C THR E 564 -37.13 -35.15 -2.03
N THR E 565 -35.99 -34.55 -1.73
CA THR E 565 -35.15 -34.98 -0.62
C THR E 565 -35.88 -34.76 0.71
N ILE E 566 -35.26 -35.23 1.79
CA ILE E 566 -35.90 -35.21 3.10
C ILE E 566 -36.00 -33.81 3.67
N ARG E 567 -35.48 -32.80 2.97
CA ARG E 567 -35.69 -31.43 3.42
C ARG E 567 -37.12 -30.96 3.19
N LEU E 568 -37.84 -31.65 2.31
CA LEU E 568 -39.25 -31.35 2.03
C LEU E 568 -40.12 -31.53 3.26
N LEU E 569 -39.93 -32.61 4.02
CA LEU E 569 -40.70 -32.81 5.23
C LEU E 569 -40.28 -31.86 6.35
N GLU E 570 -39.03 -31.38 6.33
CA GLU E 570 -38.59 -30.42 7.32
C GLU E 570 -39.18 -29.03 7.08
N SER E 571 -39.75 -28.78 5.90
CA SER E 571 -40.44 -27.54 5.61
C SER E 571 -41.96 -27.68 5.62
N LEU E 572 -42.48 -28.84 5.24
CA LEU E 572 -43.91 -29.09 5.28
C LEU E 572 -44.46 -29.08 6.69
N ILE E 573 -43.61 -29.22 7.70
CA ILE E 573 -44.03 -29.09 9.09
C ILE E 573 -43.80 -27.67 9.60
N ARG E 574 -42.69 -27.04 9.20
CA ARG E 574 -42.42 -25.68 9.61
C ARG E 574 -43.43 -24.68 9.06
N LEU E 575 -43.96 -24.93 7.87
CA LEU E 575 -45.03 -24.08 7.33
C LEU E 575 -46.37 -24.35 8.01
N ALA E 576 -46.68 -25.61 8.29
CA ALA E 576 -47.93 -25.94 8.96
C ALA E 576 -47.97 -25.36 10.37
N GLU E 577 -46.87 -25.44 11.11
CA GLU E 577 -46.85 -24.86 12.45
C GLU E 577 -46.80 -23.34 12.42
N ALA E 578 -46.33 -22.75 11.32
CA ALA E 578 -46.37 -21.31 11.16
C ALA E 578 -47.77 -20.81 10.86
N HIS E 579 -48.52 -21.54 10.03
CA HIS E 579 -49.90 -21.17 9.72
C HIS E 579 -50.80 -21.19 10.95
N ALA E 580 -50.44 -21.95 11.97
CA ALA E 580 -51.23 -22.03 13.19
C ALA E 580 -51.07 -20.81 14.08
N ARG E 581 -50.00 -20.03 13.91
CA ARG E 581 -49.75 -18.87 14.74
C ARG E 581 -50.32 -17.59 14.16
N LEU E 582 -50.80 -17.63 12.91
CA LEU E 582 -51.43 -16.45 12.32
C LEU E 582 -52.89 -16.31 12.72
N MET E 583 -53.51 -17.38 13.22
CA MET E 583 -54.93 -17.39 13.52
C MET E 583 -55.22 -17.50 15.02
N PHE E 584 -54.25 -17.18 15.87
CA PHE E 584 -54.44 -17.11 17.32
C PHE E 584 -54.94 -18.43 17.91
N ARG E 585 -54.11 -19.46 17.77
CA ARG E 585 -54.33 -20.73 18.46
C ARG E 585 -53.00 -21.46 18.55
N ASP E 586 -52.93 -22.44 19.44
CA ASP E 586 -51.71 -23.21 19.64
C ASP E 586 -51.95 -24.70 19.47
N THR E 587 -52.95 -25.08 18.70
CA THR E 587 -53.27 -26.49 18.46
C THR E 587 -53.38 -26.71 16.96
N VAL E 588 -52.44 -27.48 16.41
CA VAL E 588 -52.47 -27.79 14.99
C VAL E 588 -53.53 -28.84 14.72
N THR E 589 -54.40 -28.56 13.77
CA THR E 589 -55.51 -29.45 13.42
C THR E 589 -55.41 -29.85 11.96
N LEU E 590 -56.47 -30.49 11.47
CA LEU E 590 -56.57 -30.77 10.04
C LEU E 590 -56.58 -29.47 9.23
N GLU E 591 -56.99 -28.37 9.85
CA GLU E 591 -57.20 -27.11 9.14
C GLU E 591 -55.90 -26.60 8.52
N ASP E 592 -54.86 -26.42 9.34
CA ASP E 592 -53.62 -25.85 8.84
C ASP E 592 -52.95 -26.78 7.83
N ALA E 593 -52.98 -28.08 8.09
CA ALA E 593 -52.35 -29.02 7.15
C ALA E 593 -53.05 -29.00 5.80
N ILE E 594 -54.37 -29.01 5.80
CA ILE E 594 -55.10 -29.00 4.53
C ILE E 594 -55.00 -27.64 3.85
N THR E 595 -54.70 -26.59 4.60
CA THR E 595 -54.42 -25.30 3.98
C THR E 595 -53.04 -25.29 3.32
N VAL E 596 -52.05 -25.87 3.99
CA VAL E 596 -50.66 -25.75 3.51
C VAL E 596 -50.37 -26.73 2.38
N VAL E 597 -51.05 -27.89 2.34
CA VAL E 597 -50.76 -28.87 1.31
C VAL E 597 -51.04 -28.31 -0.08
N SER E 598 -52.19 -27.66 -0.25
CA SER E 598 -52.54 -27.11 -1.57
C SER E 598 -51.57 -26.01 -1.98
N VAL E 599 -51.19 -25.15 -1.03
CA VAL E 599 -50.26 -24.06 -1.35
C VAL E 599 -48.91 -24.62 -1.78
N MET E 600 -48.39 -25.62 -1.06
CA MET E 600 -47.08 -26.15 -1.41
C MET E 600 -47.14 -26.94 -2.70
N GLU E 601 -48.28 -27.60 -2.97
CA GLU E 601 -48.43 -28.27 -4.25
C GLU E 601 -48.46 -27.28 -5.40
N SER E 602 -49.13 -26.15 -5.22
CA SER E 602 -49.11 -25.10 -6.23
C SER E 602 -47.72 -24.48 -6.38
N SER E 603 -46.91 -24.50 -5.32
CA SER E 603 -45.54 -24.00 -5.43
C SER E 603 -44.73 -24.84 -6.41
N MET E 604 -44.90 -26.16 -6.38
CA MET E 604 -44.22 -27.05 -7.31
C MET E 604 -44.86 -26.93 -8.68
N GLN E 605 -44.27 -26.13 -9.55
CA GLN E 605 -44.80 -25.93 -10.89
C GLN E 605 -44.64 -27.19 -11.73
N GLY E 606 -45.45 -27.28 -12.78
CA GLY E 606 -45.37 -28.40 -13.70
C GLY E 606 -45.81 -29.71 -13.09
N GLY E 607 -44.86 -30.61 -12.86
CA GLY E 607 -45.15 -31.90 -12.28
C GLY E 607 -45.80 -31.81 -10.91
N ALA E 608 -46.99 -32.38 -10.77
CA ALA E 608 -47.73 -32.36 -9.51
C ALA E 608 -48.71 -33.52 -9.52
N LEU E 609 -49.64 -33.53 -8.56
CA LEU E 609 -50.61 -34.59 -8.45
C LEU E 609 -52.03 -34.17 -8.84
N LEU E 610 -52.30 -32.88 -8.92
CA LEU E 610 -53.63 -32.40 -9.31
C LEU E 610 -53.53 -31.39 -10.44
N GLY E 611 -52.44 -30.65 -10.49
CA GLY E 611 -52.23 -29.64 -11.51
C GLY E 611 -51.77 -28.34 -10.88
N GLY E 612 -51.16 -27.49 -11.69
CA GLY E 612 -50.63 -26.21 -11.25
C GLY E 612 -51.46 -25.07 -11.82
N VAL E 613 -51.62 -24.01 -11.03
CA VAL E 613 -52.36 -22.82 -11.42
C VAL E 613 -51.42 -21.62 -11.35
N ASN E 614 -51.47 -20.78 -12.39
CA ASN E 614 -50.61 -19.61 -12.44
C ASN E 614 -50.98 -18.62 -11.35
N ALA E 615 -49.97 -17.96 -10.77
CA ALA E 615 -50.18 -17.12 -9.61
C ALA E 615 -50.71 -15.74 -9.96
N LEU E 616 -50.58 -15.31 -11.22
CA LEU E 616 -50.96 -13.94 -11.56
C LEU E 616 -52.48 -13.77 -11.55
N HIS E 617 -53.20 -14.74 -12.11
CA HIS E 617 -54.66 -14.63 -12.24
C HIS E 617 -55.34 -15.39 -11.10
N THR E 618 -55.41 -14.70 -9.96
CA THR E 618 -56.09 -15.21 -8.78
C THR E 618 -56.65 -14.03 -7.99
N SER E 619 -57.91 -14.14 -7.58
CA SER E 619 -58.59 -13.08 -6.87
C SER E 619 -59.16 -13.62 -5.56
N PHE E 620 -59.47 -12.70 -4.65
CA PHE E 620 -60.03 -13.09 -3.36
C PHE E 620 -61.39 -13.76 -3.57
N PRO E 621 -61.61 -14.96 -3.03
CA PRO E 621 -62.90 -15.62 -3.22
C PRO E 621 -64.03 -14.88 -2.51
N GLU E 622 -65.23 -15.00 -3.08
CA GLU E 622 -66.39 -14.33 -2.49
C GLU E 622 -66.80 -14.99 -1.19
N ASN E 623 -66.72 -16.32 -1.11
CA ASN E 623 -67.01 -17.05 0.12
C ASN E 623 -65.94 -18.12 0.32
N PRO E 624 -65.15 -18.03 1.40
CA PRO E 624 -64.05 -18.99 1.57
C PRO E 624 -64.47 -20.33 2.18
N GLY E 625 -65.61 -20.39 2.88
CA GLY E 625 -66.02 -21.64 3.49
C GLY E 625 -66.33 -22.73 2.47
N GLU E 626 -67.06 -22.36 1.41
CA GLU E 626 -67.37 -23.32 0.37
C GLU E 626 -66.12 -23.80 -0.34
N GLN E 627 -65.18 -22.87 -0.62
CA GLN E 627 -63.93 -23.26 -1.25
C GLN E 627 -63.14 -24.22 -0.36
N TYR E 628 -63.10 -23.95 0.94
CA TYR E 628 -62.40 -24.84 1.87
C TYR E 628 -63.05 -26.21 1.91
N GLN E 629 -64.39 -26.25 1.93
CA GLN E 629 -65.08 -27.54 1.96
C GLN E 629 -64.80 -28.33 0.69
N ARG E 630 -64.84 -27.67 -0.46
CA ARG E 630 -64.52 -28.35 -1.72
C ARG E 630 -63.08 -28.84 -1.74
N GLN E 631 -62.15 -28.02 -1.24
CA GLN E 631 -60.75 -28.43 -1.20
C GLN E 631 -60.57 -29.66 -0.32
N CYS E 632 -61.20 -29.68 0.86
CA CYS E 632 -61.09 -30.83 1.74
C CYS E 632 -61.67 -32.07 1.09
N GLU E 633 -62.86 -31.94 0.48
CA GLU E 633 -63.49 -33.08 -0.16
C GLU E 633 -62.65 -33.60 -1.32
N LEU E 634 -61.93 -32.72 -2.01
CA LEU E 634 -61.09 -33.16 -3.12
C LEU E 634 -59.82 -33.84 -2.62
N ILE E 635 -59.17 -33.26 -1.61
CA ILE E 635 -57.87 -33.78 -1.17
C ILE E 635 -58.03 -35.07 -0.39
N LEU E 636 -58.97 -35.13 0.55
CA LEU E 636 -59.06 -36.26 1.46
C LEU E 636 -59.63 -37.52 0.82
N GLU E 637 -59.74 -37.56 -0.51
CA GLU E 637 -60.25 -38.72 -1.22
C GLU E 637 -59.14 -39.59 -1.80
N LYS E 638 -58.20 -38.99 -2.53
CA LYS E 638 -57.14 -39.78 -3.16
C LYS E 638 -56.24 -40.43 -2.10
N LEU E 639 -55.76 -39.67 -1.14
CA LEU E 639 -55.07 -40.21 0.02
C LEU E 639 -56.13 -40.72 0.99
N GLU E 640 -56.08 -42.02 1.29
CA GLU E 640 -57.20 -42.70 1.95
C GLU E 640 -57.21 -42.38 3.43
N LEU E 641 -57.87 -41.28 3.78
CA LEU E 641 -58.16 -40.93 5.17
C LEU E 641 -59.65 -40.64 5.33
N GLN E 642 -60.47 -41.53 4.78
CA GLN E 642 -61.92 -41.32 4.79
C GLN E 642 -62.50 -41.33 6.20
N SER E 643 -61.79 -41.89 7.17
CA SER E 643 -62.28 -41.89 8.55
C SER E 643 -62.26 -40.49 9.16
N LEU E 644 -61.61 -39.53 8.51
CA LEU E 644 -61.53 -38.17 9.02
C LEU E 644 -62.50 -37.21 8.34
N LEU E 645 -62.89 -37.48 7.10
CA LEU E 645 -63.79 -36.58 6.40
C LEU E 645 -65.16 -36.53 7.07
N SER E 646 -65.65 -37.67 7.56
CA SER E 646 -66.93 -37.68 8.26
C SER E 646 -66.87 -36.84 9.54
N GLU E 647 -65.79 -36.98 10.31
CA GLU E 647 -65.63 -36.18 11.51
C GLU E 647 -65.54 -34.70 11.18
N GLU E 648 -64.80 -34.35 10.13
CA GLU E 648 -64.68 -32.95 9.74
C GLU E 648 -66.02 -32.38 9.30
N LEU E 649 -66.80 -33.15 8.54
CA LEU E 649 -68.12 -32.68 8.11
C LEU E 649 -69.05 -32.51 9.29
N ARG E 650 -69.01 -33.44 10.25
CA ARG E 650 -69.82 -33.29 11.45
C ARG E 650 -69.41 -32.05 12.24
N ARG E 651 -68.11 -31.78 12.34
CA ARG E 651 -67.66 -30.61 13.06
C ARG E 651 -68.10 -29.34 12.36
N LEU E 652 -67.96 -29.29 11.03
CA LEU E 652 -68.31 -28.11 10.26
C LEU E 652 -69.81 -27.84 10.33
N GLU E 653 -70.63 -28.89 10.27
CA GLU E 653 -72.07 -28.71 10.36
C GLU E 653 -72.46 -28.10 11.71
N ARG E 654 -71.84 -28.58 12.79
CA ARG E 654 -72.14 -28.10 14.13
C ARG E 654 -71.17 -26.98 14.52
N LEU E 655 -71.38 -25.83 13.88
CA LEU E 655 -70.72 -24.58 14.26
C LEU E 655 -71.68 -23.40 14.07
N MET F 1 19.98 60.56 3.06
CA MET F 1 19.94 61.44 1.89
C MET F 1 19.80 62.90 2.30
N ASN F 2 20.05 63.80 1.37
CA ASN F 2 19.97 65.22 1.66
C ASN F 2 18.52 65.67 1.75
N SER F 3 18.30 66.77 2.48
CA SER F 3 16.94 67.25 2.72
C SER F 3 16.28 67.74 1.44
N ASP F 4 17.02 68.46 0.59
CA ASP F 4 16.42 69.04 -0.60
C ASP F 4 16.12 68.00 -1.67
N GLN F 5 16.85 66.88 -1.66
CA GLN F 5 16.69 65.87 -2.70
C GLN F 5 15.30 65.25 -2.67
N VAL F 6 14.83 64.87 -1.48
CA VAL F 6 13.51 64.25 -1.38
C VAL F 6 12.41 65.25 -1.72
N THR F 7 12.59 66.51 -1.34
CA THR F 7 11.61 67.53 -1.68
C THR F 7 11.52 67.70 -3.20
N LEU F 8 12.66 67.77 -3.88
CA LEU F 8 12.63 67.91 -5.33
C LEU F 8 12.02 66.68 -5.99
N VAL F 9 12.34 65.49 -5.48
CA VAL F 9 11.78 64.26 -6.03
C VAL F 9 10.26 64.24 -5.87
N GLY F 10 9.77 64.60 -4.68
CA GLY F 10 8.33 64.66 -4.47
C GLY F 10 7.67 65.68 -5.37
N GLN F 11 8.32 66.83 -5.57
CA GLN F 11 7.78 67.83 -6.48
C GLN F 11 7.68 67.27 -7.90
N VAL F 12 8.71 66.53 -8.34
CA VAL F 12 8.70 65.97 -9.69
C VAL F 12 7.53 65.00 -9.85
N PHE F 13 7.38 64.06 -8.91
CA PHE F 13 6.29 63.11 -9.03
C PHE F 13 4.91 63.78 -8.92
N GLU F 14 4.75 64.75 -8.03
CA GLU F 14 3.44 65.38 -7.91
C GLU F 14 3.10 66.15 -9.18
N SER F 15 4.09 66.85 -9.76
CA SER F 15 3.85 67.55 -11.02
C SER F 15 3.46 66.57 -12.13
N TYR F 16 4.19 65.45 -12.24
CA TYR F 16 3.89 64.48 -13.28
C TYR F 16 2.49 63.89 -13.11
N VAL F 17 2.13 63.52 -11.87
CA VAL F 17 0.84 62.88 -11.65
C VAL F 17 -0.30 63.88 -11.82
N SER F 18 -0.06 65.17 -11.52
CA SER F 18 -1.09 66.16 -11.75
C SER F 18 -1.23 66.50 -13.23
N GLU F 19 -0.15 66.34 -14.01
CA GLU F 19 -0.20 66.71 -15.42
C GLU F 19 -0.76 65.59 -16.29
N TYR F 20 -0.42 64.34 -16.00
CA TYR F 20 -0.78 63.23 -16.88
C TYR F 20 -1.77 62.24 -16.27
N HIS F 21 -2.17 62.41 -15.02
CA HIS F 21 -2.97 61.40 -14.33
C HIS F 21 -4.15 62.02 -13.61
N LYS F 22 -4.93 62.84 -14.33
CA LYS F 22 -6.15 63.39 -13.76
C LYS F 22 -7.33 62.42 -13.84
N ASN F 23 -7.47 61.70 -14.96
CA ASN F 23 -8.63 60.83 -15.14
C ASN F 23 -8.65 59.69 -14.13
N ASP F 24 -7.51 59.05 -13.91
CA ASP F 24 -7.47 57.90 -13.00
C ASP F 24 -7.74 58.32 -11.57
N ILE F 25 -7.16 59.43 -11.12
CA ILE F 25 -7.40 59.90 -9.76
C ILE F 25 -8.85 60.37 -9.61
N LEU F 26 -9.42 60.97 -10.66
CA LEU F 26 -10.83 61.36 -10.60
C LEU F 26 -11.72 60.14 -10.47
N LEU F 27 -11.42 59.07 -11.21
CA LEU F 27 -12.18 57.84 -11.08
C LEU F 27 -12.01 57.23 -9.69
N ILE F 28 -10.80 57.28 -9.14
CA ILE F 28 -10.54 56.70 -7.83
C ILE F 28 -11.32 57.46 -6.74
N LEU F 29 -11.38 58.78 -6.85
CA LEU F 29 -12.11 59.57 -5.86
C LEU F 29 -13.59 59.23 -5.86
N LYS F 30 -14.16 58.96 -7.04
CA LYS F 30 -15.60 58.70 -7.16
C LYS F 30 -15.87 57.20 -7.03
N GLU F 31 -15.58 56.68 -5.84
CA GLU F 31 -15.87 55.29 -5.52
C GLU F 31 -16.39 55.21 -4.10
N ARG F 32 -17.10 54.12 -3.82
CA ARG F 32 -17.64 53.85 -2.49
C ARG F 32 -16.53 53.33 -1.60
N ASP F 33 -16.86 53.05 -0.34
CA ASP F 33 -15.92 52.64 0.70
C ASP F 33 -14.96 53.79 1.05
N GLU F 34 -14.42 53.78 2.26
CA GLU F 34 -13.60 54.87 2.75
C GLU F 34 -12.12 54.54 2.86
N ASP F 35 -11.78 53.36 3.36
CA ASP F 35 -10.38 53.06 3.70
C ASP F 35 -10.01 51.63 3.37
N ALA F 36 -10.45 51.09 2.23
CA ALA F 36 -10.07 49.72 1.93
C ALA F 36 -8.66 49.66 1.34
N HIS F 37 -8.54 50.00 0.05
CA HIS F 37 -7.28 50.08 -0.70
C HIS F 37 -7.56 50.62 -2.09
N TYR F 38 -6.63 51.38 -2.67
CA TYR F 38 -6.76 51.85 -4.05
C TYR F 38 -5.41 52.11 -4.68
N PRO F 39 -5.03 51.38 -5.73
CA PRO F 39 -3.74 51.59 -6.37
C PRO F 39 -3.81 52.55 -7.55
N VAL F 40 -2.63 52.97 -8.00
CA VAL F 40 -2.47 53.85 -9.15
C VAL F 40 -1.34 53.30 -10.02
N VAL F 41 -1.57 53.26 -11.33
CA VAL F 41 -0.60 52.75 -12.29
C VAL F 41 0.12 53.93 -12.93
N VAL F 42 1.45 53.91 -12.92
CA VAL F 42 2.27 54.98 -13.47
C VAL F 42 3.39 54.37 -14.29
N ASN F 43 3.59 54.90 -15.51
CA ASN F 43 4.68 54.46 -16.36
C ASN F 43 6.00 55.06 -15.89
N ALA F 44 7.10 54.42 -16.29
CA ALA F 44 8.43 54.81 -15.83
C ALA F 44 9.26 55.54 -16.88
N MET F 45 9.17 55.14 -18.14
CA MET F 45 10.03 55.71 -19.16
C MET F 45 9.75 57.20 -19.37
N THR F 46 8.47 57.59 -19.29
CA THR F 46 8.13 59.00 -19.51
C THR F 46 8.73 59.90 -18.44
N LEU F 47 8.63 59.50 -17.16
CA LEU F 47 9.18 60.33 -16.11
C LEU F 47 10.71 60.22 -16.06
N PHE F 48 11.27 59.10 -16.54
CA PHE F 48 12.71 59.00 -16.68
C PHE F 48 13.25 59.97 -17.73
N GLU F 49 12.58 60.07 -18.87
CA GLU F 49 13.04 61.00 -19.91
C GLU F 49 12.68 62.44 -19.60
N THR F 50 11.66 62.67 -18.77
CA THR F 50 11.29 64.04 -18.41
C THR F 50 12.41 64.73 -17.63
N ASN F 51 12.98 64.03 -16.65
CA ASN F 51 14.09 64.56 -15.87
C ASN F 51 15.17 63.50 -15.75
N MET F 52 16.41 63.89 -16.04
CA MET F 52 17.54 62.98 -16.00
C MET F 52 17.97 62.63 -14.58
N GLU F 53 17.69 63.50 -13.60
CA GLU F 53 18.14 63.29 -12.23
C GLU F 53 17.35 62.23 -11.49
N ILE F 54 16.09 62.00 -11.88
CA ILE F 54 15.23 61.08 -11.12
C ILE F 54 15.73 59.64 -11.26
N GLY F 55 16.26 59.28 -12.42
CA GLY F 55 16.69 57.91 -12.63
C GLY F 55 17.86 57.50 -11.76
N GLU F 56 18.85 58.38 -11.63
CA GLU F 56 20.01 58.08 -10.79
C GLU F 56 19.60 57.99 -9.32
N TYR F 57 18.73 58.89 -8.88
CA TYR F 57 18.25 58.85 -7.51
C TYR F 57 17.36 57.64 -7.25
N PHE F 58 16.70 57.12 -8.29
CA PHE F 58 15.79 55.99 -8.16
C PHE F 58 16.56 54.66 -8.13
N ASN F 59 17.29 54.36 -9.20
CA ASN F 59 17.89 53.04 -9.30
C ASN F 59 19.21 52.96 -8.53
N MET F 60 19.22 53.44 -7.30
CA MET F 60 20.23 53.07 -6.31
C MET F 60 19.66 52.80 -4.93
N PHE F 61 18.53 53.40 -4.57
CA PHE F 61 17.86 53.16 -3.30
C PHE F 61 16.36 53.01 -3.57
N PRO F 62 15.94 51.87 -4.11
CA PRO F 62 14.52 51.72 -4.47
C PRO F 62 13.63 51.46 -3.28
N SER F 63 13.82 52.22 -2.21
CA SER F 63 12.99 52.11 -1.02
C SER F 63 12.26 53.40 -0.68
N GLU F 64 12.98 54.53 -0.63
CA GLU F 64 12.35 55.80 -0.27
C GLU F 64 11.51 56.36 -1.41
N VAL F 65 11.80 55.96 -2.66
CA VAL F 65 11.09 56.52 -3.80
C VAL F 65 9.61 56.18 -3.74
N LEU F 66 9.27 54.94 -3.36
CA LEU F 66 7.87 54.55 -3.30
C LEU F 66 7.12 55.35 -2.23
N THR F 67 7.73 55.54 -1.06
CA THR F 67 7.09 56.33 -0.01
C THR F 67 6.93 57.79 -0.44
N ILE F 68 7.94 58.34 -1.10
CA ILE F 68 7.85 59.72 -1.57
C ILE F 68 6.72 59.86 -2.59
N PHE F 69 6.61 58.90 -3.50
CA PHE F 69 5.54 58.96 -4.49
C PHE F 69 4.17 58.79 -3.84
N ASP F 70 4.08 57.96 -2.80
CA ASP F 70 2.83 57.84 -2.06
C ASP F 70 2.44 59.16 -1.42
N SER F 71 3.41 59.85 -0.82
CA SER F 71 3.13 61.16 -0.23
C SER F 71 2.71 62.16 -1.30
N ALA F 72 3.36 62.11 -2.47
CA ALA F 72 2.99 62.98 -3.57
C ALA F 72 1.57 62.73 -4.04
N LEU F 73 1.19 61.45 -4.15
CA LEU F 73 -0.18 61.11 -4.51
C LEU F 73 -1.16 61.61 -3.47
N ARG F 74 -0.80 61.51 -2.19
CA ARG F 74 -1.68 61.99 -1.13
C ARG F 74 -1.89 63.51 -1.22
N ARG F 75 -0.82 64.26 -1.42
CA ARG F 75 -0.98 65.72 -1.51
C ARG F 75 -1.73 66.11 -2.78
N SER F 76 -1.51 65.37 -3.87
CA SER F 76 -2.27 65.64 -5.09
C SER F 76 -3.76 65.39 -4.88
N ALA F 77 -4.10 64.30 -4.20
CA ALA F 77 -5.50 64.03 -3.91
C ALA F 77 -6.10 65.10 -3.01
N LEU F 78 -5.34 65.56 -2.01
CA LEU F 78 -5.82 66.64 -1.15
C LEU F 78 -6.07 67.92 -1.95
N THR F 79 -5.14 68.25 -2.86
CA THR F 79 -5.31 69.44 -3.67
C THR F 79 -6.54 69.33 -4.58
N ILE F 80 -6.75 68.15 -5.18
CA ILE F 80 -7.91 67.97 -6.04
C ILE F 80 -9.20 68.07 -5.24
N LEU F 81 -9.22 67.49 -4.03
CA LEU F 81 -10.40 67.61 -3.19
C LEU F 81 -10.68 69.06 -2.82
N GLN F 82 -9.62 69.82 -2.51
CA GLN F 82 -9.80 71.23 -2.21
C GLN F 82 -10.36 72.00 -3.42
N SER F 83 -9.83 71.71 -4.60
CA SER F 83 -10.29 72.35 -5.83
C SER F 83 -11.31 71.46 -6.55
N LEU F 84 -12.46 71.27 -5.89
CA LEU F 84 -13.53 70.43 -6.41
C LEU F 84 -14.80 71.24 -6.52
N SER F 85 -15.57 71.00 -7.59
CA SER F 85 -16.79 71.75 -7.86
C SER F 85 -18.07 70.98 -7.53
N GLN F 86 -18.01 69.66 -7.39
CA GLN F 86 -19.17 68.83 -7.11
C GLN F 86 -18.86 67.97 -5.89
N PRO F 87 -18.91 68.55 -4.68
CA PRO F 87 -18.60 67.82 -3.45
C PRO F 87 -19.79 67.06 -2.86
N GLU F 88 -20.48 66.29 -3.70
CA GLU F 88 -21.60 65.48 -3.26
C GLU F 88 -21.35 63.99 -3.44
N ALA F 89 -21.05 63.54 -4.65
CA ALA F 89 -20.76 62.14 -4.93
C ALA F 89 -19.26 61.86 -4.89
N VAL F 90 -18.60 62.25 -3.80
CA VAL F 90 -17.16 62.06 -3.66
C VAL F 90 -16.86 61.54 -2.26
N SER F 91 -15.68 60.93 -2.12
CA SER F 91 -15.24 60.41 -0.84
C SER F 91 -13.72 60.51 -0.77
N MET F 92 -13.21 60.92 0.39
CA MET F 92 -11.78 61.03 0.63
C MET F 92 -11.28 59.75 1.27
N LYS F 93 -10.18 59.22 0.75
CA LYS F 93 -9.64 57.94 1.16
C LYS F 93 -8.18 58.10 1.57
N GLN F 94 -7.80 57.45 2.67
CA GLN F 94 -6.48 57.60 3.26
C GLN F 94 -5.48 56.57 2.76
N ASN F 95 -5.91 55.56 2.00
CA ASN F 95 -5.06 54.44 1.60
C ASN F 95 -4.83 54.51 0.09
N LEU F 96 -3.66 55.00 -0.29
CA LEU F 96 -3.20 54.98 -1.67
C LEU F 96 -1.90 54.19 -1.77
N HIS F 97 -1.55 53.78 -2.99
CA HIS F 97 -0.34 52.99 -3.20
C HIS F 97 0.24 53.31 -4.56
N ALA F 98 1.47 52.86 -4.77
CA ALA F 98 2.22 53.08 -6.00
C ALA F 98 2.47 51.76 -6.71
N ARG F 99 2.57 51.83 -8.04
CA ARG F 99 2.84 50.66 -8.86
C ARG F 99 3.51 51.12 -10.14
N ILE F 100 4.83 50.98 -10.22
CA ILE F 100 5.59 51.43 -11.37
C ILE F 100 5.67 50.31 -12.40
N SER F 101 5.76 50.68 -13.66
CA SER F 101 5.92 49.73 -14.75
C SER F 101 6.48 50.46 -15.96
N GLY F 102 6.95 49.68 -16.92
CA GLY F 102 7.56 50.26 -18.11
C GLY F 102 9.06 50.44 -17.96
N LEU F 103 9.71 49.42 -17.41
CA LEU F 103 11.14 49.46 -17.21
C LEU F 103 11.87 49.38 -18.55
N PRO F 104 13.05 50.02 -18.66
CA PRO F 104 13.83 49.91 -19.91
C PRO F 104 14.26 48.48 -20.21
N VAL F 105 14.91 48.29 -21.35
CA VAL F 105 15.24 46.96 -21.84
C VAL F 105 16.72 46.73 -21.63
N CYS F 106 17.29 47.37 -20.61
CA CYS F 106 18.69 47.16 -20.28
C CYS F 106 18.93 45.70 -19.93
N PRO F 107 20.05 45.11 -20.38
CA PRO F 107 20.27 43.67 -20.14
C PRO F 107 20.33 43.29 -18.67
N GLU F 108 20.72 44.19 -17.78
CA GLU F 108 20.88 43.86 -16.37
C GLU F 108 19.66 44.17 -15.53
N LEU F 109 18.55 44.59 -16.14
CA LEU F 109 17.30 44.78 -15.41
C LEU F 109 16.16 43.90 -15.93
N VAL F 110 16.38 43.12 -16.98
CA VAL F 110 15.32 42.28 -17.54
C VAL F 110 15.87 40.85 -17.48
N ARG F 111 16.69 40.59 -16.47
CA ARG F 111 17.31 39.27 -16.32
C ARG F 111 16.24 38.19 -16.16
N GLU F 112 16.44 37.08 -16.87
CA GLU F 112 15.53 35.95 -16.82
C GLU F 112 15.88 34.96 -15.71
N HIS F 113 17.16 34.89 -15.31
CA HIS F 113 17.62 33.94 -14.31
C HIS F 113 17.59 34.58 -12.93
N ILE F 114 17.27 33.78 -11.93
CA ILE F 114 17.20 34.25 -10.55
C ILE F 114 18.59 34.67 -10.08
N PRO F 115 18.74 35.83 -9.45
CA PRO F 115 20.07 36.24 -8.97
C PRO F 115 20.61 35.26 -7.94
N LYS F 116 21.93 35.10 -7.92
CA LYS F 116 22.53 34.11 -7.03
C LYS F 116 22.66 34.68 -5.61
N THR F 117 23.53 35.67 -5.42
CA THR F 117 23.56 36.44 -4.19
C THR F 117 23.92 37.90 -4.40
N LYS F 118 24.12 38.35 -5.63
CA LYS F 118 24.70 39.67 -5.90
C LYS F 118 23.64 40.77 -5.95
N ASP F 119 22.39 40.43 -6.20
CA ASP F 119 21.32 41.41 -6.34
C ASP F 119 20.51 41.45 -5.04
N VAL F 120 20.94 42.30 -4.12
CA VAL F 120 20.22 42.58 -2.89
C VAL F 120 19.99 44.08 -2.84
N GLY F 121 18.74 44.50 -2.81
CA GLY F 121 18.40 45.91 -2.90
C GLY F 121 18.30 46.45 -4.31
N HIS F 122 18.27 45.58 -5.33
CA HIS F 122 18.15 45.99 -6.71
C HIS F 122 16.76 45.66 -7.23
N PHE F 123 16.22 46.56 -8.05
CA PHE F 123 14.92 46.37 -8.67
C PHE F 123 15.10 45.49 -9.90
N LEU F 124 14.36 44.39 -9.95
CA LEU F 124 14.55 43.37 -10.97
C LEU F 124 13.21 43.00 -11.60
N SER F 125 13.28 42.29 -12.72
CA SER F 125 12.08 41.84 -13.43
C SER F 125 12.30 40.38 -13.82
N VAL F 126 11.43 39.50 -13.36
CA VAL F 126 11.55 38.07 -13.61
C VAL F 126 10.26 37.57 -14.24
N THR F 127 10.39 36.50 -15.01
CA THR F 127 9.26 35.85 -15.67
C THR F 127 9.30 34.35 -15.39
N GLY F 128 8.11 33.75 -15.29
CA GLY F 128 8.03 32.33 -15.01
C GLY F 128 6.59 31.90 -14.84
N THR F 129 6.44 30.66 -14.40
CA THR F 129 5.14 30.02 -14.19
C THR F 129 4.84 29.91 -12.70
N VAL F 130 3.72 29.26 -12.37
CA VAL F 130 3.26 29.13 -11.01
C VAL F 130 3.06 27.65 -10.69
N ILE F 131 3.54 27.23 -9.52
CA ILE F 131 3.46 25.84 -9.08
C ILE F 131 2.54 25.70 -7.86
N ARG F 132 2.86 26.38 -6.77
CA ARG F 132 2.14 26.24 -5.51
C ARG F 132 1.42 27.53 -5.16
N THR F 133 0.44 27.40 -4.25
CA THR F 133 -0.36 28.53 -3.80
C THR F 133 -0.78 28.29 -2.36
N SER F 134 -0.60 29.31 -1.51
CA SER F 134 -0.95 29.21 -0.10
C SER F 134 -2.37 29.71 0.12
N LEU F 135 -2.74 29.94 1.38
CA LEU F 135 -4.08 30.39 1.75
C LEU F 135 -4.07 31.85 2.18
N VAL F 136 -5.24 32.48 2.12
CA VAL F 136 -5.36 33.88 2.49
C VAL F 136 -5.33 34.00 4.01
N LYS F 137 -4.43 34.85 4.51
CA LYS F 137 -4.16 34.95 5.94
C LYS F 137 -3.93 36.41 6.31
N VAL F 138 -4.07 36.72 7.60
CA VAL F 138 -4.08 38.09 8.09
C VAL F 138 -2.96 38.25 9.11
N LEU F 139 -2.17 39.32 8.96
CA LEU F 139 -1.08 39.64 9.86
C LEU F 139 -1.47 40.74 10.84
N GLU F 140 -0.58 40.98 11.79
CA GLU F 140 -0.70 42.08 12.75
C GLU F 140 0.46 43.05 12.53
N PHE F 141 0.13 44.31 12.31
CA PHE F 141 1.13 45.35 12.04
C PHE F 141 0.99 46.44 13.08
N GLU F 142 2.04 46.64 13.87
CA GLU F 142 2.11 47.66 14.93
C GLU F 142 1.17 47.30 16.07
N ARG F 143 1.57 47.62 17.30
CA ARG F 143 0.79 47.27 18.48
C ARG F 143 0.33 48.46 19.30
N ASP F 144 1.15 49.50 19.43
CA ASP F 144 0.86 50.64 20.29
C ASP F 144 0.58 50.17 21.72
N TYR F 145 1.57 49.46 22.27
CA TYR F 145 1.42 48.83 23.58
C TYR F 145 1.28 49.88 24.67
N MET F 146 0.81 49.43 25.83
CA MET F 146 0.54 50.31 26.95
C MET F 146 1.81 51.02 27.41
N CYS F 147 1.65 52.28 27.82
CA CYS F 147 2.77 53.08 28.27
C CYS F 147 3.12 52.72 29.72
N ASN F 148 4.38 52.40 29.96
CA ASN F 148 4.86 52.04 31.29
C ASN F 148 5.97 53.00 31.72
N LYS F 149 5.87 53.49 32.96
CA LYS F 149 6.85 54.32 33.64
C LYS F 149 7.02 55.69 32.97
N CYS F 150 6.32 55.96 31.87
CA CYS F 150 6.41 57.25 31.19
C CYS F 150 5.02 57.62 30.69
N LYS F 151 4.95 58.65 29.85
CA LYS F 151 3.67 59.21 29.41
C LYS F 151 3.43 59.03 27.92
N HIS F 152 4.36 59.45 27.07
CA HIS F 152 4.14 59.41 25.63
C HIS F 152 4.06 57.97 25.14
N VAL F 153 3.10 57.71 24.25
CA VAL F 153 2.91 56.37 23.72
C VAL F 153 3.97 56.07 22.65
N PHE F 154 4.16 54.80 22.37
CA PHE F 154 5.17 54.34 21.42
C PHE F 154 4.50 53.69 20.22
N VAL F 155 5.10 53.90 19.05
CA VAL F 155 4.51 53.49 17.78
C VAL F 155 5.42 52.52 17.05
N ILE F 156 6.15 51.69 17.80
CA ILE F 156 7.09 50.73 17.23
C ILE F 156 6.39 49.84 16.21
N LYS F 157 7.11 49.47 15.15
CA LYS F 157 6.58 48.68 14.05
C LYS F 157 7.21 47.28 14.07
N ALA F 158 6.86 46.50 13.06
CA ALA F 158 7.40 45.16 12.89
C ALA F 158 8.56 45.17 11.90
N ASP F 159 9.28 44.05 11.85
CA ASP F 159 10.42 43.88 10.97
C ASP F 159 10.16 42.72 10.01
N PHE F 160 10.41 42.95 8.73
CA PHE F 160 10.22 41.90 7.74
C PHE F 160 11.34 40.87 7.75
N GLU F 161 12.56 41.28 8.08
CA GLU F 161 13.71 40.40 7.96
C GLU F 161 13.73 39.30 9.02
N GLN F 162 12.86 39.34 10.01
CA GLN F 162 12.84 38.36 11.09
C GLN F 162 11.53 37.60 11.15
N TYR F 163 10.94 37.33 9.97
CA TYR F 163 9.70 36.55 9.87
C TYR F 163 8.55 37.20 10.65
N TYR F 164 8.49 38.53 10.62
CA TYR F 164 7.44 39.30 11.28
C TYR F 164 7.37 38.98 12.78
N THR F 165 8.44 39.33 13.48
CA THR F 165 8.51 39.21 14.92
C THR F 165 8.65 40.60 15.54
N PHE F 166 8.45 40.66 16.85
CA PHE F 166 8.51 41.91 17.59
C PHE F 166 9.64 41.85 18.62
N CYS F 167 10.48 42.88 18.62
CA CYS F 167 11.57 42.99 19.58
C CYS F 167 11.15 43.87 20.74
N ARG F 168 11.45 43.43 21.96
CA ARG F 168 11.05 44.18 23.14
C ARG F 168 11.96 45.39 23.33
N PRO F 169 11.43 46.61 23.32
CA PRO F 169 12.28 47.79 23.51
C PRO F 169 12.51 48.08 24.99
N SER F 170 13.68 48.65 25.27
CA SER F 170 14.04 49.07 26.62
C SER F 170 14.61 50.47 26.71
N SER F 171 15.14 51.03 25.63
CA SER F 171 15.72 52.38 25.63
C SER F 171 14.71 53.31 24.96
N CYS F 172 13.98 54.06 25.79
CA CYS F 172 12.97 54.97 25.25
C CYS F 172 13.64 56.17 24.61
N PRO F 173 13.11 56.68 23.50
CA PRO F 173 13.67 57.88 22.86
C PRO F 173 13.28 59.16 23.56
N SER F 174 12.76 59.05 24.79
CA SER F 174 12.30 60.22 25.52
C SER F 174 13.44 61.21 25.75
N LEU F 175 13.09 62.50 25.79
CA LEU F 175 14.08 63.54 25.98
C LEU F 175 14.78 63.40 27.32
N GLU F 176 14.02 63.07 28.37
CA GLU F 176 14.60 62.89 29.69
C GLU F 176 15.27 61.53 29.78
N SER F 177 15.84 61.23 30.95
CA SER F 177 16.54 59.97 31.17
C SER F 177 15.61 58.82 31.54
N CYS F 178 14.31 59.08 31.68
CA CYS F 178 13.37 58.03 32.04
C CYS F 178 13.21 57.04 30.89
N ASP F 179 13.71 55.83 31.09
CA ASP F 179 13.66 54.80 30.06
C ASP F 179 13.16 53.51 30.69
N SER F 180 12.22 52.85 30.01
CA SER F 180 11.65 51.60 30.51
C SER F 180 11.89 50.46 29.53
N PRO F 193 -6.19 45.00 19.08
CA PRO F 193 -5.39 45.14 17.86
C PRO F 193 -6.24 45.33 16.62
N THR F 194 -6.71 46.55 16.39
CA THR F 194 -7.55 46.84 15.23
C THR F 194 -6.72 47.29 14.02
N ARG F 195 -5.71 46.48 13.68
CA ARG F 195 -4.89 46.70 12.50
C ARG F 195 -4.82 45.37 11.74
N CYS F 196 -4.91 45.44 10.41
CA CYS F 196 -4.91 44.22 9.61
C CYS F 196 -4.27 44.49 8.26
N ARG F 197 -3.75 43.43 7.66
CA ARG F 197 -3.12 43.48 6.34
C ARG F 197 -3.48 42.20 5.60
N ASP F 198 -2.78 41.93 4.50
CA ASP F 198 -3.01 40.74 3.69
C ASP F 198 -1.70 40.00 3.47
N TYR F 199 -1.80 38.76 3.03
CA TYR F 199 -0.62 37.90 2.89
C TYR F 199 -0.94 36.76 1.94
N GLN F 200 0.11 36.15 1.40
CA GLN F 200 0.02 34.98 0.54
C GLN F 200 1.44 34.44 0.36
N GLU F 201 1.52 33.25 -0.25
CA GLU F 201 2.81 32.65 -0.57
C GLU F 201 2.69 31.90 -1.89
N ILE F 202 3.59 32.18 -2.82
CA ILE F 202 3.55 31.62 -4.16
C ILE F 202 4.96 31.19 -4.56
N LYS F 203 5.04 30.10 -5.34
CA LYS F 203 6.30 29.58 -5.84
C LYS F 203 6.33 29.73 -7.36
N ILE F 204 7.43 30.26 -7.88
CA ILE F 204 7.60 30.51 -9.31
C ILE F 204 8.74 29.64 -9.83
N GLN F 205 8.49 28.95 -10.94
CA GLN F 205 9.49 28.11 -11.59
C GLN F 205 9.88 28.73 -12.92
N GLU F 206 11.18 28.79 -13.19
CA GLU F 206 11.66 29.38 -14.43
C GLU F 206 11.21 28.56 -15.63
N GLN F 207 10.87 29.24 -16.71
CA GLN F 207 10.45 28.57 -17.93
C GLN F 207 11.62 27.83 -18.57
N VAL F 208 11.33 26.68 -19.16
CA VAL F 208 12.36 25.89 -19.83
C VAL F 208 12.49 26.23 -21.31
N GLN F 209 11.49 26.90 -21.89
CA GLN F 209 11.52 27.20 -23.32
C GLN F 209 12.70 28.10 -23.68
N ARG F 210 12.96 29.12 -22.86
CA ARG F 210 14.02 30.08 -23.12
C ARG F 210 15.32 29.74 -22.41
N LEU F 211 15.42 28.57 -21.79
CA LEU F 211 16.64 28.15 -21.12
C LEU F 211 17.75 27.89 -22.13
N ILE F 216 18.00 21.80 -15.42
CA ILE F 216 16.81 21.96 -14.60
C ILE F 216 16.87 23.27 -13.81
N PRO F 217 15.83 24.08 -13.90
CA PRO F 217 15.79 25.34 -13.15
C PRO F 217 15.21 25.17 -11.76
N ARG F 218 15.69 26.02 -10.84
CA ARG F 218 15.23 26.02 -9.47
C ARG F 218 14.02 26.96 -9.31
N SER F 219 13.52 27.06 -8.09
CA SER F 219 12.25 27.73 -7.82
C SER F 219 12.48 29.01 -7.02
N MET F 220 11.60 29.97 -7.25
CA MET F 220 11.62 31.26 -6.57
C MET F 220 10.38 31.39 -5.70
N LYS F 221 10.59 31.62 -4.41
CA LYS F 221 9.51 31.75 -3.44
C LYS F 221 9.17 33.23 -3.32
N VAL F 222 8.15 33.66 -4.07
CA VAL F 222 7.75 35.06 -4.07
C VAL F 222 6.69 35.28 -3.00
N ILE F 223 6.76 36.42 -2.33
CA ILE F 223 5.82 36.79 -1.27
C ILE F 223 4.96 37.94 -1.77
N LEU F 224 3.65 37.79 -1.65
CA LEU F 224 2.69 38.83 -2.01
C LEU F 224 2.22 39.56 -0.77
N GLU F 225 1.68 40.76 -0.98
CA GLU F 225 1.21 41.58 0.13
C GLU F 225 0.17 42.55 -0.37
N ASP F 226 -0.78 42.89 0.50
CA ASP F 226 -1.80 43.91 0.27
C ASP F 226 -2.68 43.46 -0.91
N ASP F 227 -2.93 44.34 -1.88
CA ASP F 227 -3.91 44.05 -2.93
C ASP F 227 -3.48 42.94 -3.87
N LEU F 228 -2.18 42.59 -3.87
CA LEU F 228 -1.71 41.54 -4.75
C LEU F 228 -2.26 40.17 -4.41
N VAL F 229 -2.87 40.01 -3.22
CA VAL F 229 -3.45 38.73 -2.86
C VAL F 229 -4.65 38.44 -3.75
N ASP F 230 -4.86 37.15 -4.02
CA ASP F 230 -5.97 36.67 -4.85
C ASP F 230 -5.95 37.35 -6.22
N SER F 231 -4.76 37.39 -6.81
CA SER F 231 -4.59 38.00 -8.13
C SER F 231 -3.72 37.17 -9.05
N CYS F 232 -3.38 35.94 -8.68
CA CYS F 232 -2.56 35.07 -9.51
C CYS F 232 -3.17 33.68 -9.55
N LYS F 233 -2.79 32.90 -10.56
CA LYS F 233 -3.40 31.60 -10.80
C LYS F 233 -2.31 30.58 -11.09
N SER F 234 -2.56 29.33 -10.67
CA SER F 234 -1.61 28.25 -10.88
C SER F 234 -1.58 27.81 -12.34
N GLY F 235 -0.43 27.98 -12.99
CA GLY F 235 -0.28 27.55 -14.37
C GLY F 235 -0.37 28.67 -15.38
N ASP F 236 0.10 29.86 -15.02
CA ASP F 236 0.06 31.01 -15.90
C ASP F 236 1.42 31.71 -15.87
N ASP F 237 1.71 32.43 -16.96
CA ASP F 237 2.96 33.18 -17.06
C ASP F 237 2.82 34.49 -16.30
N LEU F 238 3.84 34.82 -15.52
CA LEU F 238 3.82 36.00 -14.66
C LEU F 238 5.04 36.88 -14.93
N THR F 239 4.90 38.16 -14.60
CA THR F 239 5.99 39.13 -14.74
C THR F 239 5.87 40.10 -13.57
N ILE F 240 6.77 39.95 -12.60
CA ILE F 240 6.71 40.71 -11.35
C ILE F 240 7.86 41.71 -11.31
N TYR F 241 7.54 42.95 -10.96
CA TYR F 241 8.52 44.01 -10.74
C TYR F 241 8.66 44.17 -9.23
N GLY F 242 9.57 43.39 -8.64
CA GLY F 242 9.71 43.35 -7.20
C GLY F 242 11.15 43.54 -6.76
N ILE F 243 11.29 43.81 -5.47
CA ILE F 243 12.59 44.02 -4.83
C ILE F 243 13.06 42.71 -4.23
N VAL F 244 14.37 42.49 -4.22
CA VAL F 244 14.97 41.28 -3.67
C VAL F 244 15.56 41.61 -2.31
N MET F 245 15.14 40.84 -1.29
CA MET F 245 15.62 41.02 0.06
C MET F 245 15.84 39.65 0.70
N GLN F 246 16.50 39.65 1.86
CA GLN F 246 16.89 38.43 2.54
C GLN F 246 16.08 38.26 3.82
N ARG F 247 15.80 36.99 4.15
CA ARG F 247 15.06 36.64 5.37
C ARG F 247 15.95 35.79 6.24
N TRP F 248 16.12 36.18 7.50
CA TRP F 248 16.98 35.47 8.43
C TRP F 248 16.17 34.44 9.20
N LYS F 249 16.80 33.83 10.21
CA LYS F 249 16.19 32.84 11.09
C LYS F 249 16.78 33.04 12.48
N PRO F 250 16.05 32.70 13.54
CA PRO F 250 16.61 32.84 14.89
C PRO F 250 17.90 32.06 15.05
N PHE F 251 18.86 32.66 15.75
CA PHE F 251 20.17 32.07 15.89
C PHE F 251 20.19 31.01 16.99
N GLN F 252 20.87 29.91 16.71
CA GLN F 252 21.14 28.87 17.70
C GLN F 252 22.64 28.78 17.92
N GLN F 253 23.03 28.37 19.12
CA GLN F 253 24.44 28.37 19.49
C GLN F 253 25.20 27.26 18.76
N ASP F 254 26.32 27.63 18.14
CA ASP F 254 27.25 26.67 17.53
C ASP F 254 26.58 25.80 16.48
N VAL F 255 25.88 26.44 15.55
CA VAL F 255 25.28 25.77 14.41
C VAL F 255 25.50 26.63 13.16
N ARG F 256 25.01 26.15 12.04
CA ARG F 256 25.07 26.88 10.76
C ARG F 256 23.78 27.67 10.59
N CYS F 257 23.90 29.00 10.60
CA CYS F 257 22.72 29.83 10.41
C CYS F 257 22.17 29.68 9.00
N GLU F 258 20.86 29.83 8.86
CA GLU F 258 20.17 29.64 7.60
C GLU F 258 19.61 30.97 7.11
N VAL F 259 19.75 31.22 5.80
CA VAL F 259 19.19 32.40 5.16
C VAL F 259 18.41 31.94 3.93
N GLU F 260 17.70 32.88 3.32
CA GLU F 260 16.91 32.59 2.14
C GLU F 260 16.78 33.85 1.30
N ILE F 261 16.44 33.66 0.02
CA ILE F 261 16.22 34.74 -0.92
C ILE F 261 14.72 34.79 -1.22
N VAL F 262 14.13 35.97 -1.09
CA VAL F 262 12.71 36.17 -1.39
C VAL F 262 12.55 37.36 -2.32
N LEU F 263 11.32 37.58 -2.80
CA LEU F 263 11.03 38.64 -3.76
C LEU F 263 9.72 39.31 -3.37
N LYS F 264 9.81 40.47 -2.74
CA LYS F 264 8.62 41.22 -2.37
C LYS F 264 8.03 41.89 -3.61
N ALA F 265 6.78 41.57 -3.91
CA ALA F 265 6.16 42.06 -5.14
C ALA F 265 5.72 43.51 -5.00
N ASN F 266 5.91 44.29 -6.05
CA ASN F 266 5.43 45.66 -6.13
C ASN F 266 4.45 45.89 -7.27
N TYR F 267 4.45 45.05 -8.30
CA TYR F 267 3.50 45.12 -9.39
C TYR F 267 3.40 43.73 -10.02
N ILE F 268 2.36 43.52 -10.80
CA ILE F 268 2.10 42.21 -11.41
C ILE F 268 1.56 42.44 -12.82
N GLN F 269 1.74 41.43 -13.67
CA GLN F 269 1.19 41.46 -15.02
C GLN F 269 0.68 40.07 -15.35
N VAL F 270 -0.37 40.02 -16.18
CA VAL F 270 -1.01 38.76 -16.52
C VAL F 270 -0.71 38.49 -17.98
N ASN F 271 0.45 38.95 -18.44
CA ASN F 271 0.84 38.75 -19.83
C ASN F 271 0.98 37.26 -20.13
N ASN F 272 0.46 36.85 -21.28
CA ASN F 272 0.51 35.46 -21.71
C ASN F 272 0.69 35.34 -23.21
N ASP F 281 10.35 44.23 -34.17
CA ASP F 281 11.39 44.57 -35.13
C ASP F 281 10.86 44.54 -36.56
N GLU F 282 10.93 45.69 -37.23
CA GLU F 282 10.40 45.80 -38.59
C GLU F 282 11.24 45.07 -39.61
N GLU F 283 12.47 44.69 -39.27
CA GLU F 283 13.37 44.08 -40.26
C GLU F 283 12.82 42.77 -40.79
N VAL F 284 12.29 41.92 -39.90
CA VAL F 284 11.76 40.63 -40.32
C VAL F 284 10.60 40.82 -41.29
N GLN F 285 9.68 41.73 -40.97
CA GLN F 285 8.61 42.03 -41.91
C GLN F 285 9.17 42.52 -43.24
N LYS F 286 9.96 43.59 -43.23
CA LYS F 286 10.46 44.15 -44.47
C LYS F 286 11.12 43.09 -45.34
N GLU F 287 11.86 42.17 -44.72
CA GLU F 287 12.40 41.03 -45.46
C GLU F 287 11.28 40.19 -46.06
N PHE F 288 10.21 39.96 -45.29
CA PHE F 288 9.13 39.11 -45.78
C PHE F 288 8.36 39.73 -46.95
N GLU F 289 8.05 41.03 -46.88
CA GLU F 289 7.43 41.67 -48.05
C GLU F 289 8.41 41.78 -49.22
N ASP F 290 9.71 41.94 -48.96
CA ASP F 290 10.65 41.88 -50.08
C ASP F 290 10.58 40.51 -50.76
N PHE F 291 10.55 39.44 -49.97
CA PHE F 291 10.49 38.10 -50.53
C PHE F 291 9.19 37.88 -51.30
N TRP F 292 8.05 38.15 -50.67
CA TRP F 292 6.78 38.02 -51.37
C TRP F 292 6.34 39.33 -52.01
N GLU F 293 7.28 40.03 -52.62
CA GLU F 293 6.98 41.06 -53.61
C GLU F 293 7.87 40.81 -54.82
N TYR F 294 9.05 40.23 -54.58
CA TYR F 294 9.88 39.80 -55.69
C TYR F 294 9.18 38.72 -56.52
N TYR F 295 8.54 37.77 -55.85
CA TYR F 295 7.80 36.71 -56.54
C TYR F 295 6.38 37.16 -56.84
N LYS F 296 6.27 38.14 -57.74
CA LYS F 296 4.97 38.69 -58.12
C LYS F 296 4.44 38.02 -59.39
N SER F 297 5.27 37.92 -60.43
CA SER F 297 4.82 37.30 -61.68
C SER F 297 4.50 35.83 -61.47
N ASP F 298 5.34 35.11 -60.72
CA ASP F 298 5.10 33.71 -60.43
C ASP F 298 4.76 33.54 -58.96
N PRO F 299 3.50 33.28 -58.61
CA PRO F 299 3.14 33.16 -57.20
C PRO F 299 3.49 31.81 -56.60
N PHE F 300 3.51 30.77 -57.44
CA PHE F 300 3.76 29.41 -56.95
C PHE F 300 5.25 29.12 -56.78
N ALA F 301 6.13 29.94 -57.33
CA ALA F 301 7.55 29.75 -57.09
C ALA F 301 7.87 29.91 -55.61
N GLY F 302 7.26 30.90 -54.96
CA GLY F 302 7.45 31.08 -53.53
C GLY F 302 6.98 29.88 -52.74
N ARG F 303 5.82 29.32 -53.09
CA ARG F 303 5.31 28.14 -52.40
C ARG F 303 6.22 26.95 -52.61
N ASN F 304 6.76 26.79 -53.82
CA ASN F 304 7.69 25.71 -54.08
C ASN F 304 8.95 25.86 -53.23
N VAL F 305 9.45 27.09 -53.10
CA VAL F 305 10.63 27.32 -52.27
C VAL F 305 10.32 27.07 -50.81
N ILE F 306 9.11 27.41 -50.36
CA ILE F 306 8.72 27.13 -48.98
C ILE F 306 8.71 25.63 -48.73
N LEU F 307 8.12 24.87 -49.66
CA LEU F 307 7.98 23.43 -49.45
C LEU F 307 9.31 22.70 -49.59
N ALA F 308 10.22 23.20 -50.43
CA ALA F 308 11.49 22.51 -50.62
C ALA F 308 12.34 22.52 -49.35
N SER F 309 12.28 23.59 -48.57
CA SER F 309 13.10 23.70 -47.37
C SER F 309 12.58 22.86 -46.21
N LEU F 310 11.34 22.36 -46.29
CA LEU F 310 10.83 21.48 -45.26
C LEU F 310 11.51 20.12 -45.37
N CYS F 311 12.03 19.63 -44.23
CA CYS F 311 12.74 18.35 -44.11
C CYS F 311 13.63 18.08 -45.32
N PRO F 312 14.66 18.90 -45.54
CA PRO F 312 15.43 18.80 -46.78
C PRO F 312 16.38 17.62 -46.85
N GLN F 313 16.29 16.67 -45.91
CA GLN F 313 17.09 15.45 -45.94
C GLN F 313 16.44 14.34 -46.73
N VAL F 314 15.27 14.58 -47.32
CA VAL F 314 14.53 13.57 -48.07
C VAL F 314 14.28 14.09 -49.48
N PHE F 315 14.39 13.18 -50.44
CA PHE F 315 14.26 13.49 -51.87
C PHE F 315 12.85 13.20 -52.34
N GLY F 316 12.25 14.17 -53.04
CA GLY F 316 10.94 13.95 -53.63
C GLY F 316 9.82 14.06 -52.61
N MET F 317 8.72 13.34 -52.88
CA MET F 317 7.55 13.27 -52.00
C MET F 317 6.95 14.67 -51.80
N TYR F 318 6.43 15.19 -52.91
CA TYR F 318 5.84 16.52 -52.93
C TYR F 318 4.56 16.60 -52.10
N LEU F 319 3.64 15.65 -52.33
CA LEU F 319 2.30 15.77 -51.78
C LEU F 319 2.31 15.72 -50.25
N VAL F 320 3.10 14.81 -49.68
CA VAL F 320 3.13 14.68 -48.22
C VAL F 320 3.75 15.91 -47.58
N LYS F 321 4.80 16.44 -48.20
CA LYS F 321 5.42 17.66 -47.70
C LYS F 321 4.50 18.86 -47.77
N LEU F 322 3.66 18.96 -48.80
CA LEU F 322 2.65 20.00 -48.85
C LEU F 322 1.58 19.80 -47.79
N ALA F 323 1.16 18.55 -47.57
CA ALA F 323 0.14 18.27 -46.57
C ALA F 323 0.61 18.60 -45.17
N VAL F 324 1.89 18.33 -44.86
CA VAL F 324 2.41 18.66 -43.54
C VAL F 324 2.34 20.16 -43.28
N ALA F 325 2.74 20.96 -44.28
CA ALA F 325 2.67 22.41 -44.14
C ALA F 325 1.22 22.88 -43.99
N MET F 326 0.31 22.32 -44.79
CA MET F 326 -1.08 22.71 -44.69
C MET F 326 -1.65 22.39 -43.31
N VAL F 327 -1.33 21.22 -42.76
CA VAL F 327 -1.80 20.85 -41.44
C VAL F 327 -1.22 21.77 -40.38
N LEU F 328 0.08 22.06 -40.48
CA LEU F 328 0.73 22.93 -39.50
C LEU F 328 0.28 24.37 -39.61
N ALA F 329 -0.34 24.76 -40.73
CA ALA F 329 -0.80 26.13 -40.89
C ALA F 329 -1.84 26.50 -39.83
N GLY F 330 -2.88 25.68 -39.70
CA GLY F 330 -3.89 25.90 -38.68
C GLY F 330 -5.20 26.44 -39.20
N GLY F 331 -5.94 27.15 -38.34
CA GLY F 331 -7.22 27.72 -38.71
C GLY F 331 -7.68 28.78 -37.71
N ILE F 332 -8.98 29.10 -37.74
CA ILE F 332 -9.56 30.06 -36.82
C ILE F 332 -10.66 29.38 -36.04
N GLN F 333 -10.80 29.74 -34.76
CA GLN F 333 -11.90 29.26 -33.95
C GLN F 333 -13.09 30.20 -34.09
N ARG F 334 -14.28 29.62 -34.18
CA ARG F 334 -15.52 30.37 -34.27
C ARG F 334 -16.52 29.78 -33.27
N THR F 335 -16.76 30.51 -32.18
CA THR F 335 -17.64 30.05 -31.13
C THR F 335 -18.97 30.78 -31.23
N ASP F 336 -20.06 30.04 -31.02
CA ASP F 336 -21.37 30.67 -30.97
C ASP F 336 -21.59 31.35 -29.62
N ALA F 337 -22.65 32.14 -29.54
CA ALA F 337 -22.87 32.96 -28.35
C ALA F 337 -23.11 32.14 -27.09
N THR F 338 -24.22 31.41 -27.04
CA THR F 338 -24.65 30.81 -25.78
C THR F 338 -23.73 29.71 -25.24
N GLY F 339 -23.64 28.56 -25.91
CA GLY F 339 -22.87 27.46 -25.36
C GLY F 339 -21.87 26.76 -26.25
N THR F 340 -22.08 26.80 -27.56
CA THR F 340 -21.39 25.88 -28.45
C THR F 340 -20.12 26.51 -29.03
N ARG F 341 -19.21 25.63 -29.46
CA ARG F 341 -17.97 26.05 -30.12
C ARG F 341 -17.57 24.92 -31.06
N VAL F 342 -17.06 25.27 -32.23
CA VAL F 342 -16.69 24.29 -33.23
C VAL F 342 -15.17 24.19 -33.33
N ARG F 343 -14.70 23.07 -33.88
CA ARG F 343 -13.27 22.85 -34.03
C ARG F 343 -12.68 23.76 -35.09
N GLY F 344 -11.42 24.12 -34.90
CA GLY F 344 -10.73 25.01 -35.83
C GLY F 344 -9.31 24.56 -36.16
N GLU F 345 -9.01 23.30 -35.91
CA GLU F 345 -7.69 22.74 -36.16
C GLU F 345 -7.81 21.61 -37.18
N SER F 346 -6.70 20.89 -37.38
CA SER F 346 -6.67 19.79 -38.33
C SER F 346 -5.77 18.68 -37.80
N HIS F 347 -5.99 17.47 -38.31
CA HIS F 347 -5.22 16.31 -37.91
C HIS F 347 -4.81 15.50 -39.13
N LEU F 348 -3.68 14.79 -39.01
CA LEU F 348 -3.10 14.05 -40.12
C LEU F 348 -2.68 12.68 -39.63
N LEU F 349 -2.75 11.70 -40.54
CA LEU F 349 -2.30 10.34 -40.26
C LEU F 349 -1.71 9.74 -41.52
N LEU F 350 -0.62 9.01 -41.36
CA LEU F 350 0.11 8.41 -42.47
C LEU F 350 0.22 6.90 -42.29
N VAL F 351 0.04 6.16 -43.37
CA VAL F 351 0.21 4.71 -43.38
C VAL F 351 1.11 4.33 -44.54
N GLY F 352 1.99 3.35 -44.32
CA GLY F 352 2.86 2.89 -45.37
C GLY F 352 3.80 1.81 -44.86
N ASP F 353 4.45 1.14 -45.81
CA ASP F 353 5.40 0.10 -45.46
C ASP F 353 6.59 0.70 -44.71
N PRO F 354 7.22 -0.07 -43.82
CA PRO F 354 8.37 0.47 -43.08
C PRO F 354 9.50 0.85 -44.03
N GLY F 355 10.22 1.92 -43.66
CA GLY F 355 11.33 2.38 -44.46
C GLY F 355 10.92 3.37 -45.54
N THR F 356 10.12 4.36 -45.17
CA THR F 356 9.73 5.41 -46.10
C THR F 356 9.98 6.81 -45.58
N GLY F 357 10.25 6.99 -44.30
CA GLY F 357 10.54 8.28 -43.74
C GLY F 357 9.47 8.89 -42.85
N LYS F 358 8.59 8.08 -42.25
CA LYS F 358 7.54 8.63 -41.40
C LYS F 358 8.12 9.28 -40.16
N SER F 359 9.08 8.62 -39.50
CA SER F 359 9.62 9.14 -38.25
C SER F 359 10.38 10.46 -38.47
N GLN F 360 11.03 10.62 -39.62
CA GLN F 360 11.78 11.83 -39.91
C GLN F 360 10.87 13.04 -39.92
N PHE F 361 9.69 12.92 -40.54
CA PHE F 361 8.78 14.06 -40.62
C PHE F 361 8.29 14.47 -39.25
N LEU F 362 7.94 13.49 -38.41
CA LEU F 362 7.50 13.79 -37.04
C LEU F 362 8.61 14.46 -36.25
N LYS F 363 9.84 13.94 -36.35
CA LYS F 363 10.95 14.53 -35.62
C LYS F 363 11.21 15.96 -36.09
N TYR F 364 11.15 16.20 -37.40
CA TYR F 364 11.41 17.53 -37.93
C TYR F 364 10.32 18.51 -37.57
N ALA F 365 9.06 18.08 -37.57
CA ALA F 365 7.95 18.95 -37.20
C ALA F 365 7.84 19.16 -35.69
N ALA F 366 8.47 18.31 -34.88
CA ALA F 366 8.46 18.49 -33.43
C ALA F 366 9.35 19.63 -32.97
N LYS F 367 10.17 20.20 -33.86
CA LYS F 367 11.12 21.25 -33.48
C LYS F 367 10.70 22.64 -33.95
N ILE F 368 10.08 22.75 -35.13
CA ILE F 368 9.68 24.06 -35.63
C ILE F 368 8.62 24.68 -34.74
N THR F 369 7.61 23.89 -34.34
CA THR F 369 6.55 24.40 -33.50
C THR F 369 7.10 24.82 -32.14
N PRO F 370 6.69 26.01 -31.64
CA PRO F 370 7.23 26.51 -30.37
C PRO F 370 7.11 25.52 -29.21
N ARG F 371 5.91 24.99 -28.97
CA ARG F 371 5.66 24.04 -27.90
C ARG F 371 5.22 22.72 -28.49
N SER F 372 5.96 21.66 -28.18
CA SER F 372 5.65 20.32 -28.67
C SER F 372 6.16 19.29 -27.68
N VAL F 373 5.42 18.18 -27.55
CA VAL F 373 5.78 17.10 -26.67
C VAL F 373 5.91 15.83 -27.51
N LEU F 374 7.02 15.12 -27.36
CA LEU F 374 7.28 13.90 -28.11
C LEU F 374 7.09 12.70 -27.19
N THR F 375 6.22 11.77 -27.59
CA THR F 375 5.91 10.58 -26.81
C THR F 375 6.05 9.33 -27.67
N THR F 376 6.21 8.20 -26.99
CA THR F 376 6.37 6.93 -27.68
C THR F 376 5.05 6.35 -28.20
N GLY F 377 3.95 6.55 -27.49
CA GLY F 377 2.70 5.91 -27.87
C GLY F 377 2.39 4.69 -27.01
N ILE F 378 2.66 3.49 -27.53
CA ILE F 378 2.41 2.27 -26.76
C ILE F 378 3.20 2.28 -25.46
N GLY F 379 4.35 2.96 -25.45
CA GLY F 379 5.14 3.12 -24.25
C GLY F 379 4.64 4.21 -23.31
N SER F 380 3.56 4.89 -23.67
CA SER F 380 2.96 5.92 -22.83
C SER F 380 1.71 5.37 -22.17
N THR F 381 1.59 5.59 -20.87
CA THR F 381 0.48 5.06 -20.09
C THR F 381 -0.75 5.95 -20.23
N SER F 382 -1.81 5.59 -19.51
CA SER F 382 -3.04 6.37 -19.54
C SER F 382 -2.90 7.73 -18.87
N ALA F 383 -1.87 7.91 -18.04
CA ALA F 383 -1.69 9.19 -17.36
C ALA F 383 -1.33 10.32 -18.32
N GLY F 384 -0.81 10.00 -19.50
CA GLY F 384 -0.44 11.04 -20.45
C GLY F 384 -1.54 11.39 -21.43
N LEU F 385 -2.17 10.37 -22.03
CA LEU F 385 -3.20 10.62 -23.03
C LEU F 385 -4.41 11.31 -22.42
N THR F 386 -4.66 11.10 -21.13
CA THR F 386 -5.77 11.76 -20.45
C THR F 386 -5.28 12.45 -19.18
N VAL F 387 -6.20 12.96 -18.37
CA VAL F 387 -5.85 13.59 -17.12
C VAL F 387 -5.80 12.53 -16.02
N THR F 388 -4.93 12.73 -15.05
CA THR F 388 -4.78 11.80 -13.95
C THR F 388 -5.52 12.27 -12.70
N GLU F 399 -2.80 16.30 -11.84
CA GLU F 399 -1.65 15.97 -12.69
C GLU F 399 -1.98 16.18 -14.16
N ALA F 400 -1.01 16.69 -14.91
CA ALA F 400 -1.18 16.99 -16.32
C ALA F 400 -0.51 15.92 -17.17
N GLY F 401 -1.23 15.44 -18.18
CA GLY F 401 -0.71 14.42 -19.07
C GLY F 401 0.01 14.96 -20.28
N ALA F 402 -0.45 14.57 -21.46
CA ALA F 402 0.17 15.01 -22.73
C ALA F 402 -0.72 15.96 -23.51
N LEU F 403 -1.99 15.61 -23.71
CA LEU F 403 -2.88 16.48 -24.48
C LEU F 403 -3.08 17.83 -23.78
N VAL F 404 -3.31 17.80 -22.47
CA VAL F 404 -3.51 19.04 -21.73
C VAL F 404 -2.22 19.86 -21.67
N LEU F 405 -1.08 19.19 -21.59
CA LEU F 405 0.20 19.87 -21.48
C LEU F 405 0.63 20.51 -22.80
N ALA F 406 -0.01 20.16 -23.91
CA ALA F 406 0.36 20.64 -25.24
C ALA F 406 -0.64 21.66 -25.77
N ASP F 407 -1.13 22.53 -24.89
CA ASP F 407 -2.08 23.56 -25.31
C ASP F 407 -1.42 24.51 -26.30
N ALA F 408 -2.16 24.82 -27.37
CA ALA F 408 -1.67 25.72 -28.43
C ALA F 408 -0.35 25.23 -29.00
N GLY F 409 -0.25 23.92 -29.21
CA GLY F 409 0.97 23.34 -29.74
C GLY F 409 0.71 22.17 -30.68
N LEU F 410 1.57 21.15 -30.61
CA LEU F 410 1.42 19.97 -31.46
C LEU F 410 2.07 18.80 -30.74
N CYS F 411 1.29 17.77 -30.44
CA CYS F 411 1.79 16.55 -29.81
C CYS F 411 1.88 15.47 -30.88
N CYS F 412 3.08 14.93 -31.07
CA CYS F 412 3.27 13.88 -32.07
C CYS F 412 2.91 12.52 -31.49
N ILE F 413 2.22 11.70 -32.29
CA ILE F 413 1.78 10.39 -31.88
C ILE F 413 2.38 9.33 -32.80
N ASP F 414 2.98 8.31 -32.19
CA ASP F 414 3.68 7.25 -32.91
C ASP F 414 3.24 5.89 -32.39
N GLN F 415 3.31 4.89 -33.27
CA GLN F 415 2.91 3.52 -32.97
C GLN F 415 1.45 3.48 -32.53
N PHE F 416 0.58 3.88 -33.45
CA PHE F 416 -0.86 3.96 -33.23
C PHE F 416 -1.57 2.63 -33.44
N ASN F 417 -0.84 1.58 -33.81
CA ASN F 417 -1.50 0.32 -34.16
C ASN F 417 -2.21 -0.30 -32.98
N SER F 418 -1.56 -0.35 -31.81
CA SER F 418 -2.06 -1.05 -30.64
C SER F 418 -2.01 -0.14 -29.41
N LEU F 419 -2.57 1.07 -29.56
CA LEU F 419 -2.45 2.08 -28.51
C LEU F 419 -3.44 1.82 -27.38
N LYS F 420 -3.38 0.63 -26.77
CA LYS F 420 -4.09 0.34 -25.53
C LYS F 420 -5.57 0.68 -25.64
N GLU F 421 -6.28 -0.16 -26.42
CA GLU F 421 -7.59 0.12 -27.00
C GLU F 421 -8.49 0.99 -26.14
N HIS F 422 -8.53 0.74 -24.82
CA HIS F 422 -9.24 1.64 -23.92
C HIS F 422 -8.75 3.08 -24.08
N ASP F 423 -7.44 3.28 -24.00
CA ASP F 423 -6.88 4.62 -24.20
C ASP F 423 -7.07 5.09 -25.64
N ARG F 424 -6.96 4.18 -26.60
CA ARG F 424 -7.13 4.56 -28.01
C ARG F 424 -8.53 5.08 -28.29
N THR F 425 -9.53 4.65 -27.52
CA THR F 425 -10.90 5.10 -27.70
C THR F 425 -11.30 6.20 -26.73
N SER F 426 -10.56 6.39 -25.64
CA SER F 426 -10.90 7.42 -24.65
C SER F 426 -10.44 8.82 -25.06
N ILE F 427 -10.12 9.06 -26.33
CA ILE F 427 -9.69 10.36 -26.79
C ILE F 427 -10.67 11.00 -27.77
N HIS F 428 -11.80 10.35 -28.05
CA HIS F 428 -12.77 10.89 -28.99
C HIS F 428 -13.33 12.21 -28.51
N GLU F 429 -13.55 12.33 -27.20
CA GLU F 429 -14.07 13.58 -26.64
C GLU F 429 -13.10 14.74 -26.86
N ALA F 430 -11.85 14.56 -26.45
CA ALA F 430 -10.86 15.62 -26.48
C ALA F 430 -10.31 15.91 -27.87
N MET F 431 -10.41 14.96 -28.81
CA MET F 431 -9.92 15.22 -30.16
C MET F 431 -10.89 16.06 -30.98
N GLU F 432 -12.19 15.99 -30.70
CA GLU F 432 -13.18 16.72 -31.47
C GLU F 432 -13.76 17.94 -30.75
N GLN F 433 -13.99 17.87 -29.44
CA GLN F 433 -14.59 18.98 -28.73
C GLN F 433 -13.56 19.91 -28.10
N GLN F 434 -12.27 19.63 -28.25
CA GLN F 434 -11.17 20.43 -27.71
C GLN F 434 -11.27 20.65 -26.21
N THR F 435 -12.03 19.83 -25.49
CA THR F 435 -12.22 20.00 -24.06
C THR F 435 -12.51 18.66 -23.42
N ILE F 436 -11.88 18.42 -22.27
CA ILE F 436 -12.10 17.22 -21.50
C ILE F 436 -13.18 17.49 -20.47
N SER F 437 -13.97 16.45 -20.17
CA SER F 437 -15.06 16.57 -19.21
C SER F 437 -15.03 15.31 -18.35
N VAL F 438 -14.38 15.39 -17.20
CA VAL F 438 -14.18 14.24 -16.32
C VAL F 438 -14.63 14.61 -14.92
N ALA F 439 -15.26 13.66 -14.23
CA ALA F 439 -15.70 13.80 -12.85
C ALA F 439 -15.25 12.60 -12.03
N LYS F 440 -14.00 12.19 -12.22
CA LYS F 440 -13.48 11.03 -11.53
C LYS F 440 -13.36 11.30 -10.04
N ALA F 441 -13.74 10.30 -9.24
CA ALA F 441 -13.69 10.36 -7.78
C ALA F 441 -14.53 11.50 -7.20
N GLY F 442 -15.53 11.97 -7.94
CA GLY F 442 -16.40 13.03 -7.47
C GLY F 442 -15.73 14.37 -7.29
N LEU F 443 -14.89 14.79 -8.25
CA LEU F 443 -14.26 16.10 -8.20
C LEU F 443 -14.84 17.09 -9.21
N VAL F 444 -15.30 16.61 -10.37
CA VAL F 444 -15.89 17.44 -11.41
C VAL F 444 -14.90 18.53 -11.82
N CYS F 445 -13.90 18.16 -12.62
CA CYS F 445 -12.90 19.09 -13.10
C CYS F 445 -12.95 19.16 -14.62
N LYS F 446 -12.86 20.37 -15.16
CA LYS F 446 -12.92 20.60 -16.60
C LYS F 446 -11.66 21.32 -17.04
N LEU F 447 -11.05 20.82 -18.12
CA LEU F 447 -9.80 21.37 -18.63
C LEU F 447 -9.89 21.51 -20.14
N ASN F 448 -9.12 22.47 -20.66
CA ASN F 448 -9.11 22.77 -22.08
C ASN F 448 -7.86 22.19 -22.74
N THR F 449 -8.03 21.64 -23.95
CA THR F 449 -6.91 21.12 -24.71
C THR F 449 -7.17 21.36 -26.19
N ARG F 450 -6.29 22.14 -26.82
CA ARG F 450 -6.38 22.45 -28.24
C ARG F 450 -5.04 22.09 -28.88
N THR F 451 -4.98 20.94 -29.54
CA THR F 451 -3.73 20.44 -30.10
C THR F 451 -4.00 19.69 -31.40
N THR F 452 -3.14 19.95 -32.39
CA THR F 452 -3.16 19.23 -33.65
C THR F 452 -2.37 17.94 -33.47
N ILE F 453 -2.96 16.81 -33.89
CA ILE F 453 -2.39 15.49 -33.66
C ILE F 453 -1.86 14.94 -34.97
N LEU F 454 -0.60 14.52 -34.97
CA LEU F 454 0.03 13.86 -36.10
C LEU F 454 0.26 12.39 -35.74
N ALA F 455 -0.13 11.50 -36.64
CA ALA F 455 -0.09 10.06 -36.36
C ALA F 455 0.57 9.32 -37.51
N ALA F 456 1.19 8.19 -37.17
CA ALA F 456 1.81 7.32 -38.16
C ALA F 456 1.84 5.90 -37.60
N THR F 457 1.20 4.97 -38.31
CA THR F 457 1.09 3.59 -37.85
C THR F 457 1.40 2.64 -38.99
N ASN F 458 1.83 1.43 -38.63
CA ASN F 458 2.15 0.41 -39.61
C ASN F 458 0.88 -0.31 -40.07
N PRO F 459 0.83 -0.68 -41.36
CA PRO F 459 -0.31 -1.47 -41.85
C PRO F 459 -0.18 -2.95 -41.49
N LYS F 460 -0.65 -3.33 -40.31
CA LYS F 460 -0.57 -4.72 -39.89
C LYS F 460 -1.23 -5.64 -40.92
N GLY F 461 -0.51 -6.69 -41.30
CA GLY F 461 -0.94 -7.55 -42.39
C GLY F 461 -0.46 -7.01 -43.73
N GLN F 462 -0.28 -7.90 -44.71
CA GLN F 462 0.20 -7.45 -46.01
C GLN F 462 -0.81 -6.53 -46.66
N TYR F 463 -0.39 -5.31 -46.97
CA TYR F 463 -1.28 -4.31 -47.51
C TYR F 463 -1.75 -4.69 -48.91
N ASP F 464 -3.01 -4.36 -49.21
CA ASP F 464 -3.62 -4.65 -50.50
C ASP F 464 -4.20 -3.37 -51.08
N PRO F 465 -4.20 -3.23 -52.41
CA PRO F 465 -4.82 -2.04 -53.01
C PRO F 465 -6.30 -1.90 -52.67
N GLN F 466 -7.01 -3.02 -52.60
CA GLN F 466 -8.42 -3.03 -52.20
C GLN F 466 -8.49 -3.18 -50.69
N GLU F 467 -9.68 -3.48 -50.17
CA GLU F 467 -9.89 -3.70 -48.74
C GLU F 467 -9.48 -2.47 -47.94
N SER F 468 -10.23 -1.40 -48.16
CA SER F 468 -9.93 -0.05 -47.69
C SER F 468 -9.48 -0.01 -46.23
N VAL F 469 -8.73 1.04 -45.88
CA VAL F 469 -7.96 1.14 -44.63
C VAL F 469 -8.71 0.58 -43.43
N SER F 470 -10.03 0.76 -43.40
CA SER F 470 -10.84 0.19 -42.33
C SER F 470 -10.73 -1.32 -42.25
N VAL F 471 -10.27 -1.97 -43.32
CA VAL F 471 -10.13 -3.42 -43.35
C VAL F 471 -8.70 -3.86 -43.04
N ASN F 472 -7.71 -3.20 -43.65
CA ASN F 472 -6.32 -3.56 -43.37
C ASN F 472 -5.94 -3.25 -41.93
N ILE F 473 -6.25 -2.04 -41.45
CA ILE F 473 -5.83 -1.64 -40.12
C ILE F 473 -6.90 -1.97 -39.07
N ALA F 474 -8.16 -2.14 -39.49
CA ALA F 474 -9.25 -2.55 -38.60
C ALA F 474 -9.43 -1.54 -37.47
N LEU F 475 -9.70 -0.31 -37.86
CA LEU F 475 -10.03 0.77 -36.92
C LEU F 475 -11.50 1.11 -37.07
N GLY F 476 -12.12 1.48 -35.96
CA GLY F 476 -13.54 1.77 -35.96
C GLY F 476 -13.89 2.93 -36.88
N SER F 477 -15.05 2.82 -37.51
CA SER F 477 -15.54 3.91 -38.35
C SER F 477 -15.67 5.24 -37.60
N PRO F 478 -16.18 5.30 -36.36
CA PRO F 478 -16.23 6.60 -35.67
C PRO F 478 -14.87 7.27 -35.55
N LEU F 479 -13.81 6.50 -35.29
CA LEU F 479 -12.48 7.12 -35.21
C LEU F 479 -11.93 7.42 -36.60
N LEU F 480 -12.27 6.60 -37.59
CA LEU F 480 -11.80 6.85 -38.94
C LEU F 480 -12.80 7.79 -39.62
N SER F 481 -13.11 8.89 -38.94
CA SER F 481 -13.84 10.00 -39.55
C SER F 481 -13.33 11.37 -39.13
N ARG F 482 -12.68 11.49 -37.98
CA ARG F 482 -12.23 12.80 -37.50
C ARG F 482 -10.89 13.20 -38.10
N PHE F 483 -10.18 12.28 -38.74
CA PHE F 483 -8.91 12.61 -39.36
C PHE F 483 -9.16 13.23 -40.72
N ASP F 484 -8.52 14.38 -40.97
CA ASP F 484 -8.79 15.13 -42.19
C ASP F 484 -8.21 14.43 -43.41
N LEU F 485 -6.90 14.23 -43.43
CA LEU F 485 -6.19 13.65 -44.57
C LEU F 485 -5.52 12.36 -44.15
N ILE F 486 -5.75 11.30 -44.92
CA ILE F 486 -5.12 10.00 -44.69
C ILE F 486 -4.36 9.65 -45.96
N LEU F 487 -3.04 9.73 -45.89
CA LEU F 487 -2.17 9.49 -47.04
C LEU F 487 -1.56 8.11 -46.96
N VAL F 488 -1.69 7.35 -48.04
CA VAL F 488 -1.21 5.97 -48.10
C VAL F 488 0.09 5.93 -48.90
N LEU F 489 1.07 5.19 -48.38
CA LEU F 489 2.38 5.05 -49.02
C LEU F 489 2.58 3.60 -49.40
N LEU F 490 2.98 3.37 -50.66
CA LEU F 490 3.17 2.02 -51.18
C LEU F 490 4.51 1.94 -51.91
N ASP F 491 5.24 0.87 -51.67
CA ASP F 491 6.52 0.63 -52.34
C ASP F 491 6.30 -0.34 -53.49
N THR F 492 6.67 0.07 -54.70
CA THR F 492 6.40 -0.72 -55.89
C THR F 492 7.67 -0.96 -56.70
N LYS F 493 7.52 -1.51 -57.90
CA LYS F 493 8.65 -1.90 -58.74
C LYS F 493 9.05 -0.72 -59.61
N ASN F 494 10.26 -0.20 -59.39
CA ASN F 494 10.81 0.88 -60.20
C ASN F 494 12.32 0.71 -60.30
N GLU F 495 12.89 1.22 -61.38
CA GLU F 495 14.32 1.10 -61.64
C GLU F 495 15.02 2.44 -61.73
N ASP F 496 14.36 3.52 -61.31
CA ASP F 496 14.93 4.87 -61.35
C ASP F 496 15.01 5.47 -59.96
N TRP F 497 13.92 5.41 -59.19
CA TRP F 497 13.92 5.97 -57.84
C TRP F 497 14.92 5.25 -56.95
N ASP F 498 15.08 3.93 -57.13
CA ASP F 498 16.05 3.18 -56.34
C ASP F 498 17.46 3.69 -56.60
N ARG F 499 17.82 3.88 -57.87
CA ARG F 499 19.15 4.38 -58.19
C ARG F 499 19.36 5.79 -57.67
N ILE F 500 18.35 6.65 -57.80
CA ILE F 500 18.49 8.03 -57.33
C ILE F 500 18.69 8.06 -55.82
N ILE F 501 17.89 7.29 -55.08
CA ILE F 501 18.03 7.29 -53.63
C ILE F 501 19.34 6.64 -53.20
N SER F 502 19.80 5.62 -53.92
CA SER F 502 21.09 5.01 -53.62
C SER F 502 22.22 6.01 -53.80
N SER F 503 22.19 6.77 -54.89
CA SER F 503 23.19 7.81 -55.11
C SER F 503 23.11 8.88 -54.03
N PHE F 504 21.89 9.27 -53.65
CA PHE F 504 21.71 10.28 -52.60
C PHE F 504 22.35 9.82 -51.30
N ILE F 505 22.10 8.57 -50.90
CA ILE F 505 22.63 8.07 -49.64
C ILE F 505 24.14 7.90 -49.72
N LEU F 506 24.65 7.35 -50.82
CA LEU F 506 26.05 6.96 -50.88
C LEU F 506 26.96 8.17 -51.09
N GLU F 507 26.65 9.01 -52.08
CA GLU F 507 27.51 10.14 -52.40
C GLU F 507 27.51 11.21 -51.31
N ASN F 508 26.60 11.13 -50.33
CA ASN F 508 26.49 12.12 -49.26
C ASN F 508 26.28 13.52 -49.83
N LYS F 509 25.51 13.62 -50.90
CA LYS F 509 25.22 14.90 -51.53
C LYS F 509 24.10 15.59 -50.74
N GLY F 510 24.46 16.21 -49.62
CA GLY F 510 23.50 16.96 -48.85
C GLY F 510 22.97 18.15 -49.62
N TYR F 511 21.66 18.21 -49.82
CA TYR F 511 21.01 19.29 -50.54
C TYR F 511 21.54 19.36 -51.97
N PRO F 512 21.16 18.43 -52.86
CA PRO F 512 21.72 18.43 -54.21
C PRO F 512 21.55 19.75 -54.95
N SER F 513 20.55 20.55 -54.60
CA SER F 513 20.44 21.89 -55.14
C SER F 513 21.51 22.77 -54.49
N LYS F 514 22.68 22.83 -55.11
CA LYS F 514 23.82 23.52 -54.53
C LYS F 514 23.62 25.02 -54.42
N SER F 515 22.60 25.57 -55.06
CA SER F 515 22.30 26.99 -54.92
C SER F 515 22.06 27.35 -53.46
N GLU F 516 22.54 28.52 -53.08
CA GLU F 516 22.60 28.92 -51.68
C GLU F 516 21.29 29.55 -51.19
N LYS F 517 20.16 29.26 -51.83
CA LYS F 517 18.89 29.75 -51.33
C LYS F 517 18.56 29.09 -49.99
N LEU F 518 18.42 27.75 -50.00
CA LEU F 518 18.08 26.99 -48.81
C LEU F 518 16.93 27.63 -48.04
N TRP F 519 17.02 27.57 -46.71
CA TRP F 519 16.50 28.42 -45.64
C TRP F 519 16.95 27.87 -44.30
N SER F 520 17.28 28.76 -43.37
CA SER F 520 17.66 28.37 -42.03
C SER F 520 16.43 27.97 -41.22
N MET F 521 16.66 27.19 -40.17
CA MET F 521 15.56 26.73 -39.33
C MET F 521 14.90 27.87 -38.57
N GLU F 522 15.68 28.88 -38.14
CA GLU F 522 15.09 30.01 -37.43
C GLU F 522 14.18 30.82 -38.34
N LYS F 523 14.54 30.93 -39.62
CA LYS F 523 13.69 31.65 -40.57
C LYS F 523 12.36 30.93 -40.74
N MET F 524 12.39 29.60 -40.85
CA MET F 524 11.14 28.83 -40.94
C MET F 524 10.33 28.98 -39.66
N LYS F 525 10.98 28.94 -38.51
CA LYS F 525 10.25 29.07 -37.24
C LYS F 525 9.57 30.43 -37.14
N THR F 526 10.27 31.51 -37.51
CA THR F 526 9.66 32.83 -37.51
C THR F 526 8.52 32.91 -38.53
N TYR F 527 8.72 32.31 -39.72
CA TYR F 527 7.70 32.35 -40.75
C TYR F 527 6.41 31.67 -40.29
N PHE F 528 6.54 30.50 -39.67
CA PHE F 528 5.37 29.76 -39.22
C PHE F 528 4.82 30.27 -37.89
N CYS F 529 5.58 31.09 -37.17
CA CYS F 529 5.10 31.73 -35.95
C CYS F 529 4.51 33.11 -36.20
N LEU F 530 4.69 33.66 -37.40
CA LEU F 530 4.16 34.98 -37.74
C LEU F 530 2.87 34.94 -38.54
N ILE F 531 2.69 33.95 -39.42
CA ILE F 531 1.49 33.88 -40.24
C ILE F 531 0.29 33.35 -39.48
N ARG F 532 0.42 33.09 -38.18
CA ARG F 532 -0.68 32.61 -37.35
C ARG F 532 -1.57 33.76 -36.85
N ASN F 533 -1.20 35.00 -37.15
CA ASN F 533 -1.97 36.16 -36.70
C ASN F 533 -2.97 36.68 -37.72
N LEU F 534 -2.87 36.28 -38.97
CA LEU F 534 -3.82 36.75 -39.98
C LEU F 534 -5.14 35.99 -39.90
N GLN F 535 -6.23 36.68 -40.22
CA GLN F 535 -7.58 36.11 -40.20
C GLN F 535 -8.20 36.30 -41.58
N PRO F 536 -8.07 35.32 -42.46
CA PRO F 536 -8.67 35.45 -43.80
C PRO F 536 -10.19 35.38 -43.74
N THR F 537 -10.81 35.95 -44.77
CA THR F 537 -12.26 36.01 -44.89
C THR F 537 -12.69 35.38 -46.21
N LEU F 538 -13.83 34.69 -46.18
CA LEU F 538 -14.30 33.94 -47.34
C LEU F 538 -14.79 34.92 -48.41
N SER F 539 -15.04 34.37 -49.60
CA SER F 539 -15.44 35.18 -50.76
C SER F 539 -16.54 34.45 -51.51
N ASP F 540 -16.94 35.01 -52.65
CA ASP F 540 -18.01 34.46 -53.48
C ASP F 540 -17.51 33.63 -54.65
N VAL F 541 -16.33 33.96 -55.20
CA VAL F 541 -15.71 33.13 -56.24
C VAL F 541 -15.19 31.82 -55.67
N GLY F 542 -15.32 31.62 -54.35
CA GLY F 542 -14.82 30.49 -53.61
C GLY F 542 -15.93 29.51 -53.34
N ASN F 543 -16.58 29.65 -52.18
CA ASN F 543 -17.47 28.68 -51.56
C ASN F 543 -18.38 27.92 -52.52
N GLN F 544 -18.79 28.55 -53.62
CA GLN F 544 -19.66 27.86 -54.58
C GLN F 544 -19.01 26.57 -55.09
N VAL F 545 -17.71 26.61 -55.36
CA VAL F 545 -17.01 25.44 -55.87
C VAL F 545 -17.04 24.32 -54.85
N LEU F 546 -16.72 24.65 -53.58
CA LEU F 546 -16.73 23.64 -52.53
C LEU F 546 -18.12 23.06 -52.33
N LEU F 547 -19.15 23.92 -52.35
CA LEU F 547 -20.51 23.44 -52.17
C LEU F 547 -20.92 22.49 -53.29
N ARG F 548 -20.62 22.85 -54.53
CA ARG F 548 -20.96 21.98 -55.65
C ARG F 548 -20.19 20.66 -55.57
N TYR F 549 -18.91 20.72 -55.19
CA TYR F 549 -18.13 19.50 -55.06
C TYR F 549 -18.69 18.60 -53.98
N TYR F 550 -19.07 19.17 -52.83
CA TYR F 550 -19.61 18.34 -51.75
C TYR F 550 -20.94 17.72 -52.16
N GLN F 551 -21.80 18.50 -52.83
CA GLN F 551 -23.07 17.95 -53.28
C GLN F 551 -22.87 16.83 -54.30
N MET F 552 -21.90 16.99 -55.20
CA MET F 552 -21.60 15.94 -56.16
C MET F 552 -21.05 14.70 -55.47
N GLN F 553 -20.15 14.88 -54.50
CA GLN F 553 -19.50 13.76 -53.83
C GLN F 553 -20.43 13.03 -52.87
N ARG F 554 -21.50 13.68 -52.42
CA ARG F 554 -22.36 13.05 -51.42
C ARG F 554 -22.95 11.73 -51.94
N GLN F 555 -23.15 11.60 -53.24
CA GLN F 555 -23.50 10.30 -53.82
C GLN F 555 -23.10 10.31 -55.30
N SER F 556 -21.99 9.64 -55.61
CA SER F 556 -21.67 9.42 -57.01
C SER F 556 -22.14 8.04 -57.45
N ASP F 557 -21.51 6.98 -56.89
CA ASP F 557 -22.07 5.63 -56.97
C ASP F 557 -21.88 4.80 -55.71
N CYS F 558 -20.97 5.15 -54.81
CA CYS F 558 -20.71 4.34 -53.63
C CYS F 558 -20.54 5.20 -52.39
N ARG F 559 -20.25 6.49 -52.59
CA ARG F 559 -19.94 7.47 -51.54
C ARG F 559 -19.10 6.88 -50.41
N ASN F 560 -18.09 6.07 -50.78
CA ASN F 560 -17.21 5.37 -49.84
C ASN F 560 -18.05 4.75 -48.72
N ALA F 561 -17.56 4.79 -47.48
CA ALA F 561 -18.36 4.33 -46.35
C ALA F 561 -18.31 5.25 -45.13
N ALA F 562 -17.26 6.04 -44.94
CA ALA F 562 -17.15 6.88 -43.75
C ALA F 562 -16.64 8.29 -44.02
N ARG F 563 -16.20 8.61 -45.24
CA ARG F 563 -15.67 9.92 -45.57
C ARG F 563 -16.67 10.77 -46.37
N THR F 564 -17.96 10.54 -46.16
CA THR F 564 -19.00 11.32 -46.83
C THR F 564 -20.01 11.87 -45.83
N THR F 565 -19.57 12.13 -44.60
CA THR F 565 -20.44 12.70 -43.58
C THR F 565 -20.40 14.22 -43.63
N ILE F 566 -21.05 14.86 -42.66
CA ILE F 566 -21.05 16.32 -42.58
C ILE F 566 -19.66 16.86 -42.26
N ARG F 567 -18.80 16.05 -41.64
CA ARG F 567 -17.47 16.52 -41.26
C ARG F 567 -16.55 16.70 -42.45
N LEU F 568 -16.91 16.24 -43.64
CA LEU F 568 -16.10 16.46 -44.84
C LEU F 568 -16.08 17.92 -45.25
N LEU F 569 -17.24 18.57 -45.30
CA LEU F 569 -17.30 19.98 -45.62
C LEU F 569 -16.72 20.86 -44.52
N GLU F 570 -16.84 20.43 -43.26
CA GLU F 570 -16.25 21.18 -42.16
C GLU F 570 -14.73 21.20 -42.23
N SER F 571 -14.12 20.24 -42.91
CA SER F 571 -12.67 20.22 -43.12
C SER F 571 -12.25 20.80 -44.46
N LEU F 572 -13.10 20.69 -45.48
CA LEU F 572 -12.79 21.30 -46.78
C LEU F 572 -12.69 22.81 -46.68
N ILE F 573 -13.36 23.44 -45.71
CA ILE F 573 -13.21 24.86 -45.49
C ILE F 573 -11.97 25.17 -44.66
N ARG F 574 -11.70 24.36 -43.62
CA ARG F 574 -10.56 24.61 -42.76
C ARG F 574 -9.23 24.41 -43.49
N LEU F 575 -9.19 23.54 -44.51
CA LEU F 575 -7.96 23.38 -45.26
C LEU F 575 -7.80 24.46 -46.33
N ALA F 576 -8.89 24.82 -47.01
CA ALA F 576 -8.84 25.90 -47.99
C ALA F 576 -8.48 27.23 -47.35
N GLU F 577 -9.01 27.53 -46.17
CA GLU F 577 -8.61 28.72 -45.43
C GLU F 577 -7.15 28.66 -45.00
N ALA F 578 -6.66 27.51 -44.56
CA ALA F 578 -5.28 27.39 -44.15
C ALA F 578 -4.31 27.59 -45.30
N HIS F 579 -4.67 27.13 -46.50
CA HIS F 579 -3.83 27.37 -47.66
C HIS F 579 -3.70 28.85 -47.98
N ALA F 580 -4.66 29.68 -47.60
CA ALA F 580 -4.62 31.11 -47.87
C ALA F 580 -3.75 31.88 -46.89
N ARG F 581 -3.39 31.29 -45.76
CA ARG F 581 -2.54 31.97 -44.78
C ARG F 581 -1.07 31.70 -45.00
N LEU F 582 -0.71 30.84 -45.95
CA LEU F 582 0.68 30.56 -46.27
C LEU F 582 1.20 31.45 -47.40
N MET F 583 0.35 32.25 -48.04
CA MET F 583 0.73 33.05 -49.18
C MET F 583 0.53 34.55 -48.94
N PHE F 584 0.46 34.97 -47.68
CA PHE F 584 0.42 36.38 -47.29
C PHE F 584 -0.76 37.12 -47.93
N ARG F 585 -1.96 36.69 -47.57
CA ARG F 585 -3.17 37.39 -47.96
C ARG F 585 -4.29 36.97 -47.02
N ASP F 586 -5.46 37.61 -47.17
CA ASP F 586 -6.60 37.30 -46.32
C ASP F 586 -7.89 37.19 -47.13
N THR F 587 -7.78 36.88 -48.41
CA THR F 587 -8.95 36.74 -49.28
C THR F 587 -8.79 35.45 -50.08
N VAL F 588 -9.62 34.45 -49.77
CA VAL F 588 -9.58 33.19 -50.50
C VAL F 588 -10.11 33.41 -51.92
N THR F 589 -9.48 32.74 -52.89
CA THR F 589 -9.82 32.88 -54.29
C THR F 589 -10.03 31.49 -54.89
N LEU F 590 -10.14 31.46 -56.22
CA LEU F 590 -10.35 30.18 -56.92
C LEU F 590 -9.13 29.27 -56.80
N GLU F 591 -7.93 29.85 -56.76
CA GLU F 591 -6.71 29.04 -56.75
C GLU F 591 -6.62 28.19 -55.48
N ASP F 592 -6.97 28.75 -54.33
CA ASP F 592 -6.92 28.00 -53.09
C ASP F 592 -7.93 26.86 -53.11
N ALA F 593 -9.14 27.13 -53.60
CA ALA F 593 -10.16 26.09 -53.69
C ALA F 593 -9.70 24.97 -54.61
N ILE F 594 -9.12 25.31 -55.76
CA ILE F 594 -8.67 24.28 -56.68
C ILE F 594 -7.57 23.44 -56.05
N THR F 595 -6.60 24.10 -55.40
CA THR F 595 -5.52 23.37 -54.77
C THR F 595 -6.05 22.41 -53.69
N VAL F 596 -6.94 22.90 -52.82
CA VAL F 596 -7.40 22.06 -51.73
C VAL F 596 -8.26 20.91 -52.25
N VAL F 597 -9.09 21.16 -53.27
CA VAL F 597 -9.90 20.09 -53.83
C VAL F 597 -9.02 19.02 -54.46
N SER F 598 -8.00 19.43 -55.22
CA SER F 598 -7.12 18.46 -55.85
C SER F 598 -6.37 17.63 -54.80
N VAL F 599 -5.86 18.30 -53.76
CA VAL F 599 -5.10 17.60 -52.73
C VAL F 599 -5.98 16.61 -52.00
N MET F 600 -7.18 17.02 -51.61
CA MET F 600 -8.03 16.14 -50.81
C MET F 600 -8.59 15.00 -51.66
N GLU F 601 -8.85 15.26 -52.95
CA GLU F 601 -9.26 14.18 -53.83
C GLU F 601 -8.14 13.16 -54.01
N SER F 602 -6.89 13.62 -54.11
CA SER F 602 -5.78 12.70 -54.14
C SER F 602 -5.60 11.96 -52.82
N SER F 603 -6.03 12.57 -51.71
CA SER F 603 -5.92 11.91 -50.41
C SER F 603 -6.78 10.65 -50.34
N MET F 604 -8.00 10.71 -50.85
CA MET F 604 -8.92 9.58 -50.80
C MET F 604 -8.42 8.49 -51.74
N GLN F 605 -7.85 7.43 -51.17
CA GLN F 605 -7.32 6.33 -51.96
C GLN F 605 -8.45 5.52 -52.57
N GLY F 606 -8.13 4.81 -53.65
CA GLY F 606 -9.08 3.93 -54.31
C GLY F 606 -10.21 4.68 -54.99
N GLY F 607 -11.42 4.56 -54.46
CA GLY F 607 -12.58 5.22 -55.03
C GLY F 607 -12.46 6.72 -55.05
N ALA F 608 -12.60 7.31 -56.24
CA ALA F 608 -12.47 8.76 -56.40
C ALA F 608 -13.22 9.15 -57.68
N LEU F 609 -13.03 10.40 -58.11
CA LEU F 609 -13.69 10.90 -59.31
C LEU F 609 -12.73 11.38 -60.38
N LEU F 610 -11.42 11.38 -60.11
CA LEU F 610 -10.41 11.66 -61.13
C LEU F 610 -9.37 10.55 -61.25
N GLY F 611 -8.97 9.95 -60.14
CA GLY F 611 -7.96 8.91 -60.13
C GLY F 611 -7.03 9.09 -58.94
N GLY F 612 -6.31 8.02 -58.63
CA GLY F 612 -5.37 8.00 -57.51
C GLY F 612 -3.94 8.01 -58.00
N VAL F 613 -3.12 8.84 -57.36
CA VAL F 613 -1.70 8.95 -57.67
C VAL F 613 -0.90 8.66 -56.40
N ASN F 614 0.12 7.83 -56.53
CA ASN F 614 0.95 7.47 -55.39
C ASN F 614 1.69 8.71 -54.87
N ALA F 615 1.77 8.82 -53.55
CA ALA F 615 2.37 10.01 -52.94
C ALA F 615 3.88 10.02 -53.08
N LEU F 616 4.53 8.86 -52.96
CA LEU F 616 5.99 8.82 -52.94
C LEU F 616 6.58 9.15 -54.30
N HIS F 617 5.97 8.65 -55.38
CA HIS F 617 6.48 8.87 -56.72
C HIS F 617 5.95 10.20 -57.27
N THR F 618 6.42 11.29 -56.65
CA THR F 618 6.05 12.63 -57.07
C THR F 618 7.26 13.53 -56.88
N SER F 619 7.51 14.38 -57.87
CA SER F 619 8.66 15.27 -57.87
C SER F 619 8.21 16.70 -58.13
N PHE F 620 9.05 17.64 -57.72
CA PHE F 620 8.73 19.06 -57.91
C PHE F 620 8.63 19.37 -59.40
N PRO F 621 7.53 19.97 -59.84
CA PRO F 621 7.43 20.34 -61.26
C PRO F 621 8.40 21.45 -61.62
N GLU F 622 8.83 21.46 -62.88
CA GLU F 622 9.76 22.49 -63.33
C GLU F 622 9.08 23.84 -63.46
N ASN F 623 7.81 23.85 -63.85
CA ASN F 623 7.04 25.10 -63.96
C ASN F 623 5.65 24.86 -63.37
N PRO F 624 5.27 25.59 -62.32
CA PRO F 624 3.97 25.34 -61.69
C PRO F 624 2.81 26.06 -62.36
N GLY F 625 3.06 27.13 -63.12
CA GLY F 625 1.95 27.88 -63.72
C GLY F 625 1.19 27.07 -64.74
N GLU F 626 1.91 26.37 -65.62
CA GLU F 626 1.24 25.56 -66.64
C GLU F 626 0.45 24.42 -66.00
N GLN F 627 1.03 23.79 -64.98
CA GLN F 627 0.32 22.71 -64.29
C GLN F 627 -0.94 23.24 -63.60
N TYR F 628 -0.85 24.41 -62.98
CA TYR F 628 -2.02 25.02 -62.37
C TYR F 628 -3.10 25.32 -63.41
N GLN F 629 -2.69 25.86 -64.56
CA GLN F 629 -3.67 26.16 -65.61
C GLN F 629 -4.35 24.89 -66.10
N ARG F 630 -3.56 23.83 -66.31
CA ARG F 630 -4.14 22.56 -66.74
C ARG F 630 -5.08 21.99 -65.68
N GLN F 631 -4.70 22.09 -64.40
CA GLN F 631 -5.57 21.60 -63.33
C GLN F 631 -6.88 22.36 -63.28
N CYS F 632 -6.82 23.70 -63.42
CA CYS F 632 -8.04 24.49 -63.41
C CYS F 632 -8.93 24.14 -64.60
N GLU F 633 -8.34 23.99 -65.78
CA GLU F 633 -9.12 23.65 -66.96
C GLU F 633 -9.74 22.26 -66.81
N LEU F 634 -9.05 21.35 -66.13
CA LEU F 634 -9.58 20.01 -65.95
C LEU F 634 -10.70 19.98 -64.91
N ILE F 635 -10.56 20.77 -63.84
CA ILE F 635 -11.54 20.75 -62.77
C ILE F 635 -12.82 21.47 -63.17
N LEU F 636 -12.69 22.67 -63.76
CA LEU F 636 -13.85 23.52 -63.98
C LEU F 636 -14.68 23.14 -65.21
N GLU F 637 -14.53 21.95 -65.79
CA GLU F 637 -15.40 21.58 -66.90
C GLU F 637 -16.54 20.66 -66.48
N LYS F 638 -16.23 19.53 -65.85
CA LYS F 638 -17.26 18.55 -65.55
C LYS F 638 -18.18 19.00 -64.42
N LEU F 639 -17.66 19.79 -63.47
CA LEU F 639 -18.51 20.52 -62.53
C LEU F 639 -18.79 21.88 -63.17
N GLU F 640 -20.06 22.14 -63.47
CA GLU F 640 -20.42 23.22 -64.40
C GLU F 640 -20.30 24.58 -63.72
N LEU F 641 -19.10 25.15 -63.76
CA LEU F 641 -18.86 26.52 -63.34
C LEU F 641 -18.07 27.24 -64.44
N GLN F 642 -18.47 27.03 -65.69
CA GLN F 642 -17.74 27.58 -66.82
C GLN F 642 -17.75 29.10 -66.86
N SER F 643 -18.73 29.74 -66.20
CA SER F 643 -18.77 31.19 -66.16
C SER F 643 -17.59 31.78 -65.42
N LEU F 644 -16.91 30.99 -64.58
CA LEU F 644 -15.74 31.46 -63.85
C LEU F 644 -14.44 31.18 -64.60
N LEU F 645 -14.43 30.20 -65.51
CA LEU F 645 -13.21 29.86 -66.24
C LEU F 645 -12.75 31.01 -67.13
N SER F 646 -13.70 31.67 -67.80
CA SER F 646 -13.35 32.81 -68.64
C SER F 646 -12.72 33.93 -67.82
N GLU F 647 -13.31 34.24 -66.67
CA GLU F 647 -12.75 35.28 -65.80
C GLU F 647 -11.36 34.88 -65.31
N GLU F 648 -11.18 33.61 -64.93
CA GLU F 648 -9.88 33.17 -64.46
C GLU F 648 -8.81 33.24 -65.55
N LEU F 649 -9.15 32.83 -66.76
CA LEU F 649 -8.16 32.90 -67.84
C LEU F 649 -7.86 34.36 -68.22
N ARG F 650 -8.87 35.22 -68.15
CA ARG F 650 -8.63 36.64 -68.39
C ARG F 650 -7.70 37.23 -67.34
N ARG F 651 -7.90 36.86 -66.07
CA ARG F 651 -7.01 37.33 -65.01
C ARG F 651 -5.59 36.79 -65.20
N LEU F 652 -5.46 35.51 -65.56
CA LEU F 652 -4.14 34.92 -65.73
C LEU F 652 -3.39 35.55 -66.91
N GLU F 653 -4.10 35.84 -68.00
CA GLU F 653 -3.46 36.46 -69.15
C GLU F 653 -2.94 37.85 -68.81
N ARG F 654 -3.72 38.63 -68.05
CA ARG F 654 -3.36 40.00 -67.73
C ARG F 654 -2.60 40.05 -66.40
N LEU F 655 -1.34 39.60 -66.47
CA LEU F 655 -0.46 39.63 -65.31
C LEU F 655 0.99 39.46 -65.76
PB ADP G . 22.17 -22.87 -24.66
O1B ADP G . 22.67 -21.46 -24.77
O2B ADP G . 21.91 -23.55 -25.98
O3B ADP G . 21.08 -23.06 -23.64
PA ADP G . 24.87 -23.63 -24.75
O1A ADP G . 25.40 -22.22 -24.59
O2A ADP G . 24.76 -24.24 -26.12
O3A ADP G . 23.42 -23.69 -24.05
O5' ADP G . 25.79 -24.59 -23.84
C5' ADP G . 27.17 -24.26 -23.65
C4' ADP G . 27.98 -25.47 -23.21
O4' ADP G . 28.25 -26.31 -24.34
C3' ADP G . 29.32 -25.04 -22.63
O3' ADP G . 29.41 -25.45 -21.26
C2' ADP G . 30.38 -25.73 -23.44
O2' ADP G . 31.22 -26.51 -22.58
C1' ADP G . 29.65 -26.65 -24.40
N9 ADP G . 30.13 -26.41 -25.78
C8 ADP G . 29.35 -26.10 -26.83
N7 ADP G . 30.08 -25.94 -27.96
C5 ADP G . 31.37 -26.16 -27.65
C6 ADP G . 32.66 -26.15 -28.37
N6 ADP G . 32.71 -25.88 -29.69
N1 ADP G . 33.77 -26.43 -27.67
C2 ADP G . 33.73 -26.70 -26.35
N3 ADP G . 32.60 -26.73 -25.64
C4 ADP G . 31.40 -26.47 -26.21
MG MG H . 23.01 -18.96 -22.61
PB ADP I . -25.42 -30.87 2.25
O1B ADP I . -24.24 -31.15 3.15
O2B ADP I . -25.81 -32.01 1.36
O3B ADP I . -25.36 -29.53 1.56
PA ADP I . -26.98 -31.89 4.35
O1A ADP I . -25.85 -31.93 5.34
O2A ADP I . -27.36 -33.14 3.59
O3A ADP I . -26.66 -30.74 3.27
O5' ADP I . -28.28 -31.35 5.12
C5' ADP I . -28.44 -31.64 6.52
C4' ADP I . -29.90 -31.57 6.94
O4' ADP I . -30.59 -32.75 6.51
C3' ADP I . -30.03 -31.51 8.46
O3' ADP I . -30.59 -30.26 8.85
C2' ADP I . -30.97 -32.64 8.85
O2' ADP I . -32.11 -32.10 9.52
C1' ADP I . -31.38 -33.31 7.56
N9 ADP I . -31.10 -34.76 7.65
C8 ADP I . -30.17 -35.41 6.95
N7 ADP I . -30.16 -36.74 7.27
C5 ADP I . -31.11 -36.94 8.18
C6 ADP I . -31.63 -38.11 8.95
N6 ADP I . -31.11 -39.34 8.76
N1 ADP I . -32.63 -37.89 9.81
C2 ADP I . -33.16 -36.66 9.99
N3 ADP I . -32.74 -35.56 9.35
C4 ADP I . -31.73 -35.63 8.43
MG MG J . -21.95 -29.29 5.32
PB ADP K . -20.34 11.89 -32.36
O1B ADP K . -21.18 12.26 -31.17
O2B ADP K . -21.09 11.17 -33.46
O3B ADP K . -19.02 11.24 -32.00
PA ADP K . -21.05 14.38 -33.42
O1A ADP K . -21.67 14.89 -32.15
O2A ADP K . -21.92 13.77 -34.50
O3A ADP K . -19.93 13.29 -33.03
O5' ADP K . -20.21 15.58 -34.08
C5' ADP K . -20.69 16.92 -33.94
C4' ADP K . -20.07 17.86 -34.97
O4' ADP K . -20.75 17.71 -36.22
C3' ADP K . -20.22 19.31 -34.54
O3' ADP K . -18.95 19.90 -34.35
C2' ADP K . -20.94 20.01 -35.67
O2' ADP K . -20.14 21.09 -36.16
C1' ADP K . -21.15 18.98 -36.76
N9 ADP K . -22.59 18.90 -37.11
C8 ADP K . -23.32 17.78 -37.12
N7 ADP K . -24.61 18.02 -37.48
C5 ADP K . -24.71 19.34 -37.71
C6 ADP K . -25.79 20.26 -38.13
N6 ADP K . -27.05 19.81 -38.37
N1 ADP K . -25.48 21.57 -38.27
C2 ADP K . -24.24 22.03 -38.03
N3 ADP K . -23.21 21.25 -37.65
C4 ADP K . -23.38 19.92 -37.48
MG MG L . -20.49 13.33 -27.77
PB ADP M . 4.99 -39.86 -4.11
O1B ADP M . 4.09 -38.73 -3.65
O2B ADP M . 6.44 -39.45 -4.28
O3B ADP M . 4.43 -40.69 -5.24
PA ADP M . 6.05 -42.11 -2.84
O1A ADP M . 7.44 -41.56 -2.62
O2A ADP M . 5.77 -42.97 -4.04
O3A ADP M . 5.02 -40.87 -2.85
O5' ADP M . 5.64 -42.94 -1.52
C5' ADP M . 6.43 -44.06 -1.14
C4' ADP M . 5.78 -44.82 0.00
O4' ADP M . 5.61 -46.20 -0.39
C3' ADP M . 6.65 -44.81 1.24
O3' ADP M . 5.93 -44.23 2.34
C2' ADP M . 6.97 -46.25 1.55
O2' ADP M . 6.57 -46.57 2.89
C1' ADP M . 6.17 -47.09 0.56
N9 ADP M . 7.09 -48.01 -0.15
C8 ADP M . 7.28 -48.04 -1.48
N7 ADP M . 8.18 -48.99 -1.83
C5 ADP M . 8.57 -49.60 -0.71
C6 ADP M . 9.52 -50.69 -0.36
N6 ADP M . 10.21 -51.34 -1.32
N1 ADP M . 9.64 -51.02 0.94
C2 ADP M . 8.94 -50.39 1.90
N3 ADP M . 8.08 -49.38 1.67
C4 ADP M . 7.86 -48.96 0.40
MG MG N . 5.81 -37.83 -3.19
PB ADP O . -38.02 -5.33 -11.28
O1B ADP O . -36.72 -4.60 -11.47
O2B ADP O . -38.17 -6.04 -9.95
O3B ADP O . -38.44 -6.17 -12.46
PA ADP O . -40.66 -4.52 -10.81
O1A ADP O . -40.70 -4.84 -9.34
O2A ADP O . -41.17 -5.52 -11.81
O3A ADP O . -39.14 -4.16 -11.21
O5' ADP O . -41.45 -3.14 -11.05
C5' ADP O . -42.85 -3.08 -10.77
C4' ADP O . -43.46 -1.78 -11.24
O4' ADP O . -44.63 -2.05 -11.99
C3' ADP O . -43.86 -0.90 -10.06
O3' ADP O . -43.16 0.35 -10.11
C2' ADP O . -45.35 -0.66 -10.21
O2' ADP O . -45.61 0.74 -10.27
C1' ADP O . -45.76 -1.32 -11.51
N9 ADP O . -46.85 -2.28 -11.24
C8 ADP O . -46.80 -3.61 -11.47
N7 ADP O . -47.96 -4.22 -11.13
C5 ADP O . -48.79 -3.27 -10.67
C6 ADP O . -50.17 -3.23 -10.14
N6 ADP O . -50.91 -4.36 -10.02
N1 ADP O . -50.67 -2.03 -9.77
C2 ADP O . -49.94 -0.90 -9.88
N3 ADP O . -48.68 -0.86 -10.34
C4 ADP O . -48.07 -1.99 -10.75
MG MG P . -36.47 -4.65 -9.52
PB ADP Q . 9.44 3.31 -39.08
O1B ADP Q . 8.71 4.61 -38.90
O2B ADP Q . 8.92 2.46 -40.21
O3B ADP Q . 9.70 2.56 -37.81
PA ADP Q . 11.09 4.82 -40.77
O1A ADP Q . 10.69 6.16 -40.24
O2A ADP Q . 10.43 4.25 -42.00
O3A ADP Q . 10.92 3.75 -39.57
O5' ADP Q . 12.68 4.83 -41.02
C5' ADP Q . 13.26 5.94 -41.72
C4' ADP Q . 14.71 5.65 -42.09
O4' ADP Q . 14.80 5.35 -43.49
C3' ADP Q . 15.59 6.85 -41.81
O3' ADP Q . 16.59 6.51 -40.85
C2' ADP Q . 16.24 7.20 -43.13
O2' ADP Q . 17.67 7.17 -42.99
C1' ADP Q . 15.80 6.14 -44.12
N9 ADP Q . 15.20 6.81 -45.31
C8 ADP Q . 13.96 6.61 -45.76
N7 ADP Q . 13.69 7.35 -46.85
C5 ADP Q . 14.80 8.07 -47.12
C6 ADP Q . 15.21 9.07 -48.14
N6 ADP Q . 14.35 9.45 -49.11
N1 ADP Q . 16.46 9.57 -48.06
C2 ADP Q . 17.31 9.20 -47.10
N3 ADP Q . 17.01 8.30 -46.14
C4 ADP Q . 15.80 7.70 -46.10
MG MG R . 9.31 4.48 -36.84
#